data_4ZAH
#
_entry.id   4ZAH
#
_cell.length_a   88.071
_cell.length_b   103.935
_cell.length_c   109.386
_cell.angle_alpha   72.10
_cell.angle_beta   73.55
_cell.angle_gamma   74.08
#
_symmetry.space_group_name_H-M   'P 1'
#
loop_
_entity.id
_entity.type
_entity.pdbx_description
1 polymer 'dTDP-4-amino-4,6-dideoxygalactose transaminase'
2 non-polymer '[[(2R,3S,5R)-5-[5-methyl-2,4-bis(oxidanylidene)pyrimidin-1-yl]-3-oxidanyl-oxolan-2-yl]methoxy-oxidanyl-phosphoryl] [(2R,3R,4S,5R,6R)-6-methyl-5-[(E)-[2-methyl-3-oxidanyl-5-(phosphonooxymethyl)pyridin-4-yl]methylideneamino]-3,4-bis(oxidanyl)oxan-2-yl] hydrogen phosphate'
3 water water
#
_entity_poly.entity_id   1
_entity_poly.type   'polypeptide(L)'
_entity_poly.pdbx_seq_one_letter_code
;MGSSHHHHHHSSGLVPRGSHMIPFNAPPVVGTELDYMQSAMGSGKLCGDGGFTRRCQQWLEQRFGSAKVLLTPSCTASLE
MAALLLDIQPGDEVIMPSYTFVSTANAFVLRGAKIVFVDVRPDTMNIDETLIEAAITDKTRVIVPVHYAGVACEMDTIMA
LAKKHNLFVVEDAAQGVMSTYKGRALGTIGHIGCFSFHETKNYTAGGEGGATLINDKALIERAEIIREKGTNRSQFFRGQ
VDKYTWRDIGSSYLMSDLQAAYLWAQLEAADRINQQRLALWQNYYDALAPLAKAGRIELPSIPDGCVQNAHMFYIKLRDI
DDRSALINFLKEAEIMAVFHYIPLHGCPAGEHFGEFHGEDRYTTKESERLLRLPLFYNLSPVNQRTVIATLLNYFS
;
_entity_poly.pdbx_strand_id   A,B,C,D,E,F,G,H
#
# COMPACT_ATOMS: atom_id res chain seq x y z
N HIS A 20 19.53 21.93 -3.99
CA HIS A 20 18.67 21.27 -4.95
C HIS A 20 17.56 22.23 -5.38
N MET A 21 16.52 22.40 -4.56
CA MET A 21 15.42 23.28 -4.94
C MET A 21 15.69 24.70 -4.47
N ILE A 22 15.25 25.68 -5.26
CA ILE A 22 15.12 27.03 -4.75
C ILE A 22 13.84 27.07 -3.94
N PRO A 23 13.94 27.30 -2.63
CA PRO A 23 12.79 27.22 -1.73
C PRO A 23 11.85 28.40 -1.80
N PHE A 24 10.60 28.22 -1.36
CA PHE A 24 9.68 29.35 -1.27
C PHE A 24 10.13 30.27 -0.16
N ASN A 25 10.61 29.68 0.95
CA ASN A 25 11.07 30.48 2.08
C ASN A 25 12.25 29.82 2.83
N ALA A 26 13.10 30.70 3.38
CA ALA A 26 14.09 30.29 4.37
C ALA A 26 14.11 31.36 5.46
N PRO A 27 14.16 30.93 6.73
CA PRO A 27 14.16 31.84 7.88
C PRO A 27 15.28 32.88 7.74
N PRO A 28 15.04 34.15 8.09
CA PRO A 28 16.12 35.15 8.01
C PRO A 28 17.30 34.78 8.90
N VAL A 29 18.50 34.86 8.36
CA VAL A 29 19.71 34.71 9.16
C VAL A 29 20.53 35.95 8.87
N VAL A 30 20.77 36.73 9.92
CA VAL A 30 21.51 38.00 9.86
C VAL A 30 23.02 37.73 10.07
N GLY A 31 23.35 36.80 10.95
CA GLY A 31 24.75 36.44 11.19
C GLY A 31 25.21 36.74 12.61
N THR A 32 24.36 37.46 13.36
CA THR A 32 24.71 37.89 14.71
C THR A 32 23.95 37.13 15.80
N GLU A 33 22.96 36.34 15.37
CA GLU A 33 22.01 35.66 16.30
C GLU A 33 22.71 34.80 17.33
N LEU A 34 23.76 34.10 16.88
N LEU A 34 23.76 34.13 16.88
CA LEU A 34 24.49 33.21 17.78
CA LEU A 34 24.53 33.24 17.74
C LEU A 34 25.17 33.99 18.90
C LEU A 34 25.13 34.02 18.89
N ASP A 35 25.74 35.16 18.59
CA ASP A 35 26.37 35.99 19.63
C ASP A 35 25.35 36.49 20.66
N TYR A 36 24.21 36.97 20.18
CA TYR A 36 23.21 37.44 21.14
C TYR A 36 22.70 36.27 21.98
N MET A 37 22.47 35.13 21.37
CA MET A 37 22.04 33.97 22.14
C MET A 37 23.08 33.48 23.14
N GLN A 38 24.35 33.52 22.77
CA GLN A 38 25.43 33.17 23.71
C GLN A 38 25.34 34.07 24.92
N SER A 39 25.15 35.36 24.65
CA SER A 39 25.00 36.33 25.73
C SER A 39 23.84 35.95 26.66
N ALA A 40 22.71 35.56 26.08
CA ALA A 40 21.53 35.18 26.86
C ALA A 40 21.86 33.96 27.72
N MET A 41 22.51 32.97 27.11
CA MET A 41 22.92 31.76 27.84
C MET A 41 23.92 32.13 28.93
N GLY A 42 24.76 33.12 28.64
CA GLY A 42 25.78 33.52 29.59
C GLY A 42 25.16 34.21 30.79
N SER A 43 23.97 34.78 30.62
CA SER A 43 23.36 35.57 31.68
C SER A 43 22.70 34.71 32.74
N GLY A 44 22.45 33.45 32.42
CA GLY A 44 21.75 32.55 33.34
C GLY A 44 20.23 32.78 33.37
N LYS A 45 19.74 33.64 32.48
CA LYS A 45 18.30 33.76 32.36
C LYS A 45 17.84 33.47 30.93
N LEU A 46 17.01 32.42 30.80
CA LEU A 46 16.52 31.97 29.51
C LEU A 46 14.97 31.95 29.44
N CYS A 47 14.28 31.93 30.58
CA CYS A 47 12.81 31.92 30.55
C CYS A 47 12.25 33.24 30.10
N GLY A 48 10.94 33.28 29.89
CA GLY A 48 10.30 34.46 29.36
C GLY A 48 10.47 35.66 30.25
N ASP A 49 10.32 36.84 29.66
CA ASP A 49 10.43 38.08 30.37
C ASP A 49 11.83 38.34 30.96
N GLY A 50 12.87 37.87 30.28
CA GLY A 50 14.23 38.17 30.69
C GLY A 50 14.61 39.42 29.92
N GLY A 51 15.90 39.71 29.94
CA GLY A 51 16.45 40.90 29.33
C GLY A 51 16.18 41.13 27.87
N PHE A 52 16.32 40.09 27.07
CA PHE A 52 16.14 40.32 25.64
C PHE A 52 14.64 40.48 25.32
N THR A 53 13.79 39.82 26.08
CA THR A 53 12.34 40.07 25.92
C THR A 53 12.04 41.54 26.17
N ARG A 54 12.61 42.10 27.25
CA ARG A 54 12.32 43.50 27.60
C ARG A 54 12.79 44.52 26.58
N ARG A 55 13.98 44.26 26.05
CA ARG A 55 14.60 45.10 25.03
C ARG A 55 13.84 45.07 23.71
N CYS A 56 13.40 43.89 23.30
CA CYS A 56 12.60 43.75 22.08
C CYS A 56 11.29 44.56 22.23
N GLN A 57 10.66 44.41 23.38
CA GLN A 57 9.42 45.13 23.68
C GLN A 57 9.65 46.63 23.66
N GLN A 58 10.78 47.07 24.21
CA GLN A 58 11.13 48.49 24.15
C GLN A 58 11.31 49.00 22.74
N TRP A 59 12.08 48.25 21.95
CA TRP A 59 12.31 48.56 20.54
C TRP A 59 10.97 48.69 19.78
N LEU A 60 10.12 47.70 19.96
CA LEU A 60 8.83 47.70 19.25
C LEU A 60 7.92 48.84 19.66
N GLU A 61 7.81 49.07 20.97
CA GLU A 61 6.99 50.15 21.52
C GLU A 61 7.44 51.50 21.01
N GLN A 62 8.74 51.77 21.07
N GLN A 62 8.75 51.71 20.94
CA GLN A 62 9.24 53.08 20.69
CA GLN A 62 9.24 53.05 20.66
C GLN A 62 9.25 53.27 19.17
C GLN A 62 9.33 53.30 19.17
N ARG A 63 9.67 52.27 18.41
CA ARG A 63 9.73 52.41 16.95
C ARG A 63 8.33 52.49 16.33
N PHE A 64 7.40 51.70 16.84
CA PHE A 64 6.08 51.60 16.22
C PHE A 64 5.02 52.46 16.92
N GLY A 65 5.30 52.86 18.15
CA GLY A 65 4.41 53.72 18.89
C GLY A 65 3.24 53.01 19.50
N SER A 66 3.51 52.06 20.37
CA SER A 66 2.46 51.36 21.09
C SER A 66 2.72 51.44 22.58
N ALA A 67 1.65 51.61 23.35
CA ALA A 67 1.73 51.81 24.80
C ALA A 67 2.36 50.61 25.50
N LYS A 68 2.08 49.40 25.04
CA LYS A 68 2.61 48.20 25.68
C LYS A 68 2.74 47.11 24.65
N VAL A 69 3.93 46.53 24.55
CA VAL A 69 4.13 45.37 23.70
C VAL A 69 4.58 44.20 24.56
N LEU A 70 4.00 43.03 24.33
CA LEU A 70 4.27 41.84 25.10
C LEU A 70 4.57 40.69 24.17
N LEU A 71 5.77 40.13 24.30
CA LEU A 71 6.21 39.03 23.46
C LEU A 71 5.54 37.74 23.90
N THR A 72 5.09 36.93 22.92
CA THR A 72 4.33 35.71 23.15
C THR A 72 4.95 34.60 22.35
N PRO A 73 4.53 33.33 22.57
CA PRO A 73 5.09 32.19 21.82
C PRO A 73 4.67 32.13 20.34
N SER A 74 3.67 32.90 19.95
CA SER A 74 3.15 32.85 18.58
C SER A 74 2.11 33.93 18.39
N CYS A 75 1.87 34.28 17.13
CA CYS A 75 0.82 35.24 16.83
C CYS A 75 -0.55 34.64 17.23
N THR A 76 -0.68 33.33 17.07
CA THR A 76 -1.83 32.60 17.49
C THR A 76 -2.08 32.92 18.98
N ALA A 77 -1.03 32.85 19.78
CA ALA A 77 -1.10 33.14 21.22
C ALA A 77 -1.51 34.56 21.44
N SER A 78 -0.98 35.44 20.63
CA SER A 78 -1.37 36.83 20.77
C SER A 78 -2.86 37.04 20.45
N LEU A 79 -3.35 36.39 19.39
CA LEU A 79 -4.76 36.47 19.01
C LEU A 79 -5.65 35.92 20.13
N GLU A 80 -5.27 34.79 20.71
CA GLU A 80 -6.00 34.20 21.83
C GLU A 80 -6.02 35.14 23.04
N MET A 81 -4.87 35.74 23.34
CA MET A 81 -4.78 36.66 24.44
C MET A 81 -5.71 37.84 24.22
N ALA A 82 -5.79 38.29 22.97
CA ALA A 82 -6.67 39.39 22.60
C ALA A 82 -8.14 39.03 22.87
N ALA A 83 -8.48 37.80 22.53
CA ALA A 83 -9.85 37.32 22.71
C ALA A 83 -10.17 37.27 24.19
N LEU A 84 -9.18 36.82 24.95
CA LEU A 84 -9.26 36.73 26.41
C LEU A 84 -9.42 38.11 27.06
N LEU A 85 -8.58 39.04 26.64
CA LEU A 85 -8.57 40.42 27.14
C LEU A 85 -9.92 41.12 26.95
N LEU A 86 -10.54 40.87 25.80
CA LEU A 86 -11.79 41.49 25.43
C LEU A 86 -12.99 40.74 26.00
N ASP A 87 -12.73 39.72 26.80
CA ASP A 87 -13.74 38.98 27.52
C ASP A 87 -14.82 38.41 26.60
N ILE A 88 -14.39 37.82 25.49
CA ILE A 88 -15.30 37.21 24.57
C ILE A 88 -16.08 36.12 25.29
N GLN A 89 -17.41 36.19 25.10
CA GLN A 89 -18.39 35.28 25.68
C GLN A 89 -19.02 34.46 24.56
N PRO A 90 -19.51 33.26 24.89
CA PRO A 90 -20.28 32.47 23.92
C PRO A 90 -21.44 33.25 23.32
N GLY A 91 -21.55 33.25 21.99
CA GLY A 91 -22.60 34.00 21.33
C GLY A 91 -22.11 35.30 20.72
N ASP A 92 -21.04 35.86 21.28
CA ASP A 92 -20.44 37.06 20.72
C ASP A 92 -20.07 36.79 19.26
N GLU A 93 -20.24 37.79 18.42
CA GLU A 93 -19.91 37.65 17.03
C GLU A 93 -18.65 38.43 16.72
N VAL A 94 -17.77 37.82 15.94
CA VAL A 94 -16.52 38.46 15.53
C VAL A 94 -16.45 38.46 14.01
N ILE A 95 -16.29 39.62 13.41
CA ILE A 95 -16.23 39.74 11.98
C ILE A 95 -14.75 39.72 11.49
N MET A 96 -14.47 38.93 10.45
CA MET A 96 -13.10 38.81 9.89
C MET A 96 -13.18 38.28 8.46
N PRO A 97 -12.06 38.41 7.70
CA PRO A 97 -12.14 37.84 6.36
C PRO A 97 -12.18 36.32 6.44
N SER A 98 -12.71 35.69 5.41
CA SER A 98 -12.58 34.25 5.30
C SER A 98 -11.18 33.92 4.77
N TYR A 99 -10.61 34.87 4.04
CA TYR A 99 -9.25 34.71 3.50
C TYR A 99 -8.22 35.13 4.53
N THR A 100 -7.96 34.22 5.44
CA THR A 100 -6.96 34.41 6.46
C THR A 100 -6.56 33.04 7.01
N PHE A 101 -5.59 33.04 7.90
CA PHE A 101 -5.06 31.83 8.51
C PHE A 101 -6.02 31.34 9.57
N VAL A 102 -6.09 30.03 9.82
CA VAL A 102 -7.09 29.49 10.75
C VAL A 102 -7.11 30.15 12.13
N SER A 103 -5.94 30.58 12.60
CA SER A 103 -5.80 31.11 13.95
C SER A 103 -6.56 32.38 14.21
N THR A 104 -6.71 33.18 13.17
CA THR A 104 -7.42 34.45 13.28
C THR A 104 -8.83 34.13 13.80
N ALA A 105 -9.37 32.98 13.37
CA ALA A 105 -10.68 32.48 13.76
C ALA A 105 -10.62 31.62 15.03
N ASN A 106 -9.65 30.68 15.09
CA ASN A 106 -9.57 29.75 16.22
C ASN A 106 -9.49 30.48 17.58
N ALA A 107 -8.72 31.57 17.60
CA ALA A 107 -8.47 32.35 18.82
C ALA A 107 -9.79 32.77 19.45
N PHE A 108 -10.77 33.11 18.60
CA PHE A 108 -12.06 33.58 19.12
C PHE A 108 -13.04 32.46 19.34
N VAL A 109 -13.01 31.47 18.46
CA VAL A 109 -13.85 30.28 18.62
C VAL A 109 -13.53 29.58 19.96
N LEU A 110 -12.24 29.62 20.35
CA LEU A 110 -11.82 29.06 21.63
C LEU A 110 -12.57 29.69 22.80
N ARG A 111 -13.02 30.93 22.61
CA ARG A 111 -13.75 31.65 23.64
C ARG A 111 -15.27 31.51 23.50
N GLY A 112 -15.72 30.81 22.46
CA GLY A 112 -17.13 30.60 22.19
C GLY A 112 -17.74 31.60 21.21
N ALA A 113 -16.89 32.36 20.52
CA ALA A 113 -17.40 33.33 19.59
C ALA A 113 -17.96 32.61 18.36
N LYS A 114 -18.93 33.23 17.71
CA LYS A 114 -19.38 32.80 16.38
C LYS A 114 -18.62 33.67 15.39
N ILE A 115 -18.08 33.08 14.33
CA ILE A 115 -17.29 33.87 13.40
C ILE A 115 -18.15 34.29 12.23
N VAL A 116 -18.15 35.60 11.94
CA VAL A 116 -18.88 36.12 10.79
C VAL A 116 -17.90 36.60 9.71
N PHE A 117 -17.92 35.91 8.57
CA PHE A 117 -17.03 36.18 7.46
C PHE A 117 -17.60 37.20 6.51
N VAL A 118 -16.73 38.07 6.03
CA VAL A 118 -17.01 39.10 5.05
C VAL A 118 -16.06 38.97 3.88
N ASP A 119 -16.58 39.19 2.67
CA ASP A 119 -15.78 39.03 1.46
C ASP A 119 -14.55 39.96 1.43
N VAL A 120 -13.51 39.61 0.67
CA VAL A 120 -12.32 40.44 0.53
C VAL A 120 -12.57 41.41 -0.60
N ARG A 121 -11.82 42.51 -0.61
CA ARG A 121 -11.69 43.33 -1.81
C ARG A 121 -10.55 42.70 -2.64
N PRO A 122 -10.76 42.48 -3.95
CA PRO A 122 -9.80 41.64 -4.69
C PRO A 122 -8.42 42.24 -4.96
N ASP A 123 -8.30 43.57 -4.95
CA ASP A 123 -7.05 44.25 -5.26
C ASP A 123 -5.95 43.98 -4.20
N THR A 124 -6.35 43.89 -2.94
CA THR A 124 -5.42 43.66 -1.84
C THR A 124 -5.69 42.33 -1.11
N MET A 125 -6.80 41.65 -1.44
CA MET A 125 -7.21 40.43 -0.69
C MET A 125 -7.46 40.73 0.81
N ASN A 126 -7.64 42.00 1.14
CA ASN A 126 -8.04 42.39 2.51
C ASN A 126 -9.57 42.38 2.64
N ILE A 127 -10.05 42.35 3.87
CA ILE A 127 -11.43 42.43 4.15
C ILE A 127 -11.93 43.70 3.50
N ASP A 128 -13.06 43.59 2.80
CA ASP A 128 -13.67 44.74 2.15
C ASP A 128 -14.33 45.61 3.21
N GLU A 129 -13.75 46.77 3.49
CA GLU A 129 -14.23 47.61 4.59
C GLU A 129 -15.68 48.08 4.38
N THR A 130 -16.19 48.01 3.15
CA THR A 130 -17.52 48.49 2.81
C THR A 130 -18.61 47.45 2.99
N LEU A 131 -18.19 46.24 3.34
CA LEU A 131 -19.08 45.11 3.46
C LEU A 131 -19.26 44.68 4.90
N ILE A 132 -18.58 45.40 5.78
CA ILE A 132 -18.52 45.04 7.19
C ILE A 132 -19.82 45.40 7.92
N GLU A 133 -20.25 46.64 7.74
CA GLU A 133 -21.44 47.11 8.44
C GLU A 133 -22.64 46.21 8.17
N ALA A 134 -22.81 45.73 6.95
CA ALA A 134 -23.97 44.87 6.67
C ALA A 134 -23.97 43.57 7.50
N ALA A 135 -22.81 43.24 8.06
CA ALA A 135 -22.67 42.00 8.82
C ALA A 135 -22.84 42.20 10.30
N ILE A 136 -22.87 43.44 10.73
CA ILE A 136 -23.05 43.78 12.15
C ILE A 136 -24.42 43.47 12.72
N THR A 137 -24.44 42.86 13.90
CA THR A 137 -25.66 42.72 14.68
C THR A 137 -25.39 43.19 16.11
N ASP A 138 -26.42 43.04 16.95
CA ASP A 138 -26.39 43.39 18.36
C ASP A 138 -25.48 42.41 19.12
N LYS A 139 -25.16 41.30 18.47
CA LYS A 139 -24.27 40.27 19.03
C LYS A 139 -22.80 40.55 18.70
N THR A 140 -22.55 41.39 17.70
CA THR A 140 -21.18 41.70 17.26
C THR A 140 -20.36 42.43 18.32
N ARG A 141 -19.08 42.08 18.48
CA ARG A 141 -18.28 42.74 19.47
C ARG A 141 -16.86 43.10 19.03
N VAL A 142 -16.36 42.42 17.99
CA VAL A 142 -15.01 42.63 17.49
C VAL A 142 -14.96 42.56 15.95
N ILE A 143 -14.18 43.43 15.31
CA ILE A 143 -13.83 43.15 13.93
C ILE A 143 -12.29 42.95 13.90
N VAL A 144 -11.82 41.96 13.16
CA VAL A 144 -10.39 41.71 13.12
C VAL A 144 -9.95 41.67 11.68
N PRO A 145 -9.49 42.84 11.22
CA PRO A 145 -8.90 43.03 9.90
C PRO A 145 -7.54 42.32 9.90
N VAL A 146 -7.19 41.76 8.75
CA VAL A 146 -5.96 41.06 8.54
C VAL A 146 -5.15 41.81 7.49
N HIS A 147 -3.92 42.24 7.82
CA HIS A 147 -3.12 43.00 6.86
C HIS A 147 -2.37 42.02 5.94
N TYR A 148 -3.01 41.63 4.86
CA TYR A 148 -2.50 40.58 3.97
C TYR A 148 -1.25 41.05 3.23
N ALA A 149 -0.22 40.21 3.22
CA ALA A 149 1.04 40.54 2.57
C ALA A 149 1.66 41.83 3.15
N GLY A 150 1.31 42.15 4.40
CA GLY A 150 1.85 43.35 5.02
C GLY A 150 1.30 44.63 4.38
N VAL A 151 0.22 44.49 3.61
CA VAL A 151 -0.44 45.66 3.01
C VAL A 151 -1.68 46.02 3.85
N ALA A 152 -1.73 47.25 4.34
CA ALA A 152 -2.76 47.64 5.31
C ALA A 152 -4.20 47.54 4.81
N CYS A 153 -5.10 47.13 5.70
CA CYS A 153 -6.53 47.27 5.46
C CYS A 153 -6.91 48.75 5.47
N GLU A 154 -8.09 49.10 4.97
CA GLU A 154 -8.53 50.50 4.96
C GLU A 154 -8.89 50.92 6.38
N MET A 155 -7.88 51.22 7.19
CA MET A 155 -8.07 51.34 8.62
C MET A 155 -8.83 52.57 9.09
N ASP A 156 -8.65 53.72 8.43
CA ASP A 156 -9.42 54.88 8.85
C ASP A 156 -10.93 54.59 8.82
N THR A 157 -11.39 54.06 7.69
CA THR A 157 -12.80 53.65 7.53
C THR A 157 -13.22 52.61 8.57
N ILE A 158 -12.38 51.61 8.77
CA ILE A 158 -12.74 50.51 9.65
C ILE A 158 -12.84 50.98 11.10
N MET A 159 -11.89 51.81 11.53
CA MET A 159 -11.94 52.37 12.88
C MET A 159 -13.13 53.31 13.12
N ALA A 160 -13.50 54.08 12.09
CA ALA A 160 -14.65 55.00 12.19
C ALA A 160 -15.90 54.16 12.40
N LEU A 161 -16.06 53.19 11.53
CA LEU A 161 -17.10 52.19 11.59
C LEU A 161 -17.19 51.56 12.97
N ALA A 162 -16.05 51.20 13.54
CA ALA A 162 -16.02 50.52 14.83
C ALA A 162 -16.37 51.44 16.02
N LYS A 163 -15.95 52.69 15.93
CA LYS A 163 -16.29 53.71 16.91
C LYS A 163 -17.82 53.99 16.88
N LYS A 164 -18.37 54.13 15.69
CA LYS A 164 -19.81 54.37 15.51
C LYS A 164 -20.62 53.24 16.21
N HIS A 165 -20.14 52.00 16.16
CA HIS A 165 -20.89 50.86 16.68
C HIS A 165 -20.32 50.25 17.95
N ASN A 166 -19.42 50.96 18.63
CA ASN A 166 -18.79 50.49 19.88
C ASN A 166 -18.13 49.11 19.79
N LEU A 167 -17.40 48.88 18.71
CA LEU A 167 -16.75 47.60 18.52
C LEU A 167 -15.24 47.73 18.77
N PHE A 168 -14.62 46.67 19.30
CA PHE A 168 -13.18 46.58 19.38
C PHE A 168 -12.65 46.24 18.01
N VAL A 169 -11.42 46.70 17.74
CA VAL A 169 -10.72 46.31 16.53
C VAL A 169 -9.46 45.60 16.96
N VAL A 170 -9.35 44.33 16.56
CA VAL A 170 -8.13 43.60 16.80
C VAL A 170 -7.39 43.44 15.45
N GLU A 171 -6.22 44.05 15.33
CA GLU A 171 -5.46 43.86 14.09
C GLU A 171 -4.74 42.52 14.06
N ASP A 172 -5.02 41.71 13.05
CA ASP A 172 -4.13 40.58 12.82
C ASP A 172 -3.03 41.10 11.90
N ALA A 173 -1.97 41.60 12.53
CA ALA A 173 -0.86 42.18 11.78
C ALA A 173 0.37 41.25 11.73
N ALA A 174 0.10 39.95 11.69
CA ALA A 174 1.10 38.90 11.65
C ALA A 174 2.15 39.12 10.56
N GLN A 175 1.72 39.64 9.42
CA GLN A 175 2.57 39.81 8.24
C GLN A 175 3.09 41.22 8.11
N GLY A 176 2.79 42.04 9.10
CA GLY A 176 2.95 43.47 8.96
C GLY A 176 4.03 44.20 9.74
N VAL A 177 4.98 43.48 10.36
CA VAL A 177 6.07 44.16 11.10
C VAL A 177 6.83 45.00 10.09
N MET A 178 6.97 46.29 10.43
CA MET A 178 7.57 47.36 9.60
C MET A 178 6.67 48.01 8.52
N SER A 179 5.48 47.46 8.30
CA SER A 179 4.52 48.12 7.39
C SER A 179 3.81 49.26 8.12
N THR A 180 3.39 50.26 7.35
CA THR A 180 2.62 51.35 7.91
C THR A 180 1.36 51.70 7.09
N TYR A 181 0.42 52.36 7.76
CA TYR A 181 -0.79 52.89 7.16
C TYR A 181 -0.88 54.36 7.50
N LYS A 182 -0.76 55.20 6.48
CA LYS A 182 -0.74 56.64 6.68
C LYS A 182 0.22 57.03 7.81
N GLY A 183 1.43 56.48 7.78
CA GLY A 183 2.46 56.84 8.75
C GLY A 183 2.44 56.05 10.04
N ARG A 184 1.37 55.31 10.26
CA ARG A 184 1.21 54.54 11.49
C ARG A 184 1.63 53.09 11.31
N ALA A 185 2.40 52.59 12.26
CA ALA A 185 2.83 51.21 12.21
C ALA A 185 1.63 50.31 12.32
N LEU A 186 1.54 49.36 11.41
CA LEU A 186 0.48 48.38 11.45
C LEU A 186 0.60 47.67 12.78
N GLY A 187 -0.52 47.37 13.43
CA GLY A 187 -0.48 46.72 14.73
C GLY A 187 -0.65 47.66 15.91
N THR A 188 -0.53 48.96 15.65
CA THR A 188 -0.61 49.96 16.68
C THR A 188 -1.94 50.75 16.60
N ILE A 189 -2.75 50.47 15.59
CA ILE A 189 -4.02 51.20 15.36
C ILE A 189 -5.26 50.67 16.09
N GLY A 190 -5.52 49.38 16.03
CA GLY A 190 -6.68 48.82 16.68
C GLY A 190 -6.40 48.81 18.18
N HIS A 191 -7.42 48.49 18.97
CA HIS A 191 -7.25 48.46 20.41
C HIS A 191 -6.14 47.46 20.74
N ILE A 192 -6.09 46.35 20.01
CA ILE A 192 -5.06 45.33 20.15
C ILE A 192 -4.54 44.92 18.77
N GLY A 193 -3.23 44.76 18.66
CA GLY A 193 -2.58 44.25 17.46
C GLY A 193 -1.80 42.98 17.76
N CYS A 194 -1.55 42.19 16.73
CA CYS A 194 -0.86 40.93 16.88
C CYS A 194 0.22 40.76 15.77
N PHE A 195 1.45 40.39 16.16
CA PHE A 195 2.58 40.09 15.24
C PHE A 195 2.90 38.57 15.28
N SER A 196 3.54 38.06 14.25
CA SER A 196 4.09 36.72 14.26
C SER A 196 5.60 36.84 14.04
N PHE A 197 6.39 36.01 14.71
CA PHE A 197 7.83 35.98 14.47
C PHE A 197 8.23 34.56 14.10
N HIS A 198 7.27 33.94 13.45
CA HIS A 198 7.37 32.62 12.85
C HIS A 198 8.42 32.63 11.75
N GLU A 199 8.98 31.46 11.45
CA GLU A 199 10.08 31.37 10.47
C GLU A 199 9.74 31.87 9.08
N THR A 200 8.44 31.90 8.73
CA THR A 200 8.01 32.33 7.40
C THR A 200 7.86 33.85 7.28
N LYS A 201 7.98 34.54 8.38
CA LYS A 201 7.79 35.97 8.39
C LYS A 201 9.11 36.72 8.08
N ASN A 202 9.03 38.04 8.00
CA ASN A 202 10.17 38.90 7.71
C ASN A 202 11.16 38.93 8.85
N TYR A 203 10.68 38.74 10.08
CA TYR A 203 11.53 38.71 11.28
C TYR A 203 11.10 37.51 12.11
N THR A 204 12.07 36.73 12.59
CA THR A 204 11.74 35.52 13.35
C THR A 204 12.46 35.45 14.69
N ALA A 205 11.77 34.94 15.70
CA ALA A 205 12.37 34.76 17.00
C ALA A 205 12.86 33.34 17.09
N GLY A 206 13.82 32.94 16.23
CA GLY A 206 14.31 31.57 16.30
C GLY A 206 13.33 30.54 15.80
N GLY A 207 12.33 30.96 14.99
CA GLY A 207 11.43 30.03 14.35
C GLY A 207 9.93 30.13 14.66
N GLU A 208 9.63 30.50 15.91
CA GLU A 208 8.27 30.74 16.39
C GLU A 208 8.26 31.99 17.27
N GLY A 209 7.14 32.70 17.30
CA GLY A 209 7.04 33.84 18.18
C GLY A 209 5.92 34.77 17.76
N GLY A 210 5.55 35.64 18.69
CA GLY A 210 4.57 36.66 18.40
C GLY A 210 4.71 37.81 19.37
N ALA A 211 3.89 38.84 19.15
CA ALA A 211 3.79 39.96 20.07
C ALA A 211 2.34 40.46 20.12
N THR A 212 1.88 40.75 21.33
CA THR A 212 0.60 41.42 21.53
C THR A 212 0.89 42.90 21.76
N LEU A 213 0.31 43.75 20.93
CA LEU A 213 0.41 45.18 21.10
C LEU A 213 -0.90 45.68 21.77
N ILE A 214 -0.80 46.14 23.02
CA ILE A 214 -1.93 46.68 23.77
C ILE A 214 -2.01 48.18 23.56
N ASN A 215 -2.72 48.63 22.54
CA ASN A 215 -2.72 50.05 22.23
C ASN A 215 -3.77 50.80 23.08
N ASP A 216 -4.86 50.12 23.43
CA ASP A 216 -5.86 50.70 24.37
C ASP A 216 -5.27 50.61 25.76
N LYS A 217 -4.79 51.74 26.28
CA LYS A 217 -4.09 51.79 27.57
C LYS A 217 -4.89 51.18 28.71
N ALA A 218 -6.22 51.17 28.56
CA ALA A 218 -7.09 50.67 29.61
C ALA A 218 -6.95 49.16 29.78
N LEU A 219 -6.44 48.51 28.75
CA LEU A 219 -6.36 47.05 28.76
C LEU A 219 -5.04 46.51 29.27
N ILE A 220 -4.09 47.40 29.52
CA ILE A 220 -2.71 47.01 29.83
C ILE A 220 -2.61 46.22 31.13
N GLU A 221 -3.27 46.70 32.18
CA GLU A 221 -3.21 46.07 33.50
C GLU A 221 -3.59 44.61 33.46
N ARG A 222 -4.76 44.32 32.89
CA ARG A 222 -5.24 42.96 32.77
C ARG A 222 -4.37 42.16 31.78
N ALA A 223 -3.98 42.82 30.70
CA ALA A 223 -3.11 42.19 29.70
C ALA A 223 -1.89 41.55 30.36
N GLU A 224 -1.26 42.28 31.27
CA GLU A 224 -0.03 41.80 31.90
C GLU A 224 -0.28 40.58 32.79
N ILE A 225 -1.46 40.56 33.41
CA ILE A 225 -1.85 39.50 34.32
C ILE A 225 -2.18 38.19 33.57
N ILE A 226 -2.99 38.29 32.51
N ILE A 226 -3.00 38.32 32.54
CA ILE A 226 -3.33 37.07 31.79
CA ILE A 226 -3.34 37.19 31.68
C ILE A 226 -2.08 36.56 31.05
C ILE A 226 -2.05 36.58 31.12
N ARG A 227 -1.16 37.46 30.68
CA ARG A 227 0.10 37.04 30.06
C ARG A 227 0.90 36.19 31.05
N GLU A 228 0.87 36.55 32.33
CA GLU A 228 1.64 35.81 33.31
C GLU A 228 0.85 34.77 34.06
N LYS A 229 0.16 33.91 33.33
CA LYS A 229 -0.56 32.76 33.91
C LYS A 229 -1.64 33.22 34.93
N GLY A 230 -2.16 34.44 34.77
CA GLY A 230 -3.22 34.93 35.64
C GLY A 230 -2.73 35.36 37.04
N THR A 231 -1.44 35.67 37.12
CA THR A 231 -0.84 36.15 38.36
C THR A 231 -0.32 37.58 38.20
N ASN A 232 0.16 38.14 39.30
CA ASN A 232 0.73 39.48 39.29
C ASN A 232 2.25 39.41 39.44
N ARG A 233 2.97 40.13 38.58
CA ARG A 233 4.43 40.15 38.62
C ARG A 233 4.91 41.46 39.20
N SER A 234 4.27 41.95 40.26
CA SER A 234 4.82 43.06 41.05
C SER A 234 5.91 42.35 41.82
N GLN A 235 7.06 42.17 41.16
CA GLN A 235 8.20 41.40 41.66
C GLN A 235 9.25 41.28 40.55
N LYS A 243 4.79 38.39 47.86
CA LYS A 243 4.26 37.16 47.28
C LYS A 243 3.36 37.43 46.05
N TYR A 244 3.36 36.53 45.06
CA TYR A 244 2.38 36.58 44.00
C TYR A 244 1.35 35.44 44.07
N THR A 245 0.13 35.69 43.56
CA THR A 245 -0.98 34.74 43.68
C THR A 245 -1.91 34.67 42.45
N TRP A 246 -2.76 33.65 42.41
CA TRP A 246 -3.76 33.47 41.33
C TRP A 246 -4.81 34.57 41.32
N ARG A 247 -4.78 35.41 40.29
CA ARG A 247 -5.66 36.57 40.30
C ARG A 247 -6.66 36.61 39.15
N ASP A 248 -6.46 35.81 38.12
CA ASP A 248 -7.36 35.86 37.00
C ASP A 248 -7.14 34.61 36.14
N ILE A 249 -7.93 34.42 35.09
CA ILE A 249 -7.56 33.42 34.08
C ILE A 249 -6.37 33.98 33.33
N GLY A 250 -5.62 33.11 32.67
CA GLY A 250 -4.49 33.55 31.87
C GLY A 250 -3.80 32.33 31.32
N SER A 251 -2.64 32.54 30.71
CA SER A 251 -1.88 31.43 30.14
C SER A 251 -0.37 31.72 30.20
N SER A 252 0.43 30.82 29.67
CA SER A 252 1.86 31.13 29.63
C SER A 252 2.22 31.79 28.31
N TYR A 253 1.92 33.08 28.19
CA TYR A 253 2.17 33.82 26.96
C TYR A 253 3.55 34.42 26.89
N LEU A 254 4.55 33.62 27.22
CA LEU A 254 5.95 34.04 27.18
C LEU A 254 6.71 33.31 26.10
N MET A 255 7.49 34.04 25.31
CA MET A 255 8.49 33.38 24.51
C MET A 255 9.75 33.27 25.39
N SER A 256 10.60 32.28 25.12
CA SER A 256 11.87 32.14 25.87
C SER A 256 12.75 33.34 25.57
N ASP A 257 13.68 33.66 26.46
CA ASP A 257 14.53 34.80 26.19
C ASP A 257 15.59 34.44 25.12
N LEU A 258 15.85 33.15 24.97
CA LEU A 258 16.73 32.68 23.87
C LEU A 258 16.18 33.12 22.51
N GLN A 259 14.87 32.86 22.27
CA GLN A 259 14.18 33.30 21.07
C GLN A 259 14.16 34.82 20.96
N ALA A 260 13.95 35.46 22.10
CA ALA A 260 13.95 36.93 22.16
C ALA A 260 15.35 37.47 21.78
N ALA A 261 16.39 36.74 22.20
CA ALA A 261 17.77 37.11 21.82
C ALA A 261 17.93 37.03 20.31
N TYR A 262 17.42 35.96 19.73
CA TYR A 262 17.42 35.80 18.27
C TYR A 262 16.70 36.97 17.57
N LEU A 263 15.50 37.29 18.06
CA LEU A 263 14.70 38.38 17.52
C LEU A 263 15.38 39.72 17.68
N TRP A 264 15.97 39.92 18.86
CA TRP A 264 16.69 41.16 19.12
C TRP A 264 17.77 41.36 18.07
N ALA A 265 18.49 40.30 17.77
CA ALA A 265 19.50 40.34 16.69
C ALA A 265 18.85 40.75 15.38
N GLN A 266 17.65 40.23 15.13
CA GLN A 266 16.98 40.51 13.85
C GLN A 266 16.43 41.95 13.87
N LEU A 267 15.94 42.43 15.01
CA LEU A 267 15.49 43.81 15.07
C LEU A 267 16.67 44.82 14.89
N GLU A 268 17.87 44.44 15.34
CA GLU A 268 19.05 45.29 15.07
C GLU A 268 19.27 45.47 13.56
N ALA A 269 18.88 44.48 12.76
CA ALA A 269 18.99 44.62 11.30
C ALA A 269 17.60 44.87 10.64
N ALA A 270 16.65 45.46 11.37
CA ALA A 270 15.26 45.60 10.90
C ALA A 270 15.22 46.33 9.56
N ASP A 271 15.98 47.42 9.43
CA ASP A 271 15.89 48.20 8.20
C ASP A 271 16.63 47.55 7.05
N ARG A 272 17.74 46.90 7.38
CA ARG A 272 18.52 46.23 6.36
C ARG A 272 17.73 45.08 5.78
N ILE A 273 17.09 44.34 6.66
CA ILE A 273 16.25 43.24 6.22
C ILE A 273 15.10 43.78 5.35
N ASN A 274 14.43 44.82 5.85
CA ASN A 274 13.28 45.38 5.14
C ASN A 274 13.67 45.87 3.74
N GLN A 275 14.79 46.57 3.66
CA GLN A 275 15.29 47.14 2.40
C GLN A 275 15.65 46.07 1.38
N GLN A 276 16.27 45.01 1.87
CA GLN A 276 16.67 43.90 1.02
C GLN A 276 15.38 43.23 0.46
N ARG A 277 14.40 42.99 1.32
CA ARG A 277 13.14 42.39 0.87
C ARG A 277 12.47 43.31 -0.15
N LEU A 278 12.48 44.61 0.11
CA LEU A 278 11.84 45.54 -0.83
C LEU A 278 12.52 45.55 -2.19
N ALA A 279 13.83 45.41 -2.23
CA ALA A 279 14.56 45.36 -3.47
C ALA A 279 14.21 44.10 -4.27
N LEU A 280 14.22 42.97 -3.60
CA LEU A 280 13.84 41.72 -4.23
C LEU A 280 12.42 41.80 -4.80
N TRP A 281 11.53 42.37 -3.99
CA TRP A 281 10.13 42.53 -4.36
C TRP A 281 10.02 43.34 -5.65
N GLN A 282 10.76 44.44 -5.70
CA GLN A 282 10.71 45.30 -6.86
C GLN A 282 11.29 44.62 -8.09
N ASN A 283 12.26 43.72 -7.91
CA ASN A 283 12.78 42.96 -9.05
C ASN A 283 11.67 42.14 -9.72
N TYR A 284 10.89 41.47 -8.88
CA TYR A 284 9.75 40.69 -9.34
C TYR A 284 8.74 41.60 -10.06
N TYR A 285 8.41 42.73 -9.46
CA TYR A 285 7.40 43.63 -10.03
C TYR A 285 7.83 44.13 -11.39
N ASP A 286 9.07 44.59 -11.46
CA ASP A 286 9.62 45.12 -12.70
C ASP A 286 9.65 44.09 -13.82
N ALA A 287 10.01 42.85 -13.47
CA ALA A 287 10.13 41.80 -14.45
C ALA A 287 8.78 41.32 -14.95
N LEU A 288 7.80 41.30 -14.05
CA LEU A 288 6.50 40.75 -14.40
C LEU A 288 5.52 41.80 -14.87
N ALA A 289 5.86 43.07 -14.73
CA ALA A 289 4.95 44.16 -15.12
C ALA A 289 4.43 44.07 -16.57
N PRO A 290 5.30 43.80 -17.57
CA PRO A 290 4.78 43.71 -18.94
C PRO A 290 3.71 42.64 -19.15
N LEU A 291 3.90 41.47 -18.53
CA LEU A 291 2.92 40.41 -18.62
C LEU A 291 1.60 40.84 -17.98
N ALA A 292 1.70 41.72 -16.97
CA ALA A 292 0.52 42.26 -16.29
C ALA A 292 -0.17 43.29 -17.16
N LYS A 293 0.61 44.14 -17.84
CA LYS A 293 0.02 45.15 -18.70
C LYS A 293 -0.64 44.49 -19.92
N ALA A 294 -0.27 43.24 -20.19
CA ALA A 294 -0.84 42.48 -21.29
C ALA A 294 -2.06 41.67 -20.84
N GLY A 295 -2.35 41.70 -19.55
CA GLY A 295 -3.54 41.04 -19.02
C GLY A 295 -3.37 39.55 -18.75
N ARG A 296 -2.14 39.04 -18.91
CA ARG A 296 -1.86 37.63 -18.66
C ARG A 296 -1.90 37.28 -17.15
N ILE A 297 -1.47 38.22 -16.31
CA ILE A 297 -1.49 38.04 -14.86
C ILE A 297 -1.86 39.34 -14.16
N GLU A 298 -2.08 39.28 -12.86
CA GLU A 298 -2.22 40.49 -12.05
C GLU A 298 -1.15 40.48 -11.00
N LEU A 299 -0.60 41.65 -10.69
CA LEU A 299 0.40 41.84 -9.63
C LEU A 299 -0.28 42.46 -8.42
N PRO A 300 0.39 42.44 -7.26
CA PRO A 300 -0.27 43.00 -6.07
C PRO A 300 -0.59 44.47 -6.20
N SER A 301 -1.62 44.94 -5.49
CA SER A 301 -1.97 46.36 -5.41
C SER A 301 -1.64 46.86 -4.01
N ILE A 302 -1.14 48.08 -3.95
CA ILE A 302 -0.78 48.72 -2.69
C ILE A 302 -1.49 50.07 -2.64
N PRO A 303 -2.60 50.17 -1.89
CA PRO A 303 -3.36 51.43 -1.86
C PRO A 303 -2.48 52.60 -1.42
N ASP A 304 -2.90 53.78 -1.83
CA ASP A 304 -2.21 55.01 -1.50
C ASP A 304 -2.20 55.14 0.01
N GLY A 305 -1.07 55.51 0.61
CA GLY A 305 -0.99 55.64 2.06
C GLY A 305 -0.53 54.37 2.75
N CYS A 306 -0.51 53.27 2.00
CA CYS A 306 -0.03 52.00 2.55
C CYS A 306 1.45 51.81 2.19
N VAL A 307 2.27 51.53 3.19
CA VAL A 307 3.68 51.16 2.95
C VAL A 307 3.85 49.72 3.36
N GLN A 308 4.19 48.88 2.39
CA GLN A 308 4.33 47.45 2.62
C GLN A 308 5.74 47.11 3.10
N ASN A 309 5.96 45.86 3.52
CA ASN A 309 7.23 45.47 4.04
C ASN A 309 7.85 44.33 3.21
N ALA A 310 7.32 44.12 2.00
CA ALA A 310 7.76 43.05 1.08
C ALA A 310 7.72 41.67 1.73
N HIS A 311 6.66 41.40 2.50
CA HIS A 311 6.50 40.09 3.13
C HIS A 311 6.28 39.00 2.10
N MET A 312 5.65 39.38 0.99
CA MET A 312 5.15 38.42 0.03
C MET A 312 5.13 39.06 -1.35
N PHE A 313 5.43 38.28 -2.39
CA PHE A 313 5.11 38.74 -3.76
C PHE A 313 4.19 37.68 -4.37
N TYR A 314 2.91 38.02 -4.54
CA TYR A 314 1.97 37.06 -5.11
C TYR A 314 1.66 37.53 -6.51
N ILE A 315 1.20 36.60 -7.34
CA ILE A 315 0.67 36.94 -8.65
C ILE A 315 -0.68 36.24 -8.74
N LYS A 316 -1.53 36.73 -9.63
CA LYS A 316 -2.83 36.04 -9.91
C LYS A 316 -2.84 35.48 -11.30
N LEU A 317 -3.03 34.17 -11.39
CA LEU A 317 -3.20 33.48 -12.65
C LEU A 317 -4.69 33.62 -13.08
N ARG A 318 -5.06 32.99 -14.19
N ARG A 318 -5.06 33.00 -14.19
CA ARG A 318 -6.43 33.10 -14.69
CA ARG A 318 -6.42 33.10 -14.70
C ARG A 318 -7.38 32.33 -13.77
C ARG A 318 -7.40 32.30 -13.85
N ASP A 319 -6.92 31.17 -13.33
CA ASP A 319 -7.72 30.27 -12.50
C ASP A 319 -6.84 29.19 -11.91
N ILE A 320 -7.42 28.27 -11.16
CA ILE A 320 -6.64 27.26 -10.43
C ILE A 320 -5.87 26.29 -11.35
N ASP A 321 -6.33 26.09 -12.57
CA ASP A 321 -5.66 25.19 -13.51
C ASP A 321 -4.40 25.85 -14.05
N ASP A 322 -4.52 27.14 -14.37
CA ASP A 322 -3.40 27.96 -14.78
C ASP A 322 -2.34 27.93 -13.68
N ARG A 323 -2.77 28.18 -12.45
CA ARG A 323 -1.88 28.19 -11.31
C ARG A 323 -1.22 26.83 -11.09
N SER A 324 -1.99 25.75 -11.18
CA SER A 324 -1.40 24.41 -11.00
C SER A 324 -0.39 24.12 -12.07
N ALA A 325 -0.68 24.56 -13.30
CA ALA A 325 0.24 24.31 -14.39
C ALA A 325 1.55 25.01 -14.12
N LEU A 326 1.48 26.27 -13.69
CA LEU A 326 2.66 27.04 -13.36
C LEU A 326 3.42 26.41 -12.19
N ILE A 327 2.71 25.98 -11.16
CA ILE A 327 3.33 25.32 -10.01
C ILE A 327 4.15 24.09 -10.44
N ASN A 328 3.57 23.28 -11.31
CA ASN A 328 4.24 22.07 -11.79
C ASN A 328 5.44 22.35 -12.69
N PHE A 329 5.31 23.39 -13.52
CA PHE A 329 6.37 23.85 -14.39
C PHE A 329 7.61 24.30 -13.56
N LEU A 330 7.35 25.01 -12.47
CA LEU A 330 8.39 25.49 -11.58
C LEU A 330 9.03 24.33 -10.84
N LYS A 331 8.19 23.38 -10.40
CA LYS A 331 8.70 22.21 -9.70
C LYS A 331 9.67 21.43 -10.57
N GLU A 332 9.32 21.36 -11.85
CA GLU A 332 10.17 20.75 -12.84
C GLU A 332 11.52 21.45 -12.87
N ALA A 333 11.49 22.75 -12.66
CA ALA A 333 12.69 23.58 -12.69
C ALA A 333 13.34 23.64 -11.33
N GLU A 334 12.93 22.76 -10.43
CA GLU A 334 13.44 22.75 -9.07
C GLU A 334 13.27 24.09 -8.36
N ILE A 335 12.10 24.70 -8.58
CA ILE A 335 11.70 25.95 -7.93
C ILE A 335 10.37 25.76 -7.24
N MET A 336 10.31 26.16 -5.98
CA MET A 336 9.13 25.96 -5.16
C MET A 336 8.27 27.20 -5.08
N ALA A 337 7.10 27.20 -5.75
CA ALA A 337 6.13 28.27 -5.58
C ALA A 337 4.83 27.75 -4.99
N VAL A 338 4.06 28.62 -4.36
CA VAL A 338 3.08 28.07 -3.47
C VAL A 338 1.79 28.87 -3.38
N PHE A 339 0.65 28.19 -3.23
CA PHE A 339 -0.58 28.94 -2.96
C PHE A 339 -0.65 29.22 -1.46
N HIS A 340 -1.78 29.76 -0.99
CA HIS A 340 -1.85 30.22 0.38
C HIS A 340 -3.13 29.75 1.13
N TYR A 341 -3.88 30.68 1.71
CA TYR A 341 -5.03 30.28 2.55
C TYR A 341 -6.06 29.54 1.72
N ILE A 342 -6.61 28.47 2.28
CA ILE A 342 -7.88 27.92 1.81
C ILE A 342 -8.96 28.67 2.63
N PRO A 343 -9.91 29.33 1.96
CA PRO A 343 -10.93 30.14 2.66
C PRO A 343 -11.57 29.40 3.82
N LEU A 344 -11.57 30.00 5.00
CA LEU A 344 -12.04 29.33 6.20
C LEU A 344 -13.53 28.99 6.11
N HIS A 345 -14.30 29.86 5.48
CA HIS A 345 -15.77 29.65 5.52
C HIS A 345 -16.09 28.36 4.78
N GLY A 346 -15.32 28.02 3.76
CA GLY A 346 -15.54 26.77 3.03
C GLY A 346 -14.96 25.51 3.66
N CYS A 347 -14.19 25.67 4.73
CA CYS A 347 -13.53 24.54 5.40
C CYS A 347 -14.51 23.85 6.33
N PRO A 348 -14.24 22.57 6.65
CA PRO A 348 -15.12 21.81 7.56
C PRO A 348 -15.49 22.58 8.83
N ALA A 349 -14.46 22.99 9.57
CA ALA A 349 -14.64 23.69 10.82
C ALA A 349 -15.32 25.04 10.64
N GLY A 350 -15.10 25.68 9.50
CA GLY A 350 -15.65 27.00 9.23
C GLY A 350 -17.17 27.00 9.02
N GLU A 351 -17.69 25.96 8.40
CA GLU A 351 -19.13 25.83 8.20
C GLU A 351 -19.80 25.57 9.55
N HIS A 352 -19.04 24.97 10.47
CA HIS A 352 -19.56 24.69 11.82
C HIS A 352 -19.46 25.88 12.77
N PHE A 353 -18.31 26.56 12.81
CA PHE A 353 -18.10 27.61 13.80
C PHE A 353 -18.42 29.00 13.26
N GLY A 354 -18.64 29.11 11.96
CA GLY A 354 -18.84 30.42 11.37
C GLY A 354 -19.83 30.51 10.22
N GLU A 355 -20.00 31.71 9.71
CA GLU A 355 -20.98 31.96 8.69
C GLU A 355 -20.51 33.03 7.74
N PHE A 356 -20.63 32.79 6.46
CA PHE A 356 -20.22 33.79 5.50
C PHE A 356 -21.39 34.71 5.25
N HIS A 357 -21.23 35.99 5.57
CA HIS A 357 -22.31 36.92 5.33
C HIS A 357 -22.28 37.46 3.91
N GLY A 358 -23.39 37.36 3.20
CA GLY A 358 -23.41 37.86 1.83
C GLY A 358 -22.83 36.90 0.81
N GLU A 359 -22.55 37.41 -0.37
CA GLU A 359 -22.07 36.53 -1.41
C GLU A 359 -20.55 36.48 -1.48
N ASP A 360 -20.06 35.27 -1.68
CA ASP A 360 -18.67 34.95 -1.92
C ASP A 360 -18.33 35.27 -3.35
N ARG A 361 -18.03 36.53 -3.61
CA ARG A 361 -17.79 37.01 -4.94
C ARG A 361 -16.29 36.92 -5.29
N TYR A 362 -15.44 37.17 -4.29
CA TYR A 362 -14.01 37.25 -4.54
C TYR A 362 -13.18 36.27 -3.73
N THR A 363 -13.54 36.02 -2.49
CA THR A 363 -12.74 35.19 -1.61
C THR A 363 -12.29 33.85 -2.22
N THR A 364 -13.25 33.01 -2.65
CA THR A 364 -12.89 31.71 -3.18
C THR A 364 -12.23 31.81 -4.56
N LYS A 365 -12.79 32.63 -5.44
CA LYS A 365 -12.25 32.76 -6.80
C LYS A 365 -10.79 33.25 -6.76
N GLU A 366 -10.57 34.34 -6.04
CA GLU A 366 -9.25 34.94 -5.98
C GLU A 366 -8.25 34.06 -5.22
N SER A 367 -8.73 33.37 -4.20
CA SER A 367 -7.80 32.52 -3.47
C SER A 367 -7.25 31.41 -4.37
N GLU A 368 -8.00 31.06 -5.40
CA GLU A 368 -7.64 29.96 -6.26
C GLU A 368 -6.71 30.35 -7.40
N ARG A 369 -6.53 31.65 -7.64
CA ARG A 369 -5.60 32.05 -8.69
C ARG A 369 -4.31 32.71 -8.19
N LEU A 370 -4.21 32.84 -6.87
CA LEU A 370 -3.11 33.51 -6.23
C LEU A 370 -1.93 32.56 -6.02
N LEU A 371 -0.74 32.98 -6.45
CA LEU A 371 0.48 32.19 -6.27
C LEU A 371 1.58 33.06 -5.63
N ARG A 372 2.23 32.56 -4.60
CA ARG A 372 3.27 33.31 -3.92
C ARG A 372 4.67 32.85 -4.43
N LEU A 373 5.55 33.81 -4.77
CA LEU A 373 6.89 33.52 -5.36
C LEU A 373 7.98 33.49 -4.30
N PRO A 374 9.07 32.72 -4.54
CA PRO A 374 10.16 32.70 -3.55
C PRO A 374 10.61 34.09 -3.16
N LEU A 375 10.59 34.36 -1.85
CA LEU A 375 10.94 35.67 -1.31
C LEU A 375 11.37 35.52 0.13
N PHE A 376 12.63 35.79 0.40
CA PHE A 376 13.14 35.76 1.76
C PHE A 376 14.45 36.55 1.82
N TYR A 377 14.82 36.98 3.03
CA TYR A 377 15.98 37.88 3.16
C TYR A 377 17.26 37.34 2.49
N ASN A 378 17.54 36.05 2.71
CA ASN A 378 18.78 35.45 2.23
C ASN A 378 18.67 34.83 0.85
N LEU A 379 17.65 35.20 0.09
CA LEU A 379 17.50 34.71 -1.27
C LEU A 379 18.49 35.37 -2.18
N SER A 380 19.39 34.61 -2.76
CA SER A 380 20.43 35.21 -3.60
C SER A 380 19.83 35.77 -4.88
N PRO A 381 20.41 36.86 -5.41
CA PRO A 381 19.99 37.49 -6.65
C PRO A 381 20.06 36.53 -7.84
N VAL A 382 21.06 35.64 -7.81
CA VAL A 382 21.26 34.73 -8.93
C VAL A 382 20.09 33.73 -8.97
N ASN A 383 19.65 33.28 -7.80
CA ASN A 383 18.51 32.37 -7.74
C ASN A 383 17.22 33.09 -8.07
N GLN A 384 17.14 34.37 -7.71
CA GLN A 384 15.93 35.10 -8.07
C GLN A 384 15.89 35.26 -9.58
N ARG A 385 17.03 35.56 -10.20
CA ARG A 385 17.06 35.66 -11.64
C ARG A 385 16.61 34.37 -12.34
N THR A 386 17.00 33.25 -11.76
CA THR A 386 16.59 31.96 -12.25
C THR A 386 15.06 31.80 -12.17
N VAL A 387 14.49 32.16 -11.02
CA VAL A 387 13.04 32.12 -10.82
C VAL A 387 12.30 32.97 -11.86
N ILE A 388 12.73 34.22 -12.00
CA ILE A 388 12.09 35.14 -12.93
C ILE A 388 12.18 34.60 -14.33
N ALA A 389 13.37 34.12 -14.72
CA ALA A 389 13.56 33.60 -16.06
C ALA A 389 12.64 32.43 -16.34
N THR A 390 12.50 31.53 -15.37
CA THR A 390 11.61 30.40 -15.52
C THR A 390 10.16 30.90 -15.66
N LEU A 391 9.80 31.92 -14.89
CA LEU A 391 8.44 32.50 -15.01
C LEU A 391 8.16 33.06 -16.40
N LEU A 392 9.07 33.90 -16.89
CA LEU A 392 8.91 34.52 -18.21
C LEU A 392 8.86 33.45 -19.27
N ASN A 393 9.51 32.34 -18.99
CA ASN A 393 9.49 31.22 -19.89
C ASN A 393 8.10 30.56 -19.94
N TYR A 394 7.53 30.29 -18.77
CA TYR A 394 6.18 29.72 -18.69
C TYR A 394 5.14 30.58 -19.40
N PHE A 395 5.25 31.90 -19.27
CA PHE A 395 4.21 32.74 -19.83
C PHE A 395 4.42 32.99 -21.33
N SER A 396 5.25 32.14 -21.93
CA SER A 396 5.44 32.04 -23.38
C SER A 396 6.59 31.09 -23.69
N HIS B 20 27.55 37.33 43.01
CA HIS B 20 27.19 37.81 44.33
C HIS B 20 26.55 36.67 45.12
N MET B 21 25.28 36.39 44.82
CA MET B 21 24.51 35.37 45.52
C MET B 21 24.64 33.97 44.95
N ILE B 22 24.59 32.99 45.84
CA ILE B 22 24.33 31.62 45.42
C ILE B 22 22.83 31.55 45.13
N PRO B 23 22.46 31.34 43.86
CA PRO B 23 21.05 31.36 43.44
C PRO B 23 20.30 30.11 43.84
N PHE B 24 18.99 30.20 43.87
CA PHE B 24 18.16 29.01 44.09
C PHE B 24 18.26 28.11 42.87
N ASN B 25 18.28 28.72 41.69
CA ASN B 25 18.36 27.95 40.45
C ASN B 25 19.15 28.65 39.35
N ALA B 26 19.77 27.86 38.51
CA ALA B 26 20.31 28.35 37.25
C ALA B 26 19.98 27.31 36.19
N PRO B 27 19.56 27.75 34.99
CA PRO B 27 19.19 26.82 33.92
C PRO B 27 20.31 25.84 33.65
N PRO B 28 19.97 24.56 33.42
CA PRO B 28 21.01 23.58 33.11
C PRO B 28 21.77 23.98 31.84
N VAL B 29 23.10 23.95 31.90
CA VAL B 29 23.94 24.13 30.73
C VAL B 29 24.92 22.96 30.61
N VAL B 30 24.80 22.22 29.51
CA VAL B 30 25.63 21.04 29.25
C VAL B 30 26.93 21.42 28.50
N GLY B 31 26.85 22.36 27.57
CA GLY B 31 28.02 22.80 26.84
C GLY B 31 27.90 22.48 25.35
N THR B 32 26.88 21.71 24.99
CA THR B 32 26.70 21.28 23.60
C THR B 32 25.55 22.01 22.89
N GLU B 33 24.76 22.77 23.65
CA GLU B 33 23.53 23.39 23.14
C GLU B 33 23.76 24.25 21.90
N LEU B 34 24.83 25.01 21.95
CA LEU B 34 25.18 25.94 20.89
C LEU B 34 25.47 25.22 19.57
N ASP B 35 26.14 24.08 19.65
CA ASP B 35 26.41 23.34 18.44
C ASP B 35 25.17 22.80 17.76
N TYR B 36 24.27 22.20 18.53
CA TYR B 36 23.04 21.66 17.96
C TYR B 36 22.16 22.81 17.44
N MET B 37 22.11 23.91 18.17
CA MET B 37 21.33 25.03 17.71
C MET B 37 21.90 25.60 16.42
N GLN B 38 23.22 25.64 16.34
CA GLN B 38 23.89 26.08 15.13
C GLN B 38 23.47 25.25 13.94
N SER B 39 23.47 23.94 14.18
CA SER B 39 23.05 22.95 13.22
C SER B 39 21.59 23.20 12.76
N ALA B 40 20.72 23.51 13.73
CA ALA B 40 19.30 23.78 13.43
C ALA B 40 19.19 24.99 12.52
N MET B 41 19.93 26.04 12.88
CA MET B 41 19.96 27.26 12.08
C MET B 41 20.52 26.96 10.70
N GLY B 42 21.46 26.03 10.62
CA GLY B 42 22.05 25.70 9.34
C GLY B 42 21.11 24.96 8.41
N SER B 43 20.13 24.29 9.02
CA SER B 43 19.23 23.42 8.29
C SER B 43 18.14 24.17 7.55
N GLY B 44 17.94 25.42 7.92
CA GLY B 44 16.91 26.25 7.33
C GLY B 44 15.50 25.99 7.83
N LYS B 45 15.38 25.13 8.84
CA LYS B 45 14.09 24.94 9.45
C LYS B 45 14.20 25.24 10.93
N LEU B 46 13.46 26.25 11.37
CA LEU B 46 13.48 26.69 12.76
C LEU B 46 12.09 26.64 13.40
N CYS B 47 11.03 26.63 12.59
CA CYS B 47 9.70 26.58 13.21
C CYS B 47 9.48 25.18 13.79
N GLY B 48 8.38 25.03 14.52
CA GLY B 48 8.07 23.79 15.23
C GLY B 48 7.90 22.59 14.32
N ASP B 49 8.02 21.41 14.90
CA ASP B 49 7.88 20.14 14.18
C ASP B 49 8.98 19.98 13.12
N GLY B 50 10.17 20.51 13.41
CA GLY B 50 11.32 20.30 12.55
C GLY B 50 12.09 19.09 13.03
N GLY B 51 13.30 18.90 12.50
CA GLY B 51 14.07 17.72 12.82
C GLY B 51 14.32 17.52 14.30
N PHE B 52 14.69 18.59 14.99
CA PHE B 52 15.01 18.37 16.39
C PHE B 52 13.77 18.16 17.26
N THR B 53 12.66 18.78 16.86
CA THR B 53 11.40 18.50 17.55
C THR B 53 11.08 17.01 17.45
N ARG B 54 11.23 16.47 16.25
CA ARG B 54 10.90 15.06 15.99
C ARG B 54 11.81 14.08 16.72
N ARG B 55 13.10 14.42 16.77
CA ARG B 55 14.07 13.58 17.43
C ARG B 55 13.78 13.56 18.93
N CYS B 56 13.49 14.73 19.49
CA CYS B 56 13.14 14.80 20.91
C CYS B 56 11.89 13.94 21.21
N GLN B 57 10.86 14.07 20.37
CA GLN B 57 9.65 13.27 20.59
C GLN B 57 9.96 11.78 20.52
N GLN B 58 10.79 11.40 19.55
CA GLN B 58 11.21 10.02 19.45
C GLN B 58 11.95 9.54 20.69
N TRP B 59 12.90 10.37 21.15
CA TRP B 59 13.66 10.11 22.37
C TRP B 59 12.73 9.89 23.55
N LEU B 60 11.81 10.84 23.72
CA LEU B 60 10.85 10.77 24.82
C LEU B 60 9.91 9.57 24.68
N GLU B 61 9.41 9.32 23.47
CA GLU B 61 8.53 8.16 23.25
C GLU B 61 9.19 6.82 23.62
N GLN B 62 10.42 6.60 23.15
CA GLN B 62 11.09 5.32 23.36
C GLN B 62 11.61 5.10 24.77
N ARG B 63 12.23 6.11 25.32
CA ARG B 63 12.81 6.01 26.65
C ARG B 63 11.76 5.88 27.74
N PHE B 64 10.64 6.61 27.60
CA PHE B 64 9.65 6.67 28.68
C PHE B 64 8.46 5.74 28.39
N GLY B 65 8.34 5.33 27.14
CA GLY B 65 7.29 4.39 26.74
C GLY B 65 5.90 4.99 26.60
N SER B 66 5.78 5.97 25.70
CA SER B 66 4.50 6.59 25.43
C SER B 66 4.25 6.52 23.93
N ALA B 67 2.99 6.27 23.55
CA ALA B 67 2.61 6.09 22.18
C ALA B 67 2.87 7.33 21.35
N LYS B 68 2.67 8.50 21.95
CA LYS B 68 2.83 9.76 21.22
C LYS B 68 3.23 10.88 22.15
N VAL B 69 4.33 11.55 21.81
CA VAL B 69 4.77 12.74 22.52
C VAL B 69 4.81 13.92 21.57
N LEU B 70 4.29 15.06 22.02
CA LEU B 70 4.23 16.24 21.18
C LEU B 70 4.81 17.42 21.98
N LEU B 71 5.88 18.05 21.48
CA LEU B 71 6.52 19.19 22.14
C LEU B 71 5.71 20.46 21.96
N THR B 72 5.57 21.23 23.04
CA THR B 72 4.73 22.42 23.10
C THR B 72 5.53 23.61 23.66
N PRO B 73 4.95 24.84 23.60
CA PRO B 73 5.71 26.00 24.09
C PRO B 73 5.89 26.08 25.62
N SER B 74 5.15 25.27 26.37
CA SER B 74 5.19 25.32 27.82
C SER B 74 4.35 24.18 28.33
N CYS B 75 4.54 23.78 29.58
CA CYS B 75 3.67 22.77 30.19
C CYS B 75 2.22 23.31 30.28
N THR B 76 2.11 24.61 30.51
CA THR B 76 0.82 25.29 30.55
C THR B 76 0.05 25.00 29.27
N ALA B 77 0.73 25.16 28.12
CA ALA B 77 0.15 24.91 26.81
C ALA B 77 -0.24 23.45 26.67
N SER B 78 0.60 22.55 27.19
CA SER B 78 0.31 21.13 27.13
C SER B 78 -0.94 20.81 27.95
N LEU B 79 -1.04 21.42 29.13
CA LEU B 79 -2.21 21.27 29.99
C LEU B 79 -3.47 21.81 29.34
N GLU B 80 -3.37 22.97 28.71
CA GLU B 80 -4.50 23.55 28.00
C GLU B 80 -4.95 22.62 26.87
N MET B 81 -3.96 22.08 26.17
CA MET B 81 -4.17 21.14 25.09
C MET B 81 -4.89 19.88 25.55
N ALA B 82 -4.52 19.37 26.74
CA ALA B 82 -5.20 18.18 27.29
C ALA B 82 -6.69 18.45 27.54
N ALA B 83 -6.97 19.61 28.09
CA ALA B 83 -8.31 20.00 28.42
C ALA B 83 -9.10 20.09 27.13
N LEU B 84 -8.45 20.65 26.12
CA LEU B 84 -9.06 20.77 24.80
C LEU B 84 -9.36 19.38 24.20
N LEU B 85 -8.37 18.50 24.26
CA LEU B 85 -8.47 17.11 23.76
C LEU B 85 -9.61 16.33 24.40
N LEU B 86 -9.78 16.54 25.70
CA LEU B 86 -10.77 15.83 26.48
C LEU B 86 -12.14 16.52 26.39
N ASP B 87 -12.23 17.57 25.57
CA ASP B 87 -13.50 18.24 25.34
C ASP B 87 -14.16 18.73 26.63
N ILE B 88 -13.40 19.39 27.48
CA ILE B 88 -13.96 19.92 28.73
C ILE B 88 -15.09 20.92 28.42
N GLN B 89 -16.23 20.74 29.09
CA GLN B 89 -17.40 21.61 28.91
C GLN B 89 -17.67 22.41 30.18
N PRO B 90 -18.28 23.59 30.06
CA PRO B 90 -18.68 24.32 31.27
C PRO B 90 -19.51 23.49 32.23
N GLY B 91 -19.11 23.47 33.49
CA GLY B 91 -19.80 22.66 34.47
C GLY B 91 -19.09 21.37 34.84
N ASP B 92 -18.28 20.86 33.92
CA ASP B 92 -17.46 19.67 34.20
C ASP B 92 -16.61 19.92 35.44
N GLU B 93 -16.43 18.88 36.23
CA GLU B 93 -15.60 19.04 37.41
C GLU B 93 -14.24 18.34 37.25
N VAL B 94 -13.18 19.04 37.65
CA VAL B 94 -11.81 18.52 37.58
C VAL B 94 -11.20 18.60 38.97
N ILE B 95 -10.76 17.43 39.44
CA ILE B 95 -10.17 17.28 40.75
C ILE B 95 -8.65 17.39 40.62
N MET B 96 -8.06 18.20 41.50
CA MET B 96 -6.61 18.41 41.52
C MET B 96 -6.24 18.96 42.89
N PRO B 97 -4.94 18.95 43.25
CA PRO B 97 -4.62 19.57 44.54
C PRO B 97 -4.77 21.09 44.50
N SER B 98 -4.95 21.70 45.65
CA SER B 98 -4.85 23.14 45.77
C SER B 98 -3.34 23.53 45.81
N TYR B 99 -2.51 22.60 46.28
CA TYR B 99 -1.04 22.78 46.32
C TYR B 99 -0.43 22.39 44.96
N THR B 100 -0.51 23.31 44.02
CA THR B 100 0.06 23.15 42.69
C THR B 100 0.19 24.54 42.08
N PHE B 101 0.78 24.59 40.89
CA PHE B 101 0.99 25.83 40.15
C PHE B 101 -0.30 26.29 39.50
N VAL B 102 -0.46 27.59 39.32
CA VAL B 102 -1.70 28.14 38.80
C VAL B 102 -2.18 27.51 37.51
N SER B 103 -1.22 27.13 36.66
CA SER B 103 -1.54 26.66 35.33
C SER B 103 -2.33 25.37 35.35
N THR B 104 -2.10 24.55 36.37
CA THR B 104 -2.78 23.30 36.50
C THR B 104 -4.30 23.51 36.50
N ALA B 105 -4.72 24.61 37.12
CA ALA B 105 -6.14 24.96 37.23
C ALA B 105 -6.58 25.79 36.03
N ASN B 106 -5.79 26.79 35.65
CA ASN B 106 -6.19 27.68 34.56
C ASN B 106 -6.52 26.91 33.26
N ALA B 107 -5.72 25.89 32.97
CA ALA B 107 -5.87 25.13 31.72
C ALA B 107 -7.30 24.61 31.58
N PHE B 108 -7.88 24.20 32.69
CA PHE B 108 -9.21 23.66 32.65
C PHE B 108 -10.28 24.73 32.83
N VAL B 109 -10.00 25.73 33.66
CA VAL B 109 -10.94 26.86 33.85
C VAL B 109 -11.19 27.55 32.52
N LEU B 110 -10.16 27.60 31.69
CA LEU B 110 -10.25 28.17 30.35
C LEU B 110 -11.31 27.48 29.49
N ARG B 111 -11.60 26.23 29.81
CA ARG B 111 -12.60 25.43 29.10
C ARG B 111 -13.96 25.48 29.80
N GLY B 112 -14.05 26.19 30.93
CA GLY B 112 -15.29 26.30 31.69
C GLY B 112 -15.37 25.31 32.83
N ALA B 113 -14.25 24.67 33.19
CA ALA B 113 -14.31 23.69 34.27
C ALA B 113 -14.49 24.31 35.65
N LYS B 114 -15.13 23.52 36.52
CA LYS B 114 -15.13 23.82 37.95
C LYS B 114 -14.02 22.97 38.55
N ILE B 115 -13.19 23.58 39.40
CA ILE B 115 -12.06 22.89 39.98
C ILE B 115 -12.49 22.41 41.37
N VAL B 116 -12.31 21.12 41.65
CA VAL B 116 -12.58 20.61 42.99
C VAL B 116 -11.21 20.25 43.64
N PHE B 117 -10.87 20.98 44.71
CA PHE B 117 -9.59 20.79 45.35
C PHE B 117 -9.64 19.73 46.42
N VAL B 118 -8.56 18.93 46.47
CA VAL B 118 -8.39 17.90 47.48
C VAL B 118 -7.07 18.10 48.23
N ASP B 119 -7.11 17.86 49.53
CA ASP B 119 -6.00 18.04 50.41
C ASP B 119 -4.80 17.16 50.01
N VAL B 120 -3.61 17.59 50.41
CA VAL B 120 -2.38 16.83 50.16
C VAL B 120 -2.13 15.84 51.28
N ARG B 121 -1.35 14.82 50.95
CA ARG B 121 -0.69 14.03 51.98
C ARG B 121 0.63 14.75 52.33
N PRO B 122 0.87 14.96 53.64
CA PRO B 122 1.95 15.87 54.01
C PRO B 122 3.36 15.33 53.74
N ASP B 123 3.53 14.01 53.68
CA ASP B 123 4.82 13.36 53.49
C ASP B 123 5.42 13.64 52.13
N THR B 124 4.56 13.73 51.12
CA THR B 124 4.98 13.97 49.74
C THR B 124 4.47 15.29 49.16
N MET B 125 3.55 15.94 49.88
CA MET B 125 2.87 17.13 49.38
C MET B 125 2.09 16.84 48.09
N ASN B 126 1.85 15.55 47.81
CA ASN B 126 0.99 15.13 46.69
C ASN B 126 -0.49 15.03 47.07
N ILE B 127 -1.34 15.00 46.05
CA ILE B 127 -2.75 14.81 46.32
C ILE B 127 -2.93 13.51 47.10
N ASP B 128 -3.72 13.58 48.16
CA ASP B 128 -4.01 12.41 48.97
C ASP B 128 -5.00 11.49 48.22
N GLU B 129 -4.50 10.36 47.73
CA GLU B 129 -5.32 9.48 46.90
C GLU B 129 -6.52 8.94 47.67
N THR B 130 -6.48 9.04 49.00
CA THR B 130 -7.53 8.50 49.83
C THR B 130 -8.67 9.49 50.06
N LEU B 131 -8.52 10.72 49.59
CA LEU B 131 -9.53 11.74 49.82
C LEU B 131 -10.23 12.09 48.52
N ILE B 132 -9.83 11.45 47.43
CA ILE B 132 -10.29 11.77 46.09
C ILE B 132 -11.70 11.28 45.77
N GLU B 133 -11.96 10.00 46.04
CA GLU B 133 -13.23 9.42 45.69
C GLU B 133 -14.40 10.20 46.32
N ALA B 134 -14.22 10.65 47.55
CA ALA B 134 -15.24 11.39 48.26
C ALA B 134 -15.59 12.71 47.56
N ALA B 135 -14.72 13.19 46.68
CA ALA B 135 -14.95 14.47 46.03
C ALA B 135 -15.57 14.29 44.65
N ILE B 136 -15.61 13.04 44.20
CA ILE B 136 -16.19 12.68 42.91
C ILE B 136 -17.71 12.86 42.93
N THR B 137 -18.23 13.47 41.87
CA THR B 137 -19.67 13.54 41.62
C THR B 137 -20.03 13.07 40.20
N ASP B 138 -21.32 13.17 39.83
CA ASP B 138 -21.77 12.76 38.51
C ASP B 138 -21.22 13.74 37.48
N LYS B 139 -20.72 14.87 37.96
CA LYS B 139 -20.10 15.92 37.14
C LYS B 139 -18.59 15.75 36.91
N THR B 140 -17.93 14.93 37.72
CA THR B 140 -16.47 14.78 37.60
C THR B 140 -16.09 14.13 36.26
N ARG B 141 -15.05 14.60 35.59
CA ARG B 141 -14.69 14.01 34.31
C ARG B 141 -13.19 13.81 34.19
N VAL B 142 -12.43 14.55 35.00
CA VAL B 142 -10.98 14.49 34.97
C VAL B 142 -10.38 14.58 36.41
N ILE B 143 -9.37 13.76 36.67
CA ILE B 143 -8.49 13.99 37.81
C ILE B 143 -7.05 14.28 37.37
N VAL B 144 -6.41 15.27 37.99
CA VAL B 144 -5.07 15.60 37.56
C VAL B 144 -4.15 15.59 38.76
N PRO B 145 -3.50 14.43 38.94
CA PRO B 145 -2.48 14.29 39.99
C PRO B 145 -1.28 15.11 39.61
N VAL B 146 -0.59 15.71 40.58
CA VAL B 146 0.60 16.51 40.32
C VAL B 146 1.77 15.80 40.99
N HIS B 147 2.80 15.42 40.22
CA HIS B 147 3.93 14.70 40.79
C HIS B 147 4.88 15.71 41.40
N TYR B 148 4.65 16.04 42.66
CA TYR B 148 5.40 17.12 43.30
C TYR B 148 6.89 16.75 43.54
N ALA B 149 7.79 17.66 43.18
CA ALA B 149 9.24 17.43 43.33
C ALA B 149 9.63 16.18 42.56
N GLY B 150 8.89 15.84 41.51
CA GLY B 150 9.25 14.64 40.76
C GLY B 150 8.99 13.37 41.56
N VAL B 151 8.21 13.47 42.63
CA VAL B 151 7.86 12.27 43.37
C VAL B 151 6.43 11.87 42.97
N ALA B 152 6.30 10.64 42.47
CA ALA B 152 5.07 10.17 41.86
C ALA B 152 3.94 10.16 42.88
N CYS B 153 2.73 10.52 42.41
CA CYS B 153 1.50 10.30 43.17
C CYS B 153 1.24 8.80 43.27
N GLU B 154 0.37 8.41 44.19
CA GLU B 154 0.02 7.01 44.33
C GLU B 154 -0.87 6.61 43.15
N MET B 155 -0.25 6.37 42.01
CA MET B 155 -0.98 6.27 40.75
C MET B 155 -1.83 5.03 40.54
N ASP B 156 -1.39 3.87 41.04
CA ASP B 156 -2.18 2.64 40.88
C ASP B 156 -3.56 2.89 41.47
N THR B 157 -3.60 3.42 42.69
CA THR B 157 -4.89 3.77 43.32
C THR B 157 -5.71 4.77 42.49
N ILE B 158 -5.05 5.81 42.01
CA ILE B 158 -5.74 6.89 41.31
C ILE B 158 -6.27 6.38 39.99
N MET B 159 -5.48 5.58 39.29
CA MET B 159 -5.94 5.00 38.02
C MET B 159 -7.14 4.06 38.21
N ALA B 160 -7.15 3.33 39.32
CA ALA B 160 -8.26 2.44 39.64
C ALA B 160 -9.57 3.21 39.88
N LEU B 161 -9.51 4.22 40.74
CA LEU B 161 -10.65 5.12 40.99
C LEU B 161 -11.20 5.65 39.69
N ALA B 162 -10.31 6.05 38.79
CA ALA B 162 -10.72 6.65 37.54
C ALA B 162 -11.39 5.65 36.58
N LYS B 163 -10.94 4.40 36.60
CA LYS B 163 -11.56 3.33 35.83
C LYS B 163 -12.97 3.10 36.38
N LYS B 164 -13.07 3.04 37.70
CA LYS B 164 -14.33 2.86 38.46
C LYS B 164 -15.39 3.91 38.16
N HIS B 165 -14.97 5.16 38.01
CA HIS B 165 -15.92 6.25 37.85
C HIS B 165 -15.87 6.84 36.45
N ASN B 166 -15.26 6.10 35.52
CA ASN B 166 -15.16 6.52 34.14
C ASN B 166 -14.54 7.90 33.97
N LEU B 167 -13.44 8.15 34.67
CA LEU B 167 -12.77 9.43 34.60
C LEU B 167 -11.46 9.37 33.79
N PHE B 168 -11.16 10.45 33.09
CA PHE B 168 -9.87 10.62 32.46
C PHE B 168 -8.81 11.02 33.54
N VAL B 169 -7.55 10.66 33.32
CA VAL B 169 -6.45 11.12 34.19
C VAL B 169 -5.46 11.92 33.39
N VAL B 170 -5.28 13.18 33.75
CA VAL B 170 -4.24 13.99 33.13
C VAL B 170 -3.11 14.16 34.16
N GLU B 171 -1.93 13.62 33.87
CA GLU B 171 -0.79 13.81 34.78
C GLU B 171 -0.12 15.16 34.61
N ASP B 172 -0.06 15.94 35.67
CA ASP B 172 0.84 17.09 35.63
C ASP B 172 2.22 16.62 36.10
N ALA B 173 3.02 16.17 35.15
CA ALA B 173 4.34 15.64 35.44
C ALA B 173 5.41 16.65 35.05
N ALA B 174 5.08 17.93 35.20
CA ALA B 174 5.97 19.04 34.88
C ALA B 174 7.39 18.89 35.48
N GLN B 175 7.43 18.40 36.71
CA GLN B 175 8.65 18.28 37.50
C GLN B 175 9.18 16.87 37.46
N GLY B 176 8.52 16.02 36.68
CA GLY B 176 8.76 14.61 36.83
C GLY B 176 9.50 13.91 35.73
N VAL B 177 10.09 14.66 34.81
N VAL B 177 10.07 14.68 34.79
CA VAL B 177 10.85 14.06 33.73
CA VAL B 177 10.87 14.10 33.71
C VAL B 177 12.01 13.29 34.35
C VAL B 177 12.01 13.30 34.32
N MET B 178 12.11 12.03 33.95
CA MET B 178 13.08 11.01 34.44
C MET B 178 12.66 10.34 35.73
N SER B 179 11.60 10.82 36.37
CA SER B 179 11.08 10.11 37.54
C SER B 179 10.24 8.91 37.12
N THR B 180 10.18 7.88 37.97
CA THR B 180 9.32 6.76 37.69
C THR B 180 8.48 6.34 38.89
N TYR B 181 7.40 5.63 38.57
CA TYR B 181 6.51 5.01 39.54
C TYR B 181 6.35 3.53 39.22
N LYS B 182 6.84 2.68 40.11
CA LYS B 182 6.86 1.23 39.90
C LYS B 182 7.41 0.89 38.51
N GLY B 183 8.53 1.53 38.16
CA GLY B 183 9.19 1.23 36.92
C GLY B 183 8.66 2.05 35.76
N ARG B 184 7.54 2.74 35.99
CA ARG B 184 6.94 3.51 34.91
C ARG B 184 7.29 4.99 34.86
N ALA B 185 7.65 5.47 33.68
CA ALA B 185 7.99 6.87 33.52
C ALA B 185 6.76 7.75 33.79
N LEU B 186 6.93 8.74 34.65
CA LEU B 186 5.90 9.71 34.95
C LEU B 186 5.48 10.45 33.69
N GLY B 187 4.19 10.70 33.57
CA GLY B 187 3.67 11.37 32.38
C GLY B 187 3.10 10.36 31.39
N THR B 188 3.43 9.09 31.59
CA THR B 188 3.00 8.03 30.69
C THR B 188 1.89 7.12 31.25
N ILE B 189 1.53 7.28 32.53
CA ILE B 189 0.51 6.50 33.24
C ILE B 189 -0.91 7.07 33.16
N GLY B 190 -1.18 8.01 32.28
CA GLY B 190 -2.52 8.55 32.34
C GLY B 190 -2.86 8.72 30.92
N HIS B 191 -4.12 9.01 30.64
CA HIS B 191 -4.55 9.15 29.28
C HIS B 191 -3.70 10.21 28.64
N ILE B 192 -3.42 11.28 29.39
CA ILE B 192 -2.56 12.36 28.90
C ILE B 192 -1.57 12.74 29.99
N GLY B 193 -0.32 12.98 29.59
CA GLY B 193 0.69 13.48 30.50
C GLY B 193 1.25 14.83 30.05
N CYS B 194 1.81 15.61 30.99
CA CYS B 194 2.35 16.91 30.66
C CYS B 194 3.71 17.10 31.33
N PHE B 195 4.71 17.54 30.53
CA PHE B 195 6.08 17.89 30.95
C PHE B 195 6.27 19.38 30.82
N SER B 196 7.17 19.94 31.64
CA SER B 196 7.72 21.29 31.50
C SER B 196 9.20 21.26 31.13
N PHE B 197 9.62 22.17 30.27
CA PHE B 197 11.05 22.34 29.97
C PHE B 197 11.45 23.78 30.25
N HIS B 198 10.80 24.36 31.24
CA HIS B 198 11.08 25.69 31.75
C HIS B 198 12.48 25.76 32.34
N GLU B 199 13.05 26.96 32.39
CA GLU B 199 14.44 27.09 32.84
C GLU B 199 14.65 26.57 34.26
N THR B 200 13.58 26.52 35.04
CA THR B 200 13.65 26.10 36.44
C THR B 200 13.59 24.58 36.59
N LYS B 201 13.33 23.86 35.51
CA LYS B 201 13.21 22.41 35.56
C LYS B 201 14.60 21.75 35.39
N ASN B 202 14.65 20.42 35.48
CA ASN B 202 15.86 19.63 35.35
C ASN B 202 16.36 19.67 33.90
N TYR B 203 15.43 19.82 32.95
CA TYR B 203 15.79 19.92 31.55
C TYR B 203 15.03 21.09 30.95
N THR B 204 15.73 21.91 30.18
CA THR B 204 15.11 23.09 29.59
C THR B 204 15.35 23.17 28.08
N ALA B 205 14.30 23.64 27.40
CA ALA B 205 14.31 23.86 25.97
C ALA B 205 14.63 25.29 25.69
N GLY B 206 15.82 25.73 26.11
CA GLY B 206 16.21 27.11 25.86
C GLY B 206 15.44 28.07 26.73
N GLY B 207 14.86 27.57 27.82
CA GLY B 207 14.22 28.51 28.75
C GLY B 207 12.71 28.32 28.98
N GLU B 208 12.02 27.92 27.91
CA GLU B 208 10.55 27.61 27.93
C GLU B 208 10.28 26.36 27.12
N GLY B 209 9.24 25.63 27.51
CA GLY B 209 8.89 24.47 26.73
C GLY B 209 8.04 23.52 27.51
N GLY B 210 7.39 22.61 26.79
CA GLY B 210 6.63 21.56 27.42
C GLY B 210 6.53 20.42 26.44
N ALA B 211 5.88 19.34 26.87
CA ALA B 211 5.54 18.18 26.05
C ALA B 211 4.16 17.63 26.49
N THR B 212 3.33 17.29 25.51
CA THR B 212 2.09 16.55 25.80
C THR B 212 2.32 15.07 25.52
N LEU B 213 2.11 14.20 26.50
CA LEU B 213 2.21 12.78 26.23
C LEU B 213 0.79 12.20 26.05
N ILE B 214 0.47 11.76 24.82
CA ILE B 214 -0.83 11.16 24.50
C ILE B 214 -0.71 9.66 24.64
N ASN B 215 -0.98 9.16 25.84
CA ASN B 215 -0.78 7.76 26.14
C ASN B 215 -1.96 6.91 25.70
N ASP B 216 -3.14 7.51 25.75
CA ASP B 216 -4.37 6.89 25.22
C ASP B 216 -4.38 6.99 23.70
N LYS B 217 -4.10 5.87 23.03
CA LYS B 217 -3.98 5.86 21.57
C LYS B 217 -5.18 6.42 20.80
N ALA B 218 -6.37 6.37 21.39
CA ALA B 218 -7.59 6.84 20.70
C ALA B 218 -7.59 8.36 20.52
N LEU B 219 -6.78 9.06 21.30
CA LEU B 219 -6.77 10.53 21.30
C LEU B 219 -5.70 11.08 20.35
N ILE B 220 -4.88 10.21 19.78
CA ILE B 220 -3.70 10.66 19.03
C ILE B 220 -4.05 11.47 17.79
N GLU B 221 -5.02 10.99 17.02
CA GLU B 221 -5.44 11.63 15.77
C GLU B 221 -5.83 13.08 15.96
N ARG B 222 -6.74 13.29 16.90
CA ARG B 222 -7.20 14.64 17.20
C ARG B 222 -6.07 15.50 17.86
N ALA B 223 -5.28 14.88 18.75
CA ALA B 223 -4.14 15.61 19.39
C ALA B 223 -3.27 16.26 18.33
N GLU B 224 -2.98 15.51 17.28
CA GLU B 224 -2.10 16.01 16.23
C GLU B 224 -2.73 17.15 15.48
N ILE B 225 -4.05 17.06 15.34
CA ILE B 225 -4.78 18.07 14.59
C ILE B 225 -4.88 19.36 15.40
N ILE B 226 -5.28 19.28 16.67
CA ILE B 226 -5.39 20.52 17.45
C ILE B 226 -3.98 21.10 17.73
N ARG B 227 -2.94 20.28 17.78
CA ARG B 227 -1.58 20.86 17.97
C ARG B 227 -1.22 21.79 16.82
N GLU B 228 -1.61 21.43 15.61
CA GLU B 228 -1.31 22.26 14.45
C GLU B 228 -2.45 23.20 14.08
N LYS B 229 -2.91 23.95 15.08
CA LYS B 229 -3.89 25.01 14.85
C LYS B 229 -5.22 24.47 14.27
N GLY B 230 -5.54 23.22 14.57
CA GLY B 230 -6.80 22.64 14.13
C GLY B 230 -6.82 22.27 12.66
N THR B 231 -5.63 22.07 12.09
CA THR B 231 -5.56 21.65 10.70
C THR B 231 -4.93 20.27 10.68
N ASN B 232 -4.88 19.68 9.48
CA ASN B 232 -4.26 18.37 9.27
C ASN B 232 -2.97 18.68 8.52
N ARG B 233 -2.23 19.64 9.06
CA ARG B 233 -0.96 20.06 8.49
C ARG B 233 0.04 18.92 8.36
N SER B 234 0.07 18.02 9.33
CA SER B 234 0.81 16.77 9.16
C SER B 234 0.08 15.80 8.25
N GLN B 235 0.21 16.02 6.93
CA GLN B 235 -0.46 15.27 5.85
C GLN B 235 -0.21 15.99 4.53
N LYS B 243 -3.47 19.55 -0.10
CA LYS B 243 -4.25 20.56 0.63
C LYS B 243 -4.48 20.31 2.17
N TYR B 244 -4.08 21.23 3.05
CA TYR B 244 -4.53 21.12 4.46
C TYR B 244 -5.56 22.22 4.79
N THR B 245 -6.49 21.91 5.68
CA THR B 245 -7.61 22.81 5.94
C THR B 245 -8.07 22.88 7.39
N TRP B 246 -8.88 23.88 7.69
CA TRP B 246 -9.44 24.02 9.04
C TRP B 246 -10.39 22.88 9.37
N ARG B 247 -9.98 22.01 10.30
CA ARG B 247 -10.77 20.81 10.54
C ARG B 247 -11.26 20.74 11.98
N ASP B 248 -10.68 21.55 12.88
CA ASP B 248 -11.10 21.48 14.27
C ASP B 248 -10.61 22.74 14.98
N ILE B 249 -10.96 22.93 16.25
CA ILE B 249 -10.28 23.93 17.06
C ILE B 249 -8.87 23.47 17.35
N GLY B 250 -8.02 24.42 17.72
CA GLY B 250 -6.66 24.15 18.10
C GLY B 250 -5.99 25.46 18.40
N SER B 251 -4.68 25.37 18.57
CA SER B 251 -3.84 26.51 18.87
C SER B 251 -2.47 26.23 18.24
N SER B 252 -1.51 27.12 18.41
CA SER B 252 -0.15 26.83 17.94
C SER B 252 0.61 26.19 19.07
N TYR B 253 0.39 24.91 19.29
CA TYR B 253 1.09 24.25 20.40
C TYR B 253 2.43 23.71 19.95
N LEU B 254 3.21 24.53 19.26
CA LEU B 254 4.53 24.14 18.77
C LEU B 254 5.65 24.94 19.48
N MET B 255 6.69 24.28 19.95
CA MET B 255 7.91 25.01 20.30
C MET B 255 8.78 25.15 19.06
N SER B 256 9.62 26.18 19.04
CA SER B 256 10.54 26.36 17.91
C SER B 256 11.54 25.23 17.83
N ASP B 257 12.09 24.99 16.65
CA ASP B 257 13.05 23.89 16.50
C ASP B 257 14.36 24.32 17.12
N LEU B 258 14.58 25.62 17.21
CA LEU B 258 15.73 26.17 17.94
C LEU B 258 15.71 25.71 19.40
N GLN B 259 14.58 25.85 20.08
CA GLN B 259 14.42 25.36 21.44
C GLN B 259 14.57 23.85 21.56
N ALA B 260 14.03 23.12 20.60
CA ALA B 260 14.15 21.65 20.56
C ALA B 260 15.63 21.20 20.38
N ALA B 261 16.39 21.96 19.61
CA ALA B 261 17.85 21.66 19.45
C ALA B 261 18.53 21.77 20.83
N TYR B 262 18.20 22.82 21.56
CA TYR B 262 18.68 23.02 22.93
C TYR B 262 18.27 21.84 23.81
N LEU B 263 17.01 21.45 23.71
CA LEU B 263 16.48 20.34 24.49
C LEU B 263 17.15 19.03 24.12
N TRP B 264 17.33 18.83 22.82
CA TRP B 264 17.97 17.63 22.30
C TRP B 264 19.39 17.49 22.92
N ALA B 265 20.13 18.60 22.98
CA ALA B 265 21.45 18.60 23.64
C ALA B 265 21.34 18.13 25.07
N GLN B 266 20.27 18.55 25.77
CA GLN B 266 20.13 18.20 27.17
C GLN B 266 19.67 16.77 27.36
N LEU B 267 18.79 16.26 26.47
CA LEU B 267 18.35 14.86 26.54
C LEU B 267 19.54 13.92 26.26
N GLU B 268 20.43 14.38 25.40
CA GLU B 268 21.66 13.63 25.16
C GLU B 268 22.44 13.44 26.46
N ALA B 269 22.31 14.39 27.40
CA ALA B 269 22.94 14.29 28.71
C ALA B 269 21.94 13.96 29.83
N ALA B 270 20.85 13.28 29.50
CA ALA B 270 19.76 13.05 30.45
C ALA B 270 20.24 12.38 31.72
N ASP B 271 21.03 11.34 31.52
CA ASP B 271 21.50 10.55 32.65
C ASP B 271 22.61 11.30 33.41
N ARG B 272 23.44 12.05 32.71
CA ARG B 272 24.52 12.76 33.40
C ARG B 272 23.93 13.83 34.33
N ILE B 273 22.94 14.54 33.82
CA ILE B 273 22.22 15.55 34.59
C ILE B 273 21.50 14.96 35.78
N ASN B 274 20.76 13.89 35.54
CA ASN B 274 19.98 13.26 36.58
C ASN B 274 20.87 12.73 37.71
N GLN B 275 21.98 12.07 37.32
CA GLN B 275 22.87 11.46 38.31
C GLN B 275 23.50 12.54 39.19
N GLN B 276 23.90 13.64 38.57
CA GLN B 276 24.49 14.75 39.30
C GLN B 276 23.46 15.40 40.27
N ARG B 277 22.24 15.63 39.79
CA ARG B 277 21.19 16.21 40.63
C ARG B 277 20.92 15.27 41.81
N LEU B 278 20.88 13.97 41.54
CA LEU B 278 20.65 13.03 42.64
C LEU B 278 21.80 13.06 43.64
N ALA B 279 23.02 13.26 43.17
CA ALA B 279 24.15 13.32 44.09
C ALA B 279 24.03 14.54 44.98
N LEU B 280 23.72 15.68 44.36
CA LEU B 280 23.50 16.89 45.12
C LEU B 280 22.37 16.72 46.15
N TRP B 281 21.27 16.10 45.72
CA TRP B 281 20.11 15.86 46.57
C TRP B 281 20.53 15.06 47.79
N GLN B 282 21.30 13.99 47.56
CA GLN B 282 21.75 13.13 48.67
C GLN B 282 22.73 13.84 49.63
N ASN B 283 23.53 14.79 49.13
CA ASN B 283 24.38 15.58 50.03
C ASN B 283 23.52 16.35 51.03
N TYR B 284 22.47 16.96 50.52
CA TYR B 284 21.54 17.67 51.38
C TYR B 284 20.95 16.70 52.36
N TYR B 285 20.49 15.55 51.87
CA TYR B 285 19.81 14.61 52.76
C TYR B 285 20.76 14.14 53.86
N ASP B 286 21.98 13.76 53.47
CA ASP B 286 22.95 13.28 54.44
C ASP B 286 23.29 14.34 55.48
N ALA B 287 23.44 15.60 55.05
CA ALA B 287 23.83 16.66 55.98
C ALA B 287 22.68 17.04 56.92
N LEU B 288 21.44 17.02 56.44
CA LEU B 288 20.33 17.50 57.27
C LEU B 288 19.63 16.39 58.04
N ALA B 289 19.96 15.13 57.74
CA ALA B 289 19.29 14.02 58.41
C ALA B 289 19.37 14.10 59.96
N PRO B 290 20.55 14.44 60.54
CA PRO B 290 20.56 14.51 62.01
C PRO B 290 19.56 15.53 62.59
N LEU B 291 19.43 16.70 61.96
CA LEU B 291 18.46 17.70 62.40
C LEU B 291 17.04 17.18 62.31
N ALA B 292 16.80 16.28 61.37
CA ALA B 292 15.49 15.70 61.17
C ALA B 292 15.22 14.67 62.25
N LYS B 293 16.23 13.87 62.60
CA LYS B 293 16.05 12.84 63.61
C LYS B 293 15.82 13.48 64.98
N ALA B 294 16.20 14.76 65.10
CA ALA B 294 15.99 15.50 66.34
C ALA B 294 14.65 16.25 66.31
N GLY B 295 13.95 16.21 65.18
CA GLY B 295 12.64 16.82 65.09
C GLY B 295 12.65 18.32 64.80
N ARG B 296 13.83 18.87 64.53
CA ARG B 296 13.96 20.29 64.24
C ARG B 296 13.35 20.61 62.87
N ILE B 297 13.51 19.67 61.94
CA ILE B 297 12.97 19.81 60.59
C ILE B 297 12.43 18.49 60.07
N GLU B 298 11.76 18.55 58.93
CA GLU B 298 11.42 17.35 58.20
C GLU B 298 12.02 17.40 56.80
N LEU B 299 12.46 16.23 56.32
CA LEU B 299 13.00 16.10 54.97
C LEU B 299 11.98 15.43 54.04
N PRO B 300 12.18 15.50 52.71
CA PRO B 300 11.17 14.88 51.83
C PRO B 300 11.01 13.38 52.05
N SER B 301 9.82 12.87 51.74
CA SER B 301 9.54 11.44 51.76
C SER B 301 9.37 10.97 50.32
N ILE B 302 9.88 9.78 50.06
CA ILE B 302 9.80 9.15 48.76
C ILE B 302 9.20 7.78 48.94
N PRO B 303 7.90 7.62 48.61
CA PRO B 303 7.19 6.36 48.85
C PRO B 303 7.86 5.16 48.20
N ASP B 304 7.61 3.98 48.74
CA ASP B 304 8.19 2.77 48.18
C ASP B 304 7.70 2.64 46.74
N GLY B 305 8.60 2.32 45.82
CA GLY B 305 8.24 2.18 44.42
C GLY B 305 8.35 3.44 43.58
N CYS B 306 8.49 4.59 44.23
CA CYS B 306 8.66 5.85 43.51
C CYS B 306 10.15 6.16 43.36
N VAL B 307 10.62 6.43 42.15
CA VAL B 307 11.98 6.89 41.95
C VAL B 307 12.00 8.32 41.46
N GLN B 308 12.60 9.20 42.25
CA GLN B 308 12.64 10.63 41.96
C GLN B 308 13.77 11.05 41.02
N ASN B 309 13.72 12.31 40.61
CA ASN B 309 14.70 12.85 39.69
C ASN B 309 15.46 14.05 40.27
N ALA B 310 15.38 14.24 41.59
CA ALA B 310 16.05 15.35 42.27
C ALA B 310 15.73 16.74 41.70
N HIS B 311 14.46 16.96 41.37
CA HIS B 311 14.06 18.28 40.88
C HIS B 311 14.21 19.32 42.00
N MET B 312 14.04 18.88 43.24
CA MET B 312 13.90 19.80 44.35
C MET B 312 14.40 19.18 45.64
N PHE B 313 15.02 19.96 46.51
CA PHE B 313 15.24 19.50 47.86
C PHE B 313 14.55 20.48 48.80
N TYR B 314 13.44 20.05 49.42
CA TYR B 314 12.72 20.93 50.34
C TYR B 314 12.94 20.45 51.79
N ILE B 315 12.73 21.38 52.73
CA ILE B 315 12.68 21.06 54.15
C ILE B 315 11.43 21.68 54.73
N LYS B 316 10.99 21.14 55.86
CA LYS B 316 9.86 21.77 56.53
C LYS B 316 10.31 22.36 57.83
N LEU B 317 10.10 23.67 57.94
CA LEU B 317 10.37 24.35 59.18
C LEU B 317 9.16 24.16 60.10
N ARG B 318 9.20 24.77 61.27
CA ARG B 318 8.12 24.62 62.24
C ARG B 318 6.87 25.35 61.79
N ASP B 319 7.05 26.53 61.23
CA ASP B 319 5.97 27.42 60.80
C ASP B 319 6.55 28.50 59.92
N ILE B 320 5.69 29.41 59.48
CA ILE B 320 6.12 30.43 58.53
C ILE B 320 7.16 31.39 59.13
N ASP B 321 7.15 31.56 60.45
CA ASP B 321 8.12 32.46 61.09
C ASP B 321 9.50 31.86 61.10
N ASP B 322 9.54 30.56 61.41
CA ASP B 322 10.77 29.79 61.38
C ASP B 322 11.31 29.87 59.96
N ARG B 323 10.45 29.61 58.98
CA ARG B 323 10.89 29.66 57.59
C ARG B 323 11.38 31.03 57.17
N SER B 324 10.65 32.08 57.56
CA SER B 324 11.04 33.45 57.22
C SER B 324 12.38 33.83 57.85
N ALA B 325 12.61 33.38 59.09
CA ALA B 325 13.88 33.69 59.76
C ALA B 325 15.05 33.07 58.98
N LEU B 326 14.90 31.81 58.58
CA LEU B 326 15.93 31.10 57.83
C LEU B 326 16.19 31.76 56.49
N ILE B 327 15.12 32.16 55.83
CA ILE B 327 15.24 32.85 54.55
C ILE B 327 16.10 34.10 54.74
N ASN B 328 15.85 34.86 55.82
CA ASN B 328 16.60 36.07 56.07
C ASN B 328 18.06 35.81 56.45
N PHE B 329 18.29 34.76 57.24
CA PHE B 329 19.62 34.35 57.62
C PHE B 329 20.44 33.99 56.38
N LEU B 330 19.80 33.28 55.45
CA LEU B 330 20.45 32.86 54.23
C LEU B 330 20.71 34.09 53.34
N LYS B 331 19.75 35.00 53.25
CA LYS B 331 19.94 36.19 52.43
C LYS B 331 21.16 37.00 52.95
N GLU B 332 21.31 37.06 54.27
CA GLU B 332 22.48 37.69 54.90
C GLU B 332 23.77 37.02 54.39
N ALA B 333 23.69 35.72 54.17
CA ALA B 333 24.81 34.93 53.72
C ALA B 333 24.91 34.89 52.19
N GLU B 334 24.19 35.77 51.51
CA GLU B 334 24.15 35.79 50.04
C GLU B 334 23.73 34.43 49.46
N ILE B 335 22.75 33.79 50.08
CA ILE B 335 22.24 32.52 49.57
C ILE B 335 20.72 32.63 49.38
N MET B 336 20.27 32.25 48.19
CA MET B 336 18.88 32.40 47.84
C MET B 336 18.10 31.10 48.03
N ALA B 337 17.27 31.04 49.06
CA ALA B 337 16.32 29.94 49.27
C ALA B 337 14.92 30.49 49.18
N VAL B 338 13.96 29.63 48.88
CA VAL B 338 12.69 30.09 48.38
C VAL B 338 11.52 29.20 48.81
N PHE B 339 10.36 29.79 49.10
CA PHE B 339 9.17 28.97 49.34
C PHE B 339 8.56 28.64 48.00
N HIS B 340 7.37 28.03 48.00
CA HIS B 340 6.84 27.57 46.72
C HIS B 340 5.34 27.95 46.53
N TYR B 341 4.48 26.97 46.22
CA TYR B 341 3.08 27.29 45.90
C TYR B 341 2.32 27.94 47.07
N ILE B 342 1.52 28.97 46.74
CA ILE B 342 0.43 29.48 47.60
C ILE B 342 -0.81 28.70 47.19
N PRO B 343 -1.47 28.03 48.15
CA PRO B 343 -2.62 27.18 47.83
C PRO B 343 -3.63 27.90 46.94
N LEU B 344 -3.98 27.30 45.82
CA LEU B 344 -4.83 27.95 44.84
C LEU B 344 -6.22 28.26 45.39
N HIS B 345 -6.74 27.36 46.23
CA HIS B 345 -8.13 27.50 46.69
C HIS B 345 -8.34 28.73 47.55
N GLY B 346 -7.32 29.16 48.28
CA GLY B 346 -7.42 30.35 49.12
C GLY B 346 -7.24 31.64 48.35
N CYS B 347 -6.88 31.53 47.07
CA CYS B 347 -6.61 32.69 46.21
C CYS B 347 -7.94 33.27 45.70
N PRO B 348 -7.91 34.55 45.30
CA PRO B 348 -9.10 35.24 44.76
C PRO B 348 -9.84 34.40 43.71
N ALA B 349 -9.07 34.07 42.67
CA ALA B 349 -9.57 33.35 41.54
C ALA B 349 -10.00 31.96 41.99
N GLY B 350 -9.33 31.45 43.02
CA GLY B 350 -9.63 30.10 43.49
C GLY B 350 -10.97 29.93 44.22
N GLU B 351 -11.41 30.91 45.00
CA GLU B 351 -12.71 30.86 45.65
C GLU B 351 -13.80 31.02 44.58
N HIS B 352 -13.42 31.69 43.50
CA HIS B 352 -14.31 31.92 42.37
C HIS B 352 -14.43 30.74 41.42
N PHE B 353 -13.29 30.16 41.01
CA PHE B 353 -13.34 29.14 39.99
C PHE B 353 -13.38 27.74 40.59
N GLY B 354 -13.16 27.66 41.88
CA GLY B 354 -13.08 26.36 42.51
C GLY B 354 -13.59 26.22 43.90
N GLU B 355 -13.49 25.02 44.41
CA GLU B 355 -14.05 24.75 45.71
C GLU B 355 -13.17 23.71 46.44
N PHE B 356 -12.85 23.96 47.69
CA PHE B 356 -12.06 22.98 48.41
C PHE B 356 -12.97 21.96 49.06
N HIS B 357 -12.83 20.70 48.66
CA HIS B 357 -13.62 19.62 49.24
C HIS B 357 -12.97 19.09 50.51
N GLY B 358 -13.74 19.04 51.59
CA GLY B 358 -13.23 18.55 52.86
C GLY B 358 -12.46 19.61 53.63
N GLU B 359 -11.71 19.18 54.63
CA GLU B 359 -11.03 20.16 55.46
C GLU B 359 -9.62 20.40 54.93
N ASP B 360 -9.24 21.67 54.95
CA ASP B 360 -7.89 22.11 54.64
C ASP B 360 -7.04 21.83 55.88
N ARG B 361 -6.60 20.59 55.99
CA ARG B 361 -5.87 20.13 57.17
C ARG B 361 -4.36 20.32 57.00
N TYR B 362 -3.86 20.10 55.78
CA TYR B 362 -2.42 20.13 55.56
C TYR B 362 -1.98 21.14 54.52
N THR B 363 -2.78 21.30 53.48
CA THR B 363 -2.43 22.13 52.32
C THR B 363 -1.92 23.51 52.71
N THR B 364 -2.71 24.26 53.46
CA THR B 364 -2.26 25.61 53.79
C THR B 364 -1.11 25.55 54.81
N LYS B 365 -1.24 24.72 55.84
CA LYS B 365 -0.24 24.63 56.90
C LYS B 365 1.13 24.21 56.35
N GLU B 366 1.15 23.12 55.59
CA GLU B 366 2.40 22.58 55.06
C GLU B 366 3.01 23.51 54.03
N SER B 367 2.17 24.21 53.28
CA SER B 367 2.70 25.15 52.29
C SER B 367 3.47 26.29 52.97
N GLU B 368 3.13 26.57 54.21
CA GLU B 368 3.72 27.70 54.92
C GLU B 368 5.01 27.31 55.64
N ARG B 369 5.30 26.01 55.75
CA ARG B 369 6.56 25.64 56.37
C ARG B 369 7.57 25.03 55.40
N LEU B 370 7.18 24.92 54.12
CA LEU B 370 8.04 24.30 53.12
C LEU B 370 9.02 25.30 52.55
N LEU B 371 10.31 24.93 52.56
CA LEU B 371 11.35 25.78 51.99
C LEU B 371 12.17 24.98 51.00
N ARG B 372 12.42 25.55 49.82
CA ARG B 372 13.21 24.88 48.80
C ARG B 372 14.68 25.40 48.79
N LEU B 373 15.65 24.48 48.76
CA LEU B 373 17.09 24.84 48.80
C LEU B 373 17.73 24.94 47.41
N PRO B 374 18.79 25.76 47.26
CA PRO B 374 19.44 25.83 45.95
C PRO B 374 19.80 24.46 45.42
N LEU B 375 19.31 24.17 44.22
CA LEU B 375 19.53 22.87 43.62
C LEU B 375 19.41 22.99 42.12
N PHE B 376 20.55 22.77 41.46
CA PHE B 376 20.58 22.77 40.02
C PHE B 376 21.83 22.07 39.52
N TYR B 377 21.78 21.62 38.26
CA TYR B 377 22.83 20.79 37.68
C TYR B 377 24.25 21.38 37.81
N ASN B 378 24.36 22.67 37.55
CA ASN B 378 25.62 23.37 37.52
C ASN B 378 25.98 23.96 38.88
N LEU B 379 25.35 23.49 39.95
CA LEU B 379 25.70 23.97 41.30
C LEU B 379 27.03 23.37 41.74
N SER B 380 28.03 24.22 41.99
CA SER B 380 29.36 23.76 42.33
C SER B 380 29.38 23.08 43.69
N PRO B 381 30.27 22.09 43.88
CA PRO B 381 30.39 21.42 45.18
C PRO B 381 30.72 22.37 46.32
N VAL B 382 31.55 23.35 46.02
CA VAL B 382 32.00 24.26 47.05
C VAL B 382 30.81 25.15 47.47
N ASN B 383 29.98 25.56 46.51
CA ASN B 383 28.82 26.37 46.83
C ASN B 383 27.75 25.59 47.57
N GLN B 384 27.59 24.31 47.27
CA GLN B 384 26.59 23.54 48.01
C GLN B 384 27.06 23.42 49.45
N ARG B 385 28.36 23.15 49.65
CA ARG B 385 28.92 23.07 51.01
C ARG B 385 28.70 24.36 51.78
N THR B 386 28.80 25.48 51.09
CA THR B 386 28.55 26.78 51.70
C THR B 386 27.09 26.88 52.16
N VAL B 387 26.15 26.49 51.29
CA VAL B 387 24.73 26.51 51.63
C VAL B 387 24.52 25.65 52.87
N ILE B 388 25.03 24.42 52.81
CA ILE B 388 24.86 23.49 53.91
C ILE B 388 25.45 23.97 55.24
N ALA B 389 26.68 24.49 55.21
CA ALA B 389 27.32 24.98 56.42
C ALA B 389 26.49 26.11 57.01
N THR B 390 25.99 26.99 56.14
CA THR B 390 25.14 28.08 56.61
C THR B 390 23.85 27.56 57.24
N LEU B 391 23.27 26.52 56.64
CA LEU B 391 22.06 25.90 57.16
C LEU B 391 22.31 25.30 58.56
N LEU B 392 23.37 24.49 58.69
CA LEU B 392 23.69 23.86 59.98
C LEU B 392 23.96 24.91 61.03
N ASN B 393 24.40 26.08 60.59
CA ASN B 393 24.63 27.21 61.49
C ASN B 393 23.28 27.79 62.02
N TYR B 394 22.31 28.01 61.13
CA TYR B 394 20.98 28.52 61.55
C TYR B 394 20.34 27.60 62.58
N PHE B 395 20.49 26.30 62.41
CA PHE B 395 19.81 25.36 63.30
C PHE B 395 20.57 25.14 64.61
N SER B 396 21.50 26.05 64.89
CA SER B 396 22.20 26.17 66.17
C SER B 396 23.30 27.21 66.00
N HIS C 20 -12.06 -23.93 2.48
CA HIS C 20 -10.83 -23.62 3.22
C HIS C 20 -11.15 -23.31 4.71
N MET C 21 -11.63 -22.11 5.04
CA MET C 21 -11.88 -21.86 6.45
C MET C 21 -13.27 -22.27 6.85
N ILE C 22 -13.39 -22.75 8.09
CA ILE C 22 -14.67 -22.84 8.73
C ILE C 22 -14.99 -21.42 9.18
N PRO C 23 -16.04 -20.81 8.59
CA PRO C 23 -16.46 -19.42 8.78
C PRO C 23 -17.18 -19.23 10.12
N PHE C 24 -17.24 -18.01 10.66
CA PHE C 24 -18.01 -17.82 11.89
C PHE C 24 -19.53 -17.93 11.63
N ASN C 25 -19.97 -17.38 10.50
CA ASN C 25 -21.40 -17.42 10.16
C ASN C 25 -21.54 -17.55 8.66
N ALA C 26 -22.61 -18.21 8.25
CA ALA C 26 -23.08 -18.18 6.86
C ALA C 26 -24.61 -18.05 6.87
N PRO C 27 -25.16 -17.21 5.99
CA PRO C 27 -26.61 -16.97 5.93
C PRO C 27 -27.41 -18.27 5.80
N PRO C 28 -28.54 -18.32 6.51
CA PRO C 28 -29.41 -19.51 6.42
C PRO C 28 -29.89 -19.75 4.99
N VAL C 29 -29.78 -21.00 4.54
CA VAL C 29 -30.37 -21.41 3.28
C VAL C 29 -31.25 -22.63 3.49
N VAL C 30 -32.54 -22.49 3.23
CA VAL C 30 -33.47 -23.60 3.42
C VAL C 30 -33.57 -24.41 2.14
N GLY C 31 -33.55 -23.73 0.99
CA GLY C 31 -33.61 -24.42 -0.30
C GLY C 31 -34.85 -24.06 -1.11
N THR C 32 -35.77 -23.35 -0.49
CA THR C 32 -37.05 -22.98 -1.12
C THR C 32 -37.16 -21.50 -1.51
N GLU C 33 -36.17 -20.72 -1.09
CA GLU C 33 -36.21 -19.27 -1.24
C GLU C 33 -36.40 -18.89 -2.70
N LEU C 34 -35.70 -19.60 -3.58
CA LEU C 34 -35.76 -19.29 -5.01
C LEU C 34 -37.17 -19.48 -5.61
N ASP C 35 -37.87 -20.54 -5.21
CA ASP C 35 -39.23 -20.71 -5.72
C ASP C 35 -40.15 -19.60 -5.26
N TYR C 36 -40.08 -19.24 -3.97
CA TYR C 36 -40.94 -18.15 -3.47
C TYR C 36 -40.60 -16.83 -4.11
N MET C 37 -39.32 -16.57 -4.28
CA MET C 37 -38.93 -15.33 -4.93
C MET C 37 -39.42 -15.32 -6.38
N GLN C 38 -39.34 -16.47 -7.02
CA GLN C 38 -39.89 -16.60 -8.38
C GLN C 38 -41.37 -16.24 -8.39
N SER C 39 -42.10 -16.77 -7.41
CA SER C 39 -43.53 -16.47 -7.25
C SER C 39 -43.71 -14.96 -7.11
N ALA C 40 -42.86 -14.34 -6.31
CA ALA C 40 -42.96 -12.90 -6.14
C ALA C 40 -42.70 -12.15 -7.47
N MET C 41 -41.67 -12.56 -8.21
CA MET C 41 -41.39 -11.90 -9.47
C MET C 41 -42.52 -12.09 -10.47
N GLY C 42 -43.16 -13.26 -10.43
CA GLY C 42 -44.22 -13.57 -11.36
C GLY C 42 -45.46 -12.74 -11.08
N SER C 43 -45.61 -12.25 -9.85
CA SER C 43 -46.83 -11.56 -9.50
C SER C 43 -46.76 -10.13 -10.01
N GLY C 44 -45.55 -9.67 -10.33
CA GLY C 44 -45.42 -8.29 -10.79
C GLY C 44 -45.45 -7.27 -9.64
N LYS C 45 -45.45 -7.74 -8.40
CA LYS C 45 -45.32 -6.76 -7.34
C LYS C 45 -44.08 -7.09 -6.51
N LEU C 46 -43.14 -6.15 -6.50
CA LEU C 46 -41.88 -6.35 -5.77
C LEU C 46 -41.58 -5.32 -4.73
N CYS C 47 -42.23 -4.15 -4.80
CA CYS C 47 -42.00 -3.10 -3.80
C CYS C 47 -42.62 -3.53 -2.48
N GLY C 48 -42.37 -2.77 -1.42
CA GLY C 48 -42.82 -3.13 -0.10
C GLY C 48 -44.33 -3.22 0.08
N ASP C 49 -44.75 -3.94 1.12
CA ASP C 49 -46.15 -4.08 1.45
C ASP C 49 -46.93 -4.82 0.32
N GLY C 50 -46.25 -5.75 -0.35
CA GLY C 50 -46.88 -6.60 -1.32
C GLY C 50 -47.28 -7.81 -0.51
N GLY C 51 -47.65 -8.87 -1.21
CA GLY C 51 -48.16 -10.08 -0.61
C GLY C 51 -47.34 -10.83 0.41
N PHE C 52 -46.05 -11.00 0.12
CA PHE C 52 -45.22 -11.79 1.03
C PHE C 52 -44.94 -10.96 2.27
N THR C 53 -44.87 -9.64 2.11
CA THR C 53 -44.77 -8.80 3.29
C THR C 53 -45.96 -8.97 4.23
N ARG C 54 -47.16 -8.95 3.65
CA ARG C 54 -48.36 -9.06 4.45
C ARG C 54 -48.41 -10.45 5.07
N ARG C 55 -47.99 -11.47 4.32
CA ARG C 55 -48.00 -12.85 4.85
C ARG C 55 -47.02 -13.04 6.02
N CYS C 56 -45.81 -12.49 5.89
CA CYS C 56 -44.80 -12.55 6.94
C CYS C 56 -45.32 -11.86 8.21
N GLN C 57 -45.89 -10.68 8.02
CA GLN C 57 -46.43 -9.94 9.15
C GLN C 57 -47.54 -10.71 9.86
N GLN C 58 -48.42 -11.36 9.09
CA GLN C 58 -49.47 -12.23 9.63
C GLN C 58 -48.88 -13.38 10.41
N TRP C 59 -47.88 -14.02 9.82
CA TRP C 59 -47.13 -15.10 10.47
C TRP C 59 -46.60 -14.62 11.83
N LEU C 60 -45.93 -13.46 11.82
CA LEU C 60 -45.33 -12.90 13.04
C LEU C 60 -46.39 -12.49 14.09
N GLU C 61 -47.46 -11.81 13.65
CA GLU C 61 -48.53 -11.40 14.56
C GLU C 61 -49.14 -12.60 15.26
N GLN C 62 -49.48 -13.62 14.48
CA GLN C 62 -50.15 -14.79 15.05
C GLN C 62 -49.22 -15.72 15.83
N ARG C 63 -48.03 -16.00 15.30
CA ARG C 63 -47.13 -16.93 16.00
C ARG C 63 -46.64 -16.31 17.32
N PHE C 64 -46.36 -15.02 17.30
CA PHE C 64 -45.75 -14.36 18.46
C PHE C 64 -46.74 -13.59 19.35
N GLY C 65 -47.92 -13.29 18.82
CA GLY C 65 -48.98 -12.61 19.57
C GLY C 65 -48.73 -11.12 19.69
N SER C 66 -48.65 -10.43 18.57
CA SER C 66 -48.48 -8.99 18.56
C SER C 66 -49.56 -8.34 17.72
N ALA C 67 -50.08 -7.20 18.16
CA ALA C 67 -51.20 -6.51 17.50
C ALA C 67 -50.86 -6.09 16.07
N LYS C 68 -49.62 -5.66 15.85
CA LYS C 68 -49.22 -5.20 14.52
C LYS C 68 -47.71 -5.44 14.32
N VAL C 69 -47.35 -6.13 13.24
CA VAL C 69 -45.96 -6.29 12.87
C VAL C 69 -45.78 -5.65 11.50
N LEU C 70 -44.70 -4.88 11.35
CA LEU C 70 -44.42 -4.14 10.13
C LEU C 70 -43.01 -4.40 9.68
N LEU C 71 -42.87 -4.93 8.46
CA LEU C 71 -41.53 -5.24 7.93
C LEU C 71 -40.78 -4.00 7.50
N THR C 72 -39.48 -3.95 7.84
CA THR C 72 -38.65 -2.78 7.60
C THR C 72 -37.35 -3.18 6.89
N PRO C 73 -36.58 -2.19 6.40
CA PRO C 73 -35.34 -2.57 5.72
C PRO C 73 -34.23 -3.12 6.63
N SER C 74 -34.36 -2.93 7.94
CA SER C 74 -33.34 -3.37 8.89
C SER C 74 -33.89 -3.11 10.28
N CYS C 75 -33.30 -3.80 11.25
CA CYS C 75 -33.64 -3.59 12.65
C CYS C 75 -33.26 -2.18 13.06
N THR C 76 -32.17 -1.70 12.48
CA THR C 76 -31.76 -0.32 12.70
C THR C 76 -32.93 0.59 12.37
N ALA C 77 -33.54 0.33 11.22
CA ALA C 77 -34.68 1.09 10.73
C ALA C 77 -35.87 0.98 11.68
N SER C 78 -36.06 -0.22 12.22
CA SER C 78 -37.13 -0.44 13.18
C SER C 78 -36.89 0.34 14.47
N LEU C 79 -35.65 0.35 14.95
CA LEU C 79 -35.32 1.10 16.15
C LEU C 79 -35.56 2.58 15.92
N GLU C 80 -35.14 3.08 14.75
CA GLU C 80 -35.37 4.47 14.39
C GLU C 80 -36.82 4.85 14.32
N MET C 81 -37.62 3.95 13.72
CA MET C 81 -39.04 4.15 13.60
C MET C 81 -39.64 4.25 15.01
N ALA C 82 -39.12 3.41 15.90
CA ALA C 82 -39.55 3.40 17.30
C ALA C 82 -39.26 4.73 17.97
N ALA C 83 -38.09 5.30 17.70
CA ALA C 83 -37.73 6.59 18.31
C ALA C 83 -38.68 7.67 17.80
N LEU C 84 -38.99 7.63 16.52
CA LEU C 84 -39.93 8.56 15.88
C LEU C 84 -41.33 8.45 16.44
N LEU C 85 -41.81 7.21 16.54
CA LEU C 85 -43.12 6.92 17.06
C LEU C 85 -43.27 7.49 18.44
N LEU C 86 -42.23 7.39 19.25
CA LEU C 86 -42.30 7.84 20.65
C LEU C 86 -42.05 9.34 20.80
N ASP C 87 -41.88 10.02 19.68
CA ASP C 87 -41.74 11.48 19.65
C ASP C 87 -40.57 11.94 20.55
N ILE C 88 -39.45 11.25 20.42
CA ILE C 88 -38.24 11.57 21.15
C ILE C 88 -37.82 12.98 20.78
N GLN C 89 -37.57 13.79 21.81
CA GLN C 89 -37.16 15.17 21.65
C GLN C 89 -35.74 15.34 22.13
N PRO C 90 -35.02 16.32 21.58
CA PRO C 90 -33.68 16.65 22.11
C PRO C 90 -33.71 16.89 23.63
N GLY C 91 -32.81 16.23 24.33
CA GLY C 91 -32.76 16.34 25.79
C GLY C 91 -33.37 15.13 26.47
N ASP C 92 -34.28 14.45 25.78
CA ASP C 92 -34.86 13.20 26.31
C ASP C 92 -33.74 12.21 26.61
N GLU C 93 -33.90 11.44 27.66
CA GLU C 93 -32.91 10.43 28.01
C GLU C 93 -33.41 9.04 27.73
N VAL C 94 -32.53 8.23 27.17
CA VAL C 94 -32.86 6.86 26.85
C VAL C 94 -31.85 5.93 27.53
N ILE C 95 -32.36 5.00 28.32
CA ILE C 95 -31.52 4.05 29.04
C ILE C 95 -31.34 2.77 28.26
N MET C 96 -30.09 2.32 28.17
CA MET C 96 -29.79 1.09 27.44
C MET C 96 -28.44 0.53 27.86
N PRO C 97 -28.16 -0.74 27.52
CA PRO C 97 -26.81 -1.16 27.91
C PRO C 97 -25.73 -0.48 27.06
N SER C 98 -24.50 -0.39 27.57
CA SER C 98 -23.38 0.04 26.75
C SER C 98 -22.95 -1.13 25.91
N TYR C 99 -23.22 -2.32 26.43
CA TYR C 99 -22.91 -3.54 25.71
C TYR C 99 -24.05 -3.88 24.75
N THR C 100 -24.06 -3.23 23.59
CA THR C 100 -25.03 -3.50 22.57
C THR C 100 -24.48 -3.00 21.25
N PHE C 101 -25.22 -3.24 20.18
CA PHE C 101 -24.77 -2.80 18.86
C PHE C 101 -25.01 -1.28 18.73
N VAL C 102 -24.19 -0.58 17.95
CA VAL C 102 -24.30 0.87 17.85
C VAL C 102 -25.73 1.34 17.52
N SER C 103 -26.48 0.58 16.73
CA SER C 103 -27.78 1.04 16.27
C SER C 103 -28.75 1.26 17.40
N THR C 104 -28.61 0.48 18.46
CA THR C 104 -29.49 0.62 19.60
C THR C 104 -29.41 2.06 20.10
N ALA C 105 -28.22 2.64 20.02
CA ALA C 105 -28.02 4.01 20.46
C ALA C 105 -28.28 5.00 19.33
N ASN C 106 -27.73 4.73 18.15
CA ASN C 106 -27.86 5.68 17.04
C ASN C 106 -29.32 6.01 16.75
N ALA C 107 -30.19 5.01 16.83
CA ALA C 107 -31.61 5.20 16.49
C ALA C 107 -32.23 6.35 17.29
N PHE C 108 -31.82 6.47 18.56
CA PHE C 108 -32.39 7.50 19.43
C PHE C 108 -31.61 8.81 19.38
N VAL C 109 -30.29 8.70 19.24
CA VAL C 109 -29.45 9.88 19.10
C VAL C 109 -29.91 10.67 17.87
N LEU C 110 -30.38 9.99 16.83
CA LEU C 110 -30.91 10.68 15.65
C LEU C 110 -32.04 11.65 15.96
N ARG C 111 -32.77 11.38 17.03
CA ARG C 111 -33.87 12.24 17.42
C ARG C 111 -33.41 13.26 18.44
N GLY C 112 -32.13 13.20 18.80
CA GLY C 112 -31.58 14.14 19.75
C GLY C 112 -31.58 13.64 21.19
N ALA C 113 -31.82 12.36 21.38
CA ALA C 113 -31.83 11.83 22.73
C ALA C 113 -30.41 11.80 23.25
N LYS C 114 -30.26 11.92 24.56
CA LYS C 114 -29.02 11.65 25.26
C LYS C 114 -29.10 10.22 25.78
N ILE C 115 -28.03 9.46 25.61
CA ILE C 115 -28.03 8.05 26.02
C ILE C 115 -27.46 7.89 27.41
N VAL C 116 -28.22 7.22 28.26
CA VAL C 116 -27.75 6.88 29.60
C VAL C 116 -27.51 5.38 29.66
N PHE C 117 -26.25 5.00 29.83
CA PHE C 117 -25.82 3.60 29.83
C PHE C 117 -25.87 2.96 31.23
N VAL C 118 -26.30 1.70 31.29
CA VAL C 118 -26.35 0.95 32.56
C VAL C 118 -25.54 -0.35 32.45
N ASP C 119 -24.82 -0.72 33.52
CA ASP C 119 -23.98 -1.91 33.49
C ASP C 119 -24.78 -3.20 33.23
N VAL C 120 -24.10 -4.22 32.71
CA VAL C 120 -24.69 -5.53 32.44
C VAL C 120 -24.58 -6.43 33.64
N ARG C 121 -25.45 -7.44 33.70
CA ARG C 121 -25.23 -8.58 34.57
C ARG C 121 -24.36 -9.62 33.86
N PRO C 122 -23.31 -10.11 34.52
CA PRO C 122 -22.33 -10.89 33.74
C PRO C 122 -22.87 -12.26 33.29
N ASP C 123 -23.86 -12.80 33.98
CA ASP C 123 -24.33 -14.14 33.64
C ASP C 123 -24.96 -14.15 32.23
N THR C 124 -25.64 -13.08 31.85
CA THR C 124 -26.29 -13.02 30.55
C THR C 124 -25.77 -11.90 29.64
N MET C 125 -24.94 -11.01 30.19
CA MET C 125 -24.51 -9.82 29.48
C MET C 125 -25.72 -8.95 29.11
N ASN C 126 -26.86 -9.16 29.77
CA ASN C 126 -28.00 -8.30 29.57
C ASN C 126 -27.93 -7.10 30.52
N ILE C 127 -28.68 -6.04 30.25
CA ILE C 127 -28.74 -4.89 31.16
C ILE C 127 -29.19 -5.38 32.53
N ASP C 128 -28.48 -4.95 33.58
CA ASP C 128 -28.83 -5.33 34.93
C ASP C 128 -30.07 -4.55 35.37
N GLU C 129 -31.18 -5.27 35.46
CA GLU C 129 -32.46 -4.66 35.72
C GLU C 129 -32.47 -3.97 37.10
N THR C 130 -31.53 -4.31 37.97
CA THR C 130 -31.53 -3.74 39.34
C THR C 130 -30.76 -2.41 39.40
N LEU C 131 -30.14 -2.04 38.28
CA LEU C 131 -29.30 -0.84 38.24
C LEU C 131 -30.00 0.21 37.41
N ILE C 132 -31.17 -0.13 36.91
CA ILE C 132 -31.83 0.77 35.97
C ILE C 132 -32.44 1.96 36.69
N GLU C 133 -33.19 1.69 37.75
CA GLU C 133 -33.89 2.74 38.45
C GLU C 133 -32.96 3.87 38.94
N ALA C 134 -31.78 3.51 39.43
CA ALA C 134 -30.84 4.53 39.93
C ALA C 134 -30.42 5.50 38.82
N ALA C 135 -30.63 5.12 37.57
CA ALA C 135 -30.20 5.93 36.43
C ALA C 135 -31.34 6.81 35.85
N ILE C 136 -32.57 6.59 36.31
CA ILE C 136 -33.74 7.37 35.86
C ILE C 136 -33.69 8.82 36.37
N THR C 137 -33.96 9.77 35.49
CA THR C 137 -34.16 11.15 35.91
C THR C 137 -35.48 11.65 35.34
N ASP C 138 -35.78 12.93 35.55
CA ASP C 138 -37.00 13.54 35.04
C ASP C 138 -36.97 13.68 33.54
N LYS C 139 -35.77 13.52 32.98
CA LYS C 139 -35.58 13.60 31.54
C LYS C 139 -35.77 12.23 30.88
N THR C 140 -35.71 11.16 31.66
CA THR C 140 -35.83 9.82 31.08
C THR C 140 -37.18 9.58 30.44
N ARG C 141 -37.20 8.91 29.30
CA ARG C 141 -38.47 8.66 28.62
C ARG C 141 -38.58 7.24 28.07
N VAL C 142 -37.44 6.59 27.86
CA VAL C 142 -37.42 5.25 27.31
C VAL C 142 -36.35 4.38 28.00
N ILE C 143 -36.67 3.12 28.27
N ILE C 143 -36.71 3.12 28.28
CA ILE C 143 -35.61 2.17 28.54
CA ILE C 143 -35.74 2.06 28.56
C ILE C 143 -35.67 1.12 27.44
C ILE C 143 -35.70 1.16 27.35
N VAL C 144 -34.50 0.75 26.92
CA VAL C 144 -34.45 -0.21 25.84
C VAL C 144 -33.52 -1.35 26.16
N PRO C 145 -34.13 -2.42 26.68
CA PRO C 145 -33.44 -3.68 26.96
C PRO C 145 -33.04 -4.39 25.68
N VAL C 146 -31.88 -5.03 25.71
CA VAL C 146 -31.39 -5.78 24.57
C VAL C 146 -31.30 -7.26 24.94
N HIS C 147 -31.99 -8.13 24.21
CA HIS C 147 -31.97 -9.56 24.53
C HIS C 147 -30.74 -10.24 23.92
N TYR C 148 -29.65 -10.22 24.68
CA TYR C 148 -28.36 -10.66 24.17
C TYR C 148 -28.36 -12.17 23.95
N ALA C 149 -27.88 -12.58 22.77
CA ALA C 149 -27.82 -14.00 22.36
C ALA C 149 -29.21 -14.64 22.37
N GLY C 150 -30.24 -13.83 22.20
CA GLY C 150 -31.60 -14.33 22.21
C GLY C 150 -32.03 -14.81 23.57
N VAL C 151 -31.31 -14.41 24.61
CA VAL C 151 -31.70 -14.74 25.98
C VAL C 151 -32.32 -13.49 26.60
N ALA C 152 -33.56 -13.62 27.06
CA ALA C 152 -34.33 -12.47 27.48
C ALA C 152 -33.75 -11.72 28.65
N CYS C 153 -33.89 -10.39 28.59
CA CYS C 153 -33.65 -9.55 29.76
C CYS C 153 -34.73 -9.86 30.77
N GLU C 154 -34.52 -9.45 32.02
CA GLU C 154 -35.49 -9.64 33.10
C GLU C 154 -36.72 -8.72 32.94
N MET C 155 -37.62 -9.11 32.06
CA MET C 155 -38.67 -8.22 31.58
C MET C 155 -39.76 -7.89 32.58
N ASP C 156 -40.16 -8.83 33.43
CA ASP C 156 -41.17 -8.53 34.43
C ASP C 156 -40.74 -7.33 35.29
N THR C 157 -39.50 -7.41 35.79
CA THR C 157 -38.88 -6.32 36.57
C THR C 157 -38.84 -5.01 35.79
N ILE C 158 -38.41 -5.10 34.54
CA ILE C 158 -38.21 -3.91 33.72
C ILE C 158 -39.55 -3.24 33.35
N MET C 159 -40.56 -4.04 32.98
CA MET C 159 -41.87 -3.49 32.67
C MET C 159 -42.53 -2.85 33.87
N ALA C 160 -42.34 -3.43 35.05
CA ALA C 160 -42.89 -2.87 36.30
C ALA C 160 -42.25 -1.52 36.61
N LEU C 161 -40.92 -1.52 36.58
CA LEU C 161 -40.12 -0.31 36.73
C LEU C 161 -40.62 0.78 35.76
N ALA C 162 -40.91 0.41 34.51
CA ALA C 162 -41.32 1.40 33.49
C ALA C 162 -42.74 1.93 33.76
N LYS C 163 -43.60 1.07 34.27
CA LYS C 163 -44.93 1.49 34.67
C LYS C 163 -44.82 2.48 35.82
N LYS C 164 -43.97 2.14 36.79
CA LYS C 164 -43.75 2.99 37.94
C LYS C 164 -43.32 4.41 37.53
N HIS C 165 -42.47 4.53 36.52
CA HIS C 165 -41.94 5.84 36.17
C HIS C 165 -42.47 6.41 34.87
N ASN C 166 -43.56 5.83 34.38
CA ASN C 166 -44.21 6.28 33.14
C ASN C 166 -43.27 6.35 31.96
N LEU C 167 -42.49 5.30 31.81
CA LEU C 167 -41.52 5.22 30.73
C LEU C 167 -41.98 4.25 29.64
N PHE C 168 -41.65 4.54 28.39
CA PHE C 168 -41.84 3.58 27.32
C PHE C 168 -40.76 2.50 27.36
N VAL C 169 -41.09 1.30 26.91
CA VAL C 169 -40.07 0.26 26.74
C VAL C 169 -40.01 -0.16 25.30
N VAL C 170 -38.85 0.03 24.69
CA VAL C 170 -38.61 -0.45 23.34
C VAL C 170 -37.66 -1.62 23.43
N GLU C 171 -38.14 -2.81 23.06
CA GLU C 171 -37.27 -3.99 23.05
C GLU C 171 -36.37 -4.05 21.82
N ASP C 172 -35.05 -4.08 22.00
CA ASP C 172 -34.16 -4.46 20.90
C ASP C 172 -34.02 -5.98 20.89
N ALA C 173 -34.91 -6.63 20.15
CA ALA C 173 -34.93 -8.10 20.09
C ALA C 173 -34.35 -8.63 18.78
N ALA C 174 -33.36 -7.93 18.26
CA ALA C 174 -32.67 -8.29 17.01
C ALA C 174 -32.24 -9.76 16.99
N GLN C 175 -31.78 -10.25 18.13
CA GLN C 175 -31.23 -11.60 18.21
C GLN C 175 -32.24 -12.62 18.75
N GLY C 176 -33.48 -12.17 18.95
CA GLY C 176 -34.44 -12.93 19.73
C GLY C 176 -35.63 -13.57 19.02
N VAL C 177 -35.60 -13.63 17.68
CA VAL C 177 -36.69 -14.27 16.95
C VAL C 177 -36.75 -15.74 17.35
N MET C 178 -37.94 -16.19 17.77
CA MET C 178 -38.20 -17.54 18.29
C MET C 178 -37.86 -17.73 19.77
N SER C 179 -37.23 -16.74 20.40
CA SER C 179 -36.99 -16.82 21.84
C SER C 179 -38.23 -16.42 22.65
N THR C 180 -38.38 -16.95 23.86
CA THR C 180 -39.49 -16.51 24.67
C THR C 180 -39.02 -16.19 26.08
N TYR C 181 -39.84 -15.39 26.77
CA TYR C 181 -39.69 -15.05 28.18
C TYR C 181 -41.01 -15.37 28.89
N LYS C 182 -41.01 -16.37 29.76
CA LYS C 182 -42.21 -16.82 30.45
C LYS C 182 -43.42 -17.02 29.50
N GLY C 183 -43.14 -17.69 28.38
CA GLY C 183 -44.17 -18.02 27.40
C GLY C 183 -44.42 -16.97 26.35
N ARG C 184 -43.88 -15.76 26.57
N ARG C 184 -43.84 -15.78 26.54
CA ARG C 184 -44.07 -14.65 25.65
CA ARG C 184 -44.06 -14.67 25.63
C ARG C 184 -42.90 -14.48 24.66
C ARG C 184 -42.88 -14.46 24.66
N ALA C 185 -43.22 -14.32 23.38
CA ALA C 185 -42.22 -14.12 22.35
C ALA C 185 -41.52 -12.80 22.62
N LEU C 186 -40.19 -12.86 22.59
CA LEU C 186 -39.40 -11.66 22.75
C LEU C 186 -39.80 -10.70 21.63
N GLY C 187 -39.89 -9.41 21.94
CA GLY C 187 -40.29 -8.41 20.97
C GLY C 187 -41.75 -8.00 21.04
N THR C 188 -42.54 -8.79 21.77
CA THR C 188 -43.99 -8.57 21.90
C THR C 188 -44.35 -8.03 23.28
N ILE C 189 -43.37 -7.91 24.17
CA ILE C 189 -43.61 -7.45 25.55
C ILE C 189 -43.56 -5.93 25.75
N GLY C 190 -42.60 -5.24 25.15
CA GLY C 190 -42.52 -3.79 25.32
C GLY C 190 -43.57 -3.08 24.45
N HIS C 191 -43.73 -1.76 24.63
CA HIS C 191 -44.70 -1.03 23.83
C HIS C 191 -44.34 -1.22 22.36
N ILE C 192 -43.06 -1.22 22.06
CA ILE C 192 -42.55 -1.45 20.71
C ILE C 192 -41.39 -2.47 20.78
N GLY C 193 -41.37 -3.39 19.83
CA GLY C 193 -40.29 -4.35 19.68
C GLY C 193 -39.58 -4.28 18.34
N CYS C 194 -38.34 -4.76 18.27
CA CYS C 194 -37.59 -4.70 17.01
C CYS C 194 -36.91 -6.02 16.71
N PHE C 195 -37.09 -6.51 15.48
CA PHE C 195 -36.43 -7.73 15.00
C PHE C 195 -35.41 -7.37 13.96
N SER C 196 -34.37 -8.21 13.84
CA SER C 196 -33.44 -8.15 12.70
C SER C 196 -33.57 -9.37 11.82
N PHE C 197 -33.46 -9.17 10.51
CA PHE C 197 -33.40 -10.31 9.57
C PHE C 197 -32.14 -10.20 8.72
N HIS C 198 -31.11 -9.65 9.33
CA HIS C 198 -29.76 -9.55 8.74
C HIS C 198 -29.16 -10.92 8.50
N GLU C 199 -28.20 -11.02 7.57
CA GLU C 199 -27.66 -12.35 7.22
C GLU C 199 -27.02 -13.09 8.40
N THR C 200 -26.63 -12.35 9.45
CA THR C 200 -25.99 -12.95 10.62
C THR C 200 -26.97 -13.50 11.63
N LYS C 201 -28.25 -13.24 11.39
CA LYS C 201 -29.33 -13.61 12.29
C LYS C 201 -29.82 -15.04 12.04
N ASN C 202 -30.78 -15.51 12.84
CA ASN C 202 -31.31 -16.85 12.68
C ASN C 202 -32.18 -17.00 11.42
N TYR C 203 -32.82 -15.90 11.01
CA TYR C 203 -33.69 -15.85 9.82
C TYR C 203 -33.33 -14.59 9.07
N THR C 204 -33.21 -14.66 7.75
CA THR C 204 -32.80 -13.48 7.00
C THR C 204 -33.74 -13.17 5.84
N ALA C 205 -33.96 -11.89 5.58
CA ALA C 205 -34.80 -11.52 4.45
C ALA C 205 -33.93 -11.26 3.25
N GLY C 206 -33.23 -12.29 2.81
CA GLY C 206 -32.39 -12.11 1.64
C GLY C 206 -31.17 -11.27 1.97
N GLY C 207 -30.82 -11.17 3.26
CA GLY C 207 -29.59 -10.48 3.65
C GLY C 207 -29.67 -9.26 4.57
N GLU C 208 -30.72 -8.46 4.41
CA GLU C 208 -31.00 -7.30 5.28
C GLU C 208 -32.49 -7.33 5.54
N GLY C 209 -32.93 -6.83 6.69
CA GLY C 209 -34.34 -6.73 7.03
C GLY C 209 -34.56 -6.55 8.50
N GLY C 210 -35.77 -6.10 8.82
CA GLY C 210 -36.20 -5.96 10.20
C GLY C 210 -37.71 -5.98 10.30
N ALA C 211 -38.20 -5.92 11.53
CA ALA C 211 -39.62 -5.77 11.81
C ALA C 211 -39.83 -4.89 13.00
N THR C 212 -40.81 -3.99 12.91
CA THR C 212 -41.27 -3.24 14.09
C THR C 212 -42.52 -3.91 14.61
N LEU C 213 -42.51 -4.30 15.86
CA LEU C 213 -43.70 -4.86 16.50
C LEU C 213 -44.34 -3.76 17.34
N ILE C 214 -45.52 -3.32 16.92
CA ILE C 214 -46.24 -2.29 17.65
C ILE C 214 -47.19 -2.96 18.63
N ASN C 215 -46.74 -3.21 19.85
CA ASN C 215 -47.54 -3.97 20.81
C ASN C 215 -48.54 -3.11 21.55
N ASP C 216 -48.18 -1.85 21.76
CA ASP C 216 -49.09 -0.88 22.33
C ASP C 216 -50.05 -0.46 21.24
N LYS C 217 -51.26 -1.00 21.28
CA LYS C 217 -52.25 -0.80 20.23
C LYS C 217 -52.51 0.69 19.93
N ALA C 218 -52.25 1.54 20.92
CA ALA C 218 -52.52 2.97 20.77
C ALA C 218 -51.59 3.63 19.76
N LEU C 219 -50.46 2.97 19.47
CA LEU C 219 -49.43 3.51 18.60
C LEU C 219 -49.57 3.03 17.15
N ILE C 220 -50.50 2.12 16.89
CA ILE C 220 -50.56 1.46 15.58
C ILE C 220 -50.87 2.45 14.45
N GLU C 221 -51.85 3.32 14.65
CA GLU C 221 -52.25 4.27 13.61
C GLU C 221 -51.12 5.12 13.09
N ARG C 222 -50.41 5.76 14.00
CA ARG C 222 -49.30 6.62 13.62
C ARG C 222 -48.16 5.76 13.02
N ALA C 223 -47.94 4.58 13.58
CA ALA C 223 -46.90 3.70 13.05
C ALA C 223 -47.02 3.46 11.56
N GLU C 224 -48.23 3.19 11.10
CA GLU C 224 -48.46 2.90 9.69
C GLU C 224 -48.22 4.12 8.83
N ILE C 225 -48.53 5.28 9.37
CA ILE C 225 -48.36 6.49 8.60
C ILE C 225 -46.87 6.79 8.47
N ILE C 226 -46.12 6.74 9.56
N ILE C 226 -46.17 6.76 9.60
CA ILE C 226 -44.70 7.03 9.47
CA ILE C 226 -44.71 6.90 9.66
C ILE C 226 -43.96 5.92 8.71
C ILE C 226 -44.05 5.95 8.68
N ARG C 227 -44.50 4.70 8.72
CA ARG C 227 -43.90 3.60 7.95
C ARG C 227 -43.96 3.91 6.43
N GLU C 228 -45.06 4.49 6.00
CA GLU C 228 -45.29 4.86 4.60
C GLU C 228 -44.98 6.32 4.27
N LYS C 229 -43.78 6.73 4.63
CA LYS C 229 -43.27 8.05 4.25
C LYS C 229 -44.13 9.19 4.79
N GLY C 230 -44.81 8.95 5.91
CA GLY C 230 -45.62 9.98 6.53
C GLY C 230 -46.93 10.24 5.79
N THR C 231 -47.38 9.25 5.03
CA THR C 231 -48.64 9.36 4.31
C THR C 231 -49.63 8.32 4.81
N ASN C 232 -50.87 8.40 4.29
CA ASN C 232 -51.93 7.44 4.63
C ASN C 232 -52.18 6.56 3.41
N ARG C 233 -52.30 5.26 3.58
CA ARG C 233 -52.57 4.43 2.42
C ARG C 233 -53.63 3.40 2.75
N SER C 234 -54.87 3.91 2.78
CA SER C 234 -56.08 3.13 2.82
C SER C 234 -57.04 3.71 1.80
N TYR C 244 -54.54 10.02 -0.06
CA TYR C 244 -53.10 9.74 -0.08
C TYR C 244 -52.33 11.07 -0.22
N THR C 245 -52.00 11.68 0.93
CA THR C 245 -51.36 13.00 0.98
C THR C 245 -50.37 13.01 2.12
N TRP C 246 -49.50 14.03 2.17
CA TRP C 246 -48.51 14.21 3.25
C TRP C 246 -49.16 14.51 4.61
N ARG C 247 -49.07 13.57 5.56
CA ARG C 247 -49.83 13.75 6.79
C ARG C 247 -48.98 13.81 8.07
N ASP C 248 -47.72 13.41 7.97
CA ASP C 248 -46.83 13.40 9.13
C ASP C 248 -45.39 13.27 8.65
N ILE C 249 -44.43 13.32 9.56
CA ILE C 249 -43.07 12.92 9.22
C ILE C 249 -43.07 11.42 9.07
N GLY C 250 -42.06 10.92 8.37
CA GLY C 250 -41.91 9.49 8.20
C GLY C 250 -40.74 9.13 7.33
N SER C 251 -40.64 7.87 6.99
CA SER C 251 -39.56 7.43 6.14
C SER C 251 -40.05 6.27 5.28
N SER C 252 -39.16 5.72 4.46
CA SER C 252 -39.49 4.54 3.70
C SER C 252 -39.09 3.30 4.47
N TYR C 253 -39.87 2.95 5.47
CA TYR C 253 -39.57 1.80 6.29
C TYR C 253 -40.15 0.53 5.73
N LEU C 254 -39.94 0.29 4.44
CA LEU C 254 -40.42 -0.90 3.72
C LEU C 254 -39.25 -1.79 3.29
N MET C 255 -39.32 -3.10 3.53
CA MET C 255 -38.41 -4.00 2.85
C MET C 255 -39.08 -4.38 1.52
N SER C 256 -38.30 -4.77 0.51
CA SER C 256 -38.87 -5.19 -0.77
C SER C 256 -39.67 -6.49 -0.58
N ASP C 257 -40.61 -6.78 -1.48
CA ASP C 257 -41.41 -8.01 -1.34
C ASP C 257 -40.56 -9.19 -1.78
N LEU C 258 -39.55 -8.92 -2.60
CA LEU C 258 -38.56 -9.94 -2.95
C LEU C 258 -37.89 -10.48 -1.68
N GLN C 259 -37.43 -9.58 -0.83
CA GLN C 259 -36.86 -9.97 0.45
C GLN C 259 -37.89 -10.66 1.35
N ALA C 260 -39.11 -10.17 1.32
CA ALA C 260 -40.18 -10.78 2.12
C ALA C 260 -40.45 -12.21 1.69
N ALA C 261 -40.34 -12.48 0.38
CA ALA C 261 -40.51 -13.85 -0.16
C ALA C 261 -39.44 -14.79 0.40
N TYR C 262 -38.19 -14.29 0.40
CA TYR C 262 -37.05 -15.00 0.98
C TYR C 262 -37.34 -15.28 2.44
N LEU C 263 -37.79 -14.26 3.16
CA LEU C 263 -38.11 -14.40 4.58
C LEU C 263 -39.26 -15.38 4.77
N TRP C 264 -40.26 -15.29 3.90
CA TRP C 264 -41.42 -16.19 4.00
C TRP C 264 -40.97 -17.65 3.91
N ALA C 265 -40.07 -17.95 2.97
CA ALA C 265 -39.47 -19.29 2.83
C ALA C 265 -38.79 -19.75 4.13
N GLN C 266 -38.11 -18.82 4.78
CA GLN C 266 -37.38 -19.19 6.00
C GLN C 266 -38.33 -19.37 7.19
N LEU C 267 -39.36 -18.53 7.25
CA LEU C 267 -40.37 -18.67 8.31
C LEU C 267 -41.10 -20.00 8.12
N GLU C 268 -41.26 -20.44 6.87
CA GLU C 268 -41.84 -21.77 6.63
C GLU C 268 -40.98 -22.84 7.29
N ALA C 269 -39.67 -22.58 7.40
CA ALA C 269 -38.79 -23.52 8.08
C ALA C 269 -38.37 -23.04 9.48
N ALA C 270 -39.19 -22.22 10.14
CA ALA C 270 -38.82 -21.58 11.41
C ALA C 270 -38.41 -22.59 12.47
N ASP C 271 -39.22 -23.63 12.61
CA ASP C 271 -38.98 -24.63 13.66
C ASP C 271 -37.82 -25.54 13.27
N ARG C 272 -37.70 -25.84 12.00
CA ARG C 272 -36.62 -26.71 11.55
C ARG C 272 -35.26 -26.03 11.78
N ILE C 273 -35.18 -24.75 11.44
CA ILE C 273 -33.99 -23.96 11.65
C ILE C 273 -33.67 -23.84 13.17
N ASN C 274 -34.68 -23.48 13.94
CA ASN C 274 -34.52 -23.26 15.38
C ASN C 274 -34.04 -24.53 16.05
N GLN C 275 -34.65 -25.65 15.69
CA GLN C 275 -34.31 -26.94 16.28
C GLN C 275 -32.87 -27.32 15.95
N GLN C 276 -32.46 -27.08 14.70
CA GLN C 276 -31.12 -27.41 14.27
C GLN C 276 -30.06 -26.55 14.99
N ARG C 277 -30.31 -25.26 15.09
CA ARG C 277 -29.39 -24.35 15.77
C ARG C 277 -29.28 -24.80 17.23
N LEU C 278 -30.41 -25.17 17.83
CA LEU C 278 -30.38 -25.61 19.22
C LEU C 278 -29.56 -26.89 19.40
N ALA C 279 -29.63 -27.77 18.41
CA ALA C 279 -28.87 -29.00 18.44
C ALA C 279 -27.36 -28.69 18.37
N LEU C 280 -26.99 -27.81 17.44
CA LEU C 280 -25.61 -27.38 17.32
C LEU C 280 -25.12 -26.75 18.61
N TRP C 281 -25.97 -25.92 19.18
CA TRP C 281 -25.66 -25.22 20.42
C TRP C 281 -25.37 -26.20 21.53
N GLN C 282 -26.21 -27.22 21.66
CA GLN C 282 -26.04 -28.19 22.73
C GLN C 282 -24.77 -29.04 22.57
N ASN C 283 -24.35 -29.28 21.32
CA ASN C 283 -23.10 -30.00 21.05
C ASN C 283 -21.94 -29.25 21.67
N TYR C 284 -21.93 -27.93 21.47
CA TYR C 284 -20.95 -27.07 22.06
C TYR C 284 -21.02 -27.13 23.59
N TYR C 285 -22.24 -27.00 24.14
CA TYR C 285 -22.36 -26.94 25.59
C TYR C 285 -21.88 -28.24 26.22
N ASP C 286 -22.34 -29.35 25.67
CA ASP C 286 -21.95 -30.66 26.19
C ASP C 286 -20.45 -30.94 26.09
N ALA C 287 -19.82 -30.52 25.00
CA ALA C 287 -18.40 -30.81 24.82
C ALA C 287 -17.52 -29.96 25.74
N LEU C 288 -17.95 -28.74 25.99
CA LEU C 288 -17.17 -27.77 26.74
C LEU C 288 -17.48 -27.72 28.24
N ALA C 289 -18.55 -28.39 28.65
CA ALA C 289 -18.95 -28.39 30.06
C ALA C 289 -17.81 -28.81 31.01
N PRO C 290 -17.07 -29.88 30.68
CA PRO C 290 -15.98 -30.24 31.62
C PRO C 290 -14.95 -29.13 31.82
N LEU C 291 -14.56 -28.44 30.75
CA LEU C 291 -13.64 -27.34 30.88
C LEU C 291 -14.28 -26.25 31.73
N ALA C 292 -15.62 -26.14 31.67
CA ALA C 292 -16.31 -25.14 32.47
C ALA C 292 -16.40 -25.55 33.95
N LYS C 293 -16.68 -26.83 34.21
CA LYS C 293 -16.77 -27.31 35.61
C LYS C 293 -15.39 -27.30 36.25
N ALA C 294 -14.36 -27.26 35.43
CA ALA C 294 -12.99 -27.22 35.93
C ALA C 294 -12.52 -25.78 36.12
N GLY C 295 -13.34 -24.83 35.71
CA GLY C 295 -13.06 -23.41 35.90
C GLY C 295 -12.17 -22.73 34.89
N ARG C 296 -11.79 -23.43 33.83
CA ARG C 296 -10.92 -22.85 32.82
C ARG C 296 -11.65 -21.80 31.98
N ILE C 297 -12.95 -22.03 31.73
CA ILE C 297 -13.76 -21.09 30.95
C ILE C 297 -15.15 -20.98 31.56
N GLU C 298 -15.96 -20.06 31.04
CA GLU C 298 -17.39 -19.99 31.38
C GLU C 298 -18.26 -20.17 30.15
N LEU C 299 -19.40 -20.85 30.33
CA LEU C 299 -20.40 -21.06 29.28
C LEU C 299 -21.58 -20.11 29.56
N PRO C 300 -22.46 -19.91 28.57
CA PRO C 300 -23.59 -19.00 28.75
C PRO C 300 -24.57 -19.40 29.86
N SER C 301 -25.24 -18.41 30.44
CA SER C 301 -26.29 -18.70 31.41
C SER C 301 -27.65 -18.39 30.82
N ILE C 302 -28.63 -19.22 31.12
CA ILE C 302 -29.99 -19.02 30.63
C ILE C 302 -30.88 -19.03 31.85
N PRO C 303 -31.31 -17.84 32.31
CA PRO C 303 -32.10 -17.68 33.52
C PRO C 303 -33.37 -18.49 33.45
N ASP C 304 -33.92 -18.85 34.60
CA ASP C 304 -35.16 -19.62 34.64
C ASP C 304 -36.25 -18.83 33.95
N GLY C 305 -37.04 -19.53 33.14
CA GLY C 305 -38.13 -18.89 32.42
C GLY C 305 -37.79 -18.40 31.03
N CYS C 306 -36.50 -18.36 30.72
CA CYS C 306 -36.04 -17.94 29.40
C CYS C 306 -35.82 -19.11 28.44
N VAL C 307 -36.42 -19.02 27.25
CA VAL C 307 -36.13 -20.01 26.20
C VAL C 307 -35.40 -19.31 25.08
N GLN C 308 -34.16 -19.75 24.83
CA GLN C 308 -33.28 -19.16 23.83
C GLN C 308 -33.51 -19.75 22.46
N ASN C 309 -32.87 -19.16 21.46
CA ASN C 309 -33.01 -19.57 20.06
C ASN C 309 -31.67 -19.98 19.44
N ALA C 310 -30.66 -20.21 20.27
CA ALA C 310 -29.32 -20.59 19.79
C ALA C 310 -28.80 -19.58 18.78
N HIS C 311 -29.00 -18.30 19.03
CA HIS C 311 -28.50 -17.29 18.09
C HIS C 311 -26.99 -17.30 18.06
N MET C 312 -26.42 -17.65 19.21
CA MET C 312 -25.01 -17.51 19.49
C MET C 312 -24.56 -18.54 20.51
N PHE C 313 -23.32 -19.05 20.36
CA PHE C 313 -22.70 -19.76 21.47
C PHE C 313 -21.37 -19.09 21.85
N TYR C 314 -21.38 -18.42 23.00
CA TYR C 314 -20.18 -17.73 23.46
C TYR C 314 -19.55 -18.47 24.62
N ILE C 315 -18.26 -18.22 24.81
CA ILE C 315 -17.57 -18.65 26.00
C ILE C 315 -16.83 -17.43 26.48
N LYS C 316 -16.50 -17.46 27.76
CA LYS C 316 -15.68 -16.42 28.38
C LYS C 316 -14.32 -16.98 28.78
N LEU C 317 -13.28 -16.38 28.23
CA LEU C 317 -11.90 -16.69 28.58
C LEU C 317 -11.52 -15.91 29.85
N ARG C 318 -10.27 -16.01 30.28
CA ARG C 318 -9.86 -15.33 31.50
C ARG C 318 -9.81 -13.83 31.29
N ASP C 319 -9.32 -13.43 30.12
CA ASP C 319 -9.13 -12.04 29.82
C ASP C 319 -8.85 -11.88 28.35
N ILE C 320 -8.60 -10.65 27.91
CA ILE C 320 -8.43 -10.38 26.49
C ILE C 320 -7.18 -11.07 25.90
N ASP C 321 -6.15 -11.32 26.71
CA ASP C 321 -4.95 -11.97 26.18
C ASP C 321 -5.23 -13.45 25.94
N ASP C 322 -5.93 -14.06 26.89
CA ASP C 322 -6.39 -15.43 26.74
C ASP C 322 -7.25 -15.57 25.47
N ARG C 323 -8.22 -14.68 25.32
CA ARG C 323 -9.11 -14.71 24.16
C ARG C 323 -8.36 -14.54 22.87
N SER C 324 -7.40 -13.61 22.84
CA SER C 324 -6.62 -13.37 21.64
C SER C 324 -5.81 -14.59 21.27
N ALA C 325 -5.27 -15.28 22.28
CA ALA C 325 -4.49 -16.48 22.00
C ALA C 325 -5.36 -17.58 21.35
N LEU C 326 -6.56 -17.81 21.91
CA LEU C 326 -7.45 -18.84 21.35
C LEU C 326 -7.86 -18.47 19.92
N ILE C 327 -8.17 -17.20 19.68
CA ILE C 327 -8.52 -16.75 18.34
C ILE C 327 -7.40 -17.06 17.34
N ASN C 328 -6.15 -16.77 17.73
CA ASN C 328 -5.04 -17.02 16.81
C ASN C 328 -4.85 -18.51 16.64
N PHE C 329 -5.01 -19.25 17.74
CA PHE C 329 -4.90 -20.69 17.65
C PHE C 329 -5.95 -21.27 16.69
N LEU C 330 -7.18 -20.74 16.75
CA LEU C 330 -8.23 -21.24 15.88
C LEU C 330 -8.02 -20.86 14.41
N LYS C 331 -7.59 -19.62 14.20
CA LYS C 331 -7.32 -19.11 12.87
C LYS C 331 -6.25 -19.98 12.20
N GLU C 332 -5.27 -20.39 12.99
CA GLU C 332 -4.22 -21.30 12.56
C GLU C 332 -4.77 -22.60 12.02
N ALA C 333 -5.86 -23.05 12.65
CA ALA C 333 -6.58 -24.29 12.36
C ALA C 333 -7.66 -24.14 11.30
N GLU C 334 -7.62 -23.04 10.55
CA GLU C 334 -8.63 -22.69 9.53
C GLU C 334 -10.02 -22.59 10.14
N ILE C 335 -10.10 -22.02 11.34
CA ILE C 335 -11.38 -21.77 12.04
C ILE C 335 -11.57 -20.34 12.47
N MET C 336 -12.71 -19.74 12.15
CA MET C 336 -12.96 -18.33 12.45
C MET C 336 -13.82 -18.17 13.74
N ALA C 337 -13.22 -17.74 14.86
CA ALA C 337 -14.03 -17.39 16.04
C ALA C 337 -13.83 -15.91 16.30
N VAL C 338 -14.80 -15.30 16.97
CA VAL C 338 -14.88 -13.86 16.90
C VAL C 338 -15.40 -13.25 18.19
N PHE C 339 -14.89 -12.07 18.57
CA PHE C 339 -15.47 -11.36 19.73
C PHE C 339 -16.67 -10.56 19.27
N HIS C 340 -17.23 -9.72 20.14
CA HIS C 340 -18.47 -9.07 19.75
C HIS C 340 -18.42 -7.56 20.03
N TYR C 341 -19.38 -7.03 20.76
CA TYR C 341 -19.47 -5.58 20.94
C TYR C 341 -18.25 -4.98 21.65
N ILE C 342 -17.83 -3.82 21.15
CA ILE C 342 -16.99 -2.93 21.93
C ILE C 342 -17.93 -2.00 22.68
N PRO C 343 -17.82 -1.94 24.02
CA PRO C 343 -18.76 -1.13 24.83
C PRO C 343 -18.97 0.28 24.25
N LEU C 344 -20.21 0.65 24.04
CA LEU C 344 -20.51 1.91 23.35
C LEU C 344 -20.00 3.10 24.13
N HIS C 345 -20.08 3.05 25.46
CA HIS C 345 -19.73 4.21 26.28
C HIS C 345 -18.25 4.57 26.18
N GLY C 346 -17.40 3.57 25.95
CA GLY C 346 -15.97 3.84 25.81
C GLY C 346 -15.58 4.31 24.42
N CYS C 347 -16.53 4.30 23.49
CA CYS C 347 -16.25 4.69 22.09
C CYS C 347 -16.27 6.20 21.96
N PRO C 348 -15.58 6.75 20.94
CA PRO C 348 -15.58 8.20 20.73
C PRO C 348 -16.99 8.81 20.77
N ALA C 349 -17.87 8.32 19.90
CA ALA C 349 -19.22 8.85 19.80
C ALA C 349 -20.01 8.63 21.07
N GLY C 350 -19.72 7.56 21.79
CA GLY C 350 -20.44 7.23 23.01
C GLY C 350 -20.17 8.20 24.17
N GLU C 351 -18.93 8.67 24.26
CA GLU C 351 -18.54 9.64 25.27
C GLU C 351 -19.19 10.99 24.99
N HIS C 352 -19.45 11.23 23.71
CA HIS C 352 -20.07 12.46 23.28
C HIS C 352 -21.59 12.45 23.44
N PHE C 353 -22.24 11.37 23.01
CA PHE C 353 -23.70 11.34 22.98
C PHE C 353 -24.32 10.71 24.20
N GLY C 354 -23.50 10.10 25.05
CA GLY C 354 -24.05 9.40 26.19
C GLY C 354 -23.21 9.48 27.43
N GLU C 355 -23.70 8.86 28.49
CA GLU C 355 -23.08 8.93 29.79
C GLU C 355 -23.32 7.60 30.47
N PHE C 356 -22.29 7.02 31.05
CA PHE C 356 -22.43 5.75 31.75
C PHE C 356 -22.84 6.02 33.20
N HIS C 357 -24.01 5.55 33.62
CA HIS C 357 -24.38 5.78 35.00
C HIS C 357 -23.85 4.72 35.96
N GLY C 358 -23.16 5.17 37.02
CA GLY C 358 -22.62 4.24 37.99
C GLY C 358 -21.29 3.68 37.52
N GLU C 359 -20.84 2.61 38.15
CA GLU C 359 -19.53 2.07 37.79
C GLU C 359 -19.61 0.95 36.75
N ASP C 360 -18.65 1.00 35.83
CA ASP C 360 -18.40 -0.02 34.82
C ASP C 360 -17.69 -1.18 35.48
N ARG C 361 -18.48 -2.03 36.09
CA ARG C 361 -17.96 -3.14 36.86
C ARG C 361 -17.79 -4.38 35.98
N TYR C 362 -18.71 -4.58 35.04
CA TYR C 362 -18.75 -5.78 34.22
C TYR C 362 -18.68 -5.55 32.71
N THR C 363 -19.30 -4.47 32.25
CA THR C 363 -19.42 -4.23 30.81
C THR C 363 -18.12 -4.37 30.01
N THR C 364 -17.12 -3.59 30.39
CA THR C 364 -15.85 -3.60 29.65
C THR C 364 -15.11 -4.90 29.92
N LYS C 365 -15.04 -5.31 31.18
CA LYS C 365 -14.32 -6.52 31.59
C LYS C 365 -14.90 -7.77 30.89
N GLU C 366 -16.21 -7.99 30.97
CA GLU C 366 -16.77 -9.21 30.36
C GLU C 366 -16.69 -9.21 28.86
N SER C 367 -16.85 -8.04 28.27
CA SER C 367 -16.79 -7.91 26.82
C SER C 367 -15.42 -8.25 26.26
N GLU C 368 -14.39 -8.10 27.09
CA GLU C 368 -13.05 -8.32 26.62
C GLU C 368 -12.70 -9.77 26.75
N ARG C 369 -13.53 -10.54 27.46
CA ARG C 369 -13.25 -11.96 27.53
C ARG C 369 -14.24 -12.86 26.77
N LEU C 370 -15.24 -12.25 26.12
CA LEU C 370 -16.26 -13.03 25.43
C LEU C 370 -15.85 -13.40 24.01
N LEU C 371 -16.00 -14.68 23.69
CA LEU C 371 -15.68 -15.15 22.34
C LEU C 371 -16.85 -15.95 21.75
N ARG C 372 -17.24 -15.65 20.52
CA ARG C 372 -18.35 -16.36 19.89
C ARG C 372 -17.89 -17.45 18.95
N LEU C 373 -18.48 -18.63 19.08
CA LEU C 373 -18.05 -19.77 18.26
C LEU C 373 -18.91 -19.89 17.00
N PRO C 374 -18.34 -20.47 15.93
CA PRO C 374 -19.07 -20.68 14.68
C PRO C 374 -20.41 -21.38 14.95
N LEU C 375 -21.50 -20.77 14.50
CA LEU C 375 -22.85 -21.30 14.73
C LEU C 375 -23.80 -20.77 13.67
N PHE C 376 -24.29 -21.67 12.84
CA PHE C 376 -25.29 -21.28 11.86
C PHE C 376 -26.03 -22.49 11.33
N TYR C 377 -27.21 -22.26 10.76
CA TYR C 377 -28.10 -23.34 10.34
C TYR C 377 -27.39 -24.34 9.42
N ASN C 378 -26.64 -23.84 8.46
CA ASN C 378 -25.99 -24.73 7.50
C ASN C 378 -24.58 -25.16 7.91
N LEU C 379 -24.25 -25.02 9.19
CA LEU C 379 -22.95 -25.47 9.66
C LEU C 379 -22.95 -26.99 9.76
N SER C 380 -22.08 -27.65 8.98
CA SER C 380 -22.13 -29.11 9.02
C SER C 380 -21.64 -29.66 10.37
N PRO C 381 -22.21 -30.79 10.79
CA PRO C 381 -21.85 -31.47 12.03
C PRO C 381 -20.37 -31.86 12.01
N VAL C 382 -19.91 -32.22 10.82
CA VAL C 382 -18.56 -32.68 10.61
C VAL C 382 -17.58 -31.49 10.85
N ASN C 383 -17.96 -30.30 10.39
CA ASN C 383 -17.18 -29.08 10.58
C ASN C 383 -17.25 -28.60 12.02
N GLN C 384 -18.39 -28.83 12.68
CA GLN C 384 -18.52 -28.44 14.08
C GLN C 384 -17.59 -29.28 14.93
N ARG C 385 -17.56 -30.58 14.64
CA ARG C 385 -16.66 -31.50 15.34
C ARG C 385 -15.20 -31.04 15.17
N THR C 386 -14.87 -30.51 14.01
CA THR C 386 -13.52 -29.98 13.82
C THR C 386 -13.28 -28.80 14.79
N VAL C 387 -14.24 -27.87 14.83
CA VAL C 387 -14.18 -26.72 15.74
C VAL C 387 -14.07 -27.19 17.17
N ILE C 388 -14.96 -28.08 17.58
CA ILE C 388 -14.97 -28.56 18.96
C ILE C 388 -13.62 -29.22 19.28
N ALA C 389 -13.14 -30.08 18.38
CA ALA C 389 -11.86 -30.80 18.58
C ALA C 389 -10.67 -29.86 18.72
N THR C 390 -10.63 -28.82 17.90
CA THR C 390 -9.58 -27.83 17.99
C THR C 390 -9.64 -27.13 19.33
N LEU C 391 -10.85 -26.84 19.80
CA LEU C 391 -10.97 -26.19 21.12
C LEU C 391 -10.39 -27.05 22.24
N LEU C 392 -10.80 -28.31 22.31
CA LEU C 392 -10.32 -29.21 23.37
C LEU C 392 -8.82 -29.42 23.32
N ASN C 393 -8.26 -29.30 22.12
CA ASN C 393 -6.82 -29.43 21.95
C ASN C 393 -6.11 -28.23 22.56
N TYR C 394 -6.60 -27.03 22.29
CA TYR C 394 -5.99 -25.83 22.87
C TYR C 394 -5.98 -25.87 24.40
N PHE C 395 -7.06 -26.34 25.03
CA PHE C 395 -7.13 -26.30 26.49
C PHE C 395 -6.45 -27.48 27.20
N SER C 396 -5.60 -28.19 26.47
CA SER C 396 -4.69 -29.21 27.00
C SER C 396 -4.02 -29.89 25.83
N HIS D 20 -56.02 -8.90 -16.77
CA HIS D 20 -57.25 -8.13 -16.82
C HIS D 20 -56.96 -6.73 -17.38
N MET D 21 -56.38 -5.88 -16.54
CA MET D 21 -56.10 -4.49 -16.90
C MET D 21 -54.75 -4.35 -17.56
N ILE D 22 -54.64 -3.40 -18.49
CA ILE D 22 -53.32 -2.95 -18.92
C ILE D 22 -52.83 -2.05 -17.80
N PRO D 23 -51.77 -2.45 -17.08
CA PRO D 23 -51.35 -1.67 -15.90
C PRO D 23 -50.61 -0.39 -16.29
N PHE D 24 -50.57 0.54 -15.35
CA PHE D 24 -49.79 1.75 -15.55
C PHE D 24 -48.29 1.40 -15.55
N ASN D 25 -47.93 0.48 -14.67
CA ASN D 25 -46.55 0.05 -14.55
C ASN D 25 -46.45 -1.41 -14.19
N ALA D 26 -45.40 -2.05 -14.69
CA ALA D 26 -44.96 -3.35 -14.21
C ALA D 26 -43.42 -3.28 -14.12
N PRO D 27 -42.84 -3.82 -13.03
CA PRO D 27 -41.37 -3.78 -12.80
C PRO D 27 -40.58 -4.37 -13.96
N PRO D 28 -39.43 -3.76 -14.30
CA PRO D 28 -38.62 -4.30 -15.40
C PRO D 28 -38.22 -5.75 -15.11
N VAL D 29 -38.38 -6.62 -16.08
CA VAL D 29 -37.83 -7.97 -15.97
C VAL D 29 -37.00 -8.18 -17.22
N VAL D 30 -35.70 -8.39 -17.04
CA VAL D 30 -34.74 -8.59 -18.13
C VAL D 30 -34.63 -10.07 -18.46
N GLY D 31 -34.69 -10.91 -17.43
CA GLY D 31 -34.64 -12.34 -17.63
C GLY D 31 -33.47 -13.06 -16.99
N THR D 32 -32.53 -12.29 -16.48
CA THR D 32 -31.33 -12.84 -15.90
C THR D 32 -31.33 -12.72 -14.38
N GLU D 33 -32.32 -12.01 -13.82
CA GLU D 33 -32.34 -11.69 -12.39
C GLU D 33 -32.23 -12.89 -11.46
N LEU D 34 -32.96 -13.94 -11.78
CA LEU D 34 -32.99 -15.15 -10.98
C LEU D 34 -31.61 -15.79 -10.95
N ASP D 35 -30.93 -15.78 -12.10
CA ASP D 35 -29.59 -16.35 -12.22
C ASP D 35 -28.55 -15.61 -11.37
N TYR D 36 -28.56 -14.28 -11.42
CA TYR D 36 -27.65 -13.46 -10.64
C TYR D 36 -27.94 -13.62 -9.15
N MET D 37 -29.20 -13.70 -8.76
CA MET D 37 -29.54 -13.91 -7.35
C MET D 37 -29.05 -15.27 -6.88
N GLN D 38 -29.16 -16.26 -7.74
CA GLN D 38 -28.62 -17.58 -7.48
C GLN D 38 -27.14 -17.49 -7.18
N SER D 39 -26.44 -16.72 -7.99
CA SER D 39 -25.01 -16.50 -7.79
C SER D 39 -24.74 -15.87 -6.41
N ALA D 40 -25.52 -14.84 -6.06
CA ALA D 40 -25.36 -14.15 -4.78
C ALA D 40 -25.61 -15.09 -3.62
N MET D 41 -26.67 -15.87 -3.73
CA MET D 41 -26.96 -16.83 -2.68
C MET D 41 -25.88 -17.85 -2.50
N GLY D 42 -25.25 -18.25 -3.61
CA GLY D 42 -24.22 -19.25 -3.58
C GLY D 42 -22.94 -18.79 -2.93
N SER D 43 -22.72 -17.48 -2.92
CA SER D 43 -21.46 -16.90 -2.44
C SER D 43 -21.45 -16.86 -0.92
N GLY D 44 -22.63 -17.00 -0.30
CA GLY D 44 -22.69 -16.92 1.15
C GLY D 44 -22.66 -15.53 1.75
N LYS D 45 -22.71 -14.48 0.93
CA LYS D 45 -22.84 -13.11 1.43
C LYS D 45 -24.07 -12.48 0.82
N LEU D 46 -25.04 -12.10 1.65
CA LEU D 46 -26.28 -11.51 1.14
C LEU D 46 -26.53 -10.13 1.71
N CYS D 47 -25.86 -9.81 2.83
CA CYS D 47 -26.04 -8.50 3.44
C CYS D 47 -25.38 -7.45 2.58
N GLY D 48 -25.60 -6.22 2.96
CA GLY D 48 -25.12 -5.08 2.21
C GLY D 48 -23.61 -5.04 2.08
N ASP D 49 -23.18 -4.27 1.07
CA ASP D 49 -21.78 -4.04 0.79
C ASP D 49 -21.03 -5.33 0.38
N GLY D 50 -21.74 -6.21 -0.30
CA GLY D 50 -21.18 -7.43 -0.88
C GLY D 50 -20.75 -7.28 -2.33
N GLY D 51 -20.49 -8.41 -2.98
CA GLY D 51 -19.97 -8.41 -4.35
C GLY D 51 -20.81 -7.68 -5.39
N PHE D 52 -22.12 -7.91 -5.37
CA PHE D 52 -22.90 -7.28 -6.42
C PHE D 52 -23.08 -5.78 -6.15
N THR D 53 -23.10 -5.42 -4.88
CA THR D 53 -23.14 -4.02 -4.50
C THR D 53 -21.93 -3.34 -5.11
N ARG D 54 -20.78 -3.97 -4.98
CA ARG D 54 -19.55 -3.38 -5.48
C ARG D 54 -19.54 -3.26 -6.98
N ARG D 55 -20.06 -4.27 -7.66
N ARG D 55 -19.99 -4.30 -7.68
CA ARG D 55 -20.09 -4.21 -9.12
CA ARG D 55 -20.09 -4.21 -9.13
C ARG D 55 -21.02 -3.08 -9.56
C ARG D 55 -20.99 -3.05 -9.52
N CYS D 56 -22.16 -2.97 -8.91
CA CYS D 56 -23.11 -1.89 -9.20
C CYS D 56 -22.55 -0.52 -8.94
N GLN D 57 -21.94 -0.35 -7.78
CA GLN D 57 -21.36 0.96 -7.42
C GLN D 57 -20.25 1.35 -8.39
N GLN D 58 -19.40 0.40 -8.78
CA GLN D 58 -18.37 0.67 -9.81
C GLN D 58 -19.02 1.03 -11.14
N TRP D 59 -20.03 0.23 -11.53
CA TRP D 59 -20.77 0.49 -12.76
C TRP D 59 -21.32 1.90 -12.77
N LEU D 60 -21.99 2.29 -11.69
CA LEU D 60 -22.56 3.61 -11.64
C LEU D 60 -21.47 4.69 -11.65
N GLU D 61 -20.42 4.51 -10.86
CA GLU D 61 -19.30 5.48 -10.83
C GLU D 61 -18.66 5.66 -12.19
N GLN D 62 -18.34 4.57 -12.87
CA GLN D 62 -17.63 4.70 -14.14
C GLN D 62 -18.58 5.20 -15.22
N ARG D 63 -19.79 4.64 -15.30
CA ARG D 63 -20.71 5.04 -16.36
C ARG D 63 -21.20 6.48 -16.20
N PHE D 64 -21.48 6.90 -14.97
CA PHE D 64 -22.08 8.21 -14.76
C PHE D 64 -21.05 9.27 -14.34
N GLY D 65 -19.89 8.82 -13.86
CA GLY D 65 -18.84 9.76 -13.49
C GLY D 65 -19.06 10.42 -12.15
N SER D 66 -19.13 9.63 -11.10
CA SER D 66 -19.28 10.19 -9.77
C SER D 66 -18.17 9.60 -8.93
N ALA D 67 -17.59 10.39 -8.03
CA ALA D 67 -16.44 9.96 -7.23
C ALA D 67 -16.81 8.76 -6.36
N LYS D 68 -18.05 8.77 -5.86
CA LYS D 68 -18.51 7.70 -4.98
C LYS D 68 -20.02 7.47 -5.09
N VAL D 69 -20.41 6.22 -5.34
CA VAL D 69 -21.83 5.84 -5.32
C VAL D 69 -22.04 4.80 -4.24
N LEU D 70 -23.08 4.98 -3.42
CA LEU D 70 -23.34 4.07 -2.31
C LEU D 70 -24.78 3.60 -2.34
N LEU D 71 -24.97 2.28 -2.45
CA LEU D 71 -26.32 1.71 -2.53
C LEU D 71 -27.06 1.70 -1.19
N THR D 72 -28.33 2.08 -1.24
CA THR D 72 -29.14 2.25 -0.03
C THR D 72 -30.47 1.53 -0.17
N PRO D 73 -31.22 1.43 0.95
CA PRO D 73 -32.51 0.72 0.82
C PRO D 73 -33.60 1.44 0.02
N SER D 74 -33.42 2.72 -0.26
CA SER D 74 -34.45 3.50 -0.95
C SER D 74 -33.91 4.87 -1.28
N CYS D 75 -34.49 5.57 -2.23
CA CYS D 75 -34.07 6.95 -2.50
C CYS D 75 -34.35 7.82 -1.29
N THR D 76 -35.45 7.50 -0.61
CA THR D 76 -35.80 8.18 0.63
C THR D 76 -34.63 8.13 1.60
N ALA D 77 -34.05 6.95 1.74
CA ALA D 77 -32.92 6.74 2.63
C ALA D 77 -31.73 7.57 2.20
N SER D 78 -31.52 7.66 0.89
CA SER D 78 -30.44 8.44 0.34
C SER D 78 -30.64 9.92 0.60
N LEU D 79 -31.86 10.38 0.44
CA LEU D 79 -32.17 11.78 0.72
C LEU D 79 -31.94 12.07 2.21
N GLU D 80 -32.38 11.14 3.06
CA GLU D 80 -32.15 11.24 4.50
C GLU D 80 -30.65 11.27 4.81
N MET D 81 -29.92 10.39 4.14
CA MET D 81 -28.48 10.30 4.30
C MET D 81 -27.83 11.61 3.92
N ALA D 82 -28.36 12.23 2.86
CA ALA D 82 -27.88 13.52 2.38
C ALA D 82 -28.06 14.62 3.41
N ALA D 83 -29.21 14.65 4.06
CA ALA D 83 -29.47 15.69 5.05
C ALA D 83 -28.49 15.50 6.21
N LEU D 84 -28.27 14.24 6.57
CA LEU D 84 -27.33 13.89 7.62
C LEU D 84 -25.89 14.28 7.25
N LEU D 85 -25.46 13.94 6.03
CA LEU D 85 -24.12 14.27 5.54
C LEU D 85 -23.84 15.76 5.59
N LEU D 86 -24.83 16.56 5.23
CA LEU D 86 -24.66 18.00 5.16
C LEU D 86 -24.88 18.62 6.52
N ASP D 87 -25.11 17.77 7.51
CA ASP D 87 -25.23 18.20 8.90
C ASP D 87 -26.31 19.27 9.06
N ILE D 88 -27.47 19.01 8.48
CA ILE D 88 -28.62 19.89 8.57
C ILE D 88 -28.98 20.08 10.02
N GLN D 89 -29.16 21.34 10.40
CA GLN D 89 -29.50 21.72 11.77
C GLN D 89 -30.92 22.28 11.75
N PRO D 90 -31.65 22.17 12.89
CA PRO D 90 -32.97 22.78 13.06
C PRO D 90 -33.02 24.26 12.73
N GLY D 91 -33.97 24.68 11.91
CA GLY D 91 -34.06 26.08 11.51
C GLY D 91 -33.53 26.38 10.12
N ASP D 92 -32.61 25.55 9.64
CA ASP D 92 -32.08 25.67 8.29
C ASP D 92 -33.19 25.62 7.26
N GLU D 93 -33.02 26.39 6.19
CA GLU D 93 -34.02 26.41 5.14
C GLU D 93 -33.49 25.64 3.93
N VAL D 94 -34.39 24.83 3.38
CA VAL D 94 -34.10 24.00 2.21
C VAL D 94 -35.08 24.28 1.11
N ILE D 95 -34.55 24.64 -0.05
CA ILE D 95 -35.39 24.93 -1.19
C ILE D 95 -35.60 23.71 -2.09
N MET D 96 -36.87 23.48 -2.44
CA MET D 96 -37.25 22.36 -3.32
C MET D 96 -38.64 22.68 -3.89
N PRO D 97 -39.07 21.99 -4.96
CA PRO D 97 -40.43 22.26 -5.42
C PRO D 97 -41.47 21.70 -4.47
N SER D 98 -42.67 22.26 -4.52
CA SER D 98 -43.82 21.69 -3.83
C SER D 98 -44.33 20.52 -4.66
N TYR D 99 -44.05 20.57 -5.96
CA TYR D 99 -44.41 19.47 -6.86
C TYR D 99 -43.35 18.40 -6.84
N THR D 100 -43.38 17.56 -5.81
CA THR D 100 -42.45 16.45 -5.70
C THR D 100 -43.00 15.42 -4.74
N PHE D 101 -42.31 14.30 -4.60
CA PHE D 101 -42.71 13.24 -3.69
C PHE D 101 -42.40 13.61 -2.26
N VAL D 102 -43.20 13.11 -1.32
CA VAL D 102 -43.05 13.48 0.08
C VAL D 102 -41.65 13.29 0.61
N SER D 103 -40.93 12.28 0.13
CA SER D 103 -39.62 11.96 0.70
C SER D 103 -38.58 13.06 0.54
N THR D 104 -38.69 13.83 -0.55
CA THR D 104 -37.78 14.91 -0.83
C THR D 104 -37.81 15.90 0.35
N ALA D 105 -38.99 16.06 0.94
CA ALA D 105 -39.19 16.98 2.07
C ALA D 105 -38.94 16.31 3.42
N ASN D 106 -39.50 15.13 3.62
CA ASN D 106 -39.40 14.45 4.91
C ASN D 106 -37.93 14.27 5.35
N ALA D 107 -37.08 13.94 4.39
CA ALA D 107 -35.66 13.65 4.62
C ALA D 107 -34.95 14.80 5.36
N PHE D 108 -35.35 16.01 5.00
CA PHE D 108 -34.76 17.20 5.57
C PHE D 108 -35.52 17.64 6.81
N VAL D 109 -36.85 17.47 6.78
CA VAL D 109 -37.67 17.78 7.94
C VAL D 109 -37.22 16.93 9.15
N LEU D 110 -36.80 15.70 8.89
CA LEU D 110 -36.27 14.79 9.92
C LEU D 110 -35.08 15.41 10.66
N ARG D 111 -34.38 16.31 9.97
CA ARG D 111 -33.23 16.97 10.56
C ARG D 111 -33.61 18.31 11.20
N GLY D 112 -34.88 18.67 11.12
CA GLY D 112 -35.36 19.92 11.70
C GLY D 112 -35.43 21.09 10.74
N ALA D 113 -35.30 20.80 9.45
CA ALA D 113 -35.34 21.85 8.44
C ALA D 113 -36.71 22.46 8.22
N LYS D 114 -36.70 23.71 7.80
CA LYS D 114 -37.89 24.36 7.27
C LYS D 114 -37.77 24.26 5.76
N ILE D 115 -38.86 23.88 5.10
CA ILE D 115 -38.85 23.68 3.65
C ILE D 115 -39.34 24.94 2.97
N VAL D 116 -38.56 25.44 2.01
CA VAL D 116 -39.01 26.60 1.23
C VAL D 116 -39.33 26.15 -0.20
N PHE D 117 -40.62 26.24 -0.55
CA PHE D 117 -41.09 25.77 -1.85
C PHE D 117 -41.03 26.86 -2.92
N VAL D 118 -40.64 26.47 -4.13
CA VAL D 118 -40.60 27.40 -5.25
C VAL D 118 -41.48 26.82 -6.38
N ASP D 119 -42.20 27.68 -7.06
CA ASP D 119 -43.11 27.25 -8.11
C ASP D 119 -42.38 26.54 -9.24
N VAL D 120 -43.11 25.69 -9.98
CA VAL D 120 -42.52 25.00 -11.11
C VAL D 120 -42.67 25.84 -12.37
N ARG D 121 -41.81 25.56 -13.33
CA ARG D 121 -42.03 25.97 -14.71
C ARG D 121 -42.90 24.91 -15.37
N PRO D 122 -43.97 25.33 -16.06
CA PRO D 122 -44.99 24.37 -16.52
C PRO D 122 -44.54 23.46 -17.64
N ASP D 123 -43.54 23.87 -18.42
CA ASP D 123 -43.10 23.07 -19.56
C ASP D 123 -42.47 21.72 -19.14
N THR D 124 -41.74 21.71 -18.02
CA THR D 124 -41.06 20.51 -17.53
C THR D 124 -41.56 20.03 -16.16
N MET D 125 -42.38 20.84 -15.51
CA MET D 125 -42.84 20.62 -14.13
C MET D 125 -41.68 20.54 -13.14
N ASN D 126 -40.52 21.03 -13.55
CA ASN D 126 -39.36 21.16 -12.68
C ASN D 126 -39.40 22.48 -11.96
N ILE D 127 -38.61 22.58 -10.90
CA ILE D 127 -38.49 23.84 -10.19
C ILE D 127 -38.06 24.92 -11.16
N ASP D 128 -38.71 26.08 -11.10
CA ASP D 128 -38.35 27.22 -11.96
C ASP D 128 -37.05 27.87 -11.46
N GLU D 129 -35.96 27.68 -12.19
CA GLU D 129 -34.64 28.13 -11.74
C GLU D 129 -34.55 29.64 -11.61
N THR D 130 -35.50 30.36 -12.21
CA THR D 130 -35.44 31.82 -12.19
C THR D 130 -36.14 32.40 -10.97
N LEU D 131 -36.76 31.53 -10.18
CA LEU D 131 -37.52 31.97 -9.01
C LEU D 131 -36.82 31.54 -7.72
N ILE D 132 -35.69 30.85 -7.85
CA ILE D 132 -35.02 30.25 -6.70
C ILE D 132 -34.28 31.29 -5.86
N GLU D 133 -33.48 32.12 -6.55
CA GLU D 133 -32.64 33.09 -5.87
C GLU D 133 -33.48 33.98 -4.95
N ALA D 134 -34.66 34.38 -5.39
CA ALA D 134 -35.53 35.24 -4.59
C ALA D 134 -35.95 34.59 -3.26
N ALA D 135 -35.81 33.27 -3.15
CA ALA D 135 -36.24 32.55 -1.93
C ALA D 135 -35.09 32.29 -0.98
N ILE D 136 -33.89 32.55 -1.47
CA ILE D 136 -32.72 32.36 -0.66
C ILE D 136 -32.73 33.40 0.46
N THR D 137 -32.45 32.97 1.69
CA THR D 137 -32.21 33.87 2.82
C THR D 137 -30.89 33.44 3.48
N ASP D 138 -30.54 34.09 4.59
CA ASP D 138 -29.32 33.73 5.31
C ASP D 138 -29.49 32.36 6.00
N LYS D 139 -30.73 31.88 6.09
CA LYS D 139 -31.02 30.58 6.70
C LYS D 139 -30.94 29.43 5.70
N THR D 140 -31.01 29.75 4.41
CA THR D 140 -30.96 28.74 3.36
C THR D 140 -29.59 28.08 3.38
N ARG D 141 -29.55 26.76 3.19
CA ARG D 141 -28.27 26.02 3.19
C ARG D 141 -28.23 25.00 2.05
N VAL D 142 -29.41 24.60 1.55
CA VAL D 142 -29.49 23.61 0.49
C VAL D 142 -30.59 23.95 -0.51
N ILE D 143 -30.30 23.75 -1.78
CA ILE D 143 -31.36 23.67 -2.78
C ILE D 143 -31.35 22.26 -3.36
N VAL D 144 -32.55 21.71 -3.52
CA VAL D 144 -32.70 20.35 -4.02
C VAL D 144 -33.66 20.33 -5.21
N PRO D 145 -33.08 20.40 -6.40
CA PRO D 145 -33.85 20.26 -7.63
C PRO D 145 -34.34 18.83 -7.79
N VAL D 146 -35.53 18.67 -8.34
CA VAL D 146 -36.09 17.34 -8.60
C VAL D 146 -36.22 17.22 -10.10
N HIS D 147 -35.57 16.22 -10.67
CA HIS D 147 -35.58 16.04 -12.12
C HIS D 147 -36.85 15.29 -12.53
N TYR D 148 -37.93 16.04 -12.77
CA TYR D 148 -39.20 15.39 -12.99
C TYR D 148 -39.24 14.64 -14.33
N ALA D 149 -39.71 13.40 -14.26
CA ALA D 149 -39.82 12.53 -15.44
C ALA D 149 -38.45 12.34 -16.08
N GLY D 150 -37.39 12.46 -15.29
CA GLY D 150 -36.07 12.29 -15.83
C GLY D 150 -35.63 13.38 -16.77
N VAL D 151 -36.33 14.50 -16.71
CA VAL D 151 -35.95 15.66 -17.51
C VAL D 151 -35.19 16.63 -16.58
N ALA D 152 -33.96 16.96 -16.95
CA ALA D 152 -33.06 17.70 -16.05
C ALA D 152 -33.60 19.08 -15.74
N CYS D 153 -33.40 19.50 -14.49
CA CYS D 153 -33.60 20.90 -14.12
C CYS D 153 -32.54 21.70 -14.83
N GLU D 154 -32.71 23.01 -14.91
CA GLU D 154 -31.70 23.87 -15.52
C GLU D 154 -30.49 24.00 -14.54
N MET D 155 -29.61 23.00 -14.54
CA MET D 155 -28.61 22.83 -13.50
C MET D 155 -27.46 23.86 -13.53
N ASP D 156 -27.04 24.32 -14.70
CA ASP D 156 -25.99 25.34 -14.78
C ASP D 156 -26.40 26.54 -13.95
N THR D 157 -27.61 27.02 -14.16
CA THR D 157 -28.14 28.12 -13.36
C THR D 157 -28.12 27.76 -11.87
N ILE D 158 -28.59 26.57 -11.55
CA ILE D 158 -28.72 26.16 -10.16
C ILE D 158 -27.35 25.98 -9.49
N MET D 159 -26.36 25.38 -10.17
CA MET D 159 -25.00 25.22 -9.64
C MET D 159 -24.28 26.59 -9.43
N ALA D 160 -24.55 27.55 -10.31
CA ALA D 160 -23.99 28.90 -10.16
C ALA D 160 -24.50 29.65 -8.90
N LEU D 161 -25.83 29.73 -8.72
CA LEU D 161 -26.44 30.32 -7.50
C LEU D 161 -25.93 29.82 -6.14
N ALA D 162 -25.78 28.50 -6.03
CA ALA D 162 -25.39 27.81 -4.81
C ALA D 162 -23.94 28.11 -4.54
N LYS D 163 -23.16 28.25 -5.60
CA LYS D 163 -21.77 28.67 -5.48
C LYS D 163 -21.75 30.09 -4.91
N LYS D 164 -22.60 30.95 -5.48
CA LYS D 164 -22.76 32.35 -5.08
C LYS D 164 -23.12 32.51 -3.59
N HIS D 165 -24.00 31.62 -3.11
CA HIS D 165 -24.53 31.71 -1.75
C HIS D 165 -24.07 30.60 -0.83
N ASN D 166 -23.02 29.91 -1.25
CA ASN D 166 -22.39 28.84 -0.47
C ASN D 166 -23.41 27.82 -0.01
N LEU D 167 -24.26 27.40 -0.94
CA LEU D 167 -25.30 26.44 -0.61
C LEU D 167 -24.89 25.11 -1.18
N PHE D 168 -25.25 24.06 -0.47
CA PHE D 168 -25.10 22.73 -1.02
C PHE D 168 -26.24 22.44 -2.03
N VAL D 169 -25.94 21.58 -3.00
CA VAL D 169 -26.95 21.09 -3.94
C VAL D 169 -27.09 19.59 -3.82
N VAL D 170 -28.30 19.17 -3.46
CA VAL D 170 -28.67 17.76 -3.42
C VAL D 170 -29.61 17.45 -4.60
N GLU D 171 -29.16 16.63 -5.54
CA GLU D 171 -30.04 16.25 -6.64
C GLU D 171 -31.02 15.16 -6.22
N ASP D 172 -32.31 15.42 -6.34
CA ASP D 172 -33.24 14.30 -6.26
C ASP D 172 -33.38 13.74 -7.68
N ALA D 173 -32.54 12.77 -8.02
CA ALA D 173 -32.57 12.20 -9.36
C ALA D 173 -33.21 10.83 -9.32
N ALA D 174 -34.20 10.67 -8.44
CA ALA D 174 -34.89 9.41 -8.28
C ALA D 174 -35.35 8.83 -9.60
N GLN D 175 -35.81 9.71 -10.49
CA GLN D 175 -36.40 9.29 -11.78
C GLN D 175 -35.41 9.42 -12.92
N GLY D 176 -34.17 9.81 -12.60
CA GLY D 176 -33.28 10.24 -13.66
C GLY D 176 -32.11 9.38 -14.06
N VAL D 177 -32.02 8.14 -13.59
CA VAL D 177 -30.91 7.31 -14.02
C VAL D 177 -30.96 7.07 -15.53
N MET D 178 -29.80 7.34 -16.14
CA MET D 178 -29.53 7.33 -17.59
C MET D 178 -29.91 8.66 -18.24
N SER D 179 -30.55 9.56 -17.50
CA SER D 179 -30.80 10.88 -18.07
C SER D 179 -29.54 11.71 -17.98
N THR D 180 -29.37 12.65 -18.90
CA THR D 180 -28.23 13.54 -18.82
C THR D 180 -28.60 15.00 -19.01
N TYR D 181 -27.71 15.87 -18.50
CA TYR D 181 -27.80 17.31 -18.67
C TYR D 181 -26.50 17.84 -19.25
N LYS D 182 -26.57 18.35 -20.47
CA LYS D 182 -25.39 18.81 -21.19
C LYS D 182 -24.28 17.78 -21.13
N GLY D 183 -24.67 16.54 -21.40
CA GLY D 183 -23.73 15.44 -21.47
C GLY D 183 -23.47 14.82 -20.13
N ARG D 184 -23.92 15.49 -19.08
CA ARG D 184 -23.66 14.99 -17.73
C ARG D 184 -24.78 14.17 -17.13
N ALA D 185 -24.41 13.02 -16.55
CA ALA D 185 -25.38 12.14 -15.92
C ALA D 185 -26.02 12.84 -14.72
N LEU D 186 -27.34 12.80 -14.71
CA LEU D 186 -28.13 13.33 -13.61
C LEU D 186 -27.75 12.62 -12.35
N GLY D 187 -27.67 13.36 -11.26
CA GLY D 187 -27.28 12.78 -9.99
C GLY D 187 -25.81 13.00 -9.67
N THR D 188 -25.01 13.37 -10.67
CA THR D 188 -23.58 13.57 -10.47
C THR D 188 -23.25 15.06 -10.47
N ILE D 189 -24.25 15.86 -10.82
CA ILE D 189 -24.16 17.32 -10.88
C ILE D 189 -24.57 17.97 -9.57
N GLY D 190 -23.74 17.98 -8.58
CA GLY D 190 -24.15 18.58 -7.34
C GLY D 190 -23.36 17.86 -6.31
N HIS D 191 -23.36 18.39 -5.10
CA HIS D 191 -22.58 17.78 -4.06
C HIS D 191 -22.99 16.35 -3.78
N ILE D 192 -24.31 16.15 -3.75
CA ILE D 192 -24.89 14.83 -3.51
C ILE D 192 -26.01 14.58 -4.49
N GLY D 193 -26.07 13.36 -5.02
CA GLY D 193 -27.19 12.95 -5.86
C GLY D 193 -27.90 11.76 -5.24
N CYS D 194 -29.16 11.56 -5.60
CA CYS D 194 -29.94 10.45 -5.05
C CYS D 194 -30.71 9.75 -6.18
N PHE D 195 -30.58 8.42 -6.25
CA PHE D 195 -31.30 7.57 -7.20
C PHE D 195 -32.33 6.74 -6.45
N SER D 196 -33.39 6.38 -7.15
CA SER D 196 -34.34 5.35 -6.70
C SER D 196 -34.27 4.11 -7.59
N PHE D 197 -34.39 2.95 -6.98
CA PHE D 197 -34.51 1.70 -7.71
C PHE D 197 -35.81 0.98 -7.27
N HIS D 198 -36.83 1.77 -6.96
CA HIS D 198 -38.18 1.29 -6.63
C HIS D 198 -38.84 0.56 -7.83
N GLU D 199 -39.80 -0.31 -7.58
CA GLU D 199 -40.37 -1.11 -8.68
C GLU D 199 -40.96 -0.22 -9.79
N THR D 200 -41.30 1.02 -9.46
CA THR D 200 -41.91 1.93 -10.43
C THR D 200 -40.89 2.64 -11.32
N LYS D 201 -39.60 2.49 -11.04
CA LYS D 201 -38.53 3.18 -11.79
C LYS D 201 -38.05 2.40 -13.04
N ASN D 202 -37.14 2.97 -13.82
CA ASN D 202 -36.62 2.29 -15.02
C ASN D 202 -35.73 1.09 -14.68
N TYR D 203 -35.07 1.12 -13.52
CA TYR D 203 -34.22 0.01 -13.05
C TYR D 203 -34.58 -0.21 -11.61
N THR D 204 -34.78 -1.46 -11.20
CA THR D 204 -35.19 -1.73 -9.83
C THR D 204 -34.30 -2.76 -9.16
N ALA D 205 -34.05 -2.56 -7.88
CA ALA D 205 -33.26 -3.49 -7.10
C ALA D 205 -34.16 -4.48 -6.37
N GLY D 206 -34.90 -5.26 -7.14
CA GLY D 206 -35.80 -6.26 -6.57
C GLY D 206 -37.02 -5.63 -5.89
N GLY D 207 -37.34 -4.40 -6.25
CA GLY D 207 -38.55 -3.77 -5.76
C GLY D 207 -38.37 -2.51 -4.95
N GLU D 208 -37.29 -2.46 -4.17
CA GLU D 208 -36.91 -1.30 -3.38
C GLU D 208 -35.38 -1.10 -3.50
N GLY D 209 -34.94 0.14 -3.45
CA GLY D 209 -33.52 0.43 -3.46
C GLY D 209 -33.28 1.88 -3.84
N GLY D 210 -32.07 2.34 -3.54
CA GLY D 210 -31.62 3.67 -3.92
C GLY D 210 -30.11 3.71 -3.98
N ALA D 211 -29.56 4.86 -4.36
CA ALA D 211 -28.13 5.10 -4.33
C ALA D 211 -27.87 6.55 -3.96
N THR D 212 -26.89 6.74 -3.09
CA THR D 212 -26.38 8.05 -2.79
C THR D 212 -25.12 8.26 -3.63
N LEU D 213 -25.12 9.31 -4.42
CA LEU D 213 -23.96 9.71 -5.20
C LEU D 213 -23.21 10.85 -4.48
N ILE D 214 -22.00 10.56 -4.00
CA ILE D 214 -21.15 11.55 -3.31
C ILE D 214 -20.20 12.17 -4.32
N ASN D 215 -20.62 13.26 -4.94
CA ASN D 215 -19.86 13.86 -6.02
C ASN D 215 -18.82 14.85 -5.50
N ASP D 216 -19.16 15.49 -4.38
CA ASP D 216 -18.26 16.36 -3.64
C ASP D 216 -17.32 15.46 -2.86
N LYS D 217 -16.10 15.34 -3.36
CA LYS D 217 -15.10 14.44 -2.82
C LYS D 217 -14.81 14.60 -1.30
N ALA D 218 -15.04 15.79 -0.78
CA ALA D 218 -14.74 16.07 0.63
C ALA D 218 -15.67 15.35 1.58
N LEU D 219 -16.81 14.93 1.05
CA LEU D 219 -17.84 14.36 1.90
C LEU D 219 -17.77 12.85 1.98
N ILE D 220 -16.88 12.25 1.18
CA ILE D 220 -16.87 10.80 1.03
C ILE D 220 -16.58 10.06 2.33
N GLU D 221 -15.59 10.52 3.07
CA GLU D 221 -15.19 9.89 4.31
C GLU D 221 -16.31 9.72 5.28
N ARG D 222 -17.02 10.82 5.57
CA ARG D 222 -18.13 10.75 6.50
C ARG D 222 -19.33 9.93 5.92
N ALA D 223 -19.62 10.08 4.62
CA ALA D 223 -20.72 9.31 3.99
C ALA D 223 -20.57 7.82 4.26
N GLU D 224 -19.35 7.31 4.11
CA GLU D 224 -19.15 5.88 4.29
C GLU D 224 -19.36 5.51 5.74
N ILE D 225 -19.01 6.43 6.65
CA ILE D 225 -19.14 6.13 8.06
C ILE D 225 -20.61 6.15 8.47
N ILE D 226 -21.34 7.19 8.08
CA ILE D 226 -22.72 7.23 8.48
C ILE D 226 -23.54 6.15 7.75
N ARG D 227 -23.14 5.74 6.53
CA ARG D 227 -23.84 4.66 5.83
C ARG D 227 -23.71 3.37 6.63
N GLU D 228 -22.52 3.16 7.23
CA GLU D 228 -22.32 1.96 8.00
C GLU D 228 -22.54 2.17 9.49
N LYS D 229 -23.69 2.73 9.86
CA LYS D 229 -24.10 2.86 11.26
C LYS D 229 -23.15 3.70 12.14
N GLY D 230 -22.45 4.64 11.53
CA GLY D 230 -21.58 5.54 12.25
C GLY D 230 -20.31 4.86 12.70
N THR D 231 -19.95 3.77 12.05
CA THR D 231 -18.71 3.13 12.38
C THR D 231 -17.76 3.16 11.19
N ASN D 232 -16.54 2.72 11.43
CA ASN D 232 -15.51 2.65 10.40
C ASN D 232 -15.17 1.23 9.99
N ARG D 233 -15.59 0.82 8.81
N ARG D 233 -15.61 0.80 8.82
CA ARG D 233 -15.26 -0.52 8.35
CA ARG D 233 -15.29 -0.55 8.35
C ARG D 233 -14.19 -0.37 7.26
C ARG D 233 -14.21 -0.52 7.26
N SER D 234 -12.95 -0.52 7.68
CA SER D 234 -11.80 -0.65 6.80
C SER D 234 -10.59 -0.87 7.70
N LYS D 243 -11.73 -4.17 14.95
CA LYS D 243 -11.53 -2.95 15.73
C LYS D 243 -12.23 -1.75 15.07
N TYR D 244 -13.53 -1.91 14.83
CA TYR D 244 -14.37 -0.78 14.44
C TYR D 244 -15.27 -0.47 15.64
N THR D 245 -15.56 0.81 15.78
CA THR D 245 -16.28 1.33 16.93
C THR D 245 -17.23 2.45 16.55
N TRP D 246 -18.10 2.82 17.48
CA TRP D 246 -19.02 3.93 17.26
C TRP D 246 -18.26 5.23 17.12
N ARG D 247 -18.26 5.81 15.91
CA ARG D 247 -17.42 6.97 15.66
C ARG D 247 -18.23 8.20 15.25
N ASP D 248 -19.51 8.00 14.91
CA ASP D 248 -20.38 9.08 14.49
C ASP D 248 -21.86 8.64 14.55
N ILE D 249 -22.79 9.55 14.28
CA ILE D 249 -24.17 9.14 14.03
C ILE D 249 -24.24 8.49 12.67
N GLY D 250 -25.26 7.69 12.46
CA GLY D 250 -25.47 7.05 11.18
C GLY D 250 -26.68 6.14 11.23
N SER D 251 -26.83 5.36 10.17
CA SER D 251 -27.94 4.46 10.10
C SER D 251 -27.48 3.24 9.30
N SER D 252 -28.38 2.29 9.09
CA SER D 252 -28.07 1.16 8.22
C SER D 252 -28.56 1.51 6.83
N TYR D 253 -27.79 2.33 6.13
CA TYR D 253 -28.18 2.74 4.79
C TYR D 253 -27.64 1.76 3.73
N LEU D 254 -27.85 0.45 3.96
CA LEU D 254 -27.37 -0.58 3.05
C LEU D 254 -28.52 -1.28 2.30
N MET D 255 -28.42 -1.48 0.97
CA MET D 255 -29.34 -2.44 0.36
C MET D 255 -28.69 -3.82 0.46
N SER D 256 -29.51 -4.87 0.46
CA SER D 256 -29.00 -6.24 0.49
C SER D 256 -28.26 -6.57 -0.81
N ASP D 257 -27.36 -7.55 -0.76
CA ASP D 257 -26.60 -7.90 -1.96
C ASP D 257 -27.52 -8.73 -2.86
N LEU D 258 -28.55 -9.34 -2.28
CA LEU D 258 -29.57 -10.00 -3.09
C LEU D 258 -30.19 -8.98 -4.07
N GLN D 259 -30.61 -7.84 -3.53
CA GLN D 259 -31.14 -6.75 -4.34
C GLN D 259 -30.15 -6.16 -5.33
N ALA D 260 -28.89 -6.01 -4.90
CA ALA D 260 -27.86 -5.48 -5.79
C ALA D 260 -27.68 -6.44 -6.95
N ALA D 261 -27.79 -7.74 -6.69
CA ALA D 261 -27.72 -8.74 -7.74
C ALA D 261 -28.86 -8.57 -8.78
N TYR D 262 -30.10 -8.37 -8.29
CA TYR D 262 -31.28 -8.07 -9.11
C TYR D 262 -30.98 -6.80 -9.88
N LEU D 263 -30.48 -5.79 -9.18
CA LEU D 263 -30.13 -4.53 -9.83
C LEU D 263 -29.02 -4.69 -10.88
N TRP D 264 -27.99 -5.48 -10.55
CA TRP D 264 -26.88 -5.71 -11.49
C TRP D 264 -27.33 -6.28 -12.83
N ALA D 265 -28.24 -7.25 -12.77
CA ALA D 265 -28.82 -7.79 -14.00
C ALA D 265 -29.47 -6.68 -14.84
N GLN D 266 -30.13 -5.75 -14.20
CA GLN D 266 -30.81 -4.69 -14.94
C GLN D 266 -29.80 -3.64 -15.44
N LEU D 267 -28.78 -3.33 -14.64
CA LEU D 267 -27.76 -2.39 -15.13
C LEU D 267 -26.96 -2.97 -16.30
N GLU D 268 -26.79 -4.29 -16.29
CA GLU D 268 -26.17 -4.98 -17.40
C GLU D 268 -27.00 -4.77 -18.67
N ALA D 269 -28.32 -4.57 -18.54
CA ALA D 269 -29.20 -4.29 -19.68
C ALA D 269 -29.61 -2.81 -19.73
N ALA D 270 -28.75 -1.93 -19.21
CA ALA D 270 -29.13 -0.52 -19.05
C ALA D 270 -29.59 0.13 -20.35
N ASP D 271 -28.83 -0.12 -21.39
CA ASP D 271 -29.07 0.51 -22.67
C ASP D 271 -30.28 -0.12 -23.40
N ARG D 272 -30.43 -1.44 -23.24
CA ARG D 272 -31.49 -2.15 -23.89
C ARG D 272 -32.86 -1.65 -23.36
N ILE D 273 -32.92 -1.53 -22.04
CA ILE D 273 -34.07 -1.02 -21.30
C ILE D 273 -34.29 0.44 -21.68
N ASN D 274 -33.22 1.21 -21.66
CA ASN D 274 -33.39 2.64 -21.94
C ASN D 274 -33.95 2.90 -23.34
N GLN D 275 -33.39 2.20 -24.34
N GLN D 275 -33.43 2.17 -24.34
CA GLN D 275 -33.79 2.39 -25.74
CA GLN D 275 -33.79 2.43 -25.72
C GLN D 275 -35.23 1.96 -25.96
C GLN D 275 -35.20 1.93 -26.01
N GLN D 276 -35.60 0.86 -25.34
CA GLN D 276 -36.93 0.36 -25.47
C GLN D 276 -37.96 1.33 -24.85
N ARG D 277 -37.68 1.86 -23.66
CA ARG D 277 -38.58 2.81 -23.05
C ARG D 277 -38.71 4.06 -23.92
N LEU D 278 -37.59 4.50 -24.47
CA LEU D 278 -37.58 5.68 -25.32
C LEU D 278 -38.41 5.41 -26.60
N ALA D 279 -38.37 4.18 -27.09
CA ALA D 279 -39.12 3.80 -28.27
C ALA D 279 -40.62 3.88 -27.97
N LEU D 280 -41.02 3.30 -26.83
CA LEU D 280 -42.39 3.35 -26.35
C LEU D 280 -42.82 4.80 -26.18
N TRP D 281 -41.93 5.59 -25.59
CA TRP D 281 -42.18 7.00 -25.33
C TRP D 281 -42.47 7.75 -26.62
N GLN D 282 -41.65 7.49 -27.62
CA GLN D 282 -41.77 8.17 -28.90
C GLN D 282 -43.08 7.76 -29.63
N ASN D 283 -43.54 6.53 -29.42
CA ASN D 283 -44.85 6.10 -29.99
C ASN D 283 -45.98 6.98 -29.47
N TYR D 284 -45.96 7.22 -28.16
CA TYR D 284 -46.93 8.09 -27.51
C TYR D 284 -46.85 9.46 -28.11
N TYR D 285 -45.64 9.97 -28.21
CA TYR D 285 -45.49 11.34 -28.67
C TYR D 285 -46.02 11.51 -30.10
N ASP D 286 -45.63 10.60 -31.00
CA ASP D 286 -46.06 10.65 -32.40
C ASP D 286 -47.56 10.53 -32.56
N ALA D 287 -48.18 9.68 -31.76
CA ALA D 287 -49.61 9.46 -31.87
C ALA D 287 -50.40 10.65 -31.33
N LEU D 288 -49.89 11.30 -30.30
CA LEU D 288 -50.64 12.37 -29.65
C LEU D 288 -50.30 13.77 -30.18
N ALA D 289 -49.25 13.86 -31.00
CA ALA D 289 -48.84 15.15 -31.52
C ALA D 289 -49.93 15.95 -32.22
N PRO D 290 -50.73 15.31 -33.12
CA PRO D 290 -51.77 16.13 -33.76
C PRO D 290 -52.78 16.76 -32.78
N LEU D 291 -53.18 16.00 -31.75
CA LEU D 291 -54.09 16.49 -30.72
C LEU D 291 -53.48 17.65 -29.98
N ALA D 292 -52.15 17.64 -29.90
CA ALA D 292 -51.42 18.69 -29.22
C ALA D 292 -51.40 19.94 -30.10
N LYS D 293 -51.22 19.75 -31.41
CA LYS D 293 -51.18 20.90 -32.34
C LYS D 293 -52.54 21.55 -32.43
N ALA D 294 -53.57 20.81 -32.06
CA ALA D 294 -54.95 21.32 -32.09
C ALA D 294 -55.35 21.97 -30.76
N GLY D 295 -54.46 21.88 -29.77
CA GLY D 295 -54.69 22.52 -28.49
C GLY D 295 -55.54 21.72 -27.52
N ARG D 296 -55.88 20.50 -27.90
CA ARG D 296 -56.71 19.68 -27.03
C ARG D 296 -55.93 19.22 -25.78
N ILE D 297 -54.63 18.95 -25.94
CA ILE D 297 -53.76 18.53 -24.84
C ILE D 297 -52.38 19.16 -24.95
N GLU D 298 -51.55 18.95 -23.92
CA GLU D 298 -50.12 19.28 -23.95
C GLU D 298 -49.30 18.02 -23.71
N LEU D 299 -48.16 17.91 -24.39
CA LEU D 299 -47.19 16.82 -24.26
C LEU D 299 -45.94 17.28 -23.45
N PRO D 300 -45.11 16.34 -22.97
CA PRO D 300 -43.96 16.79 -22.19
C PRO D 300 -43.02 17.68 -23.00
N SER D 301 -42.29 18.58 -22.33
CA SER D 301 -41.26 19.39 -22.98
C SER D 301 -39.88 18.96 -22.52
N ILE D 302 -38.93 18.97 -23.45
CA ILE D 302 -37.56 18.59 -23.15
C ILE D 302 -36.59 19.68 -23.59
N PRO D 303 -36.10 20.49 -22.64
CA PRO D 303 -35.23 21.63 -22.93
C PRO D 303 -33.99 21.24 -23.71
N ASP D 304 -33.42 22.18 -24.45
CA ASP D 304 -32.21 21.90 -25.20
C ASP D 304 -31.08 21.49 -24.23
N GLY D 305 -30.33 20.46 -24.57
CA GLY D 305 -29.25 19.97 -23.73
C GLY D 305 -29.63 18.87 -22.77
N CYS D 306 -30.93 18.65 -22.61
CA CYS D 306 -31.43 17.59 -21.75
C CYS D 306 -31.72 16.33 -22.56
N VAL D 307 -31.17 15.20 -22.13
CA VAL D 307 -31.52 13.92 -22.72
C VAL D 307 -32.24 13.09 -21.66
N GLN D 308 -33.50 12.76 -21.93
CA GLN D 308 -34.35 12.03 -21.00
C GLN D 308 -34.20 10.53 -21.07
N ASN D 309 -34.84 9.83 -20.14
CA ASN D 309 -34.75 8.39 -20.04
C ASN D 309 -36.10 7.69 -20.19
N ALA D 310 -37.11 8.43 -20.67
CA ALA D 310 -38.45 7.88 -20.83
C ALA D 310 -38.99 7.26 -19.54
N HIS D 311 -38.77 7.94 -18.42
CA HIS D 311 -39.33 7.41 -17.19
C HIS D 311 -40.86 7.50 -17.25
N MET D 312 -41.37 8.50 -17.94
CA MET D 312 -42.78 8.81 -17.85
C MET D 312 -43.28 9.44 -19.14
N PHE D 313 -44.51 9.12 -19.52
CA PHE D 313 -45.12 9.91 -20.57
C PHE D 313 -46.39 10.52 -19.98
N TYR D 314 -46.36 11.81 -19.75
CA TYR D 314 -47.52 12.48 -19.20
C TYR D 314 -48.17 13.32 -20.27
N ILE D 315 -49.44 13.62 -20.08
CA ILE D 315 -50.11 14.59 -20.91
C ILE D 315 -50.80 15.53 -19.97
N LYS D 316 -51.09 16.73 -20.45
CA LYS D 316 -51.88 17.68 -19.70
C LYS D 316 -53.21 17.90 -20.37
N LEU D 317 -54.27 17.60 -19.61
CA LEU D 317 -55.65 17.85 -20.00
C LEU D 317 -56.01 19.31 -19.68
N ARG D 318 -57.26 19.69 -19.92
CA ARG D 318 -57.70 21.07 -19.66
C ARG D 318 -57.80 21.37 -18.17
N ASP D 319 -58.30 20.41 -17.38
CA ASP D 319 -58.51 20.58 -15.95
C ASP D 319 -58.77 19.23 -15.31
N ILE D 320 -59.02 19.24 -14.00
CA ILE D 320 -59.15 17.99 -13.27
C ILE D 320 -60.36 17.18 -13.72
N ASP D 321 -61.37 17.85 -14.24
CA ASP D 321 -62.57 17.17 -14.70
C ASP D 321 -62.30 16.46 -16.02
N ASP D 322 -61.58 17.14 -16.90
CA ASP D 322 -61.14 16.58 -18.15
C ASP D 322 -60.31 15.33 -17.87
N ARG D 323 -59.33 15.46 -16.97
CA ARG D 323 -58.47 14.34 -16.60
C ARG D 323 -59.24 13.19 -15.97
N SER D 324 -60.17 13.53 -15.08
CA SER D 324 -60.99 12.52 -14.40
C SER D 324 -61.87 11.73 -15.36
N ALA D 325 -62.42 12.42 -16.37
CA ALA D 325 -63.27 11.75 -17.36
C ALA D 325 -62.45 10.71 -18.12
N LEU D 326 -61.26 11.11 -18.56
CA LEU D 326 -60.36 10.21 -19.31
C LEU D 326 -59.97 9.02 -18.46
N ILE D 327 -59.67 9.25 -17.20
CA ILE D 327 -59.30 8.15 -16.33
C ILE D 327 -60.41 7.13 -16.31
N ASN D 328 -61.66 7.60 -16.21
CA ASN D 328 -62.79 6.67 -16.17
C ASN D 328 -63.02 6.00 -17.52
N PHE D 329 -62.84 6.75 -18.60
CA PHE D 329 -62.97 6.16 -19.92
C PHE D 329 -61.92 5.05 -20.09
N LEU D 330 -60.70 5.30 -19.61
CA LEU D 330 -59.63 4.29 -19.75
C LEU D 330 -59.91 3.09 -18.87
N LYS D 331 -60.39 3.34 -17.65
CA LYS D 331 -60.74 2.27 -16.72
C LYS D 331 -61.86 1.39 -17.31
N GLU D 332 -62.81 2.03 -17.98
CA GLU D 332 -63.85 1.26 -18.67
C GLU D 332 -63.22 0.30 -19.65
N ALA D 333 -62.13 0.74 -20.29
CA ALA D 333 -61.42 -0.04 -21.29
C ALA D 333 -60.36 -0.96 -20.70
N GLU D 334 -60.44 -1.14 -19.38
CA GLU D 334 -59.45 -1.93 -18.64
C GLU D 334 -58.01 -1.39 -18.84
N ILE D 335 -57.88 -0.08 -18.84
CA ILE D 335 -56.57 0.53 -18.95
C ILE D 335 -56.36 1.48 -17.78
N MET D 336 -55.22 1.32 -17.13
CA MET D 336 -54.89 2.09 -15.93
C MET D 336 -53.97 3.29 -16.22
N ALA D 337 -54.52 4.49 -16.17
CA ALA D 337 -53.73 5.72 -16.22
C ALA D 337 -53.94 6.44 -14.89
N VAL D 338 -52.98 7.28 -14.53
CA VAL D 338 -52.86 7.70 -13.15
C VAL D 338 -52.35 9.14 -13.01
N PHE D 339 -52.83 9.89 -12.02
CA PHE D 339 -52.24 11.22 -11.77
C PHE D 339 -50.99 11.07 -10.89
N HIS D 340 -50.40 12.17 -10.42
CA HIS D 340 -49.12 12.01 -9.75
C HIS D 340 -49.07 12.77 -8.44
N TYR D 341 -48.05 13.62 -8.27
CA TYR D 341 -47.84 14.31 -6.97
C TYR D 341 -49.06 15.21 -6.65
N ILE D 342 -49.50 15.17 -5.39
CA ILE D 342 -50.35 16.20 -4.79
C ILE D 342 -49.38 17.18 -4.20
N PRO D 343 -49.48 18.46 -4.57
CA PRO D 343 -48.51 19.47 -4.13
C PRO D 343 -48.25 19.44 -2.62
N LEU D 344 -46.99 19.33 -2.23
CA LEU D 344 -46.65 19.16 -0.81
C LEU D 344 -47.06 20.36 0.02
N HIS D 345 -46.94 21.55 -0.55
CA HIS D 345 -47.17 22.78 0.22
C HIS D 345 -48.64 22.84 0.65
N GLY D 346 -49.52 22.29 -0.16
CA GLY D 346 -50.93 22.29 0.19
C GLY D 346 -51.37 21.18 1.14
N CYS D 347 -50.47 20.25 1.44
CA CYS D 347 -50.84 19.14 2.32
C CYS D 347 -50.78 19.56 3.79
N PRO D 348 -51.51 18.84 4.65
CA PRO D 348 -51.51 19.17 6.08
C PRO D 348 -50.11 19.39 6.64
N ALA D 349 -49.25 18.37 6.51
CA ALA D 349 -47.91 18.42 7.05
C ALA D 349 -47.09 19.49 6.36
N GLY D 350 -47.43 19.74 5.10
CA GLY D 350 -46.73 20.71 4.26
C GLY D 350 -46.95 22.15 4.69
N GLU D 351 -48.16 22.42 5.16
CA GLU D 351 -48.52 23.74 5.66
C GLU D 351 -47.74 23.99 6.95
N HIS D 352 -47.43 22.90 7.64
CA HIS D 352 -46.67 22.92 8.90
C HIS D 352 -45.14 22.99 8.82
N PHE D 353 -44.54 22.18 7.97
CA PHE D 353 -43.07 22.09 7.97
C PHE D 353 -42.46 23.03 6.94
N GLY D 354 -43.28 23.61 6.09
CA GLY D 354 -42.73 24.45 5.05
C GLY D 354 -43.59 25.64 4.69
N GLU D 355 -43.08 26.43 3.75
CA GLU D 355 -43.70 27.67 3.34
C GLU D 355 -43.44 27.89 1.86
N PHE D 356 -44.47 28.26 1.11
CA PHE D 356 -44.33 28.51 -0.31
C PHE D 356 -43.91 29.97 -0.59
N HIS D 357 -42.74 30.14 -1.20
CA HIS D 357 -42.20 31.46 -1.55
C HIS D 357 -42.79 31.87 -2.88
N GLY D 358 -43.37 33.06 -2.93
CA GLY D 358 -43.97 33.55 -4.16
C GLY D 358 -45.38 33.02 -4.38
N GLU D 359 -45.88 33.16 -5.60
CA GLU D 359 -47.24 32.76 -5.92
C GLU D 359 -47.28 31.33 -6.49
N ASP D 360 -48.28 30.55 -6.07
CA ASP D 360 -48.53 29.23 -6.63
C ASP D 360 -49.25 29.45 -7.97
N ARG D 361 -48.48 29.70 -9.01
CA ARG D 361 -49.04 30.05 -10.30
C ARG D 361 -49.28 28.81 -11.15
N TYR D 362 -48.36 27.85 -11.04
CA TYR D 362 -48.42 26.68 -11.90
C TYR D 362 -48.51 25.37 -11.13
N THR D 363 -47.85 25.31 -9.98
CA THR D 363 -47.76 24.05 -9.25
C THR D 363 -49.08 23.33 -9.06
N THR D 364 -50.06 23.98 -8.45
CA THR D 364 -51.32 23.30 -8.19
C THR D 364 -52.13 23.09 -9.46
N LYS D 365 -52.23 24.13 -10.29
CA LYS D 365 -53.02 24.06 -11.52
C LYS D 365 -52.52 22.94 -12.43
N GLU D 366 -51.22 22.97 -12.71
CA GLU D 366 -50.60 22.01 -13.63
C GLU D 366 -50.63 20.59 -13.05
N SER D 367 -50.49 20.47 -11.75
CA SER D 367 -50.54 19.15 -11.12
C SER D 367 -51.90 18.49 -11.29
N GLU D 368 -52.92 19.33 -11.46
CA GLU D 368 -54.29 18.86 -11.52
C GLU D 368 -54.74 18.48 -12.94
N ARG D 369 -53.93 18.84 -13.94
CA ARG D 369 -54.25 18.45 -15.30
C ARG D 369 -53.28 17.41 -15.88
N LEU D 370 -52.28 17.02 -15.09
CA LEU D 370 -51.25 16.10 -15.55
C LEU D 370 -51.72 14.66 -15.37
N LEU D 371 -51.61 13.88 -16.46
CA LEU D 371 -51.98 12.46 -16.43
C LEU D 371 -50.85 11.62 -17.00
N ARG D 372 -50.48 10.55 -16.31
CA ARG D 372 -49.40 9.67 -16.76
C ARG D 372 -49.93 8.41 -17.47
N LEU D 373 -49.37 8.08 -18.64
CA LEU D 373 -49.85 6.93 -19.45
C LEU D 373 -49.04 5.66 -19.15
N PRO D 374 -49.64 4.45 -19.34
CA PRO D 374 -48.90 3.21 -19.10
C PRO D 374 -47.57 3.20 -19.84
N LEU D 375 -46.50 2.97 -19.09
CA LEU D 375 -45.16 2.98 -19.67
C LEU D 375 -44.22 2.17 -18.81
N PHE D 376 -43.76 1.07 -19.38
CA PHE D 376 -42.80 0.23 -18.73
C PHE D 376 -42.09 -0.67 -19.73
N TYR D 377 -40.91 -1.16 -19.32
CA TYR D 377 -40.04 -1.90 -20.24
C TYR D 377 -40.73 -3.07 -20.92
N ASN D 378 -41.50 -3.83 -20.16
CA ASN D 378 -42.12 -5.04 -20.70
C ASN D 378 -43.53 -4.79 -21.31
N LEU D 379 -43.85 -3.54 -21.61
CA LEU D 379 -45.13 -3.23 -22.22
C LEU D 379 -45.15 -3.68 -23.71
N SER D 380 -46.05 -4.61 -24.05
CA SER D 380 -46.15 -5.17 -25.41
C SER D 380 -46.64 -4.14 -26.42
N PRO D 381 -46.20 -4.27 -27.68
CA PRO D 381 -46.67 -3.33 -28.71
C PRO D 381 -48.19 -3.32 -28.89
N VAL D 382 -48.82 -4.50 -28.77
CA VAL D 382 -50.24 -4.60 -28.98
C VAL D 382 -50.95 -3.87 -27.85
N ASN D 383 -50.44 -4.02 -26.64
CA ASN D 383 -51.08 -3.34 -25.54
C ASN D 383 -50.81 -1.85 -25.65
N GLN D 384 -49.65 -1.43 -26.14
CA GLN D 384 -49.51 0.02 -26.25
C GLN D 384 -50.46 0.55 -27.34
N ARG D 385 -50.56 -0.14 -28.49
CA ARG D 385 -51.50 0.29 -29.56
C ARG D 385 -52.93 0.37 -29.03
N THR D 386 -53.26 -0.57 -28.15
CA THR D 386 -54.54 -0.57 -27.52
C THR D 386 -54.73 0.69 -26.67
N VAL D 387 -53.73 1.04 -25.85
CA VAL D 387 -53.79 2.25 -25.03
C VAL D 387 -54.01 3.45 -25.91
N ILE D 388 -53.19 3.56 -26.94
CA ILE D 388 -53.27 4.70 -27.84
C ILE D 388 -54.65 4.81 -28.53
N ALA D 389 -55.19 3.70 -29.03
CA ALA D 389 -56.50 3.70 -29.73
C ALA D 389 -57.60 4.17 -28.78
N THR D 390 -57.54 3.69 -27.54
CA THR D 390 -58.53 4.15 -26.56
C THR D 390 -58.39 5.65 -26.32
N LEU D 391 -57.16 6.18 -26.25
CA LEU D 391 -56.97 7.63 -26.07
C LEU D 391 -57.58 8.45 -27.23
N LEU D 392 -57.22 8.10 -28.46
CA LEU D 392 -57.68 8.80 -29.67
C LEU D 392 -59.19 8.74 -29.76
N ASN D 393 -59.74 7.68 -29.18
CA ASN D 393 -61.17 7.55 -29.15
C ASN D 393 -61.77 8.60 -28.21
N TYR D 394 -61.23 8.71 -26.99
CA TYR D 394 -61.68 9.69 -26.03
C TYR D 394 -61.61 11.12 -26.56
N PHE D 395 -60.55 11.45 -27.29
CA PHE D 395 -60.35 12.83 -27.73
C PHE D 395 -61.13 13.23 -28.96
N SER D 396 -62.14 12.42 -29.26
CA SER D 396 -63.17 12.71 -30.26
C SER D 396 -64.02 11.48 -30.39
N HIS E 20 -20.77 -64.14 1.38
CA HIS E 20 -20.35 -65.50 1.13
C HIS E 20 -19.22 -65.86 2.10
N MET E 21 -18.01 -65.39 1.80
CA MET E 21 -16.85 -65.71 2.60
C MET E 21 -16.62 -64.74 3.76
N ILE E 22 -16.09 -65.28 4.85
CA ILE E 22 -15.49 -64.43 5.86
C ILE E 22 -14.19 -64.07 5.25
N PRO E 23 -14.01 -62.79 4.94
CA PRO E 23 -12.85 -62.26 4.22
C PRO E 23 -11.61 -62.19 5.14
N PHE E 24 -10.43 -62.14 4.56
CA PHE E 24 -9.24 -61.94 5.37
C PHE E 24 -9.19 -60.52 5.94
N ASN E 25 -9.56 -59.56 5.10
CA ASN E 25 -9.59 -58.14 5.44
C ASN E 25 -10.73 -57.43 4.72
N ALA E 26 -11.27 -56.40 5.38
CA ALA E 26 -12.15 -55.41 4.77
C ALA E 26 -11.71 -54.03 5.28
N PRO E 27 -11.68 -53.04 4.38
CA PRO E 27 -11.24 -51.69 4.73
C PRO E 27 -12.05 -51.14 5.93
N PRO E 28 -11.38 -50.42 6.83
CA PRO E 28 -12.06 -49.82 7.97
C PRO E 28 -13.16 -48.84 7.51
N VAL E 29 -14.34 -48.97 8.10
CA VAL E 29 -15.43 -48.02 7.92
C VAL E 29 -15.89 -47.54 9.27
N VAL E 30 -15.73 -46.24 9.49
CA VAL E 30 -16.10 -45.60 10.74
C VAL E 30 -17.56 -45.12 10.66
N GLY E 31 -17.96 -44.64 9.48
CA GLY E 31 -19.31 -44.17 9.24
C GLY E 31 -19.39 -42.70 8.90
N THR E 32 -18.28 -41.98 9.03
CA THR E 32 -18.28 -40.54 8.79
C THR E 32 -17.60 -40.14 7.49
N GLU E 33 -16.96 -41.11 6.83
CA GLU E 33 -16.13 -40.84 5.66
C GLU E 33 -16.91 -40.10 4.58
N LEU E 34 -18.17 -40.52 4.38
CA LEU E 34 -18.99 -39.90 3.34
C LEU E 34 -19.24 -38.41 3.66
N ASP E 35 -19.51 -38.09 4.94
CA ASP E 35 -19.72 -36.69 5.37
C ASP E 35 -18.45 -35.85 5.20
N TYR E 36 -17.29 -36.36 5.63
CA TYR E 36 -16.05 -35.59 5.45
C TYR E 36 -15.77 -35.45 3.95
N MET E 37 -16.01 -36.47 3.15
CA MET E 37 -15.79 -36.27 1.73
C MET E 37 -16.73 -35.21 1.12
N GLN E 38 -18.00 -35.15 1.55
CA GLN E 38 -18.92 -34.10 1.11
C GLN E 38 -18.37 -32.72 1.45
N SER E 39 -17.89 -32.56 2.68
CA SER E 39 -17.27 -31.32 3.12
C SER E 39 -16.08 -31.01 2.18
N ALA E 40 -15.30 -32.02 1.83
CA ALA E 40 -14.16 -31.80 0.92
C ALA E 40 -14.61 -31.31 -0.47
N MET E 41 -15.64 -31.96 -1.01
CA MET E 41 -16.18 -31.59 -2.32
C MET E 41 -16.76 -30.17 -2.33
N GLY E 42 -17.35 -29.76 -1.23
CA GLY E 42 -17.95 -28.45 -1.15
C GLY E 42 -16.97 -27.28 -1.13
N SER E 43 -15.74 -27.54 -0.69
CA SER E 43 -14.75 -26.48 -0.51
C SER E 43 -14.10 -26.05 -1.81
N GLY E 44 -14.25 -26.87 -2.84
CA GLY E 44 -13.62 -26.58 -4.12
C GLY E 44 -12.13 -26.89 -4.24
N LYS E 45 -11.56 -27.54 -3.23
CA LYS E 45 -10.18 -28.00 -3.37
C LYS E 45 -10.13 -29.51 -3.16
N LEU E 46 -9.73 -30.26 -4.17
CA LEU E 46 -9.70 -31.70 -4.07
C LEU E 46 -8.32 -32.29 -4.32
N CYS E 47 -7.46 -31.52 -4.98
CA CYS E 47 -6.09 -31.94 -5.27
C CYS E 47 -5.26 -31.94 -3.98
N GLY E 48 -4.04 -32.43 -4.08
CA GLY E 48 -3.19 -32.59 -2.92
C GLY E 48 -2.88 -31.31 -2.19
N ASP E 49 -2.48 -31.48 -0.94
CA ASP E 49 -2.08 -30.37 -0.09
C ASP E 49 -3.27 -29.39 0.18
N GLY E 50 -4.49 -29.93 0.29
CA GLY E 50 -5.68 -29.17 0.66
C GLY E 50 -6.01 -29.13 2.13
N GLY E 51 -7.22 -28.69 2.49
CA GLY E 51 -7.62 -28.52 3.88
C GLY E 51 -7.48 -29.77 4.71
N PHE E 52 -7.93 -30.91 4.20
CA PHE E 52 -7.87 -32.14 4.97
C PHE E 52 -6.44 -32.73 5.06
N THR E 53 -5.65 -32.50 4.02
CA THR E 53 -4.25 -32.89 4.05
C THR E 53 -3.56 -32.19 5.22
N ARG E 54 -3.81 -30.89 5.36
CA ARG E 54 -3.15 -30.11 6.40
C ARG E 54 -3.58 -30.63 7.77
N ARG E 55 -4.86 -30.96 7.92
CA ARG E 55 -5.35 -31.47 9.20
C ARG E 55 -4.75 -32.83 9.53
N CYS E 56 -4.69 -33.71 8.55
CA CYS E 56 -4.08 -35.02 8.77
C CYS E 56 -2.60 -34.91 9.15
N GLN E 57 -1.86 -34.09 8.42
CA GLN E 57 -0.44 -33.91 8.68
C GLN E 57 -0.19 -33.34 10.08
N GLN E 58 -1.01 -32.37 10.52
CA GLN E 58 -0.89 -31.86 11.90
C GLN E 58 -1.15 -32.93 12.95
N TRP E 59 -2.23 -33.68 12.74
CA TRP E 59 -2.60 -34.77 13.63
C TRP E 59 -1.42 -35.74 13.76
N LEU E 60 -0.86 -36.13 12.63
CA LEU E 60 0.24 -37.07 12.63
C LEU E 60 1.47 -36.46 13.32
N GLU E 61 1.80 -35.22 12.99
CA GLU E 61 2.93 -34.53 13.62
C GLU E 61 2.78 -34.43 15.15
N GLN E 62 1.59 -34.02 15.61
CA GLN E 62 1.38 -33.81 17.03
C GLN E 62 1.25 -35.12 17.78
N ARG E 63 0.49 -36.05 17.23
CA ARG E 63 0.27 -37.31 17.92
C ARG E 63 1.54 -38.20 18.00
N PHE E 64 2.31 -38.23 16.91
CA PHE E 64 3.43 -39.16 16.85
C PHE E 64 4.78 -38.50 17.13
N GLY E 65 4.83 -37.17 17.05
CA GLY E 65 6.04 -36.45 17.37
C GLY E 65 7.05 -36.51 16.25
N SER E 66 6.65 -36.01 15.11
CA SER E 66 7.52 -35.94 13.96
C SER E 66 7.52 -34.49 13.50
N ALA E 67 8.69 -34.02 13.11
CA ALA E 67 8.86 -32.63 12.73
C ALA E 67 8.02 -32.25 11.54
N LYS E 68 7.93 -33.17 10.58
CA LYS E 68 7.21 -32.91 9.36
C LYS E 68 6.64 -34.20 8.78
N VAL E 69 5.34 -34.19 8.54
CA VAL E 69 4.64 -35.27 7.87
C VAL E 69 4.00 -34.77 6.58
N LEU E 70 4.17 -35.57 5.52
CA LEU E 70 3.71 -35.24 4.19
C LEU E 70 2.91 -36.42 3.66
N LEU E 71 1.64 -36.18 3.32
CA LEU E 71 0.75 -37.23 2.81
C LEU E 71 1.09 -37.56 1.35
N THR E 72 1.13 -38.85 1.01
CA THR E 72 1.56 -39.27 -0.33
C THR E 72 0.54 -40.25 -0.92
N PRO E 73 0.67 -40.60 -2.22
CA PRO E 73 -0.29 -41.53 -2.83
C PRO E 73 -0.19 -42.96 -2.38
N SER E 74 0.89 -43.31 -1.70
CA SER E 74 1.12 -44.68 -1.29
C SER E 74 2.37 -44.81 -0.39
N CYS E 75 2.50 -45.89 0.39
CA CYS E 75 3.73 -46.08 1.15
C CYS E 75 4.93 -46.27 0.17
N THR E 76 4.66 -46.95 -0.95
CA THR E 76 5.65 -47.11 -2.01
C THR E 76 6.22 -45.77 -2.44
N ALA E 77 5.32 -44.82 -2.67
CA ALA E 77 5.71 -43.48 -3.08
C ALA E 77 6.54 -42.81 -1.99
N SER E 78 6.18 -43.01 -0.72
CA SER E 78 6.96 -42.44 0.38
C SER E 78 8.36 -43.04 0.43
N LEU E 79 8.47 -44.35 0.24
CA LEU E 79 9.75 -45.02 0.20
C LEU E 79 10.62 -44.55 -0.96
N GLU E 80 10.01 -44.39 -2.13
CA GLU E 80 10.71 -43.85 -3.30
C GLU E 80 11.18 -42.46 -2.97
N MET E 81 10.29 -41.69 -2.34
CA MET E 81 10.59 -40.33 -1.93
C MET E 81 11.78 -40.33 -0.96
N ALA E 82 11.79 -41.32 -0.09
CA ALA E 82 12.85 -41.49 0.89
C ALA E 82 14.20 -41.72 0.19
N ALA E 83 14.18 -42.55 -0.85
CA ALA E 83 15.38 -42.86 -1.60
C ALA E 83 15.94 -41.63 -2.30
N LEU E 84 15.04 -40.84 -2.86
CA LEU E 84 15.36 -39.59 -3.54
C LEU E 84 15.96 -38.58 -2.57
N LEU E 85 15.32 -38.41 -1.41
CA LEU E 85 15.81 -37.48 -0.40
C LEU E 85 17.25 -37.74 0.04
N LEU E 86 17.59 -39.01 0.20
CA LEU E 86 18.89 -39.42 0.68
C LEU E 86 19.93 -39.47 -0.43
N ASP E 87 19.50 -39.08 -1.63
CA ASP E 87 20.39 -38.95 -2.78
C ASP E 87 21.13 -40.24 -3.08
N ILE E 88 20.40 -41.35 -3.06
CA ILE E 88 20.98 -42.64 -3.38
C ILE E 88 21.54 -42.62 -4.79
N GLN E 89 22.78 -43.06 -4.93
CA GLN E 89 23.50 -43.11 -6.20
C GLN E 89 23.72 -44.56 -6.60
N PRO E 90 23.84 -44.83 -7.90
CA PRO E 90 24.20 -46.17 -8.36
C PRO E 90 25.47 -46.65 -7.64
N GLY E 91 25.40 -47.86 -7.11
CA GLY E 91 26.50 -48.41 -6.35
C GLY E 91 26.28 -48.38 -4.86
N ASP E 92 25.46 -47.45 -4.36
CA ASP E 92 25.11 -47.43 -2.94
C ASP E 92 24.49 -48.74 -2.50
N GLU E 93 24.79 -49.19 -1.28
CA GLU E 93 24.19 -50.41 -0.77
C GLU E 93 23.16 -50.05 0.31
N VAL E 94 22.00 -50.72 0.25
CA VAL E 94 20.92 -50.50 1.22
C VAL E 94 20.55 -51.84 1.85
N ILE E 95 20.62 -51.88 3.17
CA ILE E 95 20.32 -53.08 3.92
C ILE E 95 18.84 -53.09 4.40
N MET E 96 18.16 -54.22 4.21
CA MET E 96 16.77 -54.44 4.59
C MET E 96 16.55 -55.95 4.67
N PRO E 97 15.43 -56.38 5.30
CA PRO E 97 15.14 -57.82 5.35
C PRO E 97 14.76 -58.30 3.97
N SER E 98 14.91 -59.60 3.72
CA SER E 98 14.37 -60.18 2.50
C SER E 98 12.87 -60.39 2.64
N TYR E 99 12.45 -60.56 3.89
CA TYR E 99 11.06 -60.72 4.23
C TYR E 99 10.37 -59.35 4.36
N THR E 100 10.00 -58.77 3.23
CA THR E 100 9.28 -57.51 3.24
C THR E 100 8.57 -57.41 1.89
N PHE E 101 7.77 -56.36 1.73
CA PHE E 101 7.03 -56.16 0.50
C PHE E 101 7.96 -55.64 -0.57
N VAL E 102 7.67 -55.97 -1.82
CA VAL E 102 8.58 -55.62 -2.93
C VAL E 102 8.96 -54.15 -2.93
N SER E 103 8.02 -53.30 -2.50
CA SER E 103 8.20 -51.86 -2.58
C SER E 103 9.36 -51.41 -1.71
N THR E 104 9.62 -52.13 -0.61
CA THR E 104 10.74 -51.76 0.25
C THR E 104 12.05 -51.76 -0.54
N ALA E 105 12.17 -52.69 -1.48
CA ALA E 105 13.36 -52.84 -2.33
C ALA E 105 13.30 -51.98 -3.59
N ASN E 106 12.16 -52.01 -4.27
CA ASN E 106 11.99 -51.31 -5.54
C ASN E 106 12.32 -49.82 -5.39
N ALA E 107 11.89 -49.22 -4.27
CA ALA E 107 12.08 -47.78 -4.04
C ALA E 107 13.56 -47.37 -4.17
N PHE E 108 14.48 -48.23 -3.71
CA PHE E 108 15.90 -47.87 -3.75
C PHE E 108 16.59 -48.28 -5.03
N VAL E 109 16.17 -49.42 -5.59
CA VAL E 109 16.69 -49.88 -6.86
C VAL E 109 16.45 -48.83 -7.95
N LEU E 110 15.34 -48.11 -7.87
CA LEU E 110 15.04 -47.02 -8.80
C LEU E 110 16.13 -45.95 -8.82
N ARG E 111 16.87 -45.81 -7.72
CA ARG E 111 17.95 -44.84 -7.64
C ARG E 111 19.31 -45.46 -8.00
N GLY E 112 19.28 -46.76 -8.29
CA GLY E 112 20.46 -47.49 -8.66
C GLY E 112 21.13 -48.20 -7.51
N ALA E 113 20.43 -48.32 -6.38
CA ALA E 113 21.03 -48.98 -5.23
C ALA E 113 21.11 -50.49 -5.44
N LYS E 114 22.10 -51.11 -4.78
CA LYS E 114 22.15 -52.57 -4.65
C LYS E 114 21.55 -52.96 -3.33
N ILE E 115 20.70 -53.98 -3.33
CA ILE E 115 20.03 -54.37 -2.10
C ILE E 115 20.78 -55.49 -1.43
N VAL E 116 21.07 -55.26 -0.15
CA VAL E 116 21.71 -56.27 0.66
C VAL E 116 20.71 -56.77 1.69
N PHE E 117 20.36 -58.05 1.56
CA PHE E 117 19.38 -58.68 2.42
C PHE E 117 20.03 -59.27 3.68
N VAL E 118 19.37 -59.14 4.83
CA VAL E 118 19.84 -59.70 6.09
C VAL E 118 18.73 -60.60 6.62
N ASP E 119 19.08 -61.75 7.19
CA ASP E 119 18.10 -62.71 7.69
C ASP E 119 17.17 -62.19 8.80
N VAL E 120 15.99 -62.76 8.98
CA VAL E 120 15.12 -62.31 10.09
C VAL E 120 15.42 -63.11 11.35
N ARG E 121 15.08 -62.53 12.49
CA ARG E 121 14.93 -63.26 13.75
C ARG E 121 13.50 -63.82 13.74
N PRO E 122 13.36 -65.11 14.05
CA PRO E 122 12.09 -65.81 13.85
C PRO E 122 10.94 -65.42 14.80
N ASP E 123 11.24 -64.87 15.98
CA ASP E 123 10.21 -64.53 16.96
C ASP E 123 9.28 -63.41 16.49
N THR E 124 9.85 -62.44 15.78
CA THR E 124 9.08 -61.29 15.28
C THR E 124 9.02 -61.14 13.75
N MET E 125 9.82 -61.95 13.06
CA MET E 125 10.00 -61.86 11.62
C MET E 125 10.56 -60.50 11.24
N ASN E 126 11.11 -59.79 12.20
CA ASN E 126 11.78 -58.53 11.88
C ASN E 126 13.23 -58.84 11.52
N ILE E 127 13.88 -57.87 10.88
CA ILE E 127 15.29 -58.01 10.55
C ILE E 127 16.05 -58.26 11.83
N ASP E 128 16.96 -59.22 11.80
CA ASP E 128 17.80 -59.54 12.96
C ASP E 128 18.84 -58.44 13.13
N GLU E 129 18.67 -57.61 14.14
CA GLU E 129 19.49 -56.44 14.35
C GLU E 129 20.97 -56.82 14.61
N THR E 130 21.21 -58.08 14.98
CA THR E 130 22.55 -58.54 15.31
C THR E 130 23.31 -59.04 14.07
N LEU E 131 22.65 -59.10 12.93
CA LEU E 131 23.24 -59.64 11.71
C LEU E 131 23.52 -58.55 10.68
N ILE E 132 23.20 -57.32 11.04
CA ILE E 132 23.26 -56.20 10.13
C ILE E 132 24.70 -55.75 9.86
N GLU E 133 25.46 -55.56 10.93
CA GLU E 133 26.83 -55.06 10.85
C GLU E 133 27.70 -55.90 9.92
N ALA E 134 27.50 -57.21 9.96
CA ALA E 134 28.25 -58.11 9.13
C ALA E 134 28.06 -57.87 7.63
N ALA E 135 26.96 -57.18 7.26
CA ALA E 135 26.62 -56.94 5.86
C ALA E 135 27.07 -55.56 5.44
N ILE E 136 27.49 -54.75 6.40
CA ILE E 136 27.98 -53.42 6.09
C ILE E 136 29.32 -53.45 5.32
N THR E 137 29.39 -52.63 4.28
CA THR E 137 30.62 -52.34 3.57
C THR E 137 30.72 -50.82 3.47
N ASP E 138 31.73 -50.36 2.77
CA ASP E 138 31.99 -48.94 2.53
C ASP E 138 30.96 -48.33 1.60
N LYS E 139 30.19 -49.20 0.93
CA LYS E 139 29.18 -48.74 0.03
C LYS E 139 27.83 -48.49 0.73
N THR E 140 27.65 -49.05 1.92
CA THR E 140 26.38 -48.91 2.63
C THR E 140 26.09 -47.46 3.02
N ARG E 141 24.84 -47.06 2.86
CA ARG E 141 24.45 -45.70 3.19
C ARG E 141 23.11 -45.65 3.92
N VAL E 142 22.31 -46.70 3.75
CA VAL E 142 20.98 -46.76 4.37
C VAL E 142 20.70 -48.16 4.88
N ILE E 143 20.09 -48.22 6.06
CA ILE E 143 19.44 -49.44 6.52
C ILE E 143 17.94 -49.14 6.66
N VAL E 144 17.12 -50.07 6.21
CA VAL E 144 15.67 -49.86 6.26
C VAL E 144 15.00 -51.05 6.96
N PRO E 145 14.80 -50.90 8.27
CA PRO E 145 14.07 -51.85 9.09
C PRO E 145 12.59 -51.83 8.72
N VAL E 146 11.98 -53.01 8.79
CA VAL E 146 10.57 -53.10 8.50
C VAL E 146 9.82 -53.53 9.76
N HIS E 147 8.85 -52.72 10.20
CA HIS E 147 8.11 -53.06 11.42
C HIS E 147 6.97 -54.03 11.12
N TYR E 148 7.32 -55.31 11.14
CA TYR E 148 6.39 -56.36 10.72
C TYR E 148 5.24 -56.53 11.72
N ALA E 149 4.01 -56.58 11.20
CA ALA E 149 2.82 -56.74 12.02
C ALA E 149 2.66 -55.64 13.06
N GLY E 150 3.21 -54.47 12.78
CA GLY E 150 3.12 -53.34 13.70
C GLY E 150 3.95 -53.57 14.96
N VAL E 151 4.83 -54.58 14.92
CA VAL E 151 5.72 -54.83 16.04
C VAL E 151 7.10 -54.28 15.73
N ALA E 152 7.58 -53.38 16.58
CA ALA E 152 8.78 -52.61 16.32
C ALA E 152 10.01 -53.51 16.23
N CYS E 153 10.91 -53.14 15.33
CA CYS E 153 12.27 -53.70 15.28
C CYS E 153 13.05 -53.25 16.50
N GLU E 154 14.17 -53.91 16.75
CA GLU E 154 15.02 -53.53 17.87
C GLU E 154 15.73 -52.21 17.49
N MET E 155 15.03 -51.08 17.62
CA MET E 155 15.51 -49.84 17.03
C MET E 155 16.72 -49.19 17.72
N ASP E 156 16.84 -49.32 19.04
CA ASP E 156 18.00 -48.77 19.75
C ASP E 156 19.27 -49.31 19.19
N THR E 157 19.31 -50.63 19.07
CA THR E 157 20.43 -51.31 18.46
C THR E 157 20.65 -50.83 17.03
N ILE E 158 19.59 -50.75 16.26
CA ILE E 158 19.73 -50.42 14.84
C ILE E 158 20.21 -48.97 14.65
N MET E 159 19.64 -48.05 15.42
CA MET E 159 20.03 -46.62 15.40
C MET E 159 21.49 -46.49 15.87
N ALA E 160 21.88 -47.34 16.82
CA ALA E 160 23.26 -47.35 17.33
C ALA E 160 24.22 -47.74 16.20
N LEU E 161 23.91 -48.84 15.53
CA LEU E 161 24.67 -49.26 14.37
C LEU E 161 24.90 -48.16 13.34
N ALA E 162 23.82 -47.42 13.05
CA ALA E 162 23.83 -46.38 12.02
C ALA E 162 24.62 -45.17 12.46
N LYS E 163 24.58 -44.86 13.74
CA LYS E 163 25.42 -43.78 14.23
C LYS E 163 26.91 -44.15 14.08
N LYS E 164 27.25 -45.37 14.49
CA LYS E 164 28.60 -45.92 14.40
C LYS E 164 29.14 -45.91 12.97
N HIS E 165 28.28 -46.24 12.00
CA HIS E 165 28.74 -46.38 10.62
C HIS E 165 28.24 -45.31 9.65
N ASN E 166 27.73 -44.21 10.21
CA ASN E 166 27.22 -43.07 9.42
C ASN E 166 26.18 -43.45 8.38
N LEU E 167 25.21 -44.26 8.78
CA LEU E 167 24.18 -44.71 7.87
C LEU E 167 22.86 -44.00 8.16
N PHE E 168 22.08 -43.72 7.13
CA PHE E 168 20.71 -43.23 7.34
C PHE E 168 19.81 -44.40 7.71
N VAL E 169 18.75 -44.11 8.47
CA VAL E 169 17.75 -45.11 8.78
C VAL E 169 16.42 -44.65 8.22
N VAL E 170 15.88 -45.45 7.30
CA VAL E 170 14.56 -45.23 6.78
C VAL E 170 13.66 -46.30 7.36
N GLU E 171 12.67 -45.91 8.18
CA GLU E 171 11.72 -46.87 8.70
C GLU E 171 10.64 -47.20 7.68
N ASP E 172 10.51 -48.47 7.33
CA ASP E 172 9.34 -48.91 6.62
C ASP E 172 8.29 -49.26 7.68
N ALA E 173 7.50 -48.27 8.06
CA ALA E 173 6.49 -48.44 9.11
C ALA E 173 5.10 -48.55 8.50
N ALA E 174 5.03 -49.16 7.34
CA ALA E 174 3.77 -49.32 6.61
C ALA E 174 2.64 -49.88 7.47
N GLN E 175 2.97 -50.82 8.35
CA GLN E 175 2.02 -51.54 9.17
C GLN E 175 1.95 -50.98 10.59
N GLY E 176 2.68 -49.89 10.84
CA GLY E 176 2.95 -49.45 12.21
C GLY E 176 2.30 -48.20 12.77
N VAL E 177 1.30 -47.68 12.06
CA VAL E 177 0.59 -46.50 12.54
C VAL E 177 -0.07 -46.87 13.87
N MET E 178 0.21 -46.07 14.90
CA MET E 178 -0.24 -46.25 16.29
C MET E 178 0.63 -47.24 17.09
N SER E 179 1.57 -47.92 16.44
CA SER E 179 2.50 -48.77 17.20
C SER E 179 3.61 -47.95 17.84
N THR E 180 4.14 -48.42 18.95
CA THR E 180 5.29 -47.72 19.54
C THR E 180 6.44 -48.61 19.93
N TYR E 181 7.61 -47.99 20.04
CA TYR E 181 8.84 -48.64 20.53
C TYR E 181 9.39 -47.80 21.67
N LYS E 182 9.35 -48.36 22.85
CA LYS E 182 9.74 -47.66 24.07
C LYS E 182 9.08 -46.26 24.17
N GLY E 183 7.77 -46.21 23.90
CA GLY E 183 7.05 -44.96 24.08
C GLY E 183 7.09 -44.05 22.87
N ARG E 184 7.96 -44.41 21.92
CA ARG E 184 8.17 -43.64 20.71
C ARG E 184 7.32 -44.21 19.55
N ALA E 185 6.62 -43.33 18.83
CA ALA E 185 5.78 -43.74 17.68
C ALA E 185 6.60 -44.32 16.52
N LEU E 186 6.20 -45.47 16.01
CA LEU E 186 6.88 -46.03 14.86
C LEU E 186 6.82 -45.07 13.68
N GLY E 187 7.92 -44.97 12.95
CA GLY E 187 7.99 -44.06 11.83
C GLY E 187 8.65 -42.74 12.17
N THR E 188 8.82 -42.46 13.47
CA THR E 188 9.43 -41.20 13.91
C THR E 188 10.85 -41.36 14.48
N ILE E 189 11.31 -42.62 14.63
CA ILE E 189 12.63 -42.97 15.18
C ILE E 189 13.79 -43.07 14.16
N GLY E 190 13.61 -42.57 12.95
CA GLY E 190 14.65 -42.70 11.97
C GLY E 190 14.67 -41.43 11.18
N HIS E 191 15.66 -41.24 10.33
CA HIS E 191 15.74 -39.99 9.60
C HIS E 191 14.45 -39.79 8.79
N ILE E 192 13.95 -40.87 8.21
CA ILE E 192 12.71 -40.82 7.45
C ILE E 192 11.88 -42.02 7.86
N GLY E 193 10.57 -41.81 8.04
CA GLY E 193 9.65 -42.91 8.30
C GLY E 193 8.61 -42.96 7.20
N CYS E 194 8.00 -44.12 7.00
CA CYS E 194 7.01 -44.28 5.94
C CYS E 194 5.77 -45.03 6.44
N PHE E 195 4.59 -44.46 6.16
CA PHE E 195 3.33 -45.11 6.50
C PHE E 195 2.59 -45.58 5.25
N SER E 196 1.77 -46.62 5.39
CA SER E 196 0.81 -46.98 4.35
C SER E 196 -0.60 -46.70 4.87
N PHE E 197 -1.46 -46.22 3.98
CA PHE E 197 -2.89 -46.05 4.24
C PHE E 197 -3.69 -46.83 3.17
N HIS E 198 -3.10 -47.94 2.75
CA HIS E 198 -3.71 -48.90 1.85
C HIS E 198 -4.95 -49.55 2.48
N GLU E 199 -5.85 -50.06 1.66
CA GLU E 199 -7.13 -50.60 2.16
C GLU E 199 -6.95 -51.76 3.14
N THR E 200 -5.78 -52.42 3.06
CA THR E 200 -5.49 -53.57 3.90
C THR E 200 -4.93 -53.18 5.26
N LYS E 201 -4.64 -51.90 5.42
CA LYS E 201 -4.01 -51.36 6.63
C LYS E 201 -5.04 -51.00 7.73
N ASN E 202 -4.56 -50.56 8.89
CA ASN E 202 -5.47 -50.20 9.99
C ASN E 202 -6.29 -48.92 9.73
N TYR E 203 -5.71 -48.02 8.96
CA TYR E 203 -6.32 -46.77 8.57
C TYR E 203 -6.07 -46.63 7.08
N THR E 204 -7.11 -46.26 6.33
CA THR E 204 -6.97 -46.17 4.90
C THR E 204 -7.43 -44.81 4.39
N ALA E 205 -6.73 -44.29 3.38
CA ALA E 205 -7.09 -43.03 2.76
C ALA E 205 -7.95 -43.31 1.52
N GLY E 206 -9.11 -43.92 1.77
CA GLY E 206 -10.03 -44.24 0.70
C GLY E 206 -9.51 -45.37 -0.18
N GLY E 207 -8.55 -46.16 0.33
CA GLY E 207 -8.08 -47.31 -0.41
C GLY E 207 -6.59 -47.34 -0.76
N GLU E 208 -6.03 -46.17 -1.02
CA GLU E 208 -4.60 -46.04 -1.29
C GLU E 208 -4.08 -44.82 -0.55
N GLY E 209 -2.82 -44.86 -0.13
CA GLY E 209 -2.20 -43.71 0.52
C GLY E 209 -0.95 -43.98 1.33
N GLY E 210 -0.22 -42.91 1.61
CA GLY E 210 0.95 -43.01 2.47
C GLY E 210 1.33 -41.69 3.12
N ALA E 211 2.37 -41.73 3.93
CA ALA E 211 2.95 -40.52 4.51
C ALA E 211 4.48 -40.66 4.63
N THR E 212 5.16 -39.58 4.28
CA THR E 212 6.57 -39.51 4.54
C THR E 212 6.74 -38.70 5.81
N LEU E 213 7.40 -39.30 6.80
CA LEU E 213 7.74 -38.61 8.04
C LEU E 213 9.20 -38.17 7.95
N ILE E 214 9.40 -36.86 7.89
CA ILE E 214 10.72 -36.27 7.83
C ILE E 214 11.15 -35.91 9.24
N ASN E 215 11.81 -36.85 9.90
CA ASN E 215 12.14 -36.65 11.29
C ASN E 215 13.43 -35.87 11.51
N ASP E 216 14.39 -36.02 10.61
CA ASP E 216 15.62 -35.24 10.55
C ASP E 216 15.34 -33.86 9.96
N LYS E 217 15.27 -32.83 10.79
CA LYS E 217 14.90 -31.48 10.30
C LYS E 217 15.75 -30.99 9.14
N ALA E 218 16.98 -31.49 9.02
CA ALA E 218 17.86 -31.01 7.97
C ALA E 218 17.33 -31.44 6.62
N LEU E 219 16.45 -32.44 6.58
CA LEU E 219 15.97 -32.97 5.31
C LEU E 219 14.63 -32.33 4.85
N ILE E 220 14.03 -31.49 5.69
CA ILE E 220 12.68 -30.98 5.44
C ILE E 220 12.57 -30.10 4.19
N GLU E 221 13.51 -29.15 4.03
CA GLU E 221 13.48 -28.23 2.89
C GLU E 221 13.44 -28.94 1.56
N ARG E 222 14.36 -29.88 1.35
CA ARG E 222 14.40 -30.63 0.09
C ARG E 222 13.18 -31.52 -0.04
N ALA E 223 12.76 -32.12 1.07
CA ALA E 223 11.58 -32.98 1.08
C ALA E 223 10.35 -32.33 0.48
N GLU E 224 10.09 -31.08 0.86
CA GLU E 224 8.90 -30.36 0.40
C GLU E 224 8.98 -30.06 -1.09
N ILE E 225 10.21 -29.85 -1.56
CA ILE E 225 10.40 -29.51 -2.96
C ILE E 225 10.19 -30.70 -3.88
N ILE E 226 10.79 -31.84 -3.57
CA ILE E 226 10.64 -33.00 -4.42
C ILE E 226 9.22 -33.55 -4.31
N ARG E 227 8.58 -33.31 -3.18
CA ARG E 227 7.19 -33.71 -3.00
C ARG E 227 6.31 -32.93 -4.01
N GLU E 228 6.65 -31.66 -4.22
CA GLU E 228 5.93 -30.80 -5.13
C GLU E 228 6.56 -30.69 -6.53
N LYS E 229 6.81 -31.84 -7.16
CA LYS E 229 7.29 -31.90 -8.54
C LYS E 229 8.62 -31.15 -8.76
N GLY E 230 9.43 -31.06 -7.70
CA GLY E 230 10.73 -30.42 -7.78
C GLY E 230 10.63 -28.91 -7.86
N THR E 231 9.51 -28.36 -7.38
CA THR E 231 9.32 -26.91 -7.35
C THR E 231 9.18 -26.41 -5.92
N ASN E 232 9.08 -25.09 -5.76
CA ASN E 232 8.89 -24.46 -4.45
C ASN E 232 7.47 -23.93 -4.40
N ARG E 233 6.90 -23.76 -3.21
CA ARG E 233 5.53 -23.24 -3.16
C ARG E 233 5.38 -22.08 -2.17
N TYR E 244 6.83 -19.57 -8.98
CA TYR E 244 7.62 -20.75 -8.69
C TYR E 244 8.15 -21.39 -10.00
N THR E 245 9.29 -22.08 -9.91
CA THR E 245 10.00 -22.63 -11.07
C THR E 245 10.66 -23.98 -10.77
N TRP E 246 11.13 -24.68 -11.81
CA TRP E 246 11.84 -25.97 -11.67
C TRP E 246 13.17 -25.78 -10.92
N ARG E 247 13.23 -26.31 -9.71
N ARG E 247 13.27 -26.30 -9.71
CA ARG E 247 14.37 -26.10 -8.81
CA ARG E 247 14.48 -26.09 -8.93
C ARG E 247 15.11 -27.37 -8.43
C ARG E 247 15.20 -27.39 -8.57
N ASP E 248 14.51 -28.53 -8.68
CA ASP E 248 15.12 -29.81 -8.34
C ASP E 248 14.43 -30.94 -9.07
N ILE E 249 14.96 -32.16 -8.93
CA ILE E 249 14.20 -33.34 -9.34
C ILE E 249 13.08 -33.53 -8.36
N GLY E 250 12.06 -34.27 -8.77
CA GLY E 250 10.96 -34.55 -7.88
C GLY E 250 9.90 -35.34 -8.60
N SER E 251 8.77 -35.50 -7.93
CA SER E 251 7.65 -36.22 -8.49
C SER E 251 6.38 -35.61 -7.94
N SER E 252 5.24 -36.15 -8.32
CA SER E 252 3.97 -35.72 -7.74
C SER E 252 3.63 -36.59 -6.54
N TYR E 253 4.26 -36.33 -5.40
CA TYR E 253 4.04 -37.11 -4.18
C TYR E 253 2.88 -36.56 -3.30
N LEU E 254 1.73 -36.28 -3.92
CA LEU E 254 0.56 -35.75 -3.23
C LEU E 254 -0.55 -36.77 -3.16
N MET E 255 -1.17 -36.96 -2.01
CA MET E 255 -2.43 -37.68 -2.08
C MET E 255 -3.49 -36.63 -2.33
N SER E 256 -4.58 -37.04 -2.96
CA SER E 256 -5.69 -36.11 -3.21
C SER E 256 -6.30 -35.71 -1.86
N ASP E 257 -6.97 -34.56 -1.81
CA ASP E 257 -7.55 -34.14 -0.54
C ASP E 257 -8.82 -34.91 -0.25
N LEU E 258 -9.44 -35.46 -1.29
CA LEU E 258 -10.59 -36.34 -1.09
C LEU E 258 -10.22 -37.54 -0.23
N GLN E 259 -9.11 -38.18 -0.58
CA GLN E 259 -8.57 -39.28 0.20
C GLN E 259 -8.17 -38.86 1.61
N ALA E 260 -7.57 -37.68 1.72
CA ALA E 260 -7.19 -37.14 3.02
C ALA E 260 -8.44 -36.91 3.89
N ALA E 261 -9.54 -36.49 3.25
CA ALA E 261 -10.80 -36.32 3.98
C ALA E 261 -11.27 -37.65 4.56
N TYR E 262 -11.19 -38.67 3.72
CA TYR E 262 -11.49 -40.04 4.11
C TYR E 262 -10.59 -40.48 5.26
N LEU E 263 -9.27 -40.22 5.13
CA LEU E 263 -8.29 -40.59 6.16
C LEU E 263 -8.54 -39.85 7.48
N TRP E 264 -8.85 -38.55 7.38
CA TRP E 264 -9.14 -37.71 8.53
C TRP E 264 -10.28 -38.29 9.37
N ALA E 265 -11.34 -38.74 8.69
CA ALA E 265 -12.45 -39.40 9.37
C ALA E 265 -11.95 -40.59 10.19
N GLN E 266 -10.99 -41.33 9.65
CA GLN E 266 -10.48 -42.50 10.33
C GLN E 266 -9.54 -42.14 11.49
N LEU E 267 -8.74 -41.09 11.31
CA LEU E 267 -7.86 -40.60 12.37
C LEU E 267 -8.66 -40.00 13.55
N GLU E 268 -9.82 -39.41 13.24
CA GLU E 268 -10.69 -38.93 14.29
C GLU E 268 -11.10 -40.09 15.19
N ALA E 269 -11.17 -41.29 14.63
CA ALA E 269 -11.49 -42.48 15.40
C ALA E 269 -10.25 -43.34 15.64
N ALA E 270 -9.07 -42.74 15.66
CA ALA E 270 -7.82 -43.52 15.69
C ALA E 270 -7.79 -44.49 16.86
N ASP E 271 -8.18 -44.03 18.04
CA ASP E 271 -8.10 -44.86 19.23
C ASP E 271 -9.18 -45.95 19.26
N ARG E 272 -10.37 -45.64 18.77
CA ARG E 272 -11.47 -46.59 18.74
C ARG E 272 -11.14 -47.75 17.81
N ILE E 273 -10.58 -47.44 16.66
CA ILE E 273 -10.17 -48.49 15.73
C ILE E 273 -9.10 -49.36 16.40
N ASN E 274 -8.07 -48.71 16.96
CA ASN E 274 -6.95 -49.42 17.58
C ASN E 274 -7.40 -50.31 18.72
N GLN E 275 -8.25 -49.76 19.59
CA GLN E 275 -8.71 -50.50 20.75
C GLN E 275 -9.52 -51.73 20.30
N GLN E 276 -10.36 -51.52 19.29
CA GLN E 276 -11.17 -52.62 18.79
C GLN E 276 -10.28 -53.69 18.14
N ARG E 277 -9.35 -53.26 17.32
CA ARG E 277 -8.45 -54.22 16.68
C ARG E 277 -7.68 -55.00 17.73
N LEU E 278 -7.21 -54.31 18.77
CA LEU E 278 -6.47 -54.99 19.83
C LEU E 278 -7.35 -55.99 20.57
N ALA E 279 -8.65 -55.67 20.75
CA ALA E 279 -9.56 -56.60 21.44
C ALA E 279 -9.72 -57.85 20.59
N LEU E 280 -9.96 -57.65 19.31
CA LEU E 280 -10.04 -58.76 18.37
C LEU E 280 -8.74 -59.58 18.40
N TRP E 281 -7.60 -58.87 18.41
CA TRP E 281 -6.27 -59.54 18.44
C TRP E 281 -6.16 -60.42 19.68
N GLN E 282 -6.56 -59.88 20.83
CA GLN E 282 -6.46 -60.62 22.08
C GLN E 282 -7.40 -61.83 22.10
N ASN E 283 -8.55 -61.75 21.42
CA ASN E 283 -9.45 -62.90 21.29
C ASN E 283 -8.75 -64.05 20.59
N TYR E 284 -8.08 -63.73 19.50
CA TYR E 284 -7.29 -64.75 18.79
C TYR E 284 -6.23 -65.33 19.74
N TYR E 285 -5.50 -64.46 20.43
CA TYR E 285 -4.40 -64.91 21.29
C TYR E 285 -4.91 -65.81 22.42
N ASP E 286 -5.98 -65.39 23.10
CA ASP E 286 -6.54 -66.18 24.20
C ASP E 286 -7.04 -67.56 23.78
N ALA E 287 -7.68 -67.65 22.61
CA ALA E 287 -8.24 -68.93 22.17
C ALA E 287 -7.13 -69.89 21.74
N LEU E 288 -6.07 -69.35 21.16
CA LEU E 288 -5.02 -70.21 20.61
C LEU E 288 -3.89 -70.47 21.55
N ALA E 289 -3.84 -69.77 22.67
CA ALA E 289 -2.73 -69.95 23.61
C ALA E 289 -2.51 -71.41 24.06
N PRO E 290 -3.58 -72.16 24.40
CA PRO E 290 -3.34 -73.54 24.81
C PRO E 290 -2.65 -74.45 23.77
N LEU E 291 -3.03 -74.33 22.51
CA LEU E 291 -2.41 -75.08 21.43
C LEU E 291 -0.93 -74.72 21.29
N ALA E 292 -0.59 -73.49 21.65
CA ALA E 292 0.79 -73.02 21.59
C ALA E 292 1.66 -73.58 22.72
N LYS E 293 1.12 -73.64 23.93
CA LYS E 293 1.87 -74.14 25.08
C LYS E 293 2.11 -75.63 24.89
N ALA E 294 1.30 -76.23 24.02
CA ALA E 294 1.43 -77.64 23.70
C ALA E 294 2.37 -77.84 22.52
N GLY E 295 2.81 -76.75 21.91
CA GLY E 295 3.78 -76.84 20.83
C GLY E 295 3.22 -77.12 19.46
N ARG E 296 1.88 -77.13 19.32
CA ARG E 296 1.26 -77.41 18.03
C ARG E 296 1.45 -76.30 17.01
N ILE E 297 1.45 -75.06 17.50
CA ILE E 297 1.65 -73.87 16.66
C ILE E 297 2.48 -72.86 17.42
N GLU E 298 2.86 -71.79 16.74
CA GLU E 298 3.46 -70.65 17.43
C GLU E 298 2.62 -69.40 17.18
N LEU E 299 2.50 -68.56 18.20
CA LEU E 299 1.78 -67.29 18.09
C LEU E 299 2.77 -66.15 18.00
N PRO E 300 2.33 -64.94 17.61
CA PRO E 300 3.30 -63.85 17.49
C PRO E 300 4.02 -63.49 18.79
N SER E 301 5.23 -62.96 18.68
CA SER E 301 5.95 -62.46 19.86
C SER E 301 6.03 -60.95 19.84
N ILE E 302 5.91 -60.35 21.02
CA ILE E 302 6.00 -58.91 21.13
C ILE E 302 7.05 -58.58 22.20
N PRO E 303 8.28 -58.21 21.77
CA PRO E 303 9.37 -57.93 22.70
C PRO E 303 8.98 -56.83 23.68
N ASP E 304 9.65 -56.82 24.82
CA ASP E 304 9.41 -55.82 25.86
C ASP E 304 9.72 -54.44 25.29
N GLY E 305 8.87 -53.47 25.58
CA GLY E 305 9.06 -52.12 25.08
C GLY E 305 8.35 -51.88 23.74
N CYS E 306 7.90 -52.96 23.10
CA CYS E 306 7.16 -52.83 21.86
C CYS E 306 5.65 -52.85 22.14
N VAL E 307 4.93 -51.85 21.67
CA VAL E 307 3.46 -51.87 21.74
C VAL E 307 2.90 -51.94 20.33
N GLN E 308 2.20 -53.02 20.02
CA GLN E 308 1.68 -53.27 18.69
C GLN E 308 0.32 -52.58 18.49
N ASN E 309 -0.17 -52.59 17.26
CA ASN E 309 -1.41 -51.94 16.87
C ASN E 309 -2.39 -52.96 16.31
N ALA E 310 -2.13 -54.24 16.54
CA ALA E 310 -2.98 -55.31 16.02
C ALA E 310 -3.20 -55.24 14.52
N HIS E 311 -2.16 -54.94 13.75
CA HIS E 311 -2.31 -54.92 12.29
C HIS E 311 -2.60 -56.31 11.77
N MET E 312 -2.08 -57.30 12.47
CA MET E 312 -2.09 -58.64 11.94
C MET E 312 -2.11 -59.64 13.08
N PHE E 313 -2.80 -60.76 12.89
CA PHE E 313 -2.59 -61.87 13.79
C PHE E 313 -2.13 -63.08 12.99
N TYR E 314 -0.86 -63.44 13.13
CA TYR E 314 -0.35 -64.60 12.39
C TYR E 314 -0.12 -65.78 13.32
N ILE E 315 -0.12 -66.97 12.73
CA ILE E 315 0.29 -68.16 13.44
C ILE E 315 1.31 -68.85 12.57
N LYS E 316 2.12 -69.68 13.21
CA LYS E 316 3.06 -70.50 12.48
C LYS E 316 2.65 -71.96 12.59
N LEU E 317 2.41 -72.57 11.44
CA LEU E 317 2.14 -73.99 11.36
C LEU E 317 3.49 -74.75 11.36
N ARG E 318 3.43 -76.07 11.23
CA ARG E 318 4.64 -76.87 11.27
C ARG E 318 5.49 -76.65 10.03
N ASP E 319 4.85 -76.53 8.87
CA ASP E 319 5.55 -76.38 7.59
C ASP E 319 4.54 -75.93 6.53
N ILE E 320 4.99 -75.79 5.30
CA ILE E 320 4.13 -75.24 4.24
C ILE E 320 2.92 -76.15 3.99
N ASP E 321 3.07 -77.44 4.28
CA ASP E 321 1.99 -78.41 4.10
C ASP E 321 0.92 -78.30 5.16
N ASP E 322 1.33 -78.13 6.41
CA ASP E 322 0.42 -77.90 7.52
C ASP E 322 -0.41 -76.65 7.19
N ARG E 323 0.25 -75.56 6.82
CA ARG E 323 -0.45 -74.32 6.48
C ARG E 323 -1.40 -74.49 5.30
N SER E 324 -0.95 -75.18 4.27
CA SER E 324 -1.79 -75.40 3.10
C SER E 324 -3.03 -76.23 3.43
N ALA E 325 -2.86 -77.22 4.30
CA ALA E 325 -3.98 -78.05 4.71
C ALA E 325 -5.02 -77.18 5.45
N LEU E 326 -4.53 -76.34 6.35
CA LEU E 326 -5.35 -75.43 7.12
C LEU E 326 -6.06 -74.40 6.26
N ILE E 327 -5.34 -73.84 5.28
CA ILE E 327 -5.94 -72.88 4.36
C ILE E 327 -7.12 -73.54 3.69
N ASN E 328 -6.93 -74.77 3.25
CA ASN E 328 -8.02 -75.48 2.59
C ASN E 328 -9.15 -75.84 3.53
N PHE E 329 -8.81 -76.21 4.75
CA PHE E 329 -9.85 -76.51 5.72
C PHE E 329 -10.72 -75.27 5.97
N LEU E 330 -10.07 -74.10 6.08
CA LEU E 330 -10.75 -72.85 6.30
C LEU E 330 -11.53 -72.42 5.07
N LYS E 331 -10.92 -72.61 3.91
CA LYS E 331 -11.57 -72.26 2.66
C LYS E 331 -12.87 -73.05 2.48
N GLU E 332 -12.82 -74.31 2.89
CA GLU E 332 -14.00 -75.17 2.89
C GLU E 332 -15.10 -74.53 3.76
N ALA E 333 -14.68 -73.89 4.84
CA ALA E 333 -15.64 -73.29 5.76
C ALA E 333 -15.99 -71.87 5.35
N GLU E 334 -15.67 -71.51 4.11
CA GLU E 334 -15.91 -70.16 3.60
C GLU E 334 -15.26 -69.08 4.45
N ILE E 335 -14.04 -69.36 4.89
CA ILE E 335 -13.20 -68.45 5.67
C ILE E 335 -11.84 -68.28 4.95
N MET E 336 -11.43 -67.05 4.74
CA MET E 336 -10.25 -66.71 4.01
C MET E 336 -9.08 -66.43 4.95
N ALA E 337 -8.13 -67.35 5.02
CA ALA E 337 -6.88 -67.11 5.75
C ALA E 337 -5.75 -67.14 4.74
N VAL E 338 -4.65 -66.50 5.08
CA VAL E 338 -3.75 -66.15 4.02
C VAL E 338 -2.26 -66.15 4.43
N PHE E 339 -1.36 -66.55 3.54
CA PHE E 339 0.05 -66.38 3.85
C PHE E 339 0.43 -64.95 3.45
N HIS E 340 1.72 -64.64 3.53
CA HIS E 340 2.15 -63.25 3.32
C HIS E 340 3.38 -63.10 2.36
N TYR E 341 4.41 -62.41 2.73
CA TYR E 341 5.46 -62.26 1.77
C TYR E 341 6.21 -63.50 1.31
N ILE E 342 6.58 -63.46 0.05
CA ILE E 342 7.55 -64.37 -0.55
C ILE E 342 8.89 -63.71 -0.49
N PRO E 343 9.87 -64.38 0.13
CA PRO E 343 11.19 -63.77 0.30
C PRO E 343 11.70 -63.14 -0.97
N LEU E 344 12.06 -61.87 -0.90
CA LEU E 344 12.46 -61.12 -2.07
C LEU E 344 13.72 -61.70 -2.70
N HIS E 345 14.65 -62.17 -1.86
CA HIS E 345 15.95 -62.61 -2.37
C HIS E 345 15.82 -63.86 -3.26
N GLY E 346 14.86 -64.74 -3.00
CA GLY E 346 14.69 -65.92 -3.82
C GLY E 346 13.93 -65.71 -5.12
N CYS E 347 13.39 -64.50 -5.29
CA CYS E 347 12.61 -64.17 -6.47
C CYS E 347 13.57 -63.81 -7.61
N PRO E 348 13.09 -63.92 -8.86
CA PRO E 348 13.85 -63.60 -10.08
C PRO E 348 14.56 -62.25 -9.97
N ALA E 349 13.80 -61.20 -9.74
CA ALA E 349 14.31 -59.83 -9.66
C ALA E 349 15.26 -59.64 -8.48
N GLY E 350 15.03 -60.40 -7.41
CA GLY E 350 15.84 -60.29 -6.21
C GLY E 350 17.24 -60.84 -6.40
N GLU E 351 17.31 -61.90 -7.18
CA GLU E 351 18.56 -62.51 -7.51
C GLU E 351 19.32 -61.53 -8.40
N HIS E 352 18.59 -60.70 -9.15
CA HIS E 352 19.23 -59.70 -9.99
C HIS E 352 19.64 -58.41 -9.28
N PHE E 353 18.73 -57.84 -8.47
CA PHE E 353 19.00 -56.52 -7.88
C PHE E 353 19.60 -56.58 -6.50
N GLY E 354 19.62 -57.77 -5.92
CA GLY E 354 20.10 -57.86 -4.57
C GLY E 354 20.88 -59.11 -4.25
N GLU E 355 21.31 -59.18 -2.99
CA GLU E 355 22.15 -60.24 -2.50
C GLU E 355 21.86 -60.55 -1.06
N PHE E 356 21.72 -61.83 -0.75
CA PHE E 356 21.47 -62.23 0.62
C PHE E 356 22.80 -62.42 1.32
N HIS E 357 23.05 -61.62 2.35
CA HIS E 357 24.28 -61.73 3.10
C HIS E 357 24.10 -62.78 4.19
N GLY E 358 25.00 -63.75 4.28
CA GLY E 358 24.91 -64.80 5.29
C GLY E 358 24.00 -65.97 4.92
N GLU E 359 23.65 -66.79 5.90
CA GLU E 359 22.85 -67.96 5.53
C GLU E 359 21.37 -67.64 5.72
N ASP E 360 20.56 -68.12 4.79
CA ASP E 360 19.10 -68.04 4.86
C ASP E 360 18.64 -69.11 5.82
N ARG E 361 18.68 -68.77 7.10
CA ARG E 361 18.38 -69.70 8.17
C ARG E 361 16.88 -69.70 8.57
N TYR E 362 16.24 -68.54 8.56
CA TYR E 362 14.87 -68.44 9.03
C TYR E 362 13.89 -67.88 8.00
N THR E 363 14.37 -66.91 7.22
CA THR E 363 13.55 -66.16 6.27
C THR E 363 12.67 -67.04 5.39
N THR E 364 13.28 -67.96 4.67
CA THR E 364 12.49 -68.79 3.78
C THR E 364 11.65 -69.79 4.57
N LYS E 365 12.26 -70.41 5.57
CA LYS E 365 11.56 -71.41 6.33
C LYS E 365 10.30 -70.85 7.01
N GLU E 366 10.47 -69.75 7.72
CA GLU E 366 9.42 -69.12 8.48
C GLU E 366 8.33 -68.51 7.60
N SER E 367 8.72 -67.98 6.44
CA SER E 367 7.76 -67.39 5.52
C SER E 367 6.80 -68.46 5.03
N GLU E 368 7.26 -69.69 5.05
CA GLU E 368 6.47 -70.78 4.54
C GLU E 368 5.55 -71.42 5.57
N ARG E 369 5.71 -71.10 6.85
CA ARG E 369 4.78 -71.66 7.82
C ARG E 369 3.85 -70.60 8.45
N LEU E 370 4.05 -69.34 8.04
CA LEU E 370 3.28 -68.25 8.60
C LEU E 370 1.93 -68.06 7.87
N LEU E 371 0.86 -68.00 8.67
CA LEU E 371 -0.50 -67.77 8.17
C LEU E 371 -1.20 -66.64 8.92
N ARG E 372 -1.82 -65.72 8.19
CA ARG E 372 -2.52 -64.58 8.79
C ARG E 372 -4.02 -64.81 8.85
N LEU E 373 -4.62 -64.53 10.02
CA LEU E 373 -6.05 -64.76 10.26
C LEU E 373 -6.89 -63.51 9.99
N PRO E 374 -8.17 -63.69 9.62
CA PRO E 374 -9.04 -62.54 9.38
C PRO E 374 -9.01 -61.57 10.57
N LEU E 375 -8.70 -60.32 10.27
CA LEU E 375 -8.54 -59.29 11.27
C LEU E 375 -8.77 -57.95 10.63
N PHE E 376 -9.86 -57.30 11.04
CA PHE E 376 -10.17 -55.97 10.58
C PHE E 376 -11.16 -55.33 11.53
N TYR E 377 -11.22 -54.00 11.50
CA TYR E 377 -12.00 -53.21 12.42
C TYR E 377 -13.47 -53.62 12.47
N ASN E 378 -14.05 -53.84 11.30
CA ASN E 378 -15.48 -54.14 11.19
C ASN E 378 -15.76 -55.64 11.23
N LEU E 379 -14.81 -56.43 11.73
CA LEU E 379 -15.04 -57.86 11.86
C LEU E 379 -16.02 -58.11 13.00
N SER E 380 -17.15 -58.71 12.65
CA SER E 380 -18.23 -58.93 13.64
C SER E 380 -17.78 -59.96 14.68
N PRO E 381 -18.31 -59.82 15.93
CA PRO E 381 -17.95 -60.78 16.98
C PRO E 381 -18.28 -62.21 16.61
N VAL E 382 -19.41 -62.34 15.92
CA VAL E 382 -19.95 -63.63 15.53
C VAL E 382 -19.11 -64.31 14.48
N ASN E 383 -18.60 -63.53 13.54
CA ASN E 383 -17.75 -64.09 12.52
C ASN E 383 -16.42 -64.49 13.11
N GLN E 384 -15.92 -63.72 14.09
CA GLN E 384 -14.64 -64.12 14.70
C GLN E 384 -14.81 -65.43 15.48
N ARG E 385 -15.91 -65.57 16.23
CA ARG E 385 -16.15 -66.83 16.94
C ARG E 385 -16.17 -67.99 15.96
N THR E 386 -16.74 -67.75 14.79
CA THR E 386 -16.75 -68.75 13.75
C THR E 386 -15.32 -69.12 13.30
N VAL E 387 -14.51 -68.10 13.04
CA VAL E 387 -13.13 -68.34 12.64
C VAL E 387 -12.43 -69.16 13.71
N ILE E 388 -12.52 -68.74 14.98
CA ILE E 388 -11.84 -69.43 16.06
C ILE E 388 -12.29 -70.88 16.18
N ALA E 389 -13.61 -71.10 16.12
CA ALA E 389 -14.16 -72.46 16.25
C ALA E 389 -13.66 -73.43 15.17
N THR E 390 -13.59 -72.95 13.93
CA THR E 390 -13.08 -73.75 12.83
C THR E 390 -11.58 -74.07 13.04
N LEU E 391 -10.81 -73.09 13.53
CA LEU E 391 -9.38 -73.28 13.81
C LEU E 391 -9.17 -74.37 14.85
N LEU E 392 -9.89 -74.26 15.97
CA LEU E 392 -9.77 -75.22 17.06
C LEU E 392 -10.17 -76.61 16.57
N ASN E 393 -11.07 -76.62 15.58
CA ASN E 393 -11.52 -77.84 14.93
C ASN E 393 -10.43 -78.49 14.06
N TYR E 394 -9.77 -77.68 13.23
CA TYR E 394 -8.68 -78.21 12.41
C TYR E 394 -7.62 -78.85 13.29
N PHE E 395 -7.36 -78.21 14.43
CA PHE E 395 -6.30 -78.63 15.35
C PHE E 395 -6.78 -79.74 16.28
N SER E 396 -7.87 -80.38 15.88
CA SER E 396 -8.40 -81.60 16.48
C SER E 396 -9.75 -81.94 15.86
N HIS F 20 -16.94 -14.47 -2.84
CA HIS F 20 -16.21 -13.24 -3.16
C HIS F 20 -15.62 -13.25 -4.58
N MET F 21 -14.51 -13.95 -4.80
CA MET F 21 -13.87 -13.94 -6.12
C MET F 21 -14.34 -14.98 -7.12
N ILE F 22 -14.35 -14.60 -8.40
CA ILE F 22 -14.45 -15.53 -9.51
C ILE F 22 -13.13 -16.23 -9.71
N PRO F 23 -13.11 -17.56 -9.48
CA PRO F 23 -11.87 -18.32 -9.51
C PRO F 23 -11.45 -18.59 -10.94
N PHE F 24 -10.16 -18.88 -11.14
CA PHE F 24 -9.64 -19.30 -12.43
C PHE F 24 -10.15 -20.69 -12.79
N ASN F 25 -10.18 -21.56 -11.78
CA ASN F 25 -10.64 -22.94 -11.94
C ASN F 25 -11.34 -23.41 -10.68
N ALA F 26 -12.31 -24.29 -10.86
CA ALA F 26 -12.90 -25.06 -9.78
C ALA F 26 -13.07 -26.48 -10.31
N PRO F 27 -12.78 -27.50 -9.49
CA PRO F 27 -12.86 -28.89 -9.94
C PRO F 27 -14.24 -29.19 -10.52
N PRO F 28 -14.33 -29.96 -11.61
CA PRO F 28 -15.64 -30.30 -12.17
C PRO F 28 -16.47 -31.08 -11.15
N VAL F 29 -17.73 -30.70 -10.94
CA VAL F 29 -18.68 -31.47 -10.12
C VAL F 29 -19.95 -31.73 -10.94
N VAL F 30 -20.24 -33.01 -11.19
CA VAL F 30 -21.37 -33.42 -12.00
C VAL F 30 -22.63 -33.60 -11.17
N GLY F 31 -22.48 -34.11 -9.96
CA GLY F 31 -23.60 -34.31 -9.05
C GLY F 31 -23.83 -35.75 -8.69
N THR F 32 -23.14 -36.66 -9.38
CA THR F 32 -23.32 -38.09 -9.19
C THR F 32 -22.13 -38.73 -8.44
N GLU F 33 -21.06 -37.97 -8.24
CA GLU F 33 -19.82 -38.51 -7.68
C GLU F 33 -20.02 -39.19 -6.33
N LEU F 34 -20.83 -38.59 -5.45
CA LEU F 34 -21.02 -39.18 -4.12
C LEU F 34 -21.68 -40.55 -4.16
N ASP F 35 -22.65 -40.71 -5.05
CA ASP F 35 -23.35 -41.97 -5.23
C ASP F 35 -22.46 -43.09 -5.75
N TYR F 36 -21.67 -42.80 -6.77
CA TYR F 36 -20.77 -43.83 -7.27
C TYR F 36 -19.75 -44.15 -6.18
N MET F 37 -19.28 -43.13 -5.49
CA MET F 37 -18.34 -43.40 -4.43
C MET F 37 -18.97 -44.22 -3.31
N GLN F 38 -20.23 -43.93 -2.98
CA GLN F 38 -20.92 -44.73 -1.99
C GLN F 38 -20.96 -46.19 -2.42
N SER F 39 -21.27 -46.43 -3.69
CA SER F 39 -21.28 -47.80 -4.23
C SER F 39 -19.89 -48.44 -4.05
N ALA F 40 -18.84 -47.68 -4.32
CA ALA F 40 -17.47 -48.20 -4.20
C ALA F 40 -17.18 -48.61 -2.76
N MET F 41 -17.57 -47.76 -1.81
CA MET F 41 -17.39 -48.05 -0.39
C MET F 41 -18.19 -49.28 0.03
N GLY F 42 -19.36 -49.44 -0.59
CA GLY F 42 -20.23 -50.55 -0.28
C GLY F 42 -19.68 -51.89 -0.75
N SER F 43 -18.81 -51.86 -1.74
CA SER F 43 -18.30 -53.08 -2.35
C SER F 43 -17.22 -53.71 -1.48
N GLY F 44 -16.67 -52.93 -0.57
CA GLY F 44 -15.60 -53.41 0.28
C GLY F 44 -14.22 -53.47 -0.37
N LYS F 45 -14.11 -52.94 -1.58
CA LYS F 45 -12.83 -52.80 -2.26
C LYS F 45 -12.57 -51.35 -2.63
N LEU F 46 -11.49 -50.79 -2.09
CA LEU F 46 -11.17 -49.38 -2.33
C LEU F 46 -9.78 -49.19 -2.96
N CYS F 47 -8.91 -50.18 -2.84
CA CYS F 47 -7.57 -50.05 -3.43
C CYS F 47 -7.58 -50.12 -4.96
N GLY F 48 -6.44 -49.86 -5.56
CA GLY F 48 -6.35 -49.76 -7.00
C GLY F 48 -6.73 -51.02 -7.74
N ASP F 49 -7.06 -50.83 -9.00
CA ASP F 49 -7.44 -51.94 -9.85
C ASP F 49 -8.71 -52.63 -9.38
N GLY F 50 -9.64 -51.86 -8.81
CA GLY F 50 -10.93 -52.41 -8.45
C GLY F 50 -11.90 -52.21 -9.59
N GLY F 51 -13.19 -52.43 -9.31
CA GLY F 51 -14.20 -52.36 -10.34
C GLY F 51 -14.26 -51.06 -11.09
N PHE F 52 -14.20 -49.94 -10.38
CA PHE F 52 -14.36 -48.68 -11.08
C PHE F 52 -13.11 -48.30 -11.89
N THR F 53 -11.93 -48.70 -11.41
CA THR F 53 -10.68 -48.53 -12.17
C THR F 53 -10.79 -49.28 -13.51
N ARG F 54 -11.26 -50.52 -13.45
CA ARG F 54 -11.33 -51.32 -14.66
C ARG F 54 -12.35 -50.73 -15.66
N ARG F 55 -13.47 -50.22 -15.13
CA ARG F 55 -14.52 -49.64 -15.96
C ARG F 55 -14.08 -48.37 -16.65
N CYS F 56 -13.37 -47.51 -15.93
CA CYS F 56 -12.82 -46.28 -16.49
C CYS F 56 -11.85 -46.66 -17.63
N GLN F 57 -10.98 -47.64 -17.36
CA GLN F 57 -10.01 -48.11 -18.36
C GLN F 57 -10.74 -48.70 -19.58
N GLN F 58 -11.80 -49.47 -19.34
CA GLN F 58 -12.62 -49.98 -20.44
C GLN F 58 -13.21 -48.84 -21.23
N TRP F 59 -13.77 -47.88 -20.52
CA TRP F 59 -14.34 -46.69 -21.11
C TRP F 59 -13.30 -45.98 -22.01
N LEU F 60 -12.12 -45.74 -21.46
CA LEU F 60 -11.07 -45.04 -22.17
C LEU F 60 -10.55 -45.82 -23.40
N GLU F 61 -10.32 -47.12 -23.22
CA GLU F 61 -9.85 -47.98 -24.30
C GLU F 61 -10.84 -48.00 -25.47
N GLN F 62 -12.12 -48.19 -25.16
CA GLN F 62 -13.12 -48.31 -26.21
C GLN F 62 -13.45 -46.96 -26.83
N ARG F 63 -13.61 -45.94 -25.99
CA ARG F 63 -13.98 -44.63 -26.51
C ARG F 63 -12.85 -44.01 -27.33
N PHE F 64 -11.61 -44.18 -26.88
CA PHE F 64 -10.51 -43.49 -27.53
C PHE F 64 -9.76 -44.44 -28.48
N GLY F 65 -9.96 -45.74 -28.31
CA GLY F 65 -9.33 -46.70 -29.21
C GLY F 65 -7.87 -46.90 -28.85
N SER F 66 -7.64 -47.38 -27.63
CA SER F 66 -6.29 -47.69 -27.16
C SER F 66 -6.25 -49.13 -26.66
N ALA F 67 -5.14 -49.81 -26.94
CA ALA F 67 -4.98 -51.22 -26.61
C ALA F 67 -5.04 -51.47 -25.10
N LYS F 68 -4.45 -50.56 -24.32
CA LYS F 68 -4.41 -50.72 -22.87
C LYS F 68 -4.37 -49.35 -22.21
N VAL F 69 -5.29 -49.11 -21.29
CA VAL F 69 -5.25 -47.90 -20.49
C VAL F 69 -5.13 -48.34 -19.05
N LEU F 70 -4.24 -47.69 -18.32
CA LEU F 70 -4.00 -48.04 -16.95
C LEU F 70 -4.05 -46.77 -16.13
N LEU F 71 -4.98 -46.72 -15.17
CA LEU F 71 -5.15 -45.55 -14.31
C LEU F 71 -4.03 -45.50 -13.27
N THR F 72 -3.51 -44.29 -13.06
CA THR F 72 -2.35 -44.04 -12.19
C THR F 72 -2.70 -42.91 -11.22
N PRO F 73 -1.84 -42.66 -10.20
CA PRO F 73 -2.11 -41.60 -9.24
C PRO F 73 -1.97 -40.18 -9.77
N SER F 74 -1.38 -39.94 -10.95
CA SER F 74 -1.16 -38.55 -11.43
C SER F 74 -0.65 -38.53 -12.84
N CYS F 75 -0.79 -37.40 -13.54
CA CYS F 75 -0.16 -37.44 -14.87
C CYS F 75 1.38 -37.54 -14.67
N THR F 76 1.89 -36.88 -13.62
CA THR F 76 3.32 -37.07 -13.33
C THR F 76 3.73 -38.56 -13.22
N ALA F 77 2.96 -39.36 -12.48
CA ALA F 77 3.27 -40.80 -12.33
C ALA F 77 3.24 -41.56 -13.66
N SER F 78 2.29 -41.25 -14.54
CA SER F 78 2.21 -41.92 -15.85
C SER F 78 3.42 -41.63 -16.72
N LEU F 79 3.88 -40.38 -16.70
CA LEU F 79 5.06 -39.98 -17.42
C LEU F 79 6.30 -40.71 -16.92
N GLU F 80 6.43 -40.84 -15.60
CA GLU F 80 7.51 -41.60 -14.99
C GLU F 80 7.46 -43.05 -15.43
N MET F 81 6.26 -43.60 -15.44
CA MET F 81 6.04 -44.97 -15.85
C MET F 81 6.47 -45.16 -17.30
N ALA F 82 6.19 -44.16 -18.13
CA ALA F 82 6.56 -44.20 -19.53
C ALA F 82 8.09 -44.29 -19.70
N ALA F 83 8.83 -43.51 -18.92
CA ALA F 83 10.28 -43.48 -18.97
C ALA F 83 10.82 -44.84 -18.55
N LEU F 84 10.18 -45.39 -17.53
CA LEU F 84 10.50 -46.71 -17.02
C LEU F 84 10.26 -47.79 -18.06
N LEU F 85 9.08 -47.75 -18.70
CA LEU F 85 8.73 -48.73 -19.74
C LEU F 85 9.75 -48.78 -20.88
N LEU F 86 10.23 -47.61 -21.27
CA LEU F 86 11.14 -47.46 -22.39
C LEU F 86 12.60 -47.70 -22.00
N ASP F 87 12.80 -48.08 -20.74
CA ASP F 87 14.10 -48.48 -20.24
C ASP F 87 15.13 -47.38 -20.49
N ILE F 88 14.75 -46.15 -20.18
CA ILE F 88 15.64 -45.00 -20.30
C ILE F 88 16.90 -45.16 -19.44
N GLN F 89 18.07 -44.92 -20.05
CA GLN F 89 19.36 -45.05 -19.38
C GLN F 89 20.02 -43.69 -19.21
N PRO F 90 20.89 -43.55 -18.19
CA PRO F 90 21.65 -42.33 -18.03
C PRO F 90 22.38 -41.91 -19.31
N GLY F 91 22.24 -40.66 -19.71
CA GLY F 91 22.87 -40.20 -20.94
C GLY F 91 21.94 -40.07 -22.15
N ASP F 92 20.85 -40.84 -22.14
CA ASP F 92 19.83 -40.77 -23.20
C ASP F 92 19.29 -39.35 -23.33
N GLU F 93 19.00 -38.93 -24.55
CA GLU F 93 18.47 -37.60 -24.75
C GLU F 93 16.99 -37.65 -25.08
N VAL F 94 16.24 -36.75 -24.45
CA VAL F 94 14.81 -36.68 -24.66
C VAL F 94 14.47 -35.27 -25.13
N ILE F 95 13.83 -35.21 -26.28
CA ILE F 95 13.43 -33.94 -26.87
C ILE F 95 11.97 -33.64 -26.46
N MET F 96 11.76 -32.40 -26.03
CA MET F 96 10.48 -31.90 -25.59
C MET F 96 10.53 -30.38 -25.63
N PRO F 97 9.37 -29.72 -25.58
CA PRO F 97 9.40 -28.26 -25.53
C PRO F 97 9.92 -27.79 -24.19
N SER F 98 10.43 -26.58 -24.13
CA SER F 98 10.76 -25.97 -22.85
C SER F 98 9.49 -25.46 -22.19
N TYR F 99 8.51 -25.17 -23.03
CA TYR F 99 7.20 -24.72 -22.60
C TYR F 99 6.26 -25.89 -22.27
N THR F 100 6.46 -26.43 -21.07
CA THR F 100 5.62 -27.50 -20.54
C THR F 100 5.76 -27.56 -19.02
N PHE F 101 4.96 -28.42 -18.39
CA PHE F 101 5.01 -28.54 -16.94
C PHE F 101 6.24 -29.33 -16.51
N VAL F 102 6.76 -29.03 -15.32
CA VAL F 102 8.00 -29.66 -14.84
C VAL F 102 7.96 -31.17 -14.93
N SER F 103 6.81 -31.77 -14.74
CA SER F 103 6.74 -33.22 -14.70
C SER F 103 7.16 -33.83 -16.02
N THR F 104 6.91 -33.12 -17.11
CA THR F 104 7.26 -33.59 -18.45
C THR F 104 8.77 -33.89 -18.54
N ALA F 105 9.58 -33.08 -17.87
CA ALA F 105 11.03 -33.26 -17.87
C ALA F 105 11.46 -34.19 -16.75
N ASN F 106 10.91 -33.95 -15.56
CA ASN F 106 11.29 -34.71 -14.36
C ASN F 106 11.13 -36.20 -14.55
N ALA F 107 10.07 -36.62 -15.22
CA ALA F 107 9.84 -38.04 -15.38
C ALA F 107 11.06 -38.74 -16.02
N PHE F 108 11.70 -38.06 -16.97
CA PHE F 108 12.83 -38.65 -17.70
C PHE F 108 14.18 -38.39 -17.04
N VAL F 109 14.36 -37.21 -16.45
CA VAL F 109 15.58 -36.89 -15.71
C VAL F 109 15.74 -37.92 -14.61
N LEU F 110 14.62 -38.38 -14.06
CA LEU F 110 14.63 -39.42 -13.05
C LEU F 110 15.31 -40.72 -13.52
N ARG F 111 15.32 -40.96 -14.84
CA ARG F 111 15.96 -42.16 -15.37
C ARG F 111 17.39 -41.88 -15.80
N GLY F 112 17.80 -40.64 -15.65
CA GLY F 112 19.14 -40.21 -15.99
C GLY F 112 19.24 -39.64 -17.40
N ALA F 113 18.09 -39.37 -18.00
CA ALA F 113 18.07 -38.84 -19.35
C ALA F 113 18.52 -37.39 -19.34
N LYS F 114 19.08 -36.97 -20.46
CA LYS F 114 19.31 -35.55 -20.71
C LYS F 114 18.19 -34.95 -21.54
N ILE F 115 17.73 -33.77 -21.15
CA ILE F 115 16.62 -33.15 -21.86
C ILE F 115 17.12 -32.17 -22.91
N VAL F 116 16.65 -32.33 -24.14
CA VAL F 116 16.97 -31.40 -25.20
C VAL F 116 15.72 -30.60 -25.57
N PHE F 117 15.76 -29.31 -25.32
CA PHE F 117 14.62 -28.44 -25.56
C PHE F 117 14.59 -27.89 -26.98
N VAL F 118 13.39 -27.85 -27.54
CA VAL F 118 13.13 -27.31 -28.87
C VAL F 118 12.06 -26.23 -28.76
N ASP F 119 12.23 -25.16 -29.54
CA ASP F 119 11.35 -23.99 -29.51
C ASP F 119 9.91 -24.35 -29.90
N VAL F 120 8.94 -23.56 -29.46
CA VAL F 120 7.55 -23.78 -29.83
C VAL F 120 7.15 -23.07 -31.12
N ARG F 121 6.11 -23.56 -31.76
CA ARG F 121 5.42 -22.76 -32.74
C ARG F 121 4.40 -21.91 -31.97
N PRO F 122 4.38 -20.58 -32.22
CA PRO F 122 3.64 -19.61 -31.40
C PRO F 122 2.12 -19.67 -31.53
N ASP F 123 1.60 -20.17 -32.64
CA ASP F 123 0.17 -20.19 -32.91
C ASP F 123 -0.55 -21.13 -31.94
N THR F 124 0.12 -22.24 -31.61
CA THR F 124 -0.43 -23.25 -30.73
C THR F 124 0.38 -23.41 -29.44
N MET F 125 1.54 -22.77 -29.37
CA MET F 125 2.47 -22.95 -28.24
C MET F 125 2.91 -24.39 -28.09
N ASN F 126 2.72 -25.17 -29.14
CA ASN F 126 3.21 -26.54 -29.20
C ASN F 126 4.64 -26.64 -29.70
N ILE F 127 5.28 -27.78 -29.46
CA ILE F 127 6.62 -28.00 -30.00
C ILE F 127 6.55 -27.82 -31.51
N ASP F 128 7.51 -27.06 -32.05
CA ASP F 128 7.60 -26.83 -33.48
C ASP F 128 8.13 -28.08 -34.20
N GLU F 129 7.25 -28.77 -34.93
CA GLU F 129 7.61 -30.05 -35.52
C GLU F 129 8.76 -30.00 -36.57
N THR F 130 9.05 -28.82 -37.09
CA THR F 130 10.06 -28.65 -38.12
C THR F 130 11.44 -28.42 -37.49
N LEU F 131 11.48 -28.30 -36.17
CA LEU F 131 12.72 -27.98 -35.49
C LEU F 131 13.22 -29.18 -34.70
N ILE F 132 12.49 -30.28 -34.77
CA ILE F 132 12.80 -31.44 -33.94
C ILE F 132 14.02 -32.14 -34.49
N GLU F 133 13.98 -32.41 -35.79
CA GLU F 133 15.07 -33.16 -36.39
C GLU F 133 16.47 -32.62 -36.18
N ALA F 134 16.63 -31.31 -36.27
CA ALA F 134 17.94 -30.68 -36.10
C ALA F 134 18.52 -30.91 -34.73
N ALA F 135 17.67 -31.30 -33.79
CA ALA F 135 18.06 -31.51 -32.39
C ALA F 135 18.31 -32.97 -32.10
N ILE F 136 17.97 -33.84 -33.06
CA ILE F 136 18.20 -35.27 -32.92
C ILE F 136 19.71 -35.57 -32.96
N THR F 137 20.17 -36.41 -32.02
CA THR F 137 21.52 -36.94 -32.08
C THR F 137 21.48 -38.46 -31.94
N ASP F 138 22.66 -39.08 -31.90
CA ASP F 138 22.76 -40.52 -31.76
C ASP F 138 22.35 -40.92 -30.36
N LYS F 139 22.31 -39.93 -29.48
CA LYS F 139 21.91 -40.15 -28.09
C LYS F 139 20.40 -40.02 -27.89
N THR F 140 19.70 -39.37 -28.82
CA THR F 140 18.23 -39.18 -28.69
C THR F 140 17.48 -40.50 -28.75
N ARG F 141 16.47 -40.67 -27.92
CA ARG F 141 15.71 -41.93 -27.91
C ARG F 141 14.22 -41.72 -27.81
N VAL F 142 13.83 -40.56 -27.29
CA VAL F 142 12.42 -40.25 -27.11
C VAL F 142 12.15 -38.79 -27.48
N ILE F 143 11.02 -38.57 -28.15
CA ILE F 143 10.45 -37.24 -28.25
C ILE F 143 9.08 -37.25 -27.55
N VAL F 144 8.82 -36.22 -26.78
CA VAL F 144 7.57 -36.14 -26.03
C VAL F 144 6.90 -34.83 -26.36
N PRO F 145 6.00 -34.87 -27.35
CA PRO F 145 5.18 -33.71 -27.72
C PRO F 145 4.15 -33.41 -26.62
N VAL F 146 3.87 -32.14 -26.40
CA VAL F 146 2.89 -31.76 -25.40
C VAL F 146 1.69 -31.09 -26.05
N HIS F 147 0.51 -31.66 -25.84
CA HIS F 147 -0.69 -31.10 -26.46
C HIS F 147 -1.24 -29.94 -25.65
N TYR F 148 -0.72 -28.74 -25.92
CA TYR F 148 -1.03 -27.57 -25.10
C TYR F 148 -2.48 -27.11 -25.32
N ALA F 149 -3.18 -26.87 -24.22
CA ALA F 149 -4.58 -26.43 -24.23
C ALA F 149 -5.46 -27.44 -24.96
N GLY F 150 -5.06 -28.70 -24.98
CA GLY F 150 -5.82 -29.74 -25.63
C GLY F 150 -5.83 -29.63 -27.15
N VAL F 151 -4.92 -28.82 -27.69
CA VAL F 151 -4.80 -28.70 -29.14
C VAL F 151 -3.62 -29.54 -29.56
N ALA F 152 -3.88 -30.50 -30.43
CA ALA F 152 -2.89 -31.51 -30.79
C ALA F 152 -1.67 -30.90 -31.47
N CYS F 153 -0.49 -31.47 -31.19
CA CYS F 153 0.71 -31.19 -31.96
C CYS F 153 0.57 -31.77 -33.37
N GLU F 154 1.45 -31.35 -34.27
CA GLU F 154 1.45 -31.85 -35.65
C GLU F 154 1.97 -33.28 -35.66
N MET F 155 1.10 -34.22 -35.31
CA MET F 155 1.51 -35.58 -34.99
C MET F 155 1.94 -36.42 -36.19
N ASP F 156 1.32 -36.22 -37.36
CA ASP F 156 1.74 -36.96 -38.54
C ASP F 156 3.22 -36.77 -38.83
N THR F 157 3.63 -35.50 -38.85
CA THR F 157 5.01 -35.12 -39.01
C THR F 157 5.89 -35.75 -37.94
N ILE F 158 5.43 -35.66 -36.70
CA ILE F 158 6.18 -36.12 -35.54
C ILE F 158 6.35 -37.63 -35.49
N MET F 159 5.29 -38.37 -35.78
CA MET F 159 5.38 -39.82 -35.81
C MET F 159 6.34 -40.25 -36.92
N ALA F 160 6.34 -39.49 -38.01
CA ALA F 160 7.22 -39.74 -39.15
C ALA F 160 8.68 -39.57 -38.79
N LEU F 161 9.04 -38.42 -38.19
CA LEU F 161 10.39 -38.18 -37.67
C LEU F 161 10.89 -39.32 -36.79
N ALA F 162 10.02 -39.80 -35.91
CA ALA F 162 10.38 -40.83 -34.95
C ALA F 162 10.57 -42.20 -35.61
N LYS F 163 9.77 -42.46 -36.64
CA LYS F 163 9.93 -43.66 -37.42
C LYS F 163 11.28 -43.56 -38.11
N LYS F 164 11.51 -42.39 -38.70
CA LYS F 164 12.74 -42.10 -39.40
C LYS F 164 14.01 -42.29 -38.54
N HIS F 165 13.97 -41.91 -37.26
CA HIS F 165 15.15 -41.98 -36.42
C HIS F 165 15.04 -43.05 -35.33
N ASN F 166 14.10 -43.97 -35.45
CA ASN F 166 13.91 -45.05 -34.45
C ASN F 166 13.76 -44.49 -33.04
N LEU F 167 12.94 -43.45 -32.93
CA LEU F 167 12.71 -42.80 -31.66
C LEU F 167 11.34 -43.15 -31.13
N PHE F 168 11.21 -43.26 -29.82
CA PHE F 168 9.89 -43.37 -29.20
C PHE F 168 9.20 -42.02 -29.13
N VAL F 169 7.87 -42.06 -29.17
CA VAL F 169 7.03 -40.89 -28.95
C VAL F 169 6.16 -41.13 -27.72
N VAL F 170 6.34 -40.25 -26.73
CA VAL F 170 5.51 -40.22 -25.56
C VAL F 170 4.63 -39.01 -25.62
N GLU F 171 3.32 -39.19 -25.72
CA GLU F 171 2.44 -38.05 -25.71
C GLU F 171 2.24 -37.57 -24.28
N ASP F 172 2.59 -36.32 -24.02
CA ASP F 172 2.13 -35.70 -22.78
C ASP F 172 0.77 -35.09 -23.17
N ALA F 173 -0.30 -35.87 -23.01
CA ALA F 173 -1.67 -35.44 -23.35
C ALA F 173 -2.44 -35.14 -22.07
N ALA F 174 -1.74 -34.60 -21.08
CA ALA F 174 -2.36 -34.28 -19.79
C ALA F 174 -3.64 -33.49 -20.01
N GLN F 175 -3.60 -32.60 -20.97
CA GLN F 175 -4.68 -31.70 -21.22
C GLN F 175 -5.61 -32.13 -22.34
N GLY F 176 -5.38 -33.31 -22.91
CA GLY F 176 -6.02 -33.62 -24.17
C GLY F 176 -7.12 -34.66 -24.20
N VAL F 177 -7.59 -35.08 -23.04
CA VAL F 177 -8.68 -36.05 -22.97
C VAL F 177 -9.90 -35.41 -23.64
N MET F 178 -10.50 -36.15 -24.58
CA MET F 178 -11.62 -35.77 -25.45
C MET F 178 -11.16 -34.95 -26.66
N SER F 179 -9.89 -34.54 -26.69
CA SER F 179 -9.33 -33.87 -27.86
C SER F 179 -8.98 -34.89 -28.93
N THR F 180 -9.01 -34.47 -30.20
CA THR F 180 -8.58 -35.33 -31.30
C THR F 180 -7.64 -34.69 -32.32
N TYR F 181 -6.92 -35.54 -33.04
CA TYR F 181 -6.05 -35.13 -34.15
C TYR F 181 -6.44 -35.95 -35.38
N LYS F 182 -6.98 -35.29 -36.39
CA LYS F 182 -7.47 -35.97 -37.59
C LYS F 182 -8.36 -37.16 -37.22
N GLY F 183 -9.29 -36.97 -36.27
CA GLY F 183 -10.24 -38.01 -35.91
C GLY F 183 -9.74 -38.98 -34.85
N ARG F 184 -8.45 -38.90 -34.53
CA ARG F 184 -7.79 -39.79 -33.55
C ARG F 184 -7.71 -39.18 -32.15
N ALA F 185 -8.06 -39.92 -31.11
CA ALA F 185 -7.96 -39.40 -29.73
C ALA F 185 -6.51 -39.10 -29.30
N LEU F 186 -6.29 -37.89 -28.77
CA LEU F 186 -4.98 -37.52 -28.25
C LEU F 186 -4.58 -38.47 -27.15
N GLY F 187 -3.31 -38.86 -27.11
CA GLY F 187 -2.88 -39.80 -26.09
C GLY F 187 -2.82 -41.20 -26.66
N THR F 188 -3.41 -41.37 -27.84
CA THR F 188 -3.45 -42.67 -28.51
C THR F 188 -2.52 -42.74 -29.76
N ILE F 189 -1.93 -41.61 -30.14
CA ILE F 189 -1.04 -41.43 -31.31
C ILE F 189 0.48 -41.66 -31.06
N GLY F 190 0.86 -42.28 -29.97
CA GLY F 190 2.26 -42.45 -29.67
C GLY F 190 2.38 -43.81 -29.06
N HIS F 191 3.60 -44.29 -28.87
CA HIS F 191 3.76 -45.62 -28.32
C HIS F 191 3.07 -45.65 -26.96
N ILE F 192 3.24 -44.56 -26.22
CA ILE F 192 2.66 -44.34 -24.90
C ILE F 192 2.07 -42.93 -24.84
N GLY F 193 0.88 -42.81 -24.25
CA GLY F 193 0.24 -41.54 -23.99
C GLY F 193 -0.03 -41.30 -22.50
N CYS F 194 -0.16 -40.06 -22.12
CA CYS F 194 -0.36 -39.78 -20.71
C CYS F 194 -1.51 -38.79 -20.45
N PHE F 195 -2.39 -39.18 -19.53
CA PHE F 195 -3.50 -38.31 -19.12
C PHE F 195 -3.32 -37.77 -17.68
N SER F 196 -3.87 -36.58 -17.44
CA SER F 196 -4.03 -36.07 -16.09
C SER F 196 -5.51 -36.04 -15.73
N PHE F 197 -5.85 -36.38 -14.49
CA PHE F 197 -7.19 -36.24 -13.96
C PHE F 197 -7.15 -35.38 -12.70
N HIS F 198 -6.20 -34.45 -12.71
CA HIS F 198 -6.05 -33.45 -11.67
C HIS F 198 -7.26 -32.52 -11.63
N GLU F 199 -7.49 -31.90 -10.48
CA GLU F 199 -8.66 -31.06 -10.27
C GLU F 199 -8.71 -29.88 -11.23
N THR F 200 -7.57 -29.49 -11.77
CA THR F 200 -7.50 -28.35 -12.68
C THR F 200 -7.85 -28.72 -14.12
N LYS F 201 -8.02 -30.02 -14.34
CA LYS F 201 -8.29 -30.61 -15.67
C LYS F 201 -9.76 -30.69 -16.08
N ASN F 202 -10.01 -31.17 -17.28
CA ASN F 202 -11.40 -31.28 -17.73
C ASN F 202 -12.15 -32.35 -16.94
N TYR F 203 -11.42 -33.37 -16.51
CA TYR F 203 -12.01 -34.45 -15.73
C TYR F 203 -11.11 -34.76 -14.55
N THR F 204 -11.67 -34.94 -13.36
CA THR F 204 -10.81 -35.17 -12.24
C THR F 204 -11.26 -36.44 -11.53
N ALA F 205 -10.29 -37.19 -11.05
CA ALA F 205 -10.53 -38.41 -10.30
C ALA F 205 -10.50 -38.08 -8.82
N GLY F 206 -11.43 -37.22 -8.39
CA GLY F 206 -11.48 -36.86 -7.00
C GLY F 206 -10.33 -35.95 -6.60
N GLY F 207 -9.70 -35.30 -7.55
CA GLY F 207 -8.66 -34.33 -7.24
C GLY F 207 -7.24 -34.58 -7.78
N GLU F 208 -6.82 -35.84 -7.83
CA GLU F 208 -5.51 -36.22 -8.40
C GLU F 208 -5.73 -37.45 -9.23
N GLY F 209 -4.93 -37.64 -10.28
CA GLY F 209 -5.05 -38.84 -11.07
C GLY F 209 -4.42 -38.74 -12.43
N GLY F 210 -4.20 -39.91 -13.03
CA GLY F 210 -3.70 -39.98 -14.38
C GLY F 210 -4.03 -41.28 -15.06
N ALA F 211 -3.60 -41.37 -16.32
CA ALA F 211 -3.71 -42.62 -17.06
C ALA F 211 -2.51 -42.83 -17.99
N THR F 212 -2.01 -44.06 -18.00
CA THR F 212 -1.02 -44.43 -18.99
C THR F 212 -1.72 -45.19 -20.10
N LEU F 213 -1.57 -44.69 -21.32
CA LEU F 213 -2.11 -45.40 -22.48
C LEU F 213 -1.02 -46.15 -23.20
N ILE F 214 -1.08 -47.48 -23.16
CA ILE F 214 -0.10 -48.33 -23.83
C ILE F 214 -0.61 -48.70 -25.22
N ASN F 215 -0.26 -47.87 -26.19
CA ASN F 215 -0.77 -48.03 -27.53
C ASN F 215 0.09 -49.03 -28.33
N ASP F 216 1.38 -49.07 -28.02
CA ASP F 216 2.26 -50.09 -28.60
C ASP F 216 2.02 -51.41 -27.89
N LYS F 217 1.29 -52.32 -28.55
CA LYS F 217 0.88 -53.58 -27.94
C LYS F 217 2.06 -54.36 -27.35
N ALA F 218 3.25 -54.13 -27.89
CA ALA F 218 4.44 -54.86 -27.44
C ALA F 218 4.87 -54.47 -26.03
N LEU F 219 4.42 -53.30 -25.54
CA LEU F 219 4.87 -52.80 -24.25
C LEU F 219 3.94 -53.19 -23.12
N ILE F 220 2.81 -53.80 -23.45
CA ILE F 220 1.74 -54.04 -22.48
C ILE F 220 2.10 -55.00 -21.34
N GLU F 221 2.73 -56.12 -21.69
CA GLU F 221 3.08 -57.15 -20.71
C GLU F 221 3.89 -56.55 -19.57
N ARG F 222 4.96 -55.85 -19.93
CA ARG F 222 5.84 -55.22 -18.94
C ARG F 222 5.10 -54.08 -18.24
N ALA F 223 4.30 -53.33 -19.00
CA ALA F 223 3.51 -52.23 -18.45
C ALA F 223 2.68 -52.67 -17.24
N GLU F 224 2.03 -53.83 -17.35
CA GLU F 224 1.19 -54.32 -16.27
C GLU F 224 2.02 -54.70 -15.06
N ILE F 225 3.24 -55.18 -15.33
CA ILE F 225 4.12 -55.61 -14.26
C ILE F 225 4.64 -54.42 -13.50
N ILE F 226 5.14 -53.41 -14.21
CA ILE F 226 5.69 -52.27 -13.50
C ILE F 226 4.59 -51.44 -12.83
N ARG F 227 3.36 -51.46 -13.36
CA ARG F 227 2.27 -50.77 -12.69
C ARG F 227 1.98 -51.37 -11.32
N GLU F 228 2.03 -52.69 -11.22
CA GLU F 228 1.77 -53.38 -9.95
C GLU F 228 3.06 -53.71 -9.17
N LYS F 229 3.87 -52.67 -8.94
CA LYS F 229 5.05 -52.75 -8.08
C LYS F 229 6.11 -53.77 -8.53
N GLY F 230 6.16 -54.00 -9.84
CA GLY F 230 7.13 -54.90 -10.43
C GLY F 230 6.78 -56.34 -10.16
N THR F 231 5.50 -56.58 -9.90
CA THR F 231 5.04 -57.93 -9.69
C THR F 231 4.05 -58.30 -10.78
N ASN F 232 3.62 -59.55 -10.75
CA ASN F 232 2.62 -60.11 -11.65
C ASN F 232 1.30 -60.37 -10.89
N ARG F 233 0.40 -59.38 -10.85
CA ARG F 233 -0.91 -59.52 -10.16
C ARG F 233 -2.12 -59.68 -11.08
N TYR F 244 2.75 -64.68 -8.09
CA TYR F 244 2.72 -63.33 -7.54
C TYR F 244 4.03 -63.09 -6.78
N THR F 245 5.06 -62.70 -7.53
CA THR F 245 6.41 -62.54 -7.00
C THR F 245 7.12 -61.35 -7.64
N TRP F 246 8.23 -60.96 -7.04
CA TRP F 246 9.04 -59.88 -7.57
C TRP F 246 9.69 -60.24 -8.91
N ARG F 247 9.25 -59.62 -10.01
CA ARG F 247 9.73 -60.01 -11.33
C ARG F 247 10.44 -58.90 -12.11
N ASP F 248 10.30 -57.66 -11.67
CA ASP F 248 10.91 -56.53 -12.36
C ASP F 248 10.90 -55.35 -11.41
N ILE F 249 11.48 -54.25 -11.85
CA ILE F 249 11.29 -52.98 -11.17
C ILE F 249 9.87 -52.53 -11.41
N GLY F 250 9.41 -51.62 -10.57
CA GLY F 250 8.09 -51.05 -10.72
C GLY F 250 7.81 -50.09 -9.59
N SER F 251 6.57 -49.64 -9.53
CA SER F 251 6.15 -48.71 -8.50
C SER F 251 4.67 -48.97 -8.18
N SER F 252 4.08 -48.20 -7.27
CA SER F 252 2.65 -48.33 -7.02
C SER F 252 1.90 -47.35 -7.89
N TYR F 253 1.75 -47.68 -9.16
CA TYR F 253 1.08 -46.82 -10.14
C TYR F 253 -0.44 -47.06 -10.20
N LEU F 254 -1.07 -47.11 -9.03
CA LEU F 254 -2.50 -47.32 -8.88
C LEU F 254 -3.22 -46.09 -8.34
N MET F 255 -4.34 -45.71 -8.93
CA MET F 255 -5.23 -44.78 -8.22
C MET F 255 -6.17 -45.59 -7.33
N SER F 256 -6.68 -45.01 -6.24
CA SER F 256 -7.65 -45.75 -5.42
C SER F 256 -8.94 -45.98 -6.21
N ASP F 257 -9.71 -46.99 -5.84
CA ASP F 257 -10.93 -47.25 -6.58
C ASP F 257 -11.98 -46.20 -6.19
N LEU F 258 -11.79 -45.60 -5.01
CA LEU F 258 -12.61 -44.46 -4.61
C LEU F 258 -12.50 -43.33 -5.62
N GLN F 259 -11.26 -42.99 -5.96
CA GLN F 259 -10.99 -41.99 -7.00
C GLN F 259 -11.51 -42.39 -8.38
N ALA F 260 -11.37 -43.68 -8.72
CA ALA F 260 -11.86 -44.19 -9.98
C ALA F 260 -13.39 -44.05 -10.06
N ALA F 261 -14.06 -44.25 -8.93
CA ALA F 261 -15.50 -44.07 -8.85
C ALA F 261 -15.91 -42.63 -9.18
N TYR F 262 -15.21 -41.66 -8.60
CA TYR F 262 -15.43 -40.25 -8.91
C TYR F 262 -15.24 -40.00 -10.39
N LEU F 263 -14.12 -40.51 -10.92
CA LEU F 263 -13.80 -40.33 -12.32
C LEU F 263 -14.83 -40.99 -13.22
N TRP F 264 -15.26 -42.18 -12.83
CA TRP F 264 -16.27 -42.90 -13.59
C TRP F 264 -17.58 -42.05 -13.74
N ALA F 265 -18.01 -41.41 -12.66
CA ALA F 265 -19.15 -40.49 -12.69
C ALA F 265 -18.91 -39.39 -13.71
N GLN F 266 -17.66 -38.91 -13.79
CA GLN F 266 -17.36 -37.81 -14.68
C GLN F 266 -17.30 -38.27 -16.13
N LEU F 267 -16.78 -39.47 -16.35
CA LEU F 267 -16.75 -40.04 -17.68
C LEU F 267 -18.16 -40.30 -18.14
N GLU F 268 -19.04 -40.60 -17.19
CA GLU F 268 -20.45 -40.74 -17.54
C GLU F 268 -21.02 -39.45 -18.13
N ALA F 269 -20.48 -38.32 -17.72
CA ALA F 269 -20.90 -37.03 -18.26
C ALA F 269 -19.87 -36.41 -19.22
N ALA F 270 -19.09 -37.27 -19.87
CA ALA F 270 -17.96 -36.82 -20.69
C ALA F 270 -18.39 -35.83 -21.74
N ASP F 271 -19.48 -36.16 -22.42
CA ASP F 271 -19.92 -35.35 -23.53
C ASP F 271 -20.59 -34.08 -22.99
N ARG F 272 -21.30 -34.19 -21.87
CA ARG F 272 -21.95 -33.03 -21.30
C ARG F 272 -20.94 -31.99 -20.82
N ILE F 273 -19.90 -32.46 -20.14
CA ILE F 273 -18.81 -31.61 -19.66
C ILE F 273 -18.11 -30.96 -20.86
N ASN F 274 -17.76 -31.78 -21.85
CA ASN F 274 -17.06 -31.28 -23.03
C ASN F 274 -17.88 -30.24 -23.78
N GLN F 275 -19.18 -30.51 -24.00
CA GLN F 275 -20.03 -29.59 -24.74
C GLN F 275 -20.16 -28.27 -23.99
N GLN F 276 -20.33 -28.36 -22.68
CA GLN F 276 -20.47 -27.16 -21.86
C GLN F 276 -19.16 -26.35 -21.90
N ARG F 277 -18.02 -27.03 -21.73
CA ARG F 277 -16.74 -26.34 -21.77
C ARG F 277 -16.54 -25.67 -23.12
N LEU F 278 -16.91 -26.39 -24.18
CA LEU F 278 -16.76 -25.85 -25.52
C LEU F 278 -17.64 -24.62 -25.74
N ALA F 279 -18.82 -24.62 -25.13
CA ALA F 279 -19.69 -23.47 -25.25
C ALA F 279 -19.08 -22.24 -24.58
N LEU F 280 -18.59 -22.42 -23.35
CA LEU F 280 -17.92 -21.35 -22.62
C LEU F 280 -16.73 -20.80 -23.41
N TRP F 281 -15.96 -21.69 -24.01
CA TRP F 281 -14.80 -21.30 -24.81
C TRP F 281 -15.25 -20.39 -25.94
N GLN F 282 -16.32 -20.79 -26.61
CA GLN F 282 -16.82 -20.03 -27.75
C GLN F 282 -17.37 -18.65 -27.33
N ASN F 283 -17.91 -18.54 -26.12
CA ASN F 283 -18.33 -17.23 -25.60
C ASN F 283 -17.16 -16.29 -25.54
N TYR F 284 -16.04 -16.80 -25.03
CA TYR F 284 -14.80 -16.03 -24.97
C TYR F 284 -14.34 -15.62 -26.36
N TYR F 285 -14.32 -16.58 -27.28
CA TYR F 285 -13.81 -16.32 -28.62
C TYR F 285 -14.63 -15.25 -29.32
N ASP F 286 -15.96 -15.39 -29.27
CA ASP F 286 -16.85 -14.43 -29.92
C ASP F 286 -16.73 -13.02 -29.34
N ALA F 287 -16.58 -12.91 -28.02
CA ALA F 287 -16.50 -11.59 -27.40
C ALA F 287 -15.14 -10.92 -27.66
N LEU F 288 -14.08 -11.70 -27.73
CA LEU F 288 -12.74 -11.12 -27.86
C LEU F 288 -12.28 -11.03 -29.33
N ALA F 289 -13.05 -11.66 -30.21
CA ALA F 289 -12.72 -11.67 -31.64
C ALA F 289 -12.50 -10.26 -32.21
N PRO F 290 -13.37 -9.28 -31.89
CA PRO F 290 -13.14 -7.95 -32.44
C PRO F 290 -11.79 -7.36 -32.04
N LEU F 291 -11.39 -7.56 -30.80
CA LEU F 291 -10.09 -7.10 -30.31
C LEU F 291 -8.93 -7.76 -31.05
N ALA F 292 -9.13 -8.99 -31.50
CA ALA F 292 -8.08 -9.71 -32.23
C ALA F 292 -7.96 -9.16 -33.65
N LYS F 293 -9.09 -8.87 -34.29
CA LYS F 293 -9.07 -8.35 -35.65
C LYS F 293 -8.48 -6.93 -35.67
N ALA F 294 -8.48 -6.27 -34.52
CA ALA F 294 -7.91 -4.93 -34.44
C ALA F 294 -6.43 -4.99 -34.06
N GLY F 295 -5.93 -6.19 -33.77
CA GLY F 295 -4.52 -6.39 -33.48
C GLY F 295 -4.11 -6.10 -32.06
N ARG F 296 -5.08 -5.81 -31.20
CA ARG F 296 -4.83 -5.51 -29.79
C ARG F 296 -4.41 -6.73 -28.98
N ILE F 297 -4.95 -7.89 -29.34
CA ILE F 297 -4.61 -9.15 -28.68
C ILE F 297 -4.55 -10.24 -29.73
N GLU F 298 -4.10 -11.42 -29.30
CA GLU F 298 -4.19 -12.61 -30.13
C GLU F 298 -5.00 -13.69 -29.40
N LEU F 299 -5.80 -14.44 -30.15
CA LEU F 299 -6.59 -15.55 -29.60
C LEU F 299 -5.96 -16.91 -29.94
N PRO F 300 -6.39 -18.00 -29.27
CA PRO F 300 -5.78 -19.30 -29.56
C PRO F 300 -6.00 -19.74 -31.00
N SER F 301 -5.08 -20.55 -31.53
CA SER F 301 -5.25 -21.13 -32.85
C SER F 301 -5.53 -22.62 -32.82
N ILE F 302 -6.43 -23.08 -33.69
CA ILE F 302 -6.73 -24.50 -33.74
C ILE F 302 -6.55 -24.95 -35.18
N PRO F 303 -5.40 -25.58 -35.48
CA PRO F 303 -5.07 -26.00 -36.85
C PRO F 303 -6.11 -26.93 -37.46
N ASP F 304 -6.18 -26.95 -38.79
CA ASP F 304 -7.13 -27.81 -39.46
C ASP F 304 -6.81 -29.25 -39.05
N GLY F 305 -7.85 -30.02 -38.75
CA GLY F 305 -7.71 -31.40 -38.33
C GLY F 305 -7.62 -31.57 -36.83
N CYS F 306 -7.41 -30.48 -36.11
CA CYS F 306 -7.38 -30.55 -34.65
C CYS F 306 -8.74 -30.20 -34.03
N VAL F 307 -9.27 -31.07 -33.17
CA VAL F 307 -10.48 -30.72 -32.43
C VAL F 307 -10.14 -30.62 -30.93
N GLN F 308 -10.29 -29.43 -30.37
CA GLN F 308 -9.94 -29.18 -28.99
C GLN F 308 -11.05 -29.57 -28.01
N ASN F 309 -10.73 -29.51 -26.72
CA ASN F 309 -11.65 -29.89 -25.65
C ASN F 309 -11.93 -28.73 -24.69
N ALA F 310 -11.57 -27.53 -25.11
CA ALA F 310 -11.77 -26.34 -24.29
C ALA F 310 -11.14 -26.51 -22.91
N HIS F 311 -9.95 -27.09 -22.85
CA HIS F 311 -9.26 -27.25 -21.59
C HIS F 311 -8.90 -25.87 -21.04
N MET F 312 -8.66 -24.93 -21.95
CA MET F 312 -8.08 -23.66 -21.59
C MET F 312 -8.53 -22.58 -22.56
N PHE F 313 -8.75 -21.36 -22.08
CA PHE F 313 -8.86 -20.27 -23.04
C PHE F 313 -7.80 -19.22 -22.73
N TYR F 314 -6.79 -19.14 -23.58
CA TYR F 314 -5.72 -18.16 -23.36
C TYR F 314 -5.85 -17.03 -24.38
N ILE F 315 -5.27 -15.89 -24.04
CA ILE F 315 -5.10 -14.78 -24.96
C ILE F 315 -3.64 -14.39 -24.86
N LYS F 316 -3.12 -13.72 -25.88
CA LYS F 316 -1.77 -13.20 -25.81
C LYS F 316 -1.79 -11.68 -25.78
N LEU F 317 -1.22 -11.11 -24.71
CA LEU F 317 -1.06 -9.67 -24.60
C LEU F 317 0.21 -9.24 -25.36
N ARG F 318 0.54 -7.95 -25.31
CA ARG F 318 1.71 -7.45 -26.02
C ARG F 318 3.00 -7.93 -25.36
N ASP F 319 3.04 -7.91 -24.04
CA ASP F 319 4.25 -8.28 -23.29
C ASP F 319 3.89 -8.50 -21.83
N ILE F 320 4.91 -8.80 -21.04
CA ILE F 320 4.73 -9.15 -19.64
C ILE F 320 4.16 -7.99 -18.85
N ASP F 321 4.42 -6.76 -19.30
CA ASP F 321 3.91 -5.60 -18.60
C ASP F 321 2.41 -5.45 -18.84
N ASP F 322 2.02 -5.64 -20.10
CA ASP F 322 0.61 -5.64 -20.53
C ASP F 322 -0.21 -6.68 -19.79
N ARG F 323 0.31 -7.90 -19.77
CA ARG F 323 -0.36 -9.01 -19.12
C ARG F 323 -0.54 -8.72 -17.64
N SER F 324 0.51 -8.18 -17.04
CA SER F 324 0.48 -7.86 -15.62
C SER F 324 -0.58 -6.80 -15.34
N ALA F 325 -0.72 -5.84 -16.26
CA ALA F 325 -1.71 -4.80 -16.09
C ALA F 325 -3.10 -5.42 -16.11
N LEU F 326 -3.34 -6.31 -17.07
CA LEU F 326 -4.63 -6.99 -17.19
C LEU F 326 -4.91 -7.84 -15.96
N ILE F 327 -3.89 -8.55 -15.49
CA ILE F 327 -4.03 -9.38 -14.28
C ILE F 327 -4.48 -8.55 -13.08
N ASN F 328 -3.85 -7.39 -12.92
CA ASN F 328 -4.19 -6.52 -11.81
C ASN F 328 -5.56 -5.89 -11.99
N PHE F 329 -5.88 -5.52 -13.22
CA PHE F 329 -7.19 -4.96 -13.50
C PHE F 329 -8.25 -6.00 -13.17
N LEU F 330 -7.99 -7.26 -13.55
CA LEU F 330 -8.92 -8.34 -13.29
C LEU F 330 -8.95 -8.67 -11.79
N LYS F 331 -7.80 -8.67 -11.15
CA LYS F 331 -7.76 -8.95 -9.71
C LYS F 331 -8.59 -7.91 -8.96
N GLU F 332 -8.50 -6.66 -9.40
CA GLU F 332 -9.31 -5.57 -8.86
C GLU F 332 -10.83 -5.84 -9.00
N ALA F 333 -11.20 -6.48 -10.11
CA ALA F 333 -12.59 -6.78 -10.46
C ALA F 333 -13.10 -8.10 -9.88
N GLU F 334 -12.39 -8.62 -8.89
CA GLU F 334 -12.67 -9.91 -8.25
C GLU F 334 -12.67 -11.02 -9.27
N ILE F 335 -11.74 -10.95 -10.21
CA ILE F 335 -11.58 -12.01 -11.20
C ILE F 335 -10.16 -12.51 -11.21
N MET F 336 -9.99 -13.83 -11.14
CA MET F 336 -8.69 -14.44 -11.07
C MET F 336 -8.24 -14.93 -12.45
N ALA F 337 -7.30 -14.23 -13.06
CA ALA F 337 -6.67 -14.70 -14.30
C ALA F 337 -5.20 -14.96 -14.06
N VAL F 338 -4.63 -15.82 -14.89
CA VAL F 338 -3.36 -16.42 -14.51
C VAL F 338 -2.42 -16.74 -15.69
N PHE F 339 -1.11 -16.59 -15.50
CA PHE F 339 -0.22 -17.04 -16.56
C PHE F 339 -0.01 -18.53 -16.35
N HIS F 340 0.89 -19.10 -17.12
CA HIS F 340 1.05 -20.54 -17.12
C HIS F 340 2.54 -20.96 -16.99
N TYR F 341 3.05 -21.81 -17.81
CA TYR F 341 4.40 -22.21 -17.61
C TYR F 341 5.52 -21.21 -17.68
N ILE F 342 6.49 -21.36 -16.80
CA ILE F 342 7.80 -20.71 -16.88
C ILE F 342 8.71 -21.65 -17.61
N PRO F 343 9.32 -21.19 -18.72
CA PRO F 343 10.15 -22.06 -19.57
C PRO F 343 11.16 -22.88 -18.76
N LEU F 344 11.13 -24.19 -18.95
CA LEU F 344 11.94 -25.08 -18.14
C LEU F 344 13.45 -24.87 -18.31
N HIS F 345 13.87 -24.57 -19.54
CA HIS F 345 15.32 -24.50 -19.84
C HIS F 345 16.02 -23.36 -19.12
N GLY F 346 15.32 -22.26 -18.87
CA GLY F 346 15.87 -21.13 -18.16
C GLY F 346 15.87 -21.27 -16.65
N CYS F 347 15.24 -22.33 -16.16
CA CYS F 347 15.12 -22.57 -14.73
C CYS F 347 16.40 -23.15 -14.17
N PRO F 348 16.64 -22.99 -12.85
CA PRO F 348 17.85 -23.56 -12.23
C PRO F 348 18.08 -25.02 -12.65
N ALA F 349 17.10 -25.87 -12.38
CA ALA F 349 17.21 -27.30 -12.68
C ALA F 349 17.30 -27.62 -14.17
N GLY F 350 16.68 -26.79 -15.00
CA GLY F 350 16.67 -27.03 -16.44
C GLY F 350 18.02 -26.82 -17.08
N GLU F 351 18.73 -25.83 -16.56
CA GLU F 351 20.08 -25.53 -16.99
C GLU F 351 21.03 -26.63 -16.59
N HIS F 352 20.70 -27.32 -15.51
CA HIS F 352 21.53 -28.40 -15.04
C HIS F 352 21.23 -29.71 -15.83
N PHE F 353 19.96 -30.06 -15.97
CA PHE F 353 19.56 -31.34 -16.57
C PHE F 353 19.26 -31.34 -18.06
N GLY F 354 19.21 -30.16 -18.65
CA GLY F 354 18.84 -30.08 -20.05
C GLY F 354 19.56 -29.00 -20.82
N GLU F 355 19.24 -28.92 -22.10
CA GLU F 355 19.93 -28.01 -23.02
C GLU F 355 18.94 -27.54 -24.07
N PHE F 356 18.93 -26.22 -24.33
CA PHE F 356 18.03 -25.70 -25.36
C PHE F 356 18.72 -25.76 -26.72
N HIS F 357 18.14 -26.55 -27.63
CA HIS F 357 18.65 -26.67 -28.98
C HIS F 357 18.10 -25.58 -29.88
N GLY F 358 18.98 -24.87 -30.57
CA GLY F 358 18.53 -23.82 -31.46
C GLY F 358 18.27 -22.52 -30.72
N GLU F 359 17.58 -21.59 -31.38
CA GLU F 359 17.36 -20.29 -30.76
C GLU F 359 16.02 -20.24 -30.02
N ASP F 360 16.05 -19.60 -28.86
CA ASP F 360 14.84 -19.34 -28.09
C ASP F 360 14.14 -18.17 -28.76
N ARG F 361 13.39 -18.46 -29.81
CA ARG F 361 12.77 -17.39 -30.58
C ARG F 361 11.39 -17.07 -30.04
N TYR F 362 10.66 -18.09 -29.59
CA TYR F 362 9.28 -17.89 -29.16
C TYR F 362 9.03 -18.32 -27.72
N THR F 363 9.67 -19.40 -27.29
CA THR F 363 9.42 -19.99 -25.97
C THR F 363 9.43 -18.96 -24.83
N THR F 364 10.50 -18.20 -24.66
CA THR F 364 10.51 -17.25 -23.54
C THR F 364 9.55 -16.07 -23.81
N LYS F 365 9.60 -15.52 -25.01
CA LYS F 365 8.76 -14.35 -25.35
C LYS F 365 7.25 -14.59 -25.21
N GLU F 366 6.76 -15.66 -25.84
CA GLU F 366 5.32 -15.98 -25.87
C GLU F 366 4.77 -16.38 -24.51
N SER F 367 5.60 -17.07 -23.73
CA SER F 367 5.19 -17.49 -22.39
C SER F 367 4.93 -16.26 -21.52
N GLU F 368 5.58 -15.15 -21.89
CA GLU F 368 5.49 -13.94 -21.09
C GLU F 368 4.30 -13.07 -21.47
N ARG F 369 3.65 -13.37 -22.58
CA ARG F 369 2.46 -12.62 -22.93
C ARG F 369 1.17 -13.47 -22.85
N LEU F 370 1.30 -14.73 -22.49
CA LEU F 370 0.15 -15.62 -22.45
C LEU F 370 -0.60 -15.53 -21.12
N LEU F 371 -1.92 -15.35 -21.20
CA LEU F 371 -2.80 -15.30 -20.03
C LEU F 371 -3.98 -16.22 -20.19
N ARG F 372 -4.27 -17.02 -19.16
CA ARG F 372 -5.39 -17.95 -19.17
C ARG F 372 -6.57 -17.37 -18.40
N LEU F 373 -7.77 -17.43 -18.99
CA LEU F 373 -9.00 -16.87 -18.40
C LEU F 373 -9.81 -17.93 -17.63
N PRO F 374 -10.58 -17.50 -16.63
CA PRO F 374 -11.42 -18.46 -15.87
C PRO F 374 -12.27 -19.34 -16.80
N LEU F 375 -12.11 -20.65 -16.64
CA LEU F 375 -12.80 -21.63 -17.47
C LEU F 375 -12.89 -22.96 -16.76
N PHE F 376 -14.12 -23.37 -16.42
CA PHE F 376 -14.32 -24.67 -15.79
C PHE F 376 -15.78 -25.08 -15.93
N TYR F 377 -16.04 -26.37 -15.80
CA TYR F 377 -17.33 -26.93 -16.06
C TYR F 377 -18.45 -26.21 -15.31
N ASN F 378 -18.24 -25.92 -14.04
CA ASN F 378 -19.29 -25.31 -13.22
C ASN F 378 -19.22 -23.79 -13.22
N LEU F 379 -18.52 -23.21 -14.20
CA LEU F 379 -18.49 -21.75 -14.28
C LEU F 379 -19.82 -21.27 -14.80
N SER F 380 -20.52 -20.49 -13.99
CA SER F 380 -21.88 -20.03 -14.35
C SER F 380 -21.83 -19.04 -15.51
N PRO F 381 -22.85 -19.03 -16.35
CA PRO F 381 -22.90 -18.09 -17.47
C PRO F 381 -22.81 -16.64 -16.98
N VAL F 382 -23.41 -16.36 -15.84
CA VAL F 382 -23.46 -15.01 -15.30
C VAL F 382 -22.04 -14.58 -14.88
N ASN F 383 -21.26 -15.50 -14.30
CA ASN F 383 -19.88 -15.14 -13.93
C ASN F 383 -19.00 -14.94 -15.15
N GLN F 384 -19.22 -15.72 -16.21
CA GLN F 384 -18.42 -15.54 -17.42
C GLN F 384 -18.73 -14.20 -18.08
N ARG F 385 -20.01 -13.83 -18.13
CA ARG F 385 -20.40 -12.55 -18.68
C ARG F 385 -19.70 -11.43 -17.91
N THR F 386 -19.55 -11.60 -16.61
CA THR F 386 -18.83 -10.63 -15.79
C THR F 386 -17.35 -10.54 -16.19
N VAL F 387 -16.73 -11.69 -16.34
CA VAL F 387 -15.35 -11.78 -16.78
C VAL F 387 -15.21 -11.10 -18.15
N ILE F 388 -16.07 -11.49 -19.09
CA ILE F 388 -16.03 -10.97 -20.45
C ILE F 388 -16.21 -9.46 -20.42
N ALA F 389 -17.19 -9.01 -19.66
CA ALA F 389 -17.47 -7.59 -19.56
C ALA F 389 -16.29 -6.80 -19.01
N THR F 390 -15.64 -7.35 -17.99
CA THR F 390 -14.46 -6.72 -17.39
C THR F 390 -13.29 -6.62 -18.36
N LEU F 391 -13.08 -7.67 -19.14
CA LEU F 391 -12.01 -7.68 -20.13
C LEU F 391 -12.22 -6.56 -21.14
N LEU F 392 -13.43 -6.50 -21.70
CA LEU F 392 -13.73 -5.49 -22.70
C LEU F 392 -13.58 -4.07 -22.16
N ASN F 393 -13.75 -3.90 -20.87
CA ASN F 393 -13.57 -2.59 -20.25
C ASN F 393 -12.11 -2.17 -20.25
N TYR F 394 -11.22 -3.06 -19.82
CA TYR F 394 -9.78 -2.78 -19.84
C TYR F 394 -9.22 -2.39 -21.22
N PHE F 395 -9.67 -3.08 -22.27
CA PHE F 395 -9.11 -2.85 -23.60
C PHE F 395 -9.74 -1.66 -24.32
N SER F 396 -10.44 -0.82 -23.56
CA SER F 396 -10.96 0.48 -24.00
C SER F 396 -11.85 1.05 -22.90
N HIS G 20 16.53 21.03 6.40
CA HIS G 20 15.47 20.14 6.85
C HIS G 20 16.06 18.78 7.23
N MET G 21 16.38 17.96 6.23
CA MET G 21 16.91 16.61 6.45
C MET G 21 18.44 16.52 6.56
N ILE G 22 18.91 15.60 7.39
CA ILE G 22 20.28 15.18 7.31
C ILE G 22 20.32 14.27 6.10
N PRO G 23 21.04 14.68 5.06
CA PRO G 23 21.04 13.94 3.80
C PRO G 23 21.88 12.66 3.87
N PHE G 24 21.61 11.72 2.97
CA PHE G 24 22.44 10.53 2.88
C PHE G 24 23.83 10.86 2.36
N ASN G 25 23.88 11.77 1.40
CA ASN G 25 25.14 12.17 0.81
C ASN G 25 25.10 13.64 0.44
N ALA G 26 26.25 14.29 0.50
CA ALA G 26 26.45 15.61 -0.10
C ALA G 26 27.83 15.61 -0.78
N PRO G 27 27.91 16.18 -2.00
CA PRO G 27 29.16 16.23 -2.78
C PRO G 27 30.32 16.85 -1.99
N PRO G 28 31.54 16.31 -2.12
CA PRO G 28 32.67 16.94 -1.41
C PRO G 28 32.89 18.38 -1.87
N VAL G 29 33.04 19.29 -0.92
CA VAL G 29 33.44 20.65 -1.23
C VAL G 29 34.67 20.97 -0.36
N VAL G 30 35.80 21.23 -1.02
CA VAL G 30 37.05 21.51 -0.31
C VAL G 30 37.22 22.99 -0.01
N GLY G 31 36.79 23.84 -0.94
CA GLY G 31 36.87 25.28 -0.78
C GLY G 31 37.77 25.90 -1.82
N THR G 32 38.47 25.04 -2.55
CA THR G 32 39.43 25.54 -3.53
C THR G 32 38.96 25.37 -4.97
N GLU G 33 37.85 24.65 -5.15
CA GLU G 33 37.40 24.26 -6.48
C GLU G 33 37.20 25.47 -7.40
N LEU G 34 36.61 26.54 -6.87
CA LEU G 34 36.31 27.75 -7.64
C LEU G 34 37.57 28.46 -8.15
N ASP G 35 38.60 28.53 -7.33
CA ASP G 35 39.85 29.17 -7.77
C ASP G 35 40.42 28.40 -8.92
N TYR G 36 40.47 27.08 -8.82
CA TYR G 36 41.01 26.29 -9.93
C TYR G 36 40.10 26.43 -11.16
N MET G 37 38.78 26.41 -10.96
CA MET G 37 37.89 26.57 -12.09
C MET G 37 38.05 27.94 -12.75
N GLN G 38 38.23 28.98 -11.95
CA GLN G 38 38.53 30.31 -12.49
C GLN G 38 39.78 30.26 -13.36
N SER G 39 40.83 29.60 -12.86
CA SER G 39 42.07 29.44 -13.63
C SER G 39 41.82 28.74 -14.94
N ALA G 40 41.04 27.66 -14.89
CA ALA G 40 40.74 26.91 -16.11
C ALA G 40 40.01 27.82 -17.08
N MET G 41 39.03 28.58 -16.56
CA MET G 41 38.28 29.52 -17.40
C MET G 41 39.19 30.60 -17.95
N GLY G 42 40.16 30.98 -17.15
CA GLY G 42 41.11 32.02 -17.52
C GLY G 42 42.08 31.60 -18.61
N SER G 43 42.29 30.30 -18.76
CA SER G 43 43.29 29.76 -19.68
C SER G 43 42.80 29.74 -21.12
N GLY G 44 41.48 29.88 -21.30
CA GLY G 44 40.86 29.83 -22.61
C GLY G 44 40.68 28.45 -23.18
N LYS G 45 40.96 27.42 -22.37
CA LYS G 45 40.68 26.04 -22.76
C LYS G 45 39.76 25.36 -21.77
N LEU G 46 38.61 24.92 -22.25
CA LEU G 46 37.65 24.30 -21.37
C LEU G 46 37.27 22.88 -21.78
N CYS G 47 37.51 22.51 -23.04
CA CYS G 47 37.18 21.18 -23.51
C CYS G 47 38.11 20.12 -22.92
N GLY G 48 37.81 18.86 -23.17
CA GLY G 48 38.56 17.77 -22.59
C GLY G 48 40.03 17.69 -22.98
N ASP G 49 40.81 17.00 -22.16
CA ASP G 49 42.24 16.79 -22.41
C ASP G 49 43.00 18.12 -22.40
N GLY G 50 42.56 19.04 -21.56
CA GLY G 50 43.28 20.28 -21.36
C GLY G 50 44.26 20.14 -20.22
N GLY G 51 44.77 21.27 -19.76
CA GLY G 51 45.79 21.28 -18.73
C GLY G 51 45.38 20.52 -17.47
N PHE G 52 44.16 20.73 -16.97
CA PHE G 52 43.78 20.07 -15.72
C PHE G 52 43.48 18.59 -15.89
N THR G 53 42.96 18.21 -17.04
CA THR G 53 42.77 16.80 -17.35
C THR G 53 44.13 16.07 -17.30
N ARG G 54 45.14 16.67 -17.92
CA ARG G 54 46.48 16.04 -18.00
C ARG G 54 47.12 15.96 -16.61
N ARG G 55 46.92 16.99 -15.80
CA ARG G 55 47.46 17.04 -14.44
C ARG G 55 46.81 15.99 -13.55
N CYS G 56 45.49 15.83 -13.67
CA CYS G 56 44.79 14.80 -12.91
C CYS G 56 45.30 13.41 -13.29
N GLN G 57 45.44 13.17 -14.59
CA GLN G 57 45.92 11.89 -15.07
C GLN G 57 47.34 11.60 -14.58
N GLN G 58 48.20 12.61 -14.58
CA GLN G 58 49.54 12.47 -14.01
C GLN G 58 49.46 12.12 -12.54
N TRP G 59 48.60 12.85 -11.81
CA TRP G 59 48.36 12.61 -10.38
C TRP G 59 47.97 11.16 -10.14
N LEU G 60 46.99 10.67 -10.90
CA LEU G 60 46.47 9.32 -10.76
C LEU G 60 47.51 8.23 -11.14
N GLU G 61 48.21 8.44 -12.24
CA GLU G 61 49.25 7.50 -12.69
C GLU G 61 50.34 7.33 -11.61
N GLN G 62 50.85 8.43 -11.08
CA GLN G 62 51.95 8.39 -10.11
C GLN G 62 51.50 7.95 -8.72
N ARG G 63 50.37 8.44 -8.22
CA ARG G 63 49.94 8.05 -6.89
C ARG G 63 49.54 6.57 -6.85
N PHE G 64 48.88 6.10 -7.90
CA PHE G 64 48.33 4.74 -7.91
C PHE G 64 49.16 3.70 -8.68
N GLY G 65 50.06 4.15 -9.54
CA GLY G 65 50.90 3.23 -10.27
C GLY G 65 50.21 2.57 -11.45
N SER G 66 49.76 3.37 -12.41
CA SER G 66 49.12 2.87 -13.61
C SER G 66 49.81 3.40 -14.86
N ALA G 67 49.93 2.56 -15.89
CA ALA G 67 50.65 2.94 -17.09
C ALA G 67 49.99 4.13 -17.78
N LYS G 68 48.67 4.15 -17.79
CA LYS G 68 47.91 5.20 -18.46
C LYS G 68 46.54 5.44 -17.81
N VAL G 69 46.24 6.67 -17.44
CA VAL G 69 44.90 7.00 -16.95
C VAL G 69 44.27 8.04 -17.87
N LEU G 70 43.02 7.81 -18.24
CA LEU G 70 42.33 8.68 -19.18
C LEU G 70 40.98 9.09 -18.58
N LEU G 71 40.78 10.41 -18.41
CA LEU G 71 39.54 10.94 -17.83
C LEU G 71 38.37 10.91 -18.80
N THR G 72 37.21 10.50 -18.30
CA THR G 72 36.02 10.30 -19.11
C THR G 72 34.79 11.00 -18.50
N PRO G 73 33.66 11.06 -19.24
CA PRO G 73 32.49 11.74 -18.66
C PRO G 73 31.84 10.98 -17.52
N SER G 74 32.19 9.72 -17.32
CA SER G 74 31.53 8.93 -16.28
C SER G 74 32.23 7.60 -16.14
N CYS G 75 32.03 6.93 -15.01
CA CYS G 75 32.59 5.59 -14.86
C CYS G 75 31.95 4.66 -15.86
N THR G 76 30.67 4.90 -16.11
CA THR G 76 29.93 4.17 -17.14
C THR G 76 30.66 4.24 -18.47
N ALA G 77 31.07 5.44 -18.85
CA ALA G 77 31.77 5.68 -20.10
C ALA G 77 33.09 4.92 -20.13
N SER G 78 33.78 4.89 -19.00
CA SER G 78 35.04 4.16 -18.88
C SER G 78 34.82 2.65 -19.06
N LEU G 79 33.75 2.13 -18.46
CA LEU G 79 33.39 0.72 -18.61
C LEU G 79 33.07 0.38 -20.06
N GLU G 80 32.33 1.26 -20.73
CA GLU G 80 32.02 1.07 -22.14
C GLU G 80 33.31 1.05 -22.96
N MET G 81 34.20 1.96 -22.62
CA MET G 81 35.49 2.07 -23.27
C MET G 81 36.26 0.77 -23.05
N ALA G 82 36.15 0.18 -21.87
CA ALA G 82 36.83 -1.07 -21.57
C ALA G 82 36.38 -2.19 -22.49
N ALA G 83 35.06 -2.28 -22.72
CA ALA G 83 34.50 -3.32 -23.57
C ALA G 83 34.96 -3.17 -25.02
N LEU G 84 35.01 -1.92 -25.47
CA LEU G 84 35.47 -1.55 -26.79
C LEU G 84 36.94 -1.93 -26.97
N LEU G 85 37.75 -1.57 -25.97
CA LEU G 85 39.17 -1.88 -25.96
C LEU G 85 39.38 -3.38 -26.08
N LEU G 86 38.55 -4.14 -25.39
CA LEU G 86 38.70 -5.59 -25.39
C LEU G 86 37.98 -6.21 -26.58
N ASP G 87 37.42 -5.36 -27.44
CA ASP G 87 36.81 -5.80 -28.68
C ASP G 87 35.74 -6.86 -28.45
N ILE G 88 34.86 -6.60 -27.47
CA ILE G 88 33.78 -7.52 -27.17
C ILE G 88 32.85 -7.75 -28.36
N GLN G 89 32.61 -9.04 -28.64
CA GLN G 89 31.77 -9.45 -29.76
C GLN G 89 30.48 -10.11 -29.28
N PRO G 90 29.41 -10.03 -30.09
CA PRO G 90 28.19 -10.76 -29.76
C PRO G 90 28.46 -12.23 -29.48
N GLY G 91 27.94 -12.72 -28.36
CA GLY G 91 28.16 -14.10 -27.94
C GLY G 91 29.18 -14.28 -26.83
N ASP G 92 30.13 -13.36 -26.73
CA ASP G 92 31.12 -13.40 -25.64
C ASP G 92 30.42 -13.39 -24.30
N GLU G 93 30.96 -14.11 -23.33
CA GLU G 93 30.37 -14.13 -21.99
C GLU G 93 31.24 -13.33 -21.02
N VAL G 94 30.60 -12.52 -20.19
CA VAL G 94 31.31 -11.70 -19.20
C VAL G 94 30.76 -11.99 -17.80
N ILE G 95 31.67 -12.37 -16.91
CA ILE G 95 31.32 -12.71 -15.54
C ILE G 95 31.50 -11.48 -14.63
N MET G 96 30.49 -11.24 -13.80
CA MET G 96 30.48 -10.12 -12.86
C MET G 96 29.46 -10.44 -11.77
N PRO G 97 29.50 -9.73 -10.65
CA PRO G 97 28.45 -10.02 -9.66
C PRO G 97 27.10 -9.52 -10.15
N SER G 98 26.02 -10.09 -9.63
CA SER G 98 24.68 -9.55 -9.87
C SER G 98 24.43 -8.32 -9.01
N TYR G 99 25.13 -8.27 -7.88
CA TYR G 99 25.05 -7.15 -6.96
C TYR G 99 26.01 -6.05 -7.39
N THR G 100 25.58 -5.25 -8.36
CA THR G 100 26.36 -4.12 -8.85
C THR G 100 25.43 -3.14 -9.58
N PHE G 101 25.98 -2.01 -9.99
CA PHE G 101 25.21 -0.98 -10.69
C PHE G 101 24.96 -1.39 -12.15
N VAL G 102 23.85 -0.94 -12.73
CA VAL G 102 23.46 -1.35 -14.08
C VAL G 102 24.58 -1.16 -15.10
N SER G 103 25.39 -0.13 -14.90
CA SER G 103 26.43 0.24 -15.85
C SER G 103 27.47 -0.86 -15.99
N THR G 104 27.70 -1.61 -14.91
CA THR G 104 28.68 -2.68 -14.95
C THR G 104 28.29 -3.67 -16.04
N ALA G 105 26.98 -3.87 -16.19
CA ALA G 105 26.43 -4.78 -17.18
C ALA G 105 26.19 -4.12 -18.52
N ASN G 106 25.59 -2.93 -18.50
CA ASN G 106 25.24 -2.26 -19.76
C ASN G 106 26.43 -2.06 -20.71
N ALA G 107 27.59 -1.70 -20.14
CA ALA G 107 28.78 -1.38 -20.93
C ALA G 107 29.16 -2.52 -21.88
N PHE G 108 28.99 -3.75 -21.42
CA PHE G 108 29.38 -4.91 -22.21
C PHE G 108 28.20 -5.40 -23.06
N VAL G 109 26.98 -5.30 -22.52
CA VAL G 109 25.78 -5.64 -23.28
C VAL G 109 25.65 -4.79 -24.53
N LEU G 110 26.08 -3.54 -24.44
CA LEU G 110 26.08 -2.64 -25.60
C LEU G 110 26.91 -3.20 -26.75
N ARG G 111 27.89 -4.05 -26.44
CA ARG G 111 28.77 -4.67 -27.43
C ARG G 111 28.28 -6.04 -27.89
N GLY G 112 27.17 -6.49 -27.31
CA GLY G 112 26.55 -7.76 -27.63
C GLY G 112 26.95 -8.91 -26.72
N ALA G 113 27.58 -8.59 -25.61
CA ALA G 113 28.02 -9.62 -24.67
C ALA G 113 26.84 -10.23 -23.93
N LYS G 114 27.01 -11.47 -23.51
CA LYS G 114 26.09 -12.10 -22.57
C LYS G 114 26.66 -11.98 -21.17
N ILE G 115 25.82 -11.62 -20.20
CA ILE G 115 26.30 -11.43 -18.86
C ILE G 115 26.09 -12.70 -18.06
N VAL G 116 27.14 -13.18 -17.43
CA VAL G 116 27.05 -14.34 -16.55
C VAL G 116 27.25 -13.90 -15.10
N PHE G 117 26.20 -14.04 -14.29
CA PHE G 117 26.20 -13.60 -12.90
C PHE G 117 26.70 -14.66 -11.89
N VAL G 118 27.47 -14.20 -10.91
CA VAL G 118 27.97 -15.08 -9.84
C VAL G 118 27.58 -14.50 -8.46
N ASP G 119 27.21 -15.37 -7.52
CA ASP G 119 26.75 -14.95 -6.20
C ASP G 119 27.84 -14.18 -5.45
N VAL G 120 27.44 -13.36 -4.49
CA VAL G 120 28.40 -12.61 -3.68
C VAL G 120 28.80 -13.41 -2.45
N ARG G 121 29.95 -13.08 -1.90
CA ARG G 121 30.28 -13.48 -0.54
C ARG G 121 29.66 -12.46 0.42
N PRO G 122 28.96 -12.96 1.45
CA PRO G 122 28.12 -12.08 2.26
C PRO G 122 28.90 -11.12 3.16
N ASP G 123 30.15 -11.46 3.49
CA ASP G 123 30.90 -10.62 4.40
C ASP G 123 31.23 -9.26 3.79
N THR G 124 31.52 -9.25 2.48
CA THR G 124 31.88 -8.02 1.79
C THR G 124 30.94 -7.61 0.67
N MET G 125 30.01 -8.50 0.31
CA MET G 125 29.13 -8.29 -0.85
C MET G 125 29.92 -8.18 -2.17
N ASN G 126 31.16 -8.64 -2.16
CA ASN G 126 31.95 -8.70 -3.37
C ASN G 126 31.67 -10.03 -4.07
N ILE G 127 32.01 -10.14 -5.36
CA ILE G 127 31.85 -11.41 -6.06
C ILE G 127 32.62 -12.49 -5.32
N ASP G 128 31.97 -13.64 -5.14
CA ASP G 128 32.65 -14.74 -4.46
C ASP G 128 33.66 -15.38 -5.40
N GLU G 129 34.93 -15.13 -5.10
CA GLU G 129 36.05 -15.53 -5.95
C GLU G 129 36.16 -17.04 -6.11
N THR G 130 35.53 -17.78 -5.21
CA THR G 130 35.63 -19.24 -5.21
C THR G 130 34.54 -19.88 -6.08
N LEU G 131 33.65 -19.04 -6.58
CA LEU G 131 32.50 -19.47 -7.37
C LEU G 131 32.64 -19.07 -8.83
N ILE G 132 33.77 -18.44 -9.15
CA ILE G 132 33.98 -17.85 -10.47
C ILE G 132 34.29 -18.91 -11.54
N GLU G 133 35.23 -19.82 -11.29
CA GLU G 133 35.62 -20.80 -12.31
C GLU G 133 34.43 -21.60 -12.85
N ALA G 134 33.50 -21.96 -11.97
CA ALA G 134 32.34 -22.76 -12.38
C ALA G 134 31.48 -22.08 -13.46
N ALA G 135 31.62 -20.77 -13.63
CA ALA G 135 30.81 -20.01 -14.57
C ALA G 135 31.56 -19.81 -15.90
N ILE G 136 32.84 -20.14 -15.92
CA ILE G 136 33.66 -20.00 -17.13
C ILE G 136 33.28 -20.99 -18.24
N THR G 137 33.14 -20.48 -19.46
CA THR G 137 33.00 -21.32 -20.63
C THR G 137 34.00 -20.91 -21.72
N ASP G 138 33.90 -21.55 -22.87
CA ASP G 138 34.77 -21.24 -24.00
C ASP G 138 34.39 -19.88 -24.57
N LYS G 139 33.23 -19.40 -24.18
CA LYS G 139 32.73 -18.10 -24.61
C LYS G 139 33.21 -16.96 -23.70
N THR G 140 33.64 -17.29 -22.48
CA THR G 140 34.08 -16.27 -21.53
C THR G 140 35.33 -15.55 -22.02
N ARG G 141 35.37 -14.23 -21.84
CA ARG G 141 36.52 -13.44 -22.28
C ARG G 141 36.90 -12.42 -21.24
N VAL G 142 35.95 -12.05 -20.38
CA VAL G 142 36.19 -11.05 -19.37
C VAL G 142 35.54 -11.42 -18.04
N ILE G 143 36.27 -11.18 -16.95
CA ILE G 143 35.68 -11.13 -15.64
C ILE G 143 35.86 -9.72 -15.11
N VAL G 144 34.82 -9.18 -14.50
CA VAL G 144 34.84 -7.82 -13.99
C VAL G 144 34.44 -7.83 -12.51
N PRO G 145 35.44 -7.89 -11.63
CA PRO G 145 35.22 -7.78 -10.19
C PRO G 145 34.79 -6.38 -9.81
N VAL G 146 33.90 -6.28 -8.82
CA VAL G 146 33.44 -4.98 -8.35
C VAL G 146 33.86 -4.79 -6.91
N HIS G 147 34.60 -3.71 -6.64
CA HIS G 147 35.08 -3.45 -5.28
C HIS G 147 34.02 -2.72 -4.47
N TYR G 148 33.11 -3.48 -3.85
CA TYR G 148 31.97 -2.88 -3.18
C TYR G 148 32.37 -2.11 -1.92
N ALA G 149 31.85 -0.89 -1.80
CA ALA G 149 32.13 -0.02 -0.67
C ALA G 149 33.62 0.25 -0.51
N GLY G 150 34.35 0.17 -1.62
CA GLY G 150 35.79 0.41 -1.62
C GLY G 150 36.64 -0.65 -0.93
N VAL G 151 36.06 -1.81 -0.67
CA VAL G 151 36.77 -2.94 -0.09
C VAL G 151 37.11 -3.93 -1.21
N ALA G 152 38.40 -4.23 -1.36
CA ALA G 152 38.88 -5.01 -2.51
C ALA G 152 38.36 -6.44 -2.59
N CYS G 153 38.10 -6.89 -3.81
CA CYS G 153 37.85 -8.30 -4.09
C CYS G 153 39.12 -9.11 -3.87
N GLU G 154 38.98 -10.43 -3.76
CA GLU G 154 40.14 -11.29 -3.60
C GLU G 154 40.89 -11.38 -4.93
N MET G 155 41.68 -10.35 -5.20
CA MET G 155 42.23 -10.14 -6.54
C MET G 155 43.34 -11.14 -6.90
N ASP G 156 44.14 -11.56 -5.92
CA ASP G 156 45.18 -12.55 -6.18
C ASP G 156 44.56 -13.79 -6.78
N THR G 157 43.52 -14.28 -6.12
CA THR G 157 42.76 -15.41 -6.61
C THR G 157 42.22 -15.13 -8.00
N ILE G 158 41.64 -13.94 -8.13
CA ILE G 158 40.98 -13.58 -9.37
C ILE G 158 41.95 -13.40 -10.53
N MET G 159 43.08 -12.73 -10.27
CA MET G 159 44.10 -12.58 -11.31
C MET G 159 44.70 -13.92 -11.70
N ALA G 160 44.85 -14.80 -10.71
CA ALA G 160 45.37 -16.15 -10.95
C ALA G 160 44.44 -16.97 -11.83
N LEU G 161 43.17 -17.03 -11.43
CA LEU G 161 42.11 -17.67 -12.22
C LEU G 161 42.08 -17.18 -13.66
N ALA G 162 42.21 -15.86 -13.83
CA ALA G 162 42.12 -15.23 -15.14
C ALA G 162 43.34 -15.54 -16.01
N LYS G 163 44.50 -15.67 -15.38
CA LYS G 163 45.74 -16.06 -16.05
C LYS G 163 45.58 -17.49 -16.57
N LYS G 164 45.05 -18.35 -15.71
CA LYS G 164 44.80 -19.74 -16.02
C LYS G 164 43.92 -19.93 -17.25
N HIS G 165 42.90 -19.09 -17.40
CA HIS G 165 41.94 -19.30 -18.49
C HIS G 165 42.03 -18.22 -19.57
N ASN G 166 43.12 -17.46 -19.55
CA ASN G 166 43.36 -16.40 -20.52
C ASN G 166 42.22 -15.39 -20.63
N LEU G 167 41.73 -14.94 -19.50
CA LEU G 167 40.62 -13.97 -19.48
C LEU G 167 41.18 -12.62 -19.11
N PHE G 168 40.59 -11.56 -19.68
CA PHE G 168 40.89 -10.20 -19.25
C PHE G 168 40.18 -9.92 -17.93
N VAL G 169 40.77 -9.04 -17.13
CA VAL G 169 40.12 -8.56 -15.92
C VAL G 169 39.92 -7.07 -16.01
N VAL G 170 38.65 -6.64 -15.96
CA VAL G 170 38.34 -5.23 -15.91
C VAL G 170 37.86 -4.88 -14.50
N GLU G 171 38.61 -4.07 -13.78
CA GLU G 171 38.16 -3.65 -12.46
C GLU G 171 37.12 -2.55 -12.54
N ASP G 172 35.95 -2.80 -11.99
CA ASP G 172 35.00 -1.73 -11.73
C ASP G 172 35.32 -1.18 -10.34
N ALA G 173 36.19 -0.19 -10.31
CA ALA G 173 36.64 0.42 -9.07
C ALA G 173 35.99 1.80 -8.87
N ALA G 174 34.74 1.92 -9.31
CA ALA G 174 34.00 3.17 -9.21
C ALA G 174 34.09 3.74 -7.79
N GLN G 175 34.04 2.88 -6.80
CA GLN G 175 34.01 3.24 -5.40
C GLN G 175 35.38 3.15 -4.71
N GLY G 176 36.42 2.84 -5.48
CA GLY G 176 37.66 2.41 -4.87
C GLY G 176 38.86 3.32 -4.90
N VAL G 177 38.65 4.59 -5.27
CA VAL G 177 39.73 5.56 -5.28
C VAL G 177 40.29 5.75 -3.87
N MET G 178 41.61 5.61 -3.73
CA MET G 178 42.35 5.65 -2.45
C MET G 178 42.34 4.32 -1.69
N SER G 179 41.55 3.35 -2.15
CA SER G 179 41.59 2.02 -1.55
C SER G 179 42.77 1.20 -2.09
N THR G 180 43.28 0.28 -1.27
CA THR G 180 44.33 -0.61 -1.75
C THR G 180 44.07 -2.09 -1.40
N TYR G 181 44.72 -2.96 -2.17
CA TYR G 181 44.72 -4.41 -1.93
C TYR G 181 46.14 -4.94 -1.86
N LYS G 182 46.54 -5.39 -0.67
CA LYS G 182 47.90 -5.83 -0.43
C LYS G 182 48.91 -4.81 -0.95
N GLY G 183 48.64 -3.54 -0.65
CA GLY G 183 49.51 -2.43 -0.99
C GLY G 183 49.27 -1.82 -2.35
N ARG G 184 48.49 -2.50 -3.19
CA ARG G 184 48.22 -2.04 -4.54
C ARG G 184 46.91 -1.24 -4.66
N ALA G 185 46.99 -0.11 -5.35
CA ALA G 185 45.81 0.72 -5.55
C ALA G 185 44.77 -0.01 -6.39
N LEU G 186 43.55 -0.01 -5.88
CA LEU G 186 42.41 -0.57 -6.57
C LEU G 186 42.26 0.14 -7.90
N GLY G 187 41.93 -0.61 -8.94
CA GLY G 187 41.79 -0.06 -10.27
C GLY G 187 43.02 -0.26 -11.14
N THR G 188 44.13 -0.63 -10.50
CA THR G 188 45.40 -0.86 -11.19
C THR G 188 45.76 -2.36 -11.27
N ILE G 189 45.00 -3.20 -10.56
CA ILE G 189 45.26 -4.64 -10.51
C ILE G 189 44.55 -5.43 -11.64
N GLY G 190 44.51 -4.89 -12.84
CA GLY G 190 43.81 -5.58 -13.91
C GLY G 190 44.14 -4.95 -15.23
N HIS G 191 43.76 -5.59 -16.32
CA HIS G 191 44.09 -5.08 -17.65
C HIS G 191 43.51 -3.69 -17.84
N ILE G 192 42.29 -3.50 -17.34
CA ILE G 192 41.61 -2.20 -17.37
C ILE G 192 40.96 -1.92 -16.02
N GLY G 193 41.08 -0.68 -15.55
CA GLY G 193 40.39 -0.25 -14.35
C GLY G 193 39.47 0.92 -14.66
N CYS G 194 38.45 1.13 -13.82
CA CYS G 194 37.48 2.20 -14.02
C CYS G 194 37.19 2.95 -12.72
N PHE G 195 37.25 4.27 -12.78
CA PHE G 195 36.92 5.12 -11.65
C PHE G 195 35.62 5.88 -11.89
N SER G 196 34.93 6.21 -10.80
CA SER G 196 33.84 7.17 -10.85
C SER G 196 34.20 8.45 -10.10
N PHE G 197 33.78 9.59 -10.64
CA PHE G 197 33.90 10.87 -9.96
C PHE G 197 32.50 11.51 -9.87
N HIS G 198 31.50 10.65 -9.76
CA HIS G 198 30.12 11.06 -9.54
C HIS G 198 29.98 11.75 -8.18
N GLU G 199 28.95 12.58 -8.03
CA GLU G 199 28.79 13.35 -6.80
C GLU G 199 28.67 12.46 -5.57
N THR G 200 28.29 11.21 -5.76
CA THR G 200 28.12 10.32 -4.62
C THR G 200 29.44 9.67 -4.20
N LYS G 201 30.50 9.88 -4.99
CA LYS G 201 31.80 9.26 -4.69
C LYS G 201 32.63 10.11 -3.76
N ASN G 202 33.78 9.63 -3.37
CA ASN G 202 34.69 10.35 -2.47
C ASN G 202 35.31 11.56 -3.15
N TYR G 203 35.48 11.48 -4.47
CA TYR G 203 36.02 12.59 -5.23
C TYR G 203 35.17 12.80 -6.46
N THR G 204 34.83 14.06 -6.73
CA THR G 204 33.95 14.34 -7.85
C THR G 204 34.52 15.39 -8.79
N ALA G 205 34.26 15.19 -10.06
CA ALA G 205 34.68 16.15 -11.08
C ALA G 205 33.53 17.09 -11.37
N GLY G 206 33.10 17.85 -10.38
CA GLY G 206 32.01 18.78 -10.58
C GLY G 206 30.66 18.13 -10.75
N GLY G 207 30.55 16.88 -10.29
CA GLY G 207 29.27 16.16 -10.29
C GLY G 207 29.18 14.87 -11.08
N GLU G 208 29.85 14.83 -12.24
CA GLU G 208 29.91 13.62 -13.05
C GLU G 208 31.35 13.45 -13.54
N GLY G 209 31.78 12.22 -13.75
CA GLY G 209 33.12 11.97 -14.27
C GLY G 209 33.63 10.57 -14.07
N GLY G 210 34.68 10.22 -14.81
CA GLY G 210 35.32 8.93 -14.65
C GLY G 210 36.78 8.90 -15.10
N ALA G 211 37.41 7.76 -14.93
CA ALA G 211 38.77 7.52 -15.43
C ALA G 211 38.91 6.08 -15.89
N THR G 212 39.56 5.90 -17.04
CA THR G 212 39.95 4.57 -17.47
C THR G 212 41.42 4.34 -17.12
N LEU G 213 41.70 3.28 -16.37
CA LEU G 213 43.09 2.91 -16.10
C LEU G 213 43.54 1.76 -16.99
N ILE G 214 44.46 2.07 -17.90
CA ILE G 214 45.01 1.07 -18.82
C ILE G 214 46.30 0.52 -18.23
N ASN G 215 46.19 -0.55 -17.45
CA ASN G 215 47.33 -1.08 -16.73
C ASN G 215 48.09 -2.02 -17.65
N ASP G 216 47.35 -2.67 -18.56
CA ASP G 216 47.95 -3.49 -19.60
C ASP G 216 48.49 -2.57 -20.69
N LYS G 217 49.80 -2.40 -20.69
CA LYS G 217 50.50 -1.48 -21.60
C LYS G 217 50.19 -1.71 -23.10
N ALA G 218 49.79 -2.93 -23.46
CA ALA G 218 49.51 -3.29 -24.85
C ALA G 218 48.26 -2.60 -25.39
N LEU G 219 47.41 -2.14 -24.48
CA LEU G 219 46.13 -1.58 -24.84
C LEU G 219 46.14 -0.05 -24.97
N ILE G 220 47.25 0.58 -24.61
CA ILE G 220 47.29 2.04 -24.50
C ILE G 220 47.07 2.75 -25.84
N GLU G 221 47.72 2.29 -26.90
CA GLU G 221 47.63 2.92 -28.23
C GLU G 221 46.20 3.06 -28.74
N ARG G 222 45.47 1.95 -28.73
CA ARG G 222 44.10 1.94 -29.19
C ARG G 222 43.22 2.75 -28.23
N ALA G 223 43.50 2.62 -26.94
CA ALA G 223 42.77 3.36 -25.91
C ALA G 223 42.72 4.85 -26.20
N GLU G 224 43.86 5.43 -26.58
CA GLU G 224 43.92 6.86 -26.82
C GLU G 224 43.10 7.27 -28.05
N ILE G 225 43.05 6.40 -29.05
CA ILE G 225 42.33 6.70 -30.28
C ILE G 225 40.82 6.66 -30.12
N ILE G 226 40.30 5.60 -29.51
CA ILE G 226 38.87 5.46 -29.35
C ILE G 226 38.33 6.49 -28.37
N ARG G 227 39.17 6.93 -27.42
CA ARG G 227 38.80 7.95 -26.45
C ARG G 227 38.49 9.23 -27.18
N GLU G 228 39.28 9.51 -28.22
CA GLU G 228 39.12 10.70 -29.03
C GLU G 228 38.34 10.53 -30.35
N LYS G 229 37.14 9.96 -30.30
CA LYS G 229 36.22 9.85 -31.45
C LYS G 229 36.85 9.05 -32.58
N GLY G 230 37.77 8.15 -32.23
CA GLY G 230 38.39 7.31 -33.22
C GLY G 230 39.44 8.01 -34.08
N THR G 231 40.03 9.10 -33.58
CA THR G 231 41.09 9.78 -34.35
C THR G 231 42.45 9.74 -33.64
N ASN G 232 43.48 10.25 -34.29
CA ASN G 232 44.82 10.30 -33.69
C ASN G 232 45.20 11.72 -33.30
N ARG G 233 46.11 11.81 -32.32
CA ARG G 233 46.59 13.08 -31.80
C ARG G 233 48.02 13.45 -32.26
N TYR G 244 45.14 13.54 -38.03
CA TYR G 244 43.82 13.86 -37.49
C TYR G 244 42.72 13.42 -38.46
N THR G 245 42.48 12.12 -38.55
CA THR G 245 41.55 11.59 -39.52
C THR G 245 40.82 10.42 -38.87
N TRP G 246 39.73 9.98 -39.47
CA TRP G 246 39.00 8.84 -38.95
C TRP G 246 39.81 7.55 -39.06
N ARG G 247 40.23 7.00 -37.93
CA ARG G 247 41.14 5.86 -37.94
C ARG G 247 40.57 4.61 -37.25
N ASP G 248 39.52 4.77 -36.47
CA ASP G 248 38.91 3.66 -35.74
C ASP G 248 37.51 4.07 -35.25
N ILE G 249 36.79 3.15 -34.62
CA ILE G 249 35.58 3.53 -33.88
C ILE G 249 35.97 4.30 -32.62
N GLY G 250 35.02 5.05 -32.08
CA GLY G 250 35.25 5.77 -30.85
C GLY G 250 34.10 6.64 -30.39
N SER G 251 34.37 7.44 -29.36
CA SER G 251 33.39 8.35 -28.81
C SER G 251 34.11 9.59 -28.28
N SER G 252 33.34 10.51 -27.70
CA SER G 252 33.91 11.67 -27.03
C SER G 252 34.06 11.29 -25.58
N TYR G 253 35.10 10.53 -25.26
CA TYR G 253 35.32 10.09 -23.88
C TYR G 253 36.16 11.11 -23.11
N LEU G 254 35.76 12.38 -23.22
CA LEU G 254 36.44 13.47 -22.56
C LEU G 254 35.55 14.05 -21.47
N MET G 255 36.09 14.27 -20.28
CA MET G 255 35.39 15.13 -19.34
C MET G 255 35.87 16.52 -19.70
N SER G 256 35.08 17.55 -19.40
CA SER G 256 35.46 18.93 -19.64
C SER G 256 36.64 19.29 -18.73
N ASP G 257 37.40 20.31 -19.12
CA ASP G 257 38.56 20.70 -18.30
C ASP G 257 38.10 21.50 -17.07
N LEU G 258 36.90 22.10 -17.17
CA LEU G 258 36.25 22.76 -16.04
C LEU G 258 36.09 21.73 -14.93
N GLN G 259 35.54 20.57 -15.27
CA GLN G 259 35.43 19.45 -14.33
C GLN G 259 36.78 18.90 -13.82
N ALA G 260 37.77 18.80 -14.69
CA ALA G 260 39.06 18.30 -14.23
C ALA G 260 39.69 19.25 -13.21
N ALA G 261 39.49 20.54 -13.43
CA ALA G 261 39.95 21.55 -12.49
C ALA G 261 39.27 21.34 -11.15
N TYR G 262 37.97 21.09 -11.17
CA TYR G 262 37.24 20.75 -9.93
C TYR G 262 37.86 19.54 -9.28
N LEU G 263 38.08 18.50 -10.08
CA LEU G 263 38.68 17.26 -9.59
C LEU G 263 40.11 17.48 -9.08
N TRP G 264 40.90 18.29 -9.80
CA TRP G 264 42.28 18.57 -9.39
C TRP G 264 42.30 19.17 -7.98
N ALA G 265 41.38 20.09 -7.72
CA ALA G 265 41.21 20.67 -6.40
C ALA G 265 40.96 19.58 -5.36
N GLN G 266 40.17 18.58 -5.72
CA GLN G 266 39.83 17.54 -4.75
C GLN G 266 40.96 16.55 -4.50
N LEU G 267 41.73 16.23 -5.54
CA LEU G 267 42.90 15.37 -5.41
C LEU G 267 44.00 16.02 -4.54
N GLU G 268 44.09 17.35 -4.62
CA GLU G 268 44.99 18.11 -3.78
C GLU G 268 44.62 17.86 -2.31
N ALA G 269 43.34 17.59 -2.05
CA ALA G 269 42.91 17.30 -0.69
C ALA G 269 42.61 15.81 -0.50
N ALA G 270 43.28 14.98 -1.29
CA ALA G 270 42.98 13.55 -1.31
C ALA G 270 43.09 12.90 0.06
N ASP G 271 44.18 13.22 0.76
CA ASP G 271 44.48 12.60 2.04
C ASP G 271 43.62 13.15 3.16
N ARG G 272 43.34 14.46 3.09
CA ARG G 272 42.52 15.16 4.07
C ARG G 272 41.07 14.62 4.01
N ILE G 273 40.57 14.46 2.79
CA ILE G 273 39.24 13.89 2.54
C ILE G 273 39.13 12.44 3.04
N ASN G 274 40.12 11.63 2.67
CA ASN G 274 40.13 10.22 3.01
C ASN G 274 40.15 10.05 4.54
N GLN G 275 41.00 10.82 5.22
CA GLN G 275 41.18 10.76 6.67
C GLN G 275 39.91 11.17 7.37
N GLN G 276 39.29 12.21 6.84
CA GLN G 276 38.07 12.69 7.43
C GLN G 276 36.99 11.62 7.27
N ARG G 277 36.87 11.02 6.09
CA ARG G 277 35.87 9.96 5.89
C ARG G 277 36.12 8.75 6.79
N LEU G 278 37.38 8.33 6.93
CA LEU G 278 37.70 7.17 7.78
C LEU G 278 37.39 7.42 9.26
N ALA G 279 37.60 8.64 9.72
CA ALA G 279 37.28 8.99 11.10
C ALA G 279 35.74 8.90 11.29
N LEU G 280 34.98 9.49 10.37
CA LEU G 280 33.51 9.41 10.40
C LEU G 280 33.05 7.93 10.39
N TRP G 281 33.68 7.13 9.53
CA TRP G 281 33.36 5.71 9.42
C TRP G 281 33.54 5.00 10.75
N GLN G 282 34.66 5.28 11.40
CA GLN G 282 35.01 4.64 12.66
C GLN G 282 34.05 5.05 13.78
N ASN G 283 33.54 6.27 13.71
CA ASN G 283 32.53 6.71 14.68
C ASN G 283 31.33 5.81 14.60
N TYR G 284 30.90 5.51 13.37
CA TYR G 284 29.81 4.58 13.11
C TYR G 284 30.18 3.20 13.65
N TYR G 285 31.37 2.71 13.33
CA TYR G 285 31.75 1.36 13.75
C TYR G 285 31.79 1.23 15.27
N ASP G 286 32.44 2.19 15.91
CA ASP G 286 32.55 2.17 17.37
C ASP G 286 31.20 2.24 18.06
N ALA G 287 30.30 3.08 17.54
CA ALA G 287 28.99 3.24 18.19
C ALA G 287 28.10 2.01 18.01
N LEU G 288 28.20 1.35 16.85
CA LEU G 288 27.30 0.24 16.52
C LEU G 288 27.86 -1.15 16.84
N ALA G 289 29.15 -1.23 17.20
CA ALA G 289 29.80 -2.50 17.50
C ALA G 289 29.05 -3.32 18.58
N PRO G 290 28.61 -2.68 19.70
CA PRO G 290 27.89 -3.49 20.68
C PRO G 290 26.63 -4.17 20.14
N LEU G 291 25.86 -3.46 19.33
CA LEU G 291 24.67 -4.02 18.70
C LEU G 291 24.99 -5.18 17.77
N ALA G 292 26.18 -5.14 17.16
CA ALA G 292 26.62 -6.19 16.26
C ALA G 292 27.05 -7.44 17.02
N LYS G 293 27.74 -7.25 18.14
CA LYS G 293 28.21 -8.36 18.95
C LYS G 293 27.02 -9.07 19.60
N ALA G 294 25.89 -8.37 19.66
CA ALA G 294 24.69 -8.96 20.23
C ALA G 294 23.85 -9.66 19.14
N GLY G 295 24.28 -9.53 17.89
CA GLY G 295 23.62 -10.20 16.79
C GLY G 295 22.41 -9.46 16.25
N ARG G 296 22.18 -8.25 16.76
CA ARG G 296 21.03 -7.45 16.32
C ARG G 296 21.24 -6.95 14.89
N ILE G 297 22.51 -6.64 14.57
CA ILE G 297 22.90 -6.18 13.24
C ILE G 297 24.25 -6.79 12.89
N GLU G 298 24.68 -6.60 11.65
CA GLU G 298 26.04 -6.93 11.23
C GLU G 298 26.69 -5.66 10.70
N LEU G 299 27.99 -5.49 10.96
CA LEU G 299 28.71 -4.33 10.44
C LEU G 299 29.59 -4.81 9.29
N PRO G 300 30.11 -3.89 8.46
CA PRO G 300 30.92 -4.38 7.33
C PRO G 300 32.16 -5.15 7.77
N SER G 301 32.60 -6.08 6.94
CA SER G 301 33.86 -6.81 7.18
C SER G 301 34.91 -6.37 6.16
N ILE G 302 36.14 -6.25 6.62
CA ILE G 302 37.24 -5.85 5.75
C ILE G 302 38.38 -6.85 5.81
N PRO G 303 38.49 -7.71 4.78
CA PRO G 303 39.49 -8.77 4.76
C PRO G 303 40.91 -8.24 4.94
N ASP G 304 41.79 -9.11 5.44
CA ASP G 304 43.18 -8.75 5.66
C ASP G 304 43.86 -8.32 4.37
N GLY G 305 44.63 -7.25 4.42
CA GLY G 305 45.31 -6.78 3.21
C GLY G 305 44.52 -5.74 2.45
N CYS G 306 43.26 -5.58 2.83
CA CYS G 306 42.41 -4.58 2.20
C CYS G 306 42.42 -3.31 3.02
N VAL G 307 42.70 -2.20 2.35
CA VAL G 307 42.59 -0.90 2.97
C VAL G 307 41.45 -0.14 2.29
N GLN G 308 40.41 0.18 3.06
CA GLN G 308 39.24 0.85 2.50
C GLN G 308 39.39 2.36 2.47
N ASN G 309 38.44 3.02 1.83
CA ASN G 309 38.47 4.48 1.66
C ASN G 309 37.26 5.13 2.30
N ALA G 310 36.57 4.39 3.15
CA ALA G 310 35.36 4.88 3.82
C ALA G 310 34.36 5.43 2.83
N HIS G 311 34.19 4.75 1.69
CA HIS G 311 33.20 5.19 0.73
C HIS G 311 31.80 5.04 1.31
N MET G 312 31.62 4.04 2.15
CA MET G 312 30.28 3.67 2.55
C MET G 312 30.34 3.04 3.94
N PHE G 313 29.32 3.30 4.74
CA PHE G 313 29.12 2.51 5.94
C PHE G 313 27.75 1.87 5.86
N TYR G 314 27.71 0.56 5.66
CA TYR G 314 26.45 -0.16 5.58
C TYR G 314 26.22 -1.01 6.84
N ILE G 315 24.96 -1.35 7.10
CA ILE G 315 24.63 -2.31 8.13
C ILE G 315 23.68 -3.32 7.52
N LYS G 316 23.60 -4.51 8.10
CA LYS G 316 22.61 -5.49 7.65
C LYS G 316 21.58 -5.67 8.74
N LEU G 317 20.34 -5.39 8.37
CA LEU G 317 19.21 -5.59 9.26
C LEU G 317 18.82 -7.05 9.18
N ARG G 318 17.76 -7.43 9.88
CA ARG G 318 17.35 -8.84 9.89
C ARG G 318 16.77 -9.20 8.53
N ASP G 319 16.00 -8.30 7.95
CA ASP G 319 15.34 -8.55 6.67
C ASP G 319 14.82 -7.24 6.12
N ILE G 320 14.13 -7.28 4.98
CA ILE G 320 13.69 -6.07 4.29
C ILE G 320 12.68 -5.31 5.16
N ASP G 321 11.98 -6.02 6.02
CA ASP G 321 11.00 -5.36 6.87
C ASP G 321 11.68 -4.56 7.98
N ASP G 322 12.71 -5.16 8.59
CA ASP G 322 13.52 -4.47 9.60
C ASP G 322 14.12 -3.21 8.96
N ARG G 323 14.72 -3.35 7.79
CA ARG G 323 15.32 -2.23 7.09
C ARG G 323 14.27 -1.18 6.74
N SER G 324 13.10 -1.62 6.26
CA SER G 324 12.03 -0.68 5.91
C SER G 324 11.55 0.09 7.14
N ALA G 325 11.46 -0.59 8.28
CA ALA G 325 11.02 0.07 9.49
C ALA G 325 12.01 1.16 9.90
N LEU G 326 13.31 0.82 9.87
CA LEU G 326 14.36 1.77 10.24
C LEU G 326 14.40 2.98 9.32
N ILE G 327 14.28 2.74 8.02
CA ILE G 327 14.28 3.83 7.06
C ILE G 327 13.16 4.79 7.44
N ASN G 328 12.00 4.24 7.77
CA ASN G 328 10.87 5.09 8.14
C ASN G 328 11.10 5.77 9.47
N PHE G 329 11.69 5.04 10.41
CA PHE G 329 12.01 5.62 11.71
C PHE G 329 12.97 6.78 11.50
N LEU G 330 13.94 6.58 10.63
CA LEU G 330 14.92 7.63 10.36
C LEU G 330 14.29 8.79 9.61
N LYS G 331 13.45 8.49 8.64
CA LYS G 331 12.77 9.55 7.87
C LYS G 331 11.91 10.44 8.80
N GLU G 332 11.25 9.82 9.77
CA GLU G 332 10.49 10.56 10.78
C GLU G 332 11.44 11.54 11.50
N ALA G 333 12.68 11.15 11.70
CA ALA G 333 13.64 12.01 12.40
C ALA G 333 14.34 12.96 11.45
N GLU G 334 13.80 13.09 10.24
CA GLU G 334 14.40 13.91 9.19
C GLU G 334 15.86 13.49 8.89
N ILE G 335 16.08 12.17 8.86
CA ILE G 335 17.38 11.59 8.51
C ILE G 335 17.18 10.61 7.36
N MET G 336 18.01 10.76 6.34
CA MET G 336 17.90 9.97 5.13
C MET G 336 18.87 8.79 5.09
N ALA G 337 18.35 7.57 5.26
CA ALA G 337 19.16 6.38 5.05
C ALA G 337 18.57 5.60 3.90
N VAL G 338 19.40 4.80 3.25
CA VAL G 338 19.05 4.36 1.95
C VAL G 338 19.59 2.95 1.65
N PHE G 339 18.82 2.16 0.90
CA PHE G 339 19.34 0.89 0.43
C PHE G 339 20.14 1.15 -0.85
N HIS G 340 20.56 0.10 -1.54
CA HIS G 340 21.47 0.31 -2.68
C HIS G 340 21.01 -0.46 -3.90
N TYR G 341 21.88 -1.27 -4.47
CA TYR G 341 21.56 -1.99 -5.67
C TYR G 341 20.49 -3.07 -5.64
N ILE G 342 19.60 -3.03 -6.61
CA ILE G 342 18.68 -4.16 -6.86
C ILE G 342 19.37 -5.15 -7.77
N PRO G 343 19.49 -6.42 -7.33
CA PRO G 343 20.21 -7.43 -8.10
C PRO G 343 19.81 -7.44 -9.56
N LEU G 344 20.82 -7.33 -10.42
CA LEU G 344 20.63 -7.19 -11.85
C LEU G 344 19.97 -8.41 -12.50
N HIS G 345 20.30 -9.60 -12.00
CA HIS G 345 19.87 -10.86 -12.61
C HIS G 345 18.37 -11.03 -12.53
N GLY G 346 17.78 -10.49 -11.46
CA GLY G 346 16.35 -10.54 -11.25
C GLY G 346 15.57 -9.45 -11.98
N CYS G 347 16.29 -8.53 -12.62
CA CYS G 347 15.65 -7.44 -13.33
C CYS G 347 15.17 -7.90 -14.70
N PRO G 348 14.19 -7.20 -15.29
CA PRO G 348 13.67 -7.54 -16.61
C PRO G 348 14.82 -7.77 -17.57
N ALA G 349 15.66 -6.75 -17.70
CA ALA G 349 16.78 -6.75 -18.62
C ALA G 349 17.81 -7.81 -18.25
N GLY G 350 17.92 -8.10 -16.95
CA GLY G 350 18.91 -9.06 -16.50
C GLY G 350 18.53 -10.45 -16.95
N GLU G 351 17.22 -10.73 -16.93
CA GLU G 351 16.73 -12.01 -17.42
C GLU G 351 16.87 -12.13 -18.93
N HIS G 352 16.83 -10.98 -19.62
CA HIS G 352 16.97 -10.99 -21.07
C HIS G 352 18.43 -11.04 -21.55
N PHE G 353 19.29 -10.21 -20.98
CA PHE G 353 20.66 -10.05 -21.47
C PHE G 353 21.71 -10.91 -20.72
N GLY G 354 21.28 -11.53 -19.62
CA GLY G 354 22.20 -12.27 -18.78
C GLY G 354 21.66 -13.51 -18.11
N GLU G 355 22.53 -14.16 -17.35
CA GLU G 355 22.22 -15.43 -16.72
C GLU G 355 22.89 -15.60 -15.38
N PHE G 356 22.13 -16.04 -14.37
CA PHE G 356 22.74 -16.28 -13.06
C PHE G 356 23.28 -17.71 -12.98
N HIS G 357 24.58 -17.84 -12.82
CA HIS G 357 25.19 -19.15 -12.67
C HIS G 357 25.17 -19.61 -11.23
N GLY G 358 24.65 -20.81 -10.99
CA GLY G 358 24.58 -21.36 -9.66
C GLY G 358 23.39 -20.84 -8.92
N GLU G 359 23.40 -21.03 -7.61
CA GLU G 359 22.26 -20.64 -6.79
C GLU G 359 22.46 -19.24 -6.20
N ASP G 360 21.37 -18.48 -6.20
CA ASP G 360 21.30 -17.17 -5.58
C ASP G 360 21.16 -17.38 -4.06
N ARG G 361 22.29 -17.58 -3.40
CA ARG G 361 22.27 -17.90 -1.97
C ARG G 361 22.34 -16.63 -1.11
N TYR G 362 23.10 -15.64 -1.56
CA TYR G 362 23.31 -14.45 -0.76
C TYR G 362 22.88 -13.18 -1.47
N THR G 363 23.07 -13.11 -2.78
CA THR G 363 22.81 -11.89 -3.54
C THR G 363 21.44 -11.25 -3.26
N THR G 364 20.34 -11.98 -3.44
CA THR G 364 19.04 -11.35 -3.22
C THR G 364 18.78 -11.09 -1.74
N LYS G 365 19.05 -12.07 -0.89
CA LYS G 365 18.78 -11.98 0.54
C LYS G 365 19.54 -10.82 1.20
N GLU G 366 20.84 -10.78 0.98
CA GLU G 366 21.69 -9.77 1.60
C GLU G 366 21.39 -8.38 1.06
N SER G 367 21.06 -8.25 -0.22
CA SER G 367 20.76 -6.93 -0.76
C SER G 367 19.51 -6.32 -0.11
N GLU G 368 18.65 -7.18 0.40
CA GLU G 368 17.39 -6.75 0.97
C GLU G 368 17.51 -6.40 2.43
N ARG G 369 18.63 -6.72 3.05
CA ARG G 369 18.83 -6.35 4.45
C ARG G 369 19.90 -5.26 4.62
N LEU G 370 20.47 -4.83 3.50
CA LEU G 370 21.54 -3.84 3.52
C LEU G 370 21.03 -2.40 3.55
N LEU G 371 21.55 -1.62 4.48
CA LEU G 371 21.21 -0.20 4.62
C LEU G 371 22.47 0.65 4.71
N ARG G 372 22.55 1.73 3.92
CA ARG G 372 23.73 2.60 3.94
C ARG G 372 23.43 3.84 4.79
N LEU G 373 24.34 4.21 5.70
CA LEU G 373 24.15 5.35 6.62
C LEU G 373 24.80 6.61 6.05
N PRO G 374 24.27 7.80 6.40
CA PRO G 374 24.85 9.06 5.93
C PRO G 374 26.35 9.16 6.16
N LEU G 375 27.05 9.42 5.06
CA LEU G 375 28.49 9.46 5.07
C LEU G 375 28.99 10.31 3.92
N PHE G 376 29.59 11.44 4.24
CA PHE G 376 30.17 12.31 3.24
C PHE G 376 31.17 13.25 3.91
N TYR G 377 32.10 13.77 3.13
CA TYR G 377 33.21 14.55 3.67
C TYR G 377 32.77 15.71 4.55
N ASN G 378 31.74 16.42 4.08
CA ASN G 378 31.28 17.62 4.76
C ASN G 378 30.17 17.34 5.79
N LEU G 379 30.04 16.09 6.22
CA LEU G 379 29.07 15.74 7.26
C LEU G 379 29.54 16.23 8.64
N SER G 380 28.78 17.13 9.26
CA SER G 380 29.17 17.71 10.53
C SER G 380 29.13 16.66 11.62
N PRO G 381 30.03 16.78 12.63
CA PRO G 381 30.12 15.90 13.80
C PRO G 381 28.81 15.90 14.58
N VAL G 382 28.17 17.06 14.64
CA VAL G 382 26.93 17.21 15.38
C VAL G 382 25.83 16.41 14.66
N ASN G 383 25.81 16.44 13.33
CA ASN G 383 24.83 15.66 12.58
C ASN G 383 25.09 14.17 12.65
N GLN G 384 26.35 13.73 12.67
CA GLN G 384 26.59 12.29 12.78
C GLN G 384 26.15 11.79 14.16
N ARG G 385 26.46 12.55 15.21
CA ARG G 385 26.03 12.18 16.57
C ARG G 385 24.52 12.03 16.62
N THR G 386 23.84 12.91 15.89
CA THR G 386 22.39 12.87 15.77
C THR G 386 21.92 11.59 15.09
N VAL G 387 22.56 11.24 13.98
CA VAL G 387 22.26 10.00 13.25
C VAL G 387 22.45 8.79 14.16
N ILE G 388 23.59 8.73 14.82
CA ILE G 388 23.93 7.62 15.68
C ILE G 388 22.91 7.45 16.82
N ALA G 389 22.56 8.55 17.46
CA ALA G 389 21.61 8.54 18.57
C ALA G 389 20.25 8.03 18.12
N THR G 390 19.82 8.46 16.94
CA THR G 390 18.56 8.00 16.38
C THR G 390 18.56 6.51 16.09
N LEU G 391 19.68 6.00 15.57
CA LEU G 391 19.81 4.57 15.29
C LEU G 391 19.70 3.73 16.56
N LEU G 392 20.47 4.10 17.56
CA LEU G 392 20.47 3.39 18.82
C LEU G 392 19.10 3.42 19.48
N ASN G 393 18.35 4.47 19.20
CA ASN G 393 17.00 4.63 19.71
C ASN G 393 16.10 3.58 19.03
N TYR G 394 16.20 3.47 17.72
CA TYR G 394 15.47 2.48 16.97
C TYR G 394 15.78 1.07 17.46
N PHE G 395 17.04 0.81 17.78
CA PHE G 395 17.48 -0.54 18.16
C PHE G 395 17.22 -0.86 19.63
N SER G 396 16.33 -0.08 20.23
CA SER G 396 15.74 -0.32 21.55
C SER G 396 14.91 0.90 21.93
N HIS H 20 49.91 35.80 -27.52
CA HIS H 20 50.79 35.74 -28.68
C HIS H 20 49.94 35.80 -29.94
N MET H 21 49.30 34.68 -30.28
CA MET H 21 48.50 34.55 -31.49
C MET H 21 47.06 34.98 -31.27
N ILE H 22 46.47 35.53 -32.32
CA ILE H 22 45.04 35.70 -32.43
C ILE H 22 44.55 34.30 -32.74
N PRO H 23 43.77 33.70 -31.82
CA PRO H 23 43.37 32.32 -31.96
C PRO H 23 42.28 32.17 -32.97
N PHE H 24 42.13 30.95 -33.49
CA PHE H 24 41.02 30.69 -34.37
C PHE H 24 39.76 30.76 -33.54
N ASN H 25 39.82 30.23 -32.33
CA ASN H 25 38.66 30.25 -31.48
C ASN H 25 39.02 30.42 -30.00
N ALA H 26 38.13 31.06 -29.25
CA ALA H 26 38.19 31.03 -27.79
C ALA H 26 36.77 30.85 -27.26
N PRO H 27 36.60 29.99 -26.25
CA PRO H 27 35.26 29.69 -25.69
C PRO H 27 34.51 30.93 -25.27
N PRO H 28 33.19 30.96 -25.51
CA PRO H 28 32.41 32.13 -25.07
C PRO H 28 32.50 32.34 -23.58
N VAL H 29 32.78 33.57 -23.15
CA VAL H 29 32.70 33.93 -21.74
C VAL H 29 31.79 35.14 -21.58
N VAL H 30 30.69 34.97 -20.86
CA VAL H 30 29.76 36.06 -20.69
C VAL H 30 30.10 36.89 -19.44
N GLY H 31 30.54 36.23 -18.37
CA GLY H 31 30.90 36.93 -17.16
C GLY H 31 30.00 36.55 -15.98
N THR H 32 28.96 35.79 -16.27
CA THR H 32 28.01 35.43 -15.21
C THR H 32 28.13 33.97 -14.80
N GLU H 33 28.91 33.22 -15.56
CA GLU H 33 28.99 31.78 -15.38
C GLU H 33 29.42 31.38 -13.95
N LEU H 34 30.39 32.10 -13.40
CA LEU H 34 30.93 31.79 -12.07
C LEU H 34 29.84 31.95 -10.99
N ASP H 35 29.03 32.98 -11.12
CA ASP H 35 27.97 33.18 -10.14
C ASP H 35 26.98 32.01 -10.20
N TYR H 36 26.57 31.59 -11.40
CA TYR H 36 25.65 30.46 -11.47
C TYR H 36 26.27 29.16 -10.96
N MET H 37 27.52 28.93 -11.29
CA MET H 37 28.19 27.72 -10.81
C MET H 37 28.31 27.69 -9.30
N GLN H 38 28.59 28.85 -8.70
CA GLN H 38 28.61 28.94 -7.25
C GLN H 38 27.26 28.52 -6.69
N SER H 39 26.19 29.01 -7.30
CA SER H 39 24.83 28.65 -6.88
C SER H 39 24.63 27.15 -6.92
N ALA H 40 25.08 26.52 -8.00
CA ALA H 40 24.94 25.08 -8.15
C ALA H 40 25.71 24.35 -7.04
N MET H 41 26.95 24.79 -6.79
CA MET H 41 27.78 24.21 -5.73
C MET H 41 27.13 24.41 -4.36
N GLY H 42 26.48 25.54 -4.17
CA GLY H 42 25.86 25.84 -2.90
C GLY H 42 24.63 24.97 -2.65
N SER H 43 24.03 24.47 -3.72
CA SER H 43 22.77 23.72 -3.61
C SER H 43 22.98 22.27 -3.17
N GLY H 44 24.20 21.77 -3.29
CA GLY H 44 24.49 20.39 -2.94
C GLY H 44 24.08 19.36 -4.00
N LYS H 45 23.63 19.82 -5.16
CA LYS H 45 23.41 18.86 -6.22
C LYS H 45 24.26 19.24 -7.44
N LEU H 46 25.17 18.35 -7.83
CA LEU H 46 26.07 18.62 -8.96
C LEU H 46 26.00 17.58 -10.11
N CYS H 47 25.47 16.40 -9.84
CA CYS H 47 25.33 15.36 -10.88
C CYS H 47 24.24 15.73 -11.89
N GLY H 48 24.14 14.93 -12.96
CA GLY H 48 23.22 15.22 -14.05
C GLY H 48 21.78 15.25 -13.62
N ASP H 49 20.94 15.92 -14.42
CA ASP H 49 19.53 16.03 -14.16
C ASP H 49 19.26 16.78 -12.86
N GLY H 50 20.12 17.75 -12.56
CA GLY H 50 19.87 18.60 -11.42
C GLY H 50 19.11 19.82 -11.91
N GLY H 51 19.01 20.84 -11.05
CA GLY H 51 18.24 22.04 -11.31
C GLY H 51 18.60 22.79 -12.57
N PHE H 52 19.89 22.97 -12.80
CA PHE H 52 20.29 23.75 -13.96
C PHE H 52 20.10 22.99 -15.25
N THR H 53 20.23 21.67 -15.16
CA THR H 53 19.94 20.82 -16.31
C THR H 53 18.52 20.98 -16.78
N ARG H 54 17.60 20.94 -15.84
CA ARG H 54 16.18 21.04 -16.09
C ARG H 54 15.81 22.41 -16.62
N ARG H 55 16.45 23.43 -16.08
CA ARG H 55 16.17 24.80 -16.51
C ARG H 55 16.62 25.02 -17.94
N CYS H 56 17.80 24.51 -18.29
CA CYS H 56 18.32 24.58 -19.67
C CYS H 56 17.39 23.88 -20.67
N GLN H 57 16.94 22.67 -20.34
CA GLN H 57 16.06 21.89 -21.17
C GLN H 57 14.72 22.61 -21.41
N GLN H 58 14.18 23.23 -20.37
CA GLN H 58 12.96 24.04 -20.48
C GLN H 58 13.18 25.18 -21.45
N TRP H 59 14.31 25.87 -21.27
CA TRP H 59 14.74 26.98 -22.12
C TRP H 59 14.76 26.52 -23.57
N LEU H 60 15.41 25.38 -23.81
CA LEU H 60 15.56 24.84 -25.15
C LEU H 60 14.19 24.40 -25.71
N GLU H 61 13.40 23.71 -24.89
CA GLU H 61 12.07 23.26 -25.32
C GLU H 61 11.19 24.42 -25.75
N GLN H 62 11.12 25.46 -24.96
CA GLN H 62 10.21 26.56 -25.26
C GLN H 62 10.76 27.47 -26.38
N ARG H 63 12.05 27.79 -26.33
CA ARG H 63 12.65 28.69 -27.34
C ARG H 63 12.70 28.03 -28.73
N PHE H 64 13.00 26.75 -28.78
CA PHE H 64 13.19 26.11 -30.08
C PHE H 64 11.97 25.29 -30.54
N GLY H 65 11.09 24.96 -29.60
CA GLY H 65 9.88 24.22 -29.93
C GLY H 65 10.09 22.73 -30.11
N SER H 66 10.55 22.07 -29.05
CA SER H 66 10.75 20.62 -29.04
C SER H 66 10.03 19.96 -27.88
N ALA H 67 9.48 18.78 -28.16
CA ALA H 67 8.68 18.06 -27.17
C ALA H 67 9.50 17.68 -25.95
N LYS H 68 10.75 17.30 -26.17
CA LYS H 68 11.62 16.86 -25.09
C LYS H 68 13.09 17.14 -25.43
N VAL H 69 13.79 17.84 -24.53
CA VAL H 69 15.23 18.05 -24.67
C VAL H 69 15.99 17.44 -23.50
N LEU H 70 17.07 16.72 -23.79
CA LEU H 70 17.86 16.05 -22.75
C LEU H 70 19.34 16.36 -22.91
N LEU H 71 19.92 16.96 -21.87
CA LEU H 71 21.32 17.32 -21.90
C LEU H 71 22.23 16.12 -21.73
N THR H 72 23.31 16.07 -22.52
CA THR H 72 24.20 14.92 -22.54
C THR H 72 25.69 15.37 -22.41
N PRO H 73 26.62 14.42 -22.21
CA PRO H 73 28.02 14.86 -22.07
C PRO H 73 28.67 15.40 -23.34
N SER H 74 28.06 15.19 -24.51
CA SER H 74 28.64 15.60 -25.79
C SER H 74 27.63 15.38 -26.92
N CYS H 75 27.82 16.06 -28.04
CA CYS H 75 26.95 15.82 -29.19
C CYS H 75 27.11 14.39 -29.68
N THR H 76 28.34 13.88 -29.59
CA THR H 76 28.65 12.49 -29.90
C THR H 76 27.74 11.57 -29.10
N ALA H 77 27.63 11.86 -27.82
CA ALA H 77 26.80 11.07 -26.92
C ALA H 77 25.34 11.10 -27.35
N SER H 78 24.87 12.26 -27.79
CA SER H 78 23.49 12.41 -28.27
C SER H 78 23.26 11.59 -29.55
N LEU H 79 24.26 11.66 -30.44
CA LEU H 79 24.22 10.91 -31.69
C LEU H 79 24.19 9.41 -31.38
N GLU H 80 25.01 8.99 -30.42
CA GLU H 80 25.00 7.59 -30.00
C GLU H 80 23.66 7.19 -29.43
N MET H 81 23.11 8.08 -28.62
CA MET H 81 21.82 7.88 -28.02
C MET H 81 20.72 7.74 -29.08
N ALA H 82 20.82 8.56 -30.11
CA ALA H 82 19.86 8.53 -31.21
C ALA H 82 19.89 7.17 -31.89
N ALA H 83 21.08 6.65 -32.12
CA ALA H 83 21.27 5.37 -32.78
C ALA H 83 20.67 4.28 -31.90
N LEU H 84 20.90 4.42 -30.61
CA LEU H 84 20.36 3.50 -29.63
C LEU H 84 18.83 3.53 -29.62
N LEU H 85 18.25 4.73 -29.58
CA LEU H 85 16.80 4.92 -29.59
C LEU H 85 16.09 4.27 -30.77
N LEU H 86 16.72 4.39 -31.94
CA LEU H 86 16.15 3.90 -33.19
C LEU H 86 16.39 2.43 -33.43
N ASP H 87 17.01 1.78 -32.45
CA ASP H 87 17.24 0.34 -32.47
C ASP H 87 18.00 -0.06 -33.74
N ILE H 88 19.04 0.70 -34.07
CA ILE H 88 19.88 0.40 -35.22
C ILE H 88 20.52 -0.98 -35.07
N GLN H 89 20.37 -1.77 -36.14
CA GLN H 89 20.90 -3.12 -36.17
C GLN H 89 22.03 -3.23 -37.19
N PRO H 90 22.95 -4.18 -36.96
CA PRO H 90 23.98 -4.45 -37.96
C PRO H 90 23.40 -4.71 -39.35
N GLY H 91 23.94 -4.01 -40.34
CA GLY H 91 23.47 -4.11 -41.70
C GLY H 91 22.60 -2.94 -42.13
N ASP H 92 21.94 -2.30 -41.16
CA ASP H 92 21.16 -1.11 -41.44
C ASP H 92 22.04 -0.05 -42.09
N GLU H 93 21.48 0.70 -43.02
CA GLU H 93 22.22 1.76 -43.69
C GLU H 93 21.84 3.16 -43.27
N VAL H 94 22.85 3.99 -43.09
CA VAL H 94 22.64 5.37 -42.68
C VAL H 94 23.28 6.32 -43.70
N ILE H 95 22.48 7.24 -44.24
CA ILE H 95 22.96 8.20 -45.23
C ILE H 95 23.39 9.49 -44.53
N MET H 96 24.57 9.99 -44.89
CA MET H 96 25.09 11.22 -44.30
C MET H 96 26.17 11.81 -45.22
N PRO H 97 26.55 13.09 -45.02
CA PRO H 97 27.63 13.55 -45.90
C PRO H 97 28.95 12.90 -45.53
N SER H 98 29.89 12.84 -46.47
CA SER H 98 31.25 12.44 -46.13
C SER H 98 31.98 13.62 -45.49
N TYR H 99 31.52 14.81 -45.84
CA TYR H 99 32.04 16.04 -45.30
C TYR H 99 31.33 16.36 -44.00
N THR H 100 31.77 15.71 -42.92
CA THR H 100 31.25 15.94 -41.58
C THR H 100 32.26 15.45 -40.54
N PHE H 101 31.95 15.67 -39.28
CA PHE H 101 32.83 15.25 -38.21
C PHE H 101 32.68 13.74 -38.02
N VAL H 102 33.75 13.08 -37.58
CA VAL H 102 33.78 11.62 -37.45
C VAL H 102 32.62 11.06 -36.64
N SER H 103 32.18 11.84 -35.66
CA SER H 103 31.17 11.40 -34.72
C SER H 103 29.82 11.11 -35.38
N THR H 104 29.47 11.83 -36.45
CA THR H 104 28.20 11.61 -37.13
C THR H 104 28.12 10.14 -37.56
N ALA H 105 29.26 9.57 -37.94
CA ALA H 105 29.34 8.19 -38.38
C ALA H 105 29.58 7.21 -37.23
N ASN H 106 30.54 7.52 -36.35
CA ASN H 106 30.91 6.59 -35.29
C ASN H 106 29.70 6.16 -34.47
N ALA H 107 28.80 7.10 -34.18
CA ALA H 107 27.63 6.83 -33.35
C ALA H 107 26.80 5.67 -33.86
N PHE H 108 26.68 5.56 -35.18
CA PHE H 108 25.85 4.53 -35.79
C PHE H 108 26.63 3.26 -36.08
N VAL H 109 27.88 3.44 -36.47
CA VAL H 109 28.80 2.33 -36.71
C VAL H 109 28.91 1.52 -35.42
N LEU H 110 28.86 2.21 -34.28
CA LEU H 110 28.87 1.55 -32.99
C LEU H 110 27.72 0.53 -32.88
N ARG H 111 26.63 0.76 -33.61
CA ARG H 111 25.49 -0.16 -33.58
C ARG H 111 25.59 -1.18 -34.70
N GLY H 112 26.62 -1.05 -35.53
CA GLY H 112 26.81 -1.98 -36.63
C GLY H 112 26.25 -1.49 -37.94
N ALA H 113 25.88 -0.22 -38.02
CA ALA H 113 25.31 0.29 -39.28
C ALA H 113 26.39 0.43 -40.35
N LYS H 114 25.99 0.31 -41.62
CA LYS H 114 26.87 0.68 -42.72
C LYS H 114 26.53 2.10 -43.19
N ILE H 115 27.56 2.90 -43.43
CA ILE H 115 27.36 4.30 -43.81
C ILE H 115 27.38 4.50 -45.32
N VAL H 116 26.36 5.16 -45.83
CA VAL H 116 26.31 5.51 -47.24
C VAL H 116 26.49 7.01 -47.41
N PHE H 117 27.58 7.43 -48.02
CA PHE H 117 27.90 8.84 -48.17
C PHE H 117 27.33 9.48 -49.43
N VAL H 118 26.87 10.72 -49.30
CA VAL H 118 26.35 11.47 -50.44
C VAL H 118 27.13 12.78 -50.56
N ASP H 119 27.42 13.17 -51.80
CA ASP H 119 28.22 14.35 -52.10
C ASP H 119 27.54 15.61 -51.56
N VAL H 120 28.33 16.63 -51.33
CA VAL H 120 27.79 17.89 -50.86
C VAL H 120 27.38 18.77 -52.02
N ARG H 121 26.48 19.71 -51.76
CA ARG H 121 26.30 20.83 -52.65
C ARG H 121 27.33 21.87 -52.21
N PRO H 122 28.11 22.41 -53.16
CA PRO H 122 29.27 23.22 -52.82
C PRO H 122 28.96 24.58 -52.21
N ASP H 123 27.78 25.14 -52.48
CA ASP H 123 27.44 26.47 -51.98
C ASP H 123 27.36 26.48 -50.46
N THR H 124 26.84 25.40 -49.87
CA THR H 124 26.70 25.34 -48.42
C THR H 124 27.52 24.23 -47.76
N MET H 125 28.10 23.35 -48.57
CA MET H 125 28.80 22.15 -48.08
C MET H 125 27.85 21.24 -47.28
N ASN H 126 26.55 21.44 -47.47
CA ASN H 126 25.56 20.55 -46.87
C ASN H 126 25.34 19.39 -47.81
N ILE H 127 24.75 18.30 -47.30
CA ILE H 127 24.42 17.16 -48.14
C ILE H 127 23.54 17.68 -49.27
N ASP H 128 23.85 17.26 -50.49
CA ASP H 128 23.02 17.66 -51.63
C ASP H 128 21.72 16.87 -51.57
N GLU H 129 20.63 17.54 -51.24
CA GLU H 129 19.36 16.85 -51.01
C GLU H 129 18.83 16.12 -52.26
N THR H 130 19.35 16.48 -53.43
CA THR H 130 18.89 15.89 -54.69
C THR H 130 19.64 14.61 -55.09
N LEU H 131 20.67 14.26 -54.32
CA LEU H 131 21.48 13.10 -54.65
C LEU H 131 21.22 12.01 -53.62
N ILE H 132 20.32 12.31 -52.70
CA ILE H 132 20.03 11.45 -51.56
C ILE H 132 19.20 10.23 -51.91
N GLU H 133 18.09 10.46 -52.60
CA GLU H 133 17.16 9.38 -52.94
C GLU H 133 17.87 8.25 -53.68
N ALA H 134 18.78 8.64 -54.60
CA ALA H 134 19.52 7.67 -55.39
C ALA H 134 20.39 6.75 -54.53
N ALA H 135 20.66 7.17 -53.29
CA ALA H 135 21.53 6.41 -52.40
C ALA H 135 20.73 5.53 -51.45
N ILE H 136 19.42 5.74 -51.44
CA ILE H 136 18.51 4.96 -50.61
C ILE H 136 18.41 3.52 -51.11
N THR H 137 18.49 2.55 -50.20
CA THR H 137 18.18 1.17 -50.55
C THR H 137 17.16 0.63 -49.56
N ASP H 138 16.84 -0.66 -49.71
CA ASP H 138 15.90 -1.33 -48.81
C ASP H 138 16.47 -1.57 -47.41
N LYS H 139 17.79 -1.42 -47.28
CA LYS H 139 18.46 -1.57 -46.00
C LYS H 139 18.53 -0.26 -45.21
N THR H 140 18.33 0.86 -45.92
CA THR H 140 18.41 2.17 -45.33
C THR H 140 17.32 2.36 -44.28
N ARG H 141 17.66 3.00 -43.16
CA ARG H 141 16.69 3.20 -42.11
C ARG H 141 16.76 4.62 -41.55
N VAL H 142 17.91 5.28 -41.74
CA VAL H 142 18.11 6.63 -41.24
C VAL H 142 18.86 7.50 -42.23
N ILE H 143 18.44 8.75 -42.38
CA ILE H 143 19.29 9.77 -42.99
C ILE H 143 19.61 10.87 -41.95
N VAL H 144 20.87 11.30 -41.93
CA VAL H 144 21.29 12.30 -40.98
C VAL H 144 21.99 13.48 -41.67
N PRO H 145 21.21 14.54 -41.97
CA PRO H 145 21.72 15.80 -42.53
C PRO H 145 22.53 16.58 -41.50
N VAL H 146 23.58 17.27 -41.94
CA VAL H 146 24.40 18.06 -41.04
C VAL H 146 24.29 19.54 -41.39
N HIS H 147 23.88 20.38 -40.45
CA HIS H 147 23.72 21.80 -40.74
C HIS H 147 25.06 22.53 -40.60
N TYR H 148 25.79 22.52 -41.71
CA TYR H 148 27.17 23.01 -41.73
C TYR H 148 27.24 24.52 -41.57
N ALA H 149 28.11 24.98 -40.67
CA ALA H 149 28.32 26.40 -40.36
C ALA H 149 27.02 27.05 -39.87
N GLY H 150 26.14 26.24 -39.31
CA GLY H 150 24.86 26.74 -38.81
C GLY H 150 23.91 27.14 -39.92
N VAL H 151 24.20 26.72 -41.15
CA VAL H 151 23.33 26.96 -42.28
C VAL H 151 22.54 25.68 -42.59
N ALA H 152 21.20 25.80 -42.55
CA ALA H 152 20.30 24.65 -42.62
C ALA H 152 20.41 23.88 -43.93
N CYS H 153 20.29 22.57 -43.84
CA CYS H 153 20.09 21.73 -45.03
C CYS H 153 18.74 22.02 -45.62
N GLU H 154 18.51 21.61 -46.87
CA GLU H 154 17.22 21.79 -47.53
C GLU H 154 16.22 20.83 -46.92
N MET H 155 15.68 21.20 -45.76
CA MET H 155 14.94 20.27 -44.91
C MET H 155 13.57 19.86 -45.45
N ASP H 156 12.85 20.76 -46.13
CA ASP H 156 11.54 20.38 -46.69
C ASP H 156 11.67 19.15 -47.60
N THR H 157 12.63 19.23 -48.53
CA THR H 157 12.94 18.12 -49.43
C THR H 157 13.32 16.85 -48.69
N ILE H 158 14.17 16.97 -47.69
CA ILE H 158 14.72 15.84 -46.97
C ILE H 158 13.65 15.10 -46.14
N MET H 159 12.80 15.87 -45.48
CA MET H 159 11.69 15.30 -44.70
C MET H 159 10.70 14.59 -45.61
N ALA H 160 10.48 15.13 -46.80
CA ALA H 160 9.57 14.52 -47.77
C ALA H 160 10.08 13.15 -48.19
N LEU H 161 11.35 13.12 -48.61
CA LEU H 161 12.07 11.90 -48.95
C LEU H 161 11.97 10.85 -47.84
N ALA H 162 12.12 11.28 -46.59
CA ALA H 162 12.11 10.35 -45.47
C ALA H 162 10.69 9.83 -45.24
N LYS H 163 9.72 10.70 -45.48
CA LYS H 163 8.32 10.32 -45.43
C LYS H 163 8.00 9.31 -46.54
N LYS H 164 8.47 9.63 -47.74
CA LYS H 164 8.27 8.81 -48.92
C LYS H 164 8.81 7.40 -48.73
N HIS H 165 9.95 7.26 -48.07
CA HIS H 165 10.56 5.94 -47.95
C HIS H 165 10.52 5.43 -46.53
N ASN H 166 9.68 6.05 -45.70
CA ASN H 166 9.53 5.65 -44.29
C ASN H 166 10.85 5.59 -43.53
N LEU H 167 11.68 6.62 -43.71
CA LEU H 167 13.00 6.72 -43.06
C LEU H 167 12.94 7.73 -41.91
N PHE H 168 13.72 7.47 -40.86
CA PHE H 168 13.92 8.44 -39.80
C PHE H 168 14.90 9.52 -40.23
N VAL H 169 14.74 10.73 -39.68
CA VAL H 169 15.71 11.79 -39.88
C VAL H 169 16.30 12.20 -38.54
N VAL H 170 17.61 12.04 -38.38
CA VAL H 170 18.32 12.51 -37.21
C VAL H 170 19.13 13.73 -37.60
N GLU H 171 18.80 14.90 -37.05
CA GLU H 171 19.59 16.10 -37.33
C GLU H 171 20.90 16.17 -36.52
N ASP H 172 22.04 16.23 -37.20
CA ASP H 172 23.27 16.61 -36.53
C ASP H 172 23.36 18.12 -36.59
N ALA H 173 22.80 18.77 -35.57
CA ALA H 173 22.75 20.22 -35.47
C ALA H 173 23.76 20.76 -34.46
N ALA H 174 24.91 20.09 -34.40
CA ALA H 174 25.97 20.47 -33.48
C ALA H 174 26.27 21.96 -33.56
N GLN H 175 26.24 22.49 -34.78
CA GLN H 175 26.61 23.87 -35.05
C GLN H 175 25.42 24.84 -35.19
N GLY H 176 24.20 24.37 -34.96
CA GLY H 176 23.04 25.12 -35.37
C GLY H 176 22.14 25.80 -34.36
N VAL H 177 22.60 25.90 -33.12
CA VAL H 177 21.85 26.56 -32.07
C VAL H 177 21.66 28.05 -32.40
N MET H 178 20.38 28.50 -32.39
CA MET H 178 19.95 29.87 -32.76
C MET H 178 19.80 30.03 -34.28
N SER H 179 20.22 29.03 -35.04
CA SER H 179 19.95 29.03 -36.47
C SER H 179 18.51 28.56 -36.70
N THR H 180 17.86 29.01 -37.77
CA THR H 180 16.52 28.52 -38.10
C THR H 180 16.35 28.12 -39.56
N TYR H 181 15.35 27.27 -39.81
CA TYR H 181 14.97 26.89 -41.17
C TYR H 181 13.50 27.18 -41.37
N LYS H 182 13.20 28.15 -42.23
CA LYS H 182 11.83 28.58 -42.45
C LYS H 182 11.09 28.80 -41.13
N GLY H 183 11.72 29.50 -40.19
CA GLY H 183 11.09 29.83 -38.93
C GLY H 183 11.24 28.77 -37.86
N ARG H 184 11.70 27.60 -38.27
CA ARG H 184 11.88 26.45 -37.40
C ARG H 184 13.34 26.33 -36.90
N ALA H 185 13.50 26.11 -35.60
CA ALA H 185 14.83 25.95 -34.98
C ALA H 185 15.55 24.71 -35.50
N LEU H 186 16.81 24.87 -35.90
CA LEU H 186 17.56 23.72 -36.33
C LEU H 186 17.61 22.74 -35.16
N GLY H 187 17.48 21.45 -35.46
CA GLY H 187 17.47 20.44 -34.43
C GLY H 187 16.09 19.98 -34.03
N THR H 188 15.06 20.75 -34.42
CA THR H 188 13.73 20.35 -34.00
C THR H 188 12.90 19.77 -35.16
N ILE H 189 13.48 19.87 -36.36
CA ILE H 189 12.88 19.39 -37.60
C ILE H 189 13.28 17.93 -37.88
N GLY H 190 12.87 16.97 -37.08
CA GLY H 190 13.28 15.59 -37.33
C GLY H 190 12.96 14.72 -36.15
N HIS H 191 13.05 13.41 -36.30
CA HIS H 191 12.70 12.54 -35.20
C HIS H 191 13.57 12.78 -33.98
N ILE H 192 14.86 12.96 -34.24
CA ILE H 192 15.82 13.27 -33.20
C ILE H 192 16.71 14.38 -33.73
N GLY H 193 17.01 15.35 -32.87
CA GLY H 193 17.97 16.37 -33.21
C GLY H 193 19.11 16.32 -32.22
N CYS H 194 20.28 16.82 -32.61
CA CYS H 194 21.45 16.80 -31.72
C CYS H 194 22.18 18.14 -31.71
N PHE H 195 22.47 18.64 -30.52
CA PHE H 195 23.25 19.86 -30.30
C PHE H 195 24.60 19.53 -29.69
N SER H 196 25.58 20.38 -29.95
CA SER H 196 26.86 20.38 -29.23
C SER H 196 27.04 21.61 -28.36
N PHE H 197 27.64 21.42 -27.18
CA PHE H 197 28.02 22.53 -26.32
C PHE H 197 29.53 22.50 -26.00
N HIS H 198 30.28 22.01 -26.99
CA HIS H 198 31.74 21.98 -26.99
C HIS H 198 32.29 23.41 -26.99
N GLU H 199 33.53 23.57 -26.52
CA GLU H 199 34.14 24.88 -26.36
C GLU H 199 34.25 25.66 -27.68
N THR H 200 34.21 24.95 -28.81
CA THR H 200 34.33 25.55 -30.14
C THR H 200 33.02 26.08 -30.72
N LYS H 201 31.93 25.80 -30.01
CA LYS H 201 30.58 26.17 -30.46
C LYS H 201 30.17 27.57 -30.05
N ASN H 202 28.98 27.98 -30.47
CA ASN H 202 28.48 29.31 -30.13
C ASN H 202 28.14 29.37 -28.63
N TYR H 203 27.74 28.23 -28.08
CA TYR H 203 27.40 28.13 -26.66
C TYR H 203 28.04 26.88 -26.07
N THR H 204 28.66 27.01 -24.90
CA THR H 204 29.34 25.86 -24.30
C THR H 204 28.93 25.59 -22.86
N ALA H 205 28.90 24.31 -22.52
CA ALA H 205 28.58 23.91 -21.16
C ALA H 205 29.90 23.69 -20.36
N GLY H 206 30.68 24.76 -20.22
CA GLY H 206 31.90 24.66 -19.46
C GLY H 206 32.96 23.84 -20.17
N GLY H 207 32.80 23.70 -21.48
CA GLY H 207 33.79 23.05 -22.31
C GLY H 207 33.36 21.82 -23.06
N GLU H 208 32.50 21.00 -22.47
CA GLU H 208 31.98 19.82 -23.18
C GLU H 208 30.50 19.73 -22.89
N GLY H 209 29.73 19.20 -23.85
CA GLY H 209 28.31 19.00 -23.66
C GLY H 209 27.46 18.78 -24.91
N GLY H 210 26.25 18.27 -24.69
CA GLY H 210 25.30 18.10 -25.77
C GLY H 210 23.84 18.04 -25.33
N ALA H 211 22.96 17.95 -26.31
CA ALA H 211 21.55 17.73 -26.04
C ALA H 211 20.98 16.82 -27.10
N THR H 212 20.15 15.88 -26.65
CA THR H 212 19.38 15.08 -27.56
C THR H 212 18.01 15.72 -27.57
N LEU H 213 17.55 16.11 -28.75
CA LEU H 213 16.19 16.63 -28.90
C LEU H 213 15.27 15.54 -29.46
N ILE H 214 14.34 15.07 -28.64
CA ILE H 214 13.40 14.05 -29.07
C ILE H 214 12.12 14.70 -29.60
N ASN H 215 12.07 14.99 -30.89
CA ASN H 215 10.93 15.72 -31.41
C ASN H 215 9.76 14.80 -31.74
N ASP H 216 10.04 13.58 -32.18
CA ASP H 216 9.01 12.57 -32.37
C ASP H 216 8.63 12.03 -31.00
N LYS H 217 7.48 12.47 -30.51
CA LYS H 217 6.96 12.21 -29.17
C LYS H 217 6.89 10.72 -28.78
N ALA H 218 6.81 9.85 -29.78
CA ALA H 218 6.67 8.41 -29.57
C ALA H 218 7.96 7.84 -29.00
N LEU H 219 9.04 8.59 -29.16
CA LEU H 219 10.36 8.12 -28.77
C LEU H 219 10.71 8.60 -27.36
N ILE H 220 9.85 9.43 -26.79
CA ILE H 220 10.16 10.09 -25.53
C ILE H 220 10.33 9.11 -24.37
N GLU H 221 9.41 8.16 -24.24
CA GLU H 221 9.45 7.21 -23.14
C GLU H 221 10.77 6.45 -23.07
N ARG H 222 11.17 5.84 -24.18
CA ARG H 222 12.42 5.10 -24.20
C ARG H 222 13.67 5.98 -24.07
N ALA H 223 13.65 7.16 -24.71
CA ALA H 223 14.75 8.12 -24.64
C ALA H 223 15.12 8.39 -23.20
N GLU H 224 14.11 8.58 -22.37
CA GLU H 224 14.32 8.90 -20.97
C GLU H 224 14.94 7.71 -20.25
N ILE H 225 14.58 6.51 -20.69
CA ILE H 225 15.06 5.30 -20.05
C ILE H 225 16.53 5.05 -20.35
N ILE H 226 16.88 5.14 -21.63
CA ILE H 226 18.26 4.88 -22.01
C ILE H 226 19.21 5.98 -21.52
N ARG H 227 18.72 7.21 -21.34
CA ARG H 227 19.58 8.26 -20.81
C ARG H 227 20.06 7.98 -19.40
N GLU H 228 19.18 7.41 -18.59
CA GLU H 228 19.52 7.09 -17.20
C GLU H 228 19.99 5.65 -17.02
N LYS H 229 20.98 5.26 -17.81
CA LYS H 229 21.63 3.97 -17.67
C LYS H 229 20.67 2.78 -17.86
N GLY H 230 19.63 2.99 -18.65
CA GLY H 230 18.72 1.90 -18.93
C GLY H 230 17.82 1.61 -17.75
N THR H 231 17.62 2.60 -16.90
CA THR H 231 16.72 2.46 -15.77
C THR H 231 15.54 3.41 -15.85
N ASN H 232 14.62 3.28 -14.90
CA ASN H 232 13.47 4.17 -14.84
C ASN H 232 13.49 5.16 -13.68
N ARG H 233 14.62 5.82 -13.41
CA ARG H 233 14.63 6.81 -12.33
C ARG H 233 13.53 7.86 -12.42
N SER H 234 13.76 8.84 -13.27
CA SER H 234 12.73 9.79 -13.68
C SER H 234 11.48 9.08 -14.19
N TYR H 244 12.77 1.59 -9.53
CA TYR H 244 14.06 1.96 -10.08
C TYR H 244 14.91 0.71 -10.34
N THR H 245 14.76 0.13 -11.52
CA THR H 245 15.41 -1.13 -11.85
C THR H 245 15.85 -1.13 -13.31
N TRP H 246 16.71 -2.08 -13.65
CA TRP H 246 17.21 -2.26 -15.00
C TRP H 246 16.08 -2.68 -15.95
N ARG H 247 15.69 -1.80 -16.86
CA ARG H 247 14.53 -2.07 -17.71
C ARG H 247 14.91 -2.10 -19.18
N ASP H 248 16.10 -1.61 -19.51
CA ASP H 248 16.55 -1.54 -20.91
C ASP H 248 18.07 -1.33 -20.98
N ILE H 249 18.64 -1.35 -22.18
CA ILE H 249 20.01 -0.89 -22.37
C ILE H 249 20.12 0.59 -22.21
N GLY H 250 21.34 1.06 -21.94
CA GLY H 250 21.57 2.49 -21.83
C GLY H 250 22.98 2.85 -21.45
N SER H 251 23.17 4.12 -21.14
CA SER H 251 24.46 4.65 -20.74
C SER H 251 24.25 5.80 -19.76
N SER H 252 25.34 6.42 -19.31
CA SER H 252 25.23 7.61 -18.48
C SER H 252 25.26 8.84 -19.37
N TYR H 253 24.13 9.15 -20.01
CA TYR H 253 24.08 10.29 -20.90
C TYR H 253 23.69 11.59 -20.20
N LEU H 254 24.34 11.86 -19.06
CA LEU H 254 24.11 13.06 -18.25
C LEU H 254 25.33 13.99 -18.27
N MET H 255 25.10 15.29 -18.47
CA MET H 255 26.13 16.27 -18.17
C MET H 255 25.99 16.67 -16.72
N SER H 256 27.07 17.12 -16.09
CA SER H 256 27.01 17.58 -14.71
C SER H 256 26.16 18.84 -14.59
N ASP H 257 25.65 19.10 -13.39
CA ASP H 257 24.83 20.28 -13.21
C ASP H 257 25.73 21.49 -13.15
N LEU H 258 27.00 21.26 -12.82
CA LEU H 258 28.02 22.30 -12.88
C LEU H 258 28.07 22.86 -14.29
N GLN H 259 28.17 21.97 -15.27
CA GLN H 259 28.11 22.34 -16.69
C GLN H 259 26.77 22.97 -17.12
N ALA H 260 25.68 22.43 -16.60
CA ALA H 260 24.37 22.99 -16.94
C ALA H 260 24.26 24.43 -16.44
N ALA H 261 24.86 24.69 -15.27
CA ALA H 261 24.89 26.03 -14.70
C ALA H 261 25.63 26.99 -15.62
N TYR H 262 26.80 26.55 -16.11
CA TYR H 262 27.59 27.27 -17.09
C TYR H 262 26.77 27.53 -18.35
N LEU H 263 26.13 26.47 -18.84
CA LEU H 263 25.30 26.59 -20.04
C LEU H 263 24.13 27.54 -19.79
N TRP H 264 23.52 27.42 -18.61
CA TRP H 264 22.38 28.27 -18.24
C TRP H 264 22.73 29.76 -18.32
N ALA H 265 23.91 30.11 -17.81
CA ALA H 265 24.41 31.48 -17.91
C ALA H 265 24.48 31.96 -19.36
N GLN H 266 24.88 31.07 -20.25
CA GLN H 266 25.05 31.41 -21.67
C GLN H 266 23.72 31.51 -22.43
N LEU H 267 22.76 30.66 -22.10
CA LEU H 267 21.45 30.76 -22.74
C LEU H 267 20.79 32.08 -22.32
N GLU H 268 21.08 32.53 -21.10
CA GLU H 268 20.62 33.85 -20.66
C GLU H 268 21.17 34.95 -21.58
N ALA H 269 22.35 34.73 -22.15
CA ALA H 269 22.91 35.71 -23.09
C ALA H 269 22.78 35.25 -24.55
N ALA H 270 21.77 34.42 -24.85
CA ALA H 270 21.63 33.80 -26.16
C ALA H 270 21.58 34.83 -27.27
N ASP H 271 20.77 35.86 -27.08
CA ASP H 271 20.57 36.85 -28.12
C ASP H 271 21.76 37.78 -28.24
N ARG H 272 22.40 38.12 -27.11
CA ARG H 272 23.56 39.00 -27.14
C ARG H 272 24.74 38.35 -27.87
N ILE H 273 24.96 37.07 -27.56
CA ILE H 273 25.98 36.26 -28.19
C ILE H 273 25.71 36.14 -29.68
N ASN H 274 24.48 35.77 -30.01
CA ASN H 274 24.10 35.58 -31.39
C ASN H 274 24.26 36.86 -32.19
N GLN H 275 23.76 37.95 -31.62
CA GLN H 275 23.80 39.23 -32.29
C GLN H 275 25.23 39.67 -32.50
N GLN H 276 26.06 39.46 -31.49
CA GLN H 276 27.46 39.85 -31.56
C GLN H 276 28.21 39.02 -32.63
N ARG H 277 27.98 37.71 -32.64
CA ARG H 277 28.61 36.86 -33.64
C ARG H 277 28.21 37.28 -35.07
N LEU H 278 26.92 37.59 -35.26
CA LEU H 278 26.44 38.00 -36.58
C LEU H 278 27.08 39.32 -37.03
N ALA H 279 27.31 40.24 -36.11
CA ALA H 279 27.94 41.50 -36.49
C ALA H 279 29.39 41.28 -36.98
N LEU H 280 30.17 40.50 -36.25
CA LEU H 280 31.55 40.16 -36.65
C LEU H 280 31.52 39.51 -38.02
N TRP H 281 30.57 38.59 -38.21
CA TRP H 281 30.40 37.87 -39.46
C TRP H 281 30.17 38.86 -40.59
N GLN H 282 29.31 39.85 -40.38
CA GLN H 282 29.02 40.83 -41.45
C GLN H 282 30.23 41.70 -41.76
N ASN H 283 31.08 41.97 -40.78
CA ASN H 283 32.33 42.70 -41.04
C ASN H 283 33.20 41.96 -42.04
N TYR H 284 33.32 40.65 -41.87
CA TYR H 284 34.06 39.81 -42.80
C TYR H 284 33.47 39.87 -44.22
N TYR H 285 32.16 39.70 -44.32
CA TYR H 285 31.51 39.65 -45.63
C TYR H 285 31.72 40.95 -46.41
N ASP H 286 31.48 42.07 -45.73
CA ASP H 286 31.62 43.40 -46.31
C ASP H 286 33.06 43.66 -46.76
N ALA H 287 34.03 43.23 -45.95
CA ALA H 287 35.41 43.51 -46.29
C ALA H 287 35.86 42.67 -47.48
N LEU H 288 35.33 41.45 -47.56
CA LEU H 288 35.74 40.47 -48.56
C LEU H 288 34.86 40.44 -49.81
N ALA H 289 33.73 41.14 -49.77
CA ALA H 289 32.81 41.13 -50.89
C ALA H 289 33.50 41.50 -52.23
N PRO H 290 34.32 42.57 -52.25
CA PRO H 290 34.97 42.89 -53.54
C PRO H 290 35.87 41.76 -54.09
N LEU H 291 36.63 41.11 -53.23
CA LEU H 291 37.46 39.98 -53.66
C LEU H 291 36.58 38.86 -54.20
N ALA H 292 35.37 38.76 -53.66
CA ALA H 292 34.44 37.74 -54.10
C ALA H 292 33.88 38.13 -55.46
N LYS H 293 33.58 39.42 -55.64
CA LYS H 293 33.04 39.89 -56.90
C LYS H 293 34.14 39.79 -57.97
N ALA H 294 35.39 39.71 -57.54
CA ALA H 294 36.49 39.60 -58.50
C ALA H 294 36.85 38.15 -58.81
N GLY H 295 36.23 37.22 -58.10
CA GLY H 295 36.45 35.81 -58.39
C GLY H 295 37.71 35.28 -57.74
N ARG H 296 38.36 36.09 -56.93
CA ARG H 296 39.59 35.67 -56.28
C ARG H 296 39.28 34.64 -55.20
N ILE H 297 38.13 34.80 -54.56
CA ILE H 297 37.68 33.89 -53.51
C ILE H 297 36.18 33.65 -53.61
N GLU H 298 35.70 32.71 -52.80
CA GLU H 298 34.27 32.51 -52.60
C GLU H 298 33.92 32.67 -51.13
N LEU H 299 32.76 33.27 -50.87
CA LEU H 299 32.24 33.45 -49.53
C LEU H 299 31.11 32.45 -49.27
N PRO H 300 30.71 32.26 -48.01
CA PRO H 300 29.64 31.28 -47.71
C PRO H 300 28.32 31.64 -48.39
N SER H 301 27.47 30.67 -48.70
CA SER H 301 26.13 30.95 -49.23
C SER H 301 25.05 30.63 -48.20
N ILE H 302 24.02 31.47 -48.15
CA ILE H 302 22.94 31.27 -47.20
C ILE H 302 21.62 31.25 -47.95
N PRO H 303 21.06 30.04 -48.18
CA PRO H 303 19.83 29.91 -48.97
C PRO H 303 18.64 30.70 -48.41
N ASP H 304 17.70 31.03 -49.28
CA ASP H 304 16.51 31.77 -48.88
C ASP H 304 15.80 30.90 -47.86
N GLY H 305 15.32 31.51 -46.79
CA GLY H 305 14.62 30.76 -45.75
C GLY H 305 15.48 30.24 -44.62
N CYS H 306 16.80 30.28 -44.81
CA CYS H 306 17.77 29.87 -43.78
C CYS H 306 18.26 31.06 -42.99
N VAL H 307 18.17 30.96 -41.68
CA VAL H 307 18.76 31.97 -40.81
C VAL H 307 19.92 31.34 -40.06
N GLN H 308 21.13 31.86 -40.29
CA GLN H 308 22.33 31.31 -39.68
C GLN H 308 22.56 31.95 -38.29
N ASN H 309 23.54 31.43 -37.55
CA ASN H 309 23.86 31.90 -36.20
C ASN H 309 25.31 32.37 -36.12
N ALA H 310 25.92 32.58 -37.28
CA ALA H 310 27.30 32.99 -37.40
C ALA H 310 28.26 32.08 -36.62
N HIS H 311 28.04 30.77 -36.70
CA HIS H 311 28.94 29.83 -36.04
C HIS H 311 30.32 29.88 -36.70
N MET H 312 30.36 30.17 -38.00
CA MET H 312 31.59 30.00 -38.77
C MET H 312 31.60 30.98 -39.93
N PHE H 313 32.76 31.53 -40.26
CA PHE H 313 32.96 32.23 -41.51
C PHE H 313 34.09 31.60 -42.31
N TYR H 314 33.71 30.92 -43.38
CA TYR H 314 34.68 30.26 -44.22
C TYR H 314 34.84 31.00 -45.52
N ILE H 315 35.98 30.79 -46.18
CA ILE H 315 36.16 31.26 -47.53
C ILE H 315 36.68 30.05 -48.30
N LYS H 316 36.52 30.05 -49.62
CA LYS H 316 37.11 29.01 -50.44
C LYS H 316 38.22 29.58 -51.31
N LEU H 317 39.41 29.04 -51.14
CA LEU H 317 40.55 29.41 -51.99
C LEU H 317 40.49 28.61 -53.30
N ARG H 318 41.49 28.76 -54.17
CA ARG H 318 41.49 28.08 -55.47
C ARG H 318 41.73 26.57 -55.33
N ASP H 319 42.62 26.21 -54.43
CA ASP H 319 43.01 24.82 -54.21
C ASP H 319 43.78 24.72 -52.89
N ILE H 320 44.23 23.52 -52.56
CA ILE H 320 44.88 23.27 -51.27
C ILE H 320 46.18 24.05 -51.14
N ASP H 321 46.80 24.37 -52.27
CA ASP H 321 48.05 25.12 -52.27
C ASP H 321 47.82 26.58 -51.94
N ASP H 322 46.77 27.14 -52.52
CA ASP H 322 46.38 28.51 -52.24
C ASP H 322 46.11 28.66 -50.73
N ARG H 323 45.31 27.75 -50.19
CA ARG H 323 44.95 27.77 -48.77
C ARG H 323 46.14 27.63 -47.82
N SER H 324 47.05 26.72 -48.12
CA SER H 324 48.23 26.51 -47.29
C SER H 324 49.06 27.78 -47.28
N ALA H 325 49.13 28.43 -48.44
CA ALA H 325 49.89 29.66 -48.56
C ALA H 325 49.26 30.74 -47.65
N LEU H 326 47.93 30.85 -47.71
CA LEU H 326 47.23 31.82 -46.88
C LEU H 326 47.43 31.50 -45.40
N ILE H 327 47.35 30.22 -45.06
CA ILE H 327 47.57 29.78 -43.68
C ILE H 327 48.95 30.22 -43.15
N ASN H 328 50.00 30.02 -43.96
CA ASN H 328 51.35 30.37 -43.57
C ASN H 328 51.53 31.87 -43.49
N PHE H 329 50.92 32.59 -44.41
CA PHE H 329 50.98 34.05 -44.40
C PHE H 329 50.39 34.59 -43.08
N LEU H 330 49.26 34.02 -42.68
CA LEU H 330 48.59 34.43 -41.44
C LEU H 330 49.36 33.98 -40.21
N LYS H 331 49.89 32.77 -40.27
CA LYS H 331 50.67 32.21 -39.18
C LYS H 331 51.87 33.12 -38.96
N GLU H 332 52.43 33.62 -40.05
CA GLU H 332 53.50 34.62 -39.99
C GLU H 332 52.99 35.86 -39.25
N ALA H 333 51.72 36.19 -39.42
CA ALA H 333 51.17 37.38 -38.77
C ALA H 333 50.62 37.11 -37.38
N GLU H 334 50.98 35.94 -36.84
CA GLU H 334 50.49 35.50 -35.53
C GLU H 334 48.96 35.47 -35.49
N ILE H 335 48.38 35.00 -36.59
CA ILE H 335 46.93 34.85 -36.69
C ILE H 335 46.63 33.41 -37.07
N MET H 336 45.73 32.78 -36.34
CA MET H 336 45.43 31.38 -36.55
C MET H 336 44.14 31.20 -37.37
N ALA H 337 44.31 30.79 -38.62
CA ALA H 337 43.18 30.41 -39.46
C ALA H 337 43.30 28.93 -39.80
N VAL H 338 42.20 28.29 -40.13
CA VAL H 338 42.22 26.84 -40.06
C VAL H 338 41.33 26.14 -41.09
N PHE H 339 41.78 24.99 -41.59
CA PHE H 339 40.88 24.22 -42.43
C PHE H 339 39.98 23.39 -41.52
N HIS H 340 39.19 22.51 -42.09
CA HIS H 340 38.20 21.81 -41.27
C HIS H 340 38.21 20.30 -41.52
N TYR H 341 37.05 19.75 -41.86
CA TYR H 341 36.90 18.30 -42.01
C TYR H 341 37.77 17.75 -43.13
N ILE H 342 38.39 16.61 -42.87
CA ILE H 342 38.90 15.74 -43.90
C ILE H 342 37.79 14.73 -44.21
N PRO H 343 37.37 14.63 -45.50
CA PRO H 343 36.24 13.74 -45.89
C PRO H 343 36.34 12.33 -45.31
N LEU H 344 35.27 11.89 -44.65
CA LEU H 344 35.27 10.62 -43.92
C LEU H 344 35.48 9.39 -44.81
N HIS H 345 34.92 9.42 -46.03
CA HIS H 345 34.94 8.24 -46.91
C HIS H 345 36.33 7.85 -47.37
N GLY H 346 37.21 8.83 -47.51
CA GLY H 346 38.58 8.60 -47.93
C GLY H 346 39.51 8.14 -46.82
N CYS H 347 38.98 8.14 -45.61
CA CYS H 347 39.76 7.76 -44.43
C CYS H 347 39.83 6.24 -44.33
N PRO H 348 40.85 5.74 -43.60
CA PRO H 348 41.00 4.30 -43.40
C PRO H 348 39.68 3.66 -42.99
N ALA H 349 39.14 4.14 -41.89
CA ALA H 349 37.92 3.61 -41.34
C ALA H 349 36.72 3.83 -42.26
N GLY H 350 36.74 4.91 -43.03
CA GLY H 350 35.62 5.21 -43.90
C GLY H 350 35.45 4.26 -45.07
N GLU H 351 36.55 3.81 -45.68
CA GLU H 351 36.44 2.83 -46.76
C GLU H 351 35.99 1.49 -46.18
N HIS H 352 36.34 1.28 -44.91
CA HIS H 352 36.00 0.05 -44.20
C HIS H 352 34.57 0.03 -43.66
N PHE H 353 34.14 1.10 -43.01
CA PHE H 353 32.84 1.08 -42.35
C PHE H 353 31.73 1.68 -43.22
N GLY H 354 32.11 2.32 -44.32
CA GLY H 354 31.15 3.00 -45.16
C GLY H 354 31.45 2.95 -46.65
N GLU H 355 30.58 3.57 -47.44
CA GLU H 355 30.72 3.51 -48.88
C GLU H 355 30.21 4.82 -49.47
N PHE H 356 30.99 5.43 -50.37
CA PHE H 356 30.56 6.68 -51.01
C PHE H 356 29.75 6.39 -52.25
N HIS H 357 28.50 6.82 -52.23
CA HIS H 357 27.56 6.66 -53.34
C HIS H 357 27.67 7.77 -54.40
N GLY H 358 27.82 7.40 -55.66
CA GLY H 358 27.90 8.37 -56.73
C GLY H 358 29.30 8.92 -56.90
N GLU H 359 29.44 10.03 -57.62
CA GLU H 359 30.79 10.53 -57.85
C GLU H 359 31.15 11.57 -56.81
N ASP H 360 32.39 11.50 -56.32
CA ASP H 360 32.95 12.49 -55.42
C ASP H 360 33.38 13.71 -56.24
N ARG H 361 32.41 14.58 -56.54
CA ARG H 361 32.62 15.74 -57.40
C ARG H 361 33.03 16.99 -56.65
N TYR H 362 32.47 17.17 -55.46
CA TYR H 362 32.66 18.38 -54.67
C TYR H 362 33.27 18.16 -53.27
N THR H 363 32.91 17.05 -52.62
CA THR H 363 33.33 16.81 -51.24
C THR H 363 34.83 17.03 -51.03
N THR H 364 35.64 16.31 -51.80
CA THR H 364 37.08 16.40 -51.65
C THR H 364 37.59 17.73 -52.19
N LYS H 365 37.12 18.12 -53.38
CA LYS H 365 37.59 19.35 -53.99
C LYS H 365 37.33 20.57 -53.12
N GLU H 366 36.07 20.72 -52.69
CA GLU H 366 35.69 21.87 -51.89
C GLU H 366 36.31 21.83 -50.50
N SER H 367 36.46 20.64 -49.93
CA SER H 367 37.07 20.51 -48.61
C SER H 367 38.53 20.95 -48.59
N GLU H 368 39.21 20.86 -49.73
CA GLU H 368 40.64 21.18 -49.76
C GLU H 368 40.84 22.65 -50.00
N ARG H 369 39.77 23.36 -50.36
CA ARG H 369 39.91 24.80 -50.55
C ARG H 369 39.20 25.63 -49.48
N LEU H 370 38.56 24.97 -48.52
CA LEU H 370 37.81 25.70 -47.50
C LEU H 370 38.70 26.12 -46.30
N LEU H 371 38.62 27.40 -45.95
CA LEU H 371 39.37 27.92 -44.82
C LEU H 371 38.45 28.70 -43.87
N ARG H 372 38.56 28.41 -42.57
CA ARG H 372 37.74 29.07 -41.55
C ARG H 372 38.52 30.18 -40.86
N LEU H 373 37.89 31.33 -40.74
CA LEU H 373 38.54 32.51 -40.17
C LEU H 373 38.23 32.60 -38.68
N PRO H 374 39.12 33.23 -37.91
CA PRO H 374 38.87 33.41 -36.46
C PRO H 374 37.50 34.01 -36.17
N LEU H 375 36.71 33.34 -35.35
CA LEU H 375 35.37 33.83 -35.05
C LEU H 375 34.87 33.30 -33.71
N PHE H 376 34.72 34.21 -32.78
CA PHE H 376 34.18 33.85 -31.48
C PHE H 376 33.66 35.11 -30.79
N TYR H 377 32.78 34.90 -29.82
CA TYR H 377 32.06 35.98 -29.16
C TYR H 377 33.01 37.06 -28.61
N ASN H 378 34.09 36.63 -27.96
CA ASN H 378 35.00 37.57 -27.33
C ASN H 378 36.14 38.05 -28.22
N LEU H 379 36.02 37.89 -29.53
CA LEU H 379 37.03 38.40 -30.45
C LEU H 379 36.88 39.92 -30.56
N SER H 380 37.90 40.67 -30.17
CA SER H 380 37.85 42.14 -30.16
C SER H 380 37.80 42.73 -31.57
N PRO H 381 37.13 43.89 -31.72
CA PRO H 381 37.05 44.58 -33.01
C PRO H 381 38.44 44.95 -33.56
N VAL H 382 39.34 45.29 -32.66
CA VAL H 382 40.66 45.72 -33.08
C VAL H 382 41.39 44.53 -33.70
N ASN H 383 41.23 43.34 -33.11
CA ASN H 383 41.84 42.13 -33.67
C ASN H 383 41.19 41.67 -34.94
N GLN H 384 39.87 41.87 -35.07
CA GLN H 384 39.23 41.46 -36.31
C GLN H 384 39.72 42.34 -37.46
N ARG H 385 39.84 43.65 -37.21
CA ARG H 385 40.37 44.57 -38.23
C ARG H 385 41.77 44.12 -38.68
N THR H 386 42.56 43.60 -37.73
CA THR H 386 43.88 43.05 -37.96
C THR H 386 43.83 41.83 -38.84
N VAL H 387 42.91 40.91 -38.52
CA VAL H 387 42.74 39.71 -39.35
C VAL H 387 42.42 40.12 -40.79
N ILE H 388 41.44 40.98 -40.91
CA ILE H 388 40.93 41.46 -42.20
C ILE H 388 42.02 42.16 -43.01
N ALA H 389 42.76 43.04 -42.36
CA ALA H 389 43.83 43.79 -43.01
C ALA H 389 44.88 42.83 -43.57
N THR H 390 45.22 41.82 -42.78
CA THR H 390 46.17 40.80 -43.18
C THR H 390 45.60 40.04 -44.37
N LEU H 391 44.31 39.74 -44.33
CA LEU H 391 43.69 39.03 -45.46
C LEU H 391 43.76 39.84 -46.76
N LEU H 392 43.33 41.09 -46.73
CA LEU H 392 43.36 41.92 -47.93
C LEU H 392 44.78 42.12 -48.43
N ASN H 393 45.73 42.07 -47.51
CA ASN H 393 47.13 42.20 -47.87
C ASN H 393 47.57 40.97 -48.64
N TYR H 394 47.25 39.77 -48.14
CA TYR H 394 47.58 38.54 -48.87
C TYR H 394 46.99 38.51 -50.28
N PHE H 395 45.74 38.97 -50.44
CA PHE H 395 45.12 38.87 -51.75
C PHE H 395 45.53 40.02 -52.65
N SER H 396 46.60 40.72 -52.26
CA SER H 396 47.27 41.73 -53.06
C SER H 396 48.32 42.43 -52.20
#